data_7W73
#
_entry.id   7W73
#
_cell.length_a   1.00
_cell.length_b   1.00
_cell.length_c   1.00
_cell.angle_alpha   90.00
_cell.angle_beta   90.00
_cell.angle_gamma   90.00
#
_symmetry.space_group_name_H-M   'P 1'
#
loop_
_entity.id
_entity.type
_entity.pdbx_description
1 polymer 'Spike glycoprotein'
2 branched alpha-D-mannopyranose-(1-3)-[alpha-D-mannopyranose-(1-6)]beta-D-mannopyranose-(1-4)-2-acetamido-2-deoxy-beta-D-glucopyranose-(1-4)-2-acetamido-2-deoxy-beta-D-glucopyranose
3 branched beta-D-mannopyranose-(1-4)-2-acetamido-2-deoxy-beta-D-glucopyranose-(1-4)-2-acetamido-2-deoxy-beta-D-glucopyranose
4 branched beta-D-mannopyranose-(1-4)-2-acetamido-2-deoxy-beta-D-glucopyranose-(1-4)-[alpha-L-fucopyranose-(1-6)]2-acetamido-2-deoxy-beta-D-glucopyranose
5 branched alpha-D-mannopyranose-(1-6)-beta-D-mannopyranose-(1-4)-2-acetamido-2-deoxy-beta-D-glucopyranose-(1-4)-2-acetamido-2-deoxy-beta-D-glucopyranose
6 branched alpha-D-mannopyranose-(1-3)-[alpha-D-mannopyranose-(1-6)]beta-D-mannopyranose-(1-4)-2-acetamido-2-deoxy-beta-D-glucopyranose-(1-4)-[alpha-L-fucopyranose-(1-6)]2-acetamido-2-deoxy-beta-D-glucopyranose
7 branched alpha-L-fucopyranose-(1-6)-2-acetamido-2-deoxy-beta-D-glucopyranose
8 non-polymer 2-acetamido-2-deoxy-beta-D-glucopyranose
#
_entity_poly.entity_id   1
_entity_poly.type   'polypeptide(L)'
_entity_poly.pdbx_seq_one_letter_code
;MKSLTYFWLFLPVLSTLSLPQDVTRCSAKTNFRRFFSKFNVQAPAVVVLGGYLPIGENQGVNSTWYCAGQHPTASGVHGI
FVSHIRGGHGFEIGISQEPFDPSGYQLYLHKATNGNTNATARLRICQFPSIKTLGPTANNDVTIGRNCLFNKAIPAHMSE
HSVVGITWDNDRVTVFSDKIYYFYFKNDWSRVATKCYNSGGCAMQYVYEPTYYMLNVTSAGEDGISYQPCTANCIGYAAN
VFATEPNGHIPEGFSFNNWFLLSNDSTLVHGKVVSNQPLLVNCLLAIPKIYGLGQFFSFNQTIDGVCNGAAVQRAPEALR
FNINDTSVILAEGSIVLHTALGTNFSFVCSNSSNPHLATFAIPLGATQVPYYCFFKVDTYNSTVYKFLAVLPPTVREIVI
TKYGDVYVNGFGYLHLGLLDAVTINFTGHGTDDDVSGFWTIASTNFVDALIEVQGTAIQRILYCDDPVSQLKCSQVAFDL
DDGFYPFSSRNLLSHEQPISFVTLPSFNAHSFVNITVSASFGGHSGANLIASDTTINGFSSFCVDTRQFTISLSYNVTNS
YGYVSNSQDSNCPFTLQSVNDYLSFSKFCVSTSLLASACTIDLFGYPEFGSGVKFTSLYFQFTKGELITGTPKPLEGVTD
VSFMTLDVCTKYTIYGFKGEGIITLTNSSFLAGVYYTSDSGQLLAFKNVTSGAVYSVTPCSFSEQAAYVDDDIVGVISSL
SSSTFNSTRELPGFFYHSNDGSNCTEPVLVYSNIGVCKSGSIGYVPSQSGQVKIAPTVTGNISIPTNFSMSIRTEYLQLY
NTPVSVDCATYVCNGNSRCKQLLTQYTAACKTIESALQLSARLESVEVNSMLTISEEALQLATISSFNGDGYNFTNVLGV
SVYDPARGRVVQKRSFIEDLLFNKVVTNGLGTVDEDYKRCSNGRSVADLVCAQYYSGVMVLPGVVDAEKLHMYSASLIGG
MVLGGFTAAAALPFSYAVQARLNYLALQTDVLQRNQQLLAESFNSAIGNITSAFESVKEASSQTSRGLNTVAHALTKVQE
VVNSQGAALTQLTVQLQHNFQAISSSIDDIYSRLDILSADVQVDRLITGRLSALNAFVAQTLTKYTEVQASRKLAQQKVN
ECVKSQSQRYGFCGGDGEHIFSLVQAAPQGLLFLHTVLVPSDFVDVIAIAGLCVNDEIALTLREPGLVLFTHELQNHTAT
EYFVSSRRMFEPRKPTVSDFVQIESCVVTYVNLTRDQLPDVIPDYIDVNKTRDEILASLPNRTGPSLPLDVFNATYLNLT
GEIADLEQRSESLRNTTEELQSLIYNINNTLVDLEWLNRVETYIKWPWWVWLIIFIVLIFVVSLLVFCCISTGFCGCFGC
CCACFSGCCRGPRLQPYEVFEKVHVQ
;
_entity_poly.pdbx_strand_id   A,B,C
#
loop_
_chem_comp.id
_chem_comp.type
_chem_comp.name
_chem_comp.formula
BMA D-saccharide, beta linking beta-D-mannopyranose 'C6 H12 O6'
FUC L-saccharide, alpha linking alpha-L-fucopyranose 'C6 H12 O5'
MAN D-saccharide, alpha linking alpha-D-mannopyranose 'C6 H12 O6'
NAG D-saccharide, beta linking 2-acetamido-2-deoxy-beta-D-glucopyranose 'C8 H15 N O6'
#
# COMPACT_ATOMS: atom_id res chain seq x y z
N ASN A 31 34.52 -57.23 47.97
CA ASN A 31 35.23 -57.91 46.89
C ASN A 31 35.77 -56.90 45.88
N PHE A 32 35.35 -57.07 44.62
CA PHE A 32 35.71 -56.10 43.59
C PHE A 32 35.08 -54.74 43.85
N ARG A 33 33.94 -54.73 44.53
CA ARG A 33 33.28 -53.48 44.88
C ARG A 33 34.13 -52.63 45.82
N ARG A 34 34.97 -53.28 46.63
CA ARG A 34 35.95 -52.52 47.40
C ARG A 34 36.88 -51.75 46.48
N PHE A 35 37.30 -52.38 45.38
CA PHE A 35 38.18 -51.71 44.43
C PHE A 35 37.51 -50.47 43.88
N PHE A 36 36.22 -50.59 43.55
CA PHE A 36 35.45 -49.46 43.05
C PHE A 36 35.31 -48.40 44.13
N SER A 37 35.08 -48.84 45.38
CA SER A 37 34.98 -47.90 46.48
C SER A 37 36.31 -47.24 46.80
N LYS A 38 37.41 -47.79 46.29
CA LYS A 38 38.71 -47.18 46.53
C LYS A 38 38.78 -45.78 45.93
N PHE A 39 38.25 -45.61 44.71
CA PHE A 39 38.27 -44.33 44.03
C PHE A 39 37.01 -43.54 44.35
N ASN A 40 37.19 -42.29 44.77
CA ASN A 40 36.06 -41.44 45.13
C ASN A 40 35.37 -40.92 43.88
N VAL A 41 34.03 -40.89 43.93
CA VAL A 41 33.23 -40.39 42.82
C VAL A 41 31.83 -40.12 43.37
N GLN A 42 31.11 -39.20 42.74
CA GLN A 42 29.76 -38.86 43.18
C GLN A 42 28.86 -40.08 43.09
N ALA A 43 28.13 -40.37 44.17
CA ALA A 43 27.26 -41.53 44.20
C ALA A 43 26.10 -41.50 43.21
N PRO A 44 25.32 -40.41 43.08
CA PRO A 44 24.22 -40.44 42.10
C PRO A 44 24.70 -40.36 40.65
N ALA A 45 25.19 -41.48 40.10
CA ALA A 45 25.67 -41.49 38.72
C ALA A 45 25.85 -42.92 38.25
N VAL A 46 25.91 -43.09 36.93
CA VAL A 46 26.23 -44.36 36.29
C VAL A 46 27.24 -44.10 35.18
N VAL A 47 28.35 -44.84 35.20
CA VAL A 47 29.46 -44.60 34.29
C VAL A 47 29.91 -45.94 33.70
N VAL A 48 30.52 -45.87 32.52
CA VAL A 48 31.12 -47.03 31.85
C VAL A 48 32.63 -46.82 31.83
N LEU A 49 33.37 -47.81 32.31
CA LEU A 49 34.81 -47.70 32.48
C LEU A 49 35.54 -48.65 31.54
N GLY A 50 36.73 -48.22 31.11
CA GLY A 50 37.56 -49.01 30.22
C GLY A 50 39.03 -48.92 30.58
N GLY A 51 39.81 -49.82 29.99
CA GLY A 51 41.23 -49.91 30.22
C GLY A 51 41.65 -51.31 30.60
N TYR A 52 42.88 -51.44 31.09
CA TYR A 52 43.39 -52.73 31.55
C TYR A 52 42.87 -53.04 32.96
N LEU A 53 41.56 -53.08 33.06
CA LEU A 53 40.87 -53.38 34.31
C LEU A 53 40.95 -54.87 34.60
N PRO A 54 40.88 -55.27 35.88
CA PRO A 54 40.93 -56.71 36.19
C PRO A 54 39.76 -57.44 35.54
N ILE A 55 40.05 -58.65 35.04
CA ILE A 55 39.06 -59.47 34.36
C ILE A 55 38.89 -60.83 35.00
N GLY A 56 40.00 -61.48 35.35
CA GLY A 56 39.93 -62.79 35.98
C GLY A 56 41.08 -62.96 36.94
N GLU A 57 40.90 -63.90 37.87
CA GLU A 57 41.97 -64.16 38.84
C GLU A 57 43.20 -64.68 38.13
N ASN A 58 43.01 -65.52 37.11
CA ASN A 58 44.11 -66.03 36.31
C ASN A 58 43.74 -66.05 34.84
N GLN A 59 43.12 -64.98 34.35
CA GLN A 59 42.84 -64.88 32.92
C GLN A 59 44.14 -64.69 32.15
N GLY A 60 44.34 -65.50 31.11
CA GLY A 60 45.62 -65.59 30.44
C GLY A 60 45.66 -64.99 29.05
N VAL A 61 46.79 -65.21 28.39
CA VAL A 61 47.07 -64.63 27.08
C VAL A 61 46.89 -65.68 25.99
N ASN A 62 46.87 -65.22 24.74
CA ASN A 62 46.86 -66.10 23.57
C ASN A 62 48.12 -65.98 22.73
N SER A 63 49.14 -65.31 23.23
CA SER A 63 50.40 -65.14 22.52
C SER A 63 51.52 -64.93 23.54
N THR A 64 52.76 -65.02 23.08
CA THR A 64 53.93 -64.96 23.95
C THR A 64 54.81 -63.76 23.65
N TRP A 65 54.21 -62.59 23.48
CA TRP A 65 54.95 -61.37 23.22
C TRP A 65 54.78 -60.38 24.37
N TYR A 66 55.91 -59.92 24.90
CA TYR A 66 55.89 -58.89 25.92
C TYR A 66 55.95 -57.50 25.31
N CYS A 67 56.69 -57.32 24.22
CA CYS A 67 56.67 -56.05 23.52
C CYS A 67 55.40 -55.95 22.68
N ALA A 68 55.12 -54.74 22.21
CA ALA A 68 53.92 -54.49 21.44
C ALA A 68 54.22 -54.52 19.94
N GLY A 69 53.15 -54.52 19.16
CA GLY A 69 53.28 -54.56 17.71
C GLY A 69 52.05 -53.98 17.04
N GLN A 70 51.73 -54.52 15.87
CA GLN A 70 50.60 -54.06 15.06
C GLN A 70 49.39 -54.94 15.36
N HIS A 71 48.43 -54.41 16.10
CA HIS A 71 47.23 -55.13 16.52
C HIS A 71 47.52 -56.53 17.07
N PRO A 72 48.29 -56.64 18.15
CA PRO A 72 48.52 -57.96 18.75
C PRO A 72 47.44 -58.30 19.76
N THR A 73 47.55 -59.47 20.40
CA THR A 73 46.64 -59.88 21.46
C THR A 73 47.33 -59.86 22.81
N ALA A 74 48.45 -60.58 22.95
CA ALA A 74 49.24 -60.59 24.16
C ALA A 74 50.31 -59.51 24.03
N SER A 75 50.05 -58.35 24.63
CA SER A 75 50.99 -57.24 24.63
C SER A 75 51.75 -57.16 25.95
N GLY A 76 52.05 -58.30 26.55
CA GLY A 76 52.70 -58.33 27.84
C GLY A 76 51.71 -57.98 28.92
N VAL A 77 52.16 -58.10 30.16
CA VAL A 77 51.28 -57.81 31.29
C VAL A 77 51.18 -56.29 31.40
N HIS A 78 50.13 -55.73 30.80
CA HIS A 78 49.93 -54.29 30.91
C HIS A 78 49.46 -53.93 32.31
N GLY A 79 48.57 -54.72 32.86
CA GLY A 79 48.10 -54.51 34.23
C GLY A 79 48.16 -55.80 35.01
N ILE A 80 48.55 -55.68 36.27
CA ILE A 80 48.66 -56.82 37.18
C ILE A 80 47.96 -56.47 38.47
N PHE A 81 47.26 -57.45 39.04
CA PHE A 81 46.54 -57.24 40.28
C PHE A 81 46.90 -58.37 41.24
N VAL A 82 47.35 -58.01 42.44
CA VAL A 82 47.81 -58.96 43.44
C VAL A 82 46.78 -59.08 44.57
N SER A 83 46.35 -60.31 44.86
CA SER A 83 45.33 -60.57 45.85
C SER A 83 45.82 -61.39 47.02
N HIS A 84 46.91 -62.15 46.85
CA HIS A 84 47.50 -62.93 47.93
C HIS A 84 49.00 -62.95 47.75
N ILE A 85 49.69 -63.29 48.83
CA ILE A 85 51.15 -63.38 48.85
C ILE A 85 51.52 -64.76 49.36
N ARG A 86 52.40 -65.44 48.64
CA ARG A 86 52.96 -66.71 49.11
C ARG A 86 54.28 -66.54 49.84
N GLY A 87 55.09 -65.55 49.47
CA GLY A 87 56.40 -65.43 50.11
C GLY A 87 56.29 -65.16 51.60
N GLY A 88 55.41 -64.24 51.99
CA GLY A 88 55.30 -63.86 53.38
C GLY A 88 56.39 -62.88 53.79
N HIS A 89 57.61 -63.15 53.35
CA HIS A 89 58.72 -62.23 53.58
C HIS A 89 58.46 -60.88 52.94
N GLY A 90 57.76 -60.87 51.82
CA GLY A 90 57.54 -59.66 51.09
C GLY A 90 57.37 -60.00 49.62
N PHE A 91 57.63 -59.00 48.79
CA PHE A 91 57.45 -59.16 47.36
C PHE A 91 58.44 -58.26 46.65
N GLU A 92 58.65 -58.55 45.37
CA GLU A 92 59.58 -57.79 44.57
C GLU A 92 58.96 -57.57 43.21
N ILE A 93 59.25 -56.42 42.61
CA ILE A 93 58.74 -56.04 41.30
C ILE A 93 59.90 -55.48 40.48
N GLY A 94 59.93 -55.84 39.20
CA GLY A 94 60.92 -55.31 38.29
C GLY A 94 60.35 -55.13 36.90
N ILE A 95 60.48 -53.92 36.35
CA ILE A 95 60.02 -53.61 34.99
C ILE A 95 61.22 -53.30 34.12
N SER A 96 61.18 -53.81 32.89
CA SER A 96 62.18 -53.53 31.87
C SER A 96 61.53 -53.80 30.52
N GLN A 97 62.35 -53.81 29.47
CA GLN A 97 61.86 -54.09 28.13
C GLN A 97 62.71 -55.18 27.49
N GLU A 98 62.07 -55.98 26.65
CA GLU A 98 62.80 -57.06 25.98
C GLU A 98 63.93 -56.53 25.11
N PRO A 99 63.74 -55.48 24.27
CA PRO A 99 64.85 -54.98 23.47
C PRO A 99 66.02 -54.44 24.30
N PHE A 100 65.89 -54.44 25.63
CA PHE A 100 66.98 -54.05 26.53
C PHE A 100 67.42 -52.62 26.24
N ASP A 101 66.50 -51.68 26.48
CA ASP A 101 66.73 -50.27 26.25
C ASP A 101 66.86 -49.53 27.58
N PRO A 102 68.07 -49.39 28.12
CA PRO A 102 68.25 -48.79 29.45
C PRO A 102 68.31 -47.27 29.46
N SER A 103 68.09 -46.60 28.34
CA SER A 103 68.10 -45.15 28.33
C SER A 103 67.05 -44.58 29.27
N GLY A 104 65.92 -45.28 29.43
CA GLY A 104 64.89 -44.89 30.36
C GLY A 104 65.13 -45.44 31.75
N TYR A 105 64.14 -45.23 32.62
CA TYR A 105 64.21 -45.68 34.00
C TYR A 105 63.44 -47.00 34.13
N GLN A 106 64.09 -47.99 34.71
CA GLN A 106 63.43 -49.24 35.07
C GLN A 106 62.93 -49.20 36.51
N LEU A 107 62.01 -50.09 36.82
CA LEU A 107 61.46 -50.15 38.17
C LEU A 107 62.00 -51.39 38.88
N TYR A 108 62.47 -51.19 40.11
CA TYR A 108 62.78 -52.29 41.01
C TYR A 108 62.13 -51.95 42.34
N LEU A 109 61.27 -52.85 42.81
CA LEU A 109 60.47 -52.66 44.01
C LEU A 109 60.70 -53.79 45.00
N HIS A 110 60.91 -53.43 46.26
CA HIS A 110 61.01 -54.42 47.32
C HIS A 110 60.05 -54.04 48.44
N LYS A 111 59.55 -55.04 49.14
CA LYS A 111 58.56 -54.82 50.18
C LYS A 111 58.59 -56.00 51.15
N ALA A 112 57.97 -55.78 52.32
CA ALA A 112 57.74 -56.83 53.29
C ALA A 112 56.23 -56.97 53.49
N THR A 113 55.72 -58.19 53.38
CA THR A 113 54.30 -58.46 53.43
C THR A 113 53.79 -58.74 54.84
N ASN A 114 54.64 -58.60 55.85
CA ASN A 114 54.24 -58.77 57.25
C ASN A 114 54.03 -57.38 57.85
N GLY A 115 52.77 -56.97 57.91
CA GLY A 115 52.40 -55.68 58.45
C GLY A 115 51.89 -54.73 57.39
N ASN A 116 50.62 -54.31 57.50
CA ASN A 116 50.06 -53.38 56.53
C ASN A 116 50.77 -52.04 56.55
N THR A 117 51.02 -51.50 57.74
CA THR A 117 51.85 -50.31 57.85
C THR A 117 53.31 -50.66 57.60
N ASN A 118 53.73 -51.85 58.00
CA ASN A 118 55.08 -52.32 57.70
C ASN A 118 55.25 -52.66 56.23
N ALA A 119 54.16 -52.69 55.46
CA ALA A 119 54.17 -52.95 54.02
C ALA A 119 54.73 -51.80 53.25
N THR A 120 55.36 -50.84 53.94
CA THR A 120 55.98 -49.71 53.25
C THR A 120 57.06 -50.26 52.33
N ALA A 121 56.78 -50.18 51.02
CA ALA A 121 57.60 -50.81 49.99
C ALA A 121 58.60 -49.82 49.44
N ARG A 122 59.82 -50.28 49.17
CA ARG A 122 60.80 -49.37 48.60
C ARG A 122 60.56 -49.27 47.10
N LEU A 123 59.90 -48.20 46.70
CA LEU A 123 59.70 -47.91 45.29
C LEU A 123 60.88 -47.12 44.76
N ARG A 124 61.36 -47.52 43.59
CA ARG A 124 62.48 -46.85 42.93
C ARG A 124 62.22 -46.87 41.43
N ILE A 125 61.69 -45.77 40.90
CA ILE A 125 61.61 -45.56 39.46
C ILE A 125 62.94 -44.92 39.08
N CYS A 126 63.86 -45.74 38.59
CA CYS A 126 65.23 -45.29 38.39
C CYS A 126 65.81 -45.93 37.14
N GLN A 127 66.86 -45.31 36.60
CA GLN A 127 67.62 -45.92 35.54
C GLN A 127 68.48 -47.02 36.17
N PHE A 128 67.78 -48.09 36.56
CA PHE A 128 68.39 -49.14 37.33
C PHE A 128 69.44 -49.90 36.54
N PRO A 129 70.34 -50.59 37.22
CA PRO A 129 71.18 -51.58 36.54
C PRO A 129 70.35 -52.79 36.15
N SER A 130 69.28 -52.56 35.40
CA SER A 130 68.38 -53.64 35.04
C SER A 130 69.08 -54.60 34.10
N ILE A 131 68.64 -55.85 34.14
CA ILE A 131 69.26 -56.91 33.38
C ILE A 131 68.19 -57.73 32.68
N LYS A 132 68.56 -58.26 31.51
CA LYS A 132 67.69 -59.21 30.82
C LYS A 132 67.35 -60.36 31.74
N THR A 133 68.30 -60.78 32.56
CA THR A 133 68.05 -61.78 33.59
C THR A 133 67.17 -61.18 34.69
N LEU A 134 66.36 -62.05 35.31
CA LEU A 134 65.41 -61.61 36.33
C LEU A 134 66.13 -61.40 37.67
N GLY A 135 66.95 -60.35 37.70
CA GLY A 135 67.69 -60.02 38.90
C GLY A 135 69.00 -59.33 38.60
N PRO A 136 69.66 -58.80 39.65
CA PRO A 136 70.97 -58.14 39.44
C PRO A 136 72.11 -59.14 39.38
N THR A 137 72.14 -59.92 38.31
CA THR A 137 73.13 -60.98 38.14
C THR A 137 74.05 -60.74 36.95
N ALA A 138 73.51 -60.55 35.75
CA ALA A 138 74.27 -60.50 34.52
C ALA A 138 74.67 -59.04 34.24
N ASN A 139 75.08 -58.74 33.00
CA ASN A 139 75.44 -57.37 32.67
C ASN A 139 74.28 -56.42 32.99
N ASN A 140 74.61 -55.32 33.63
CA ASN A 140 73.64 -54.34 34.08
C ASN A 140 73.61 -53.15 33.12
N ASP A 141 72.85 -52.13 33.48
CA ASP A 141 72.74 -50.92 32.67
C ASP A 141 73.79 -49.91 33.11
N VAL A 142 74.45 -49.30 32.13
CA VAL A 142 75.41 -48.23 32.41
C VAL A 142 74.74 -46.85 32.35
N THR A 143 73.63 -46.71 31.63
CA THR A 143 72.96 -45.43 31.51
C THR A 143 72.24 -45.11 32.80
N ILE A 144 73.00 -44.74 33.83
CA ILE A 144 72.45 -44.35 35.12
C ILE A 144 72.79 -42.89 35.42
N GLY A 145 73.10 -42.12 34.39
CA GLY A 145 73.39 -40.71 34.61
C GLY A 145 72.21 -40.00 35.25
N ARG A 146 71.01 -40.23 34.71
CA ARG A 146 69.77 -39.80 35.36
C ARG A 146 69.38 -40.94 36.29
N ASN A 147 69.87 -40.89 37.52
CA ASN A 147 69.81 -42.02 38.43
C ASN A 147 68.37 -42.46 38.73
N CYS A 148 67.59 -41.61 39.38
CA CYS A 148 66.28 -41.97 39.86
C CYS A 148 65.31 -40.84 39.57
N LEU A 149 64.28 -41.12 38.76
CA LEU A 149 63.20 -40.16 38.61
C LEU A 149 62.25 -40.19 39.81
N PHE A 150 62.18 -41.30 40.53
CA PHE A 150 61.27 -41.42 41.66
C PHE A 150 61.78 -42.60 42.49
N ASN A 151 62.02 -42.37 43.78
CA ASN A 151 62.48 -43.44 44.67
C ASN A 151 62.00 -43.15 46.10
N LYS A 152 60.85 -43.75 46.45
CA LYS A 152 60.19 -43.46 47.71
C LYS A 152 59.75 -44.78 48.33
N ALA A 153 58.98 -44.68 49.42
CA ALA A 153 58.50 -45.87 50.13
C ALA A 153 57.05 -45.66 50.51
N ILE A 154 56.16 -46.46 49.94
CA ILE A 154 54.71 -46.34 50.16
C ILE A 154 54.10 -47.72 50.43
N PRO A 155 53.25 -47.86 51.46
CA PRO A 155 52.61 -49.16 51.72
C PRO A 155 51.30 -49.33 50.96
N ALA A 156 50.62 -50.46 51.19
CA ALA A 156 49.33 -50.73 50.60
C ALA A 156 48.57 -51.69 51.51
N HIS A 157 47.25 -51.74 51.34
CA HIS A 157 46.41 -52.56 52.20
C HIS A 157 46.20 -53.92 51.56
N MET A 158 46.26 -54.95 52.39
CA MET A 158 46.30 -56.34 51.97
C MET A 158 45.09 -57.08 52.52
N SER A 159 44.47 -57.90 51.68
CA SER A 159 43.34 -58.70 52.10
C SER A 159 43.15 -59.83 51.09
N GLU A 160 42.21 -60.73 51.41
CA GLU A 160 41.96 -61.89 50.55
C GLU A 160 41.45 -61.45 49.19
N HIS A 161 40.37 -60.65 49.18
CA HIS A 161 39.77 -60.15 47.96
C HIS A 161 40.15 -58.70 47.67
N SER A 162 41.34 -58.26 48.09
CA SER A 162 41.84 -56.93 47.81
C SER A 162 43.03 -57.04 46.86
N VAL A 163 43.04 -56.20 45.82
CA VAL A 163 44.11 -56.23 44.83
C VAL A 163 44.75 -54.85 44.73
N VAL A 164 46.03 -54.85 44.37
CA VAL A 164 46.79 -53.66 44.06
C VAL A 164 47.32 -53.78 42.63
N GLY A 165 47.12 -52.74 41.83
CA GLY A 165 47.36 -52.84 40.40
C GLY A 165 48.30 -51.77 39.91
N ILE A 166 49.02 -52.10 38.84
CA ILE A 166 49.81 -51.14 38.07
C ILE A 166 49.57 -51.39 36.59
N THR A 167 49.36 -50.31 35.82
CA THR A 167 48.99 -50.46 34.43
C THR A 167 49.70 -49.43 33.56
N TRP A 168 49.80 -49.77 32.28
CA TRP A 168 50.47 -48.98 31.24
C TRP A 168 49.95 -49.39 29.88
N ASP A 169 49.66 -48.39 29.03
CA ASP A 169 49.18 -48.68 27.68
C ASP A 169 50.14 -48.21 26.60
N ASN A 170 50.33 -46.90 26.44
CA ASN A 170 51.16 -46.39 25.35
C ASN A 170 52.27 -45.46 25.84
N ASP A 171 51.93 -44.40 26.58
CA ASP A 171 52.97 -43.46 26.97
C ASP A 171 52.73 -42.92 28.39
N ARG A 172 51.89 -43.56 29.18
CA ARG A 172 51.52 -43.04 30.48
C ARG A 172 51.16 -44.18 31.41
N VAL A 173 51.59 -44.06 32.67
CA VAL A 173 51.40 -45.11 33.66
C VAL A 173 50.36 -44.65 34.68
N THR A 174 49.60 -45.60 35.19
CA THR A 174 48.55 -45.32 36.17
C THR A 174 48.66 -46.27 37.35
N VAL A 175 48.19 -45.77 38.50
CA VAL A 175 48.30 -46.46 39.78
C VAL A 175 46.90 -46.70 40.33
N PHE A 176 46.57 -47.97 40.57
CA PHE A 176 45.32 -48.35 41.24
C PHE A 176 45.60 -48.47 42.73
N SER A 177 45.44 -47.36 43.44
CA SER A 177 45.63 -47.36 44.90
C SER A 177 44.88 -46.14 45.46
N ASP A 178 43.82 -46.40 46.21
CA ASP A 178 42.95 -45.32 46.69
C ASP A 178 42.49 -44.50 45.49
N LYS A 179 42.93 -43.25 45.44
CA LYS A 179 42.68 -42.43 44.26
C LYS A 179 43.63 -42.89 43.16
N ILE A 180 43.08 -43.09 41.97
CA ILE A 180 43.87 -43.59 40.86
C ILE A 180 44.93 -42.56 40.51
N TYR A 181 46.20 -42.93 40.67
CA TYR A 181 47.29 -42.03 40.37
C TYR A 181 47.82 -42.30 38.97
N TYR A 182 48.61 -41.36 38.48
CA TYR A 182 49.08 -41.38 37.11
C TYR A 182 50.38 -40.62 36.98
N PHE A 183 51.22 -41.07 36.06
CA PHE A 183 52.45 -40.40 35.73
C PHE A 183 52.66 -40.50 34.23
N TYR A 184 53.29 -39.49 33.65
CA TYR A 184 53.47 -39.42 32.21
C TYR A 184 54.96 -39.32 31.87
N PHE A 185 55.35 -40.03 30.82
CA PHE A 185 56.71 -40.02 30.30
C PHE A 185 56.75 -40.77 28.98
N LYS A 186 57.70 -40.40 28.13
CA LYS A 186 57.90 -41.11 26.87
C LYS A 186 58.50 -42.48 27.16
N ASN A 187 57.65 -43.49 27.29
CA ASN A 187 58.09 -44.79 27.78
C ASN A 187 57.59 -45.92 26.90
N ASP A 188 58.36 -47.01 26.89
CA ASP A 188 58.00 -48.21 26.15
C ASP A 188 58.72 -49.40 26.79
N TRP A 189 57.99 -50.19 27.56
CA TRP A 189 58.54 -51.33 28.28
C TRP A 189 57.65 -52.54 27.99
N SER A 190 58.25 -53.72 28.00
CA SER A 190 57.57 -54.89 27.47
C SER A 190 57.35 -56.02 28.47
N ARG A 191 58.26 -56.23 29.41
CA ARG A 191 58.19 -57.40 30.27
C ARG A 191 58.08 -56.98 31.71
N VAL A 192 57.37 -57.79 32.50
CA VAL A 192 57.27 -57.58 33.93
C VAL A 192 57.85 -58.79 34.63
N ALA A 193 58.34 -58.57 35.85
CA ALA A 193 58.89 -59.63 36.64
C ALA A 193 58.64 -59.36 38.12
N THR A 194 58.61 -60.43 38.90
CA THR A 194 58.41 -60.35 40.34
C THR A 194 59.50 -61.25 40.89
N LYS A 195 60.59 -60.63 41.38
CA LYS A 195 61.69 -61.43 41.90
C LYS A 195 61.23 -62.36 43.00
N CYS A 196 60.19 -61.97 43.74
CA CYS A 196 59.52 -62.91 44.63
C CYS A 196 58.39 -63.60 43.85
N TYR A 197 58.81 -64.43 42.89
CA TYR A 197 57.85 -65.11 42.01
C TYR A 197 56.94 -66.07 42.77
N ASN A 198 57.16 -66.26 44.07
CA ASN A 198 56.31 -67.16 44.84
C ASN A 198 54.94 -66.53 45.00
N SER A 199 54.03 -66.88 44.10
CA SER A 199 52.68 -66.33 44.09
C SER A 199 51.78 -67.32 43.36
N GLY A 200 50.48 -67.18 43.60
CA GLY A 200 49.49 -68.06 43.00
C GLY A 200 48.87 -67.43 41.77
N GLY A 201 48.55 -68.28 40.80
CA GLY A 201 47.95 -67.80 39.57
C GLY A 201 46.62 -67.09 39.82
N CYS A 202 45.77 -67.67 40.67
CA CYS A 202 44.52 -67.00 41.00
C CYS A 202 44.81 -65.70 41.74
N ALA A 203 45.80 -65.72 42.63
CA ALA A 203 46.10 -64.53 43.43
C ALA A 203 46.52 -63.37 42.54
N MET A 204 47.47 -63.61 41.63
CA MET A 204 47.95 -62.57 40.73
C MET A 204 47.05 -62.51 39.51
N GLN A 205 46.53 -61.33 39.22
CA GLN A 205 45.58 -61.12 38.13
C GLN A 205 46.22 -60.16 37.15
N TYR A 206 46.48 -60.63 35.93
CA TYR A 206 47.22 -59.90 34.93
C TYR A 206 46.35 -59.58 33.72
N VAL A 207 46.43 -58.33 33.27
CA VAL A 207 45.67 -57.85 32.12
C VAL A 207 46.65 -57.29 31.10
N TYR A 208 46.31 -57.47 29.82
CA TYR A 208 47.16 -57.08 28.71
C TYR A 208 46.40 -56.30 27.64
N GLU A 209 45.09 -56.19 27.74
CA GLU A 209 44.20 -55.57 26.77
C GLU A 209 43.23 -54.65 27.48
N PRO A 210 42.75 -53.61 26.80
CA PRO A 210 41.82 -52.67 27.45
C PRO A 210 40.43 -53.28 27.55
N THR A 211 40.05 -53.70 28.74
CA THR A 211 38.72 -54.21 29.00
C THR A 211 37.80 -53.09 29.48
N TYR A 212 36.49 -53.28 29.29
CA TYR A 212 35.52 -52.25 29.61
C TYR A 212 34.37 -52.80 30.43
N TYR A 213 34.11 -52.18 31.57
CA TYR A 213 32.97 -52.45 32.44
C TYR A 213 32.14 -51.17 32.60
N MET A 214 31.11 -51.26 33.45
CA MET A 214 30.22 -50.14 33.72
C MET A 214 29.96 -50.02 35.21
N LEU A 215 30.08 -48.81 35.74
CA LEU A 215 29.80 -48.54 37.14
C LEU A 215 28.42 -47.95 37.35
N ASN A 216 27.74 -48.45 38.38
CA ASN A 216 26.36 -48.10 38.72
C ASN A 216 26.18 -48.15 40.23
N VAL A 217 25.90 -47.00 40.84
CA VAL A 217 25.70 -46.90 42.28
C VAL A 217 24.63 -45.85 42.54
N THR A 218 23.68 -46.17 43.41
CA THR A 218 22.85 -45.16 44.06
C THR A 218 22.62 -45.50 45.53
N SER A 219 23.35 -46.46 46.08
CA SER A 219 23.20 -46.79 47.49
C SER A 219 23.73 -45.69 48.40
N ALA A 220 24.41 -44.68 47.84
CA ALA A 220 25.01 -43.60 48.63
C ALA A 220 26.02 -44.16 49.63
N GLY A 221 26.77 -45.17 49.21
CA GLY A 221 27.75 -45.79 50.07
C GLY A 221 28.87 -46.40 49.26
N GLU A 222 29.88 -46.88 49.98
CA GLU A 222 31.03 -47.50 49.34
C GLU A 222 30.63 -48.70 48.50
N ASP A 223 29.56 -49.39 48.89
CA ASP A 223 29.12 -50.56 48.14
C ASP A 223 28.66 -50.14 46.74
N GLY A 224 29.10 -50.90 45.74
CA GLY A 224 28.74 -50.62 44.36
C GLY A 224 27.53 -51.43 43.96
N ILE A 225 26.57 -50.77 43.33
CA ILE A 225 25.32 -51.45 43.00
C ILE A 225 25.56 -52.45 41.87
N SER A 226 26.28 -52.05 40.83
CA SER A 226 26.60 -52.98 39.76
C SER A 226 27.92 -52.61 39.12
N TYR A 227 28.55 -53.62 38.54
CA TYR A 227 29.90 -53.52 37.99
C TYR A 227 29.95 -53.98 36.54
N GLN A 228 29.07 -54.92 36.20
CA GLN A 228 29.09 -55.55 34.89
C GLN A 228 28.75 -54.54 33.81
N PRO A 229 29.46 -54.55 32.69
CA PRO A 229 29.20 -53.56 31.64
C PRO A 229 27.77 -53.68 31.13
N CYS A 230 27.10 -52.55 31.01
CA CYS A 230 25.70 -52.48 30.59
C CYS A 230 24.82 -53.37 31.46
N THR A 231 25.08 -53.37 32.77
CA THR A 231 24.13 -53.95 33.70
C THR A 231 22.84 -53.13 33.71
N ALA A 232 22.97 -51.81 33.75
CA ALA A 232 21.86 -50.87 33.69
C ALA A 232 22.42 -49.47 33.44
N ASN A 233 21.73 -48.70 32.60
CA ASN A 233 22.05 -47.30 32.36
C ASN A 233 23.44 -47.09 31.77
N CYS A 234 23.75 -47.84 30.70
CA CYS A 234 24.89 -47.46 29.88
C CYS A 234 24.66 -46.10 29.23
N ILE A 235 23.41 -45.82 28.87
CA ILE A 235 23.06 -44.53 28.31
C ILE A 235 23.35 -43.39 29.29
N GLY A 236 23.51 -43.71 30.58
CA GLY A 236 23.84 -42.69 31.55
C GLY A 236 25.11 -41.93 31.25
N TYR A 237 26.26 -42.60 31.28
CA TYR A 237 27.49 -41.90 30.88
C TYR A 237 27.48 -41.67 29.38
N ALA A 238 26.90 -42.60 28.62
CA ALA A 238 26.83 -42.45 27.17
C ALA A 238 26.07 -41.19 26.80
N ALA A 239 24.86 -41.03 27.34
CA ALA A 239 24.04 -39.86 27.10
C ALA A 239 24.08 -39.44 25.64
N ASN A 240 25.01 -38.54 25.34
CA ASN A 240 25.13 -37.97 24.01
C ASN A 240 25.50 -39.03 22.97
N VAL A 241 26.50 -39.87 23.28
CA VAL A 241 26.95 -40.85 22.31
C VAL A 241 25.85 -41.88 22.08
N PHE A 242 25.88 -42.50 20.90
CA PHE A 242 24.78 -43.31 20.42
C PHE A 242 25.30 -44.36 19.44
N ALA A 243 24.37 -44.97 18.73
CA ALA A 243 24.67 -45.96 17.70
C ALA A 243 24.75 -45.28 16.34
N THR A 244 25.86 -45.51 15.63
CA THR A 244 26.11 -44.85 14.37
C THR A 244 25.21 -45.44 13.29
N GLU A 245 24.39 -44.59 12.69
CA GLU A 245 23.52 -45.02 11.61
C GLU A 245 24.32 -45.15 10.32
N PRO A 246 23.91 -46.06 9.43
CA PRO A 246 24.62 -46.18 8.14
C PRO A 246 24.61 -44.89 7.36
N ASN A 247 23.50 -44.17 7.42
CA ASN A 247 23.44 -42.86 6.79
C ASN A 247 24.26 -41.81 7.54
N GLY A 248 24.58 -42.06 8.80
CA GLY A 248 25.36 -41.10 9.56
C GLY A 248 24.56 -39.96 10.15
N HIS A 249 23.24 -40.05 10.17
CA HIS A 249 22.42 -38.97 10.68
C HIS A 249 22.36 -39.02 12.21
N ILE A 250 21.77 -37.99 12.79
CA ILE A 250 21.59 -37.91 14.23
C ILE A 250 20.46 -38.83 14.63
N PRO A 251 20.58 -39.51 15.75
CA PRO A 251 19.46 -40.33 16.24
C PRO A 251 18.49 -39.52 17.06
N GLU A 252 17.53 -40.22 17.65
CA GLU A 252 16.50 -39.63 18.49
C GLU A 252 16.89 -39.71 19.96
N GLY A 253 16.20 -38.91 20.77
CA GLY A 253 16.52 -38.87 22.19
C GLY A 253 17.86 -38.25 22.50
N PHE A 254 18.36 -37.39 21.62
CA PHE A 254 19.68 -36.82 21.79
C PHE A 254 19.73 -35.90 23.01
N SER A 255 20.89 -35.88 23.66
CA SER A 255 21.05 -35.14 24.90
C SER A 255 21.01 -33.64 24.69
N PHE A 256 21.78 -33.14 23.73
CA PHE A 256 21.98 -31.71 23.49
C PHE A 256 22.67 -31.03 24.67
N ASN A 257 23.25 -31.84 25.57
CA ASN A 257 23.82 -31.29 26.79
C ASN A 257 24.94 -30.32 26.49
N ASN A 258 25.82 -30.67 25.55
CA ASN A 258 26.94 -29.82 25.19
C ASN A 258 26.77 -29.36 23.75
N TRP A 259 25.58 -28.90 23.40
CA TRP A 259 25.32 -28.47 22.05
C TRP A 259 24.66 -27.11 22.06
N PHE A 260 25.25 -26.19 21.31
CA PHE A 260 24.84 -24.80 21.29
C PHE A 260 24.51 -24.37 19.87
N LEU A 261 23.73 -23.31 19.76
CA LEU A 261 23.46 -22.72 18.46
C LEU A 261 24.77 -22.19 17.89
N LEU A 262 24.91 -22.27 16.58
CA LEU A 262 26.14 -21.90 15.93
C LEU A 262 25.99 -20.48 15.39
N SER A 263 26.92 -19.59 15.78
CA SER A 263 26.84 -18.20 15.34
C SER A 263 28.13 -17.43 15.62
N ASN A 264 28.62 -16.69 14.63
CA ASN A 264 29.80 -15.87 14.85
C ASN A 264 29.45 -14.61 15.64
N ASP A 265 28.28 -14.03 15.37
CA ASP A 265 27.82 -12.85 16.07
C ASP A 265 26.31 -12.99 16.25
N SER A 266 25.64 -11.87 16.54
CA SER A 266 24.20 -11.84 16.80
C SER A 266 23.90 -12.64 18.06
N THR A 267 22.61 -12.78 18.38
CA THR A 267 22.25 -13.50 19.58
C THR A 267 20.84 -14.02 19.44
N LEU A 268 20.62 -15.24 19.91
CA LEU A 268 19.33 -15.90 19.83
C LEU A 268 18.89 -16.36 21.21
N VAL A 269 17.58 -16.44 21.40
CA VAL A 269 17.03 -16.88 22.68
C VAL A 269 16.18 -18.12 22.51
N HIS A 270 15.12 -18.00 21.72
CA HIS A 270 14.18 -19.10 21.59
C HIS A 270 13.43 -18.98 20.28
N GLY A 271 13.07 -20.12 19.72
CA GLY A 271 12.31 -20.15 18.48
C GLY A 271 12.72 -21.35 17.64
N LYS A 272 12.25 -21.34 16.40
CA LYS A 272 12.54 -22.40 15.44
C LYS A 272 13.37 -21.85 14.30
N VAL A 273 14.45 -22.55 13.96
CA VAL A 273 15.44 -22.04 13.01
C VAL A 273 15.99 -23.19 12.18
N VAL A 274 16.24 -22.91 10.91
CA VAL A 274 16.86 -23.83 9.97
C VAL A 274 18.09 -23.16 9.36
N SER A 275 19.19 -23.91 9.26
CA SER A 275 20.43 -23.34 8.73
C SER A 275 21.37 -24.47 8.36
N ASN A 276 22.48 -24.09 7.72
CA ASN A 276 23.47 -25.05 7.25
C ASN A 276 24.64 -25.04 8.21
N GLN A 277 24.72 -26.07 9.04
CA GLN A 277 25.76 -26.16 10.04
C GLN A 277 26.48 -27.49 9.92
N PRO A 278 27.74 -27.53 10.28
CA PRO A 278 28.49 -28.79 10.19
C PRO A 278 28.03 -29.77 11.25
N LEU A 279 26.94 -30.48 10.97
CA LEU A 279 26.41 -31.43 11.93
C LEU A 279 26.13 -32.76 11.24
N LEU A 280 27.11 -33.24 10.49
CA LEU A 280 27.06 -34.59 9.92
C LEU A 280 28.35 -35.29 10.33
N VAL A 281 28.23 -36.18 11.29
CA VAL A 281 29.40 -36.86 11.84
C VAL A 281 29.97 -37.85 10.84
N ASN A 282 31.28 -38.07 10.93
CA ASN A 282 31.96 -39.09 10.15
C ASN A 282 32.65 -40.13 11.04
N CYS A 283 33.17 -39.71 12.20
CA CYS A 283 33.76 -40.65 13.14
C CYS A 283 33.81 -39.97 14.50
N LEU A 284 33.07 -40.51 15.46
CA LEU A 284 32.99 -39.94 16.81
C LEU A 284 33.72 -40.83 17.80
N LEU A 285 34.51 -40.20 18.67
CA LEU A 285 35.20 -40.88 19.76
C LEU A 285 34.78 -40.26 21.08
N ALA A 286 34.36 -41.10 22.02
CA ALA A 286 34.19 -40.71 23.41
C ALA A 286 35.38 -41.24 24.20
N ILE A 287 35.42 -40.93 25.49
CA ILE A 287 36.54 -41.30 26.37
C ILE A 287 37.82 -41.16 25.57
N PRO A 288 38.20 -39.92 25.23
CA PRO A 288 39.28 -39.72 24.25
C PRO A 288 40.62 -40.26 24.74
N LYS A 289 41.38 -40.87 23.83
CA LYS A 289 42.64 -41.51 24.18
C LYS A 289 43.86 -41.22 23.29
N ILE A 290 43.67 -40.92 22.01
CA ILE A 290 44.77 -40.95 21.05
C ILE A 290 45.24 -39.56 20.65
N TYR A 291 44.32 -38.63 20.38
CA TYR A 291 44.74 -37.29 20.00
C TYR A 291 45.50 -36.60 21.13
N GLY A 292 45.31 -37.06 22.37
CA GLY A 292 46.20 -36.65 23.41
C GLY A 292 47.60 -37.15 23.13
N LEU A 293 47.71 -38.31 22.49
CA LEU A 293 49.01 -38.91 22.21
C LEU A 293 49.54 -38.40 20.87
N GLY A 294 49.68 -37.08 20.78
CA GLY A 294 50.33 -36.43 19.65
C GLY A 294 49.81 -36.80 18.28
N GLN A 295 48.58 -36.40 17.96
CA GLN A 295 47.99 -36.75 16.68
C GLN A 295 47.83 -35.52 15.81
N PHE A 296 48.04 -35.69 14.52
CA PHE A 296 47.88 -34.64 13.52
C PHE A 296 46.55 -34.80 12.82
N PHE A 297 46.10 -33.71 12.20
CA PHE A 297 44.78 -33.69 11.57
C PHE A 297 44.80 -32.81 10.34
N SER A 298 44.81 -33.43 9.17
CA SER A 298 44.74 -32.74 7.90
C SER A 298 43.44 -33.11 7.19
N PHE A 299 42.79 -32.09 6.63
CA PHE A 299 41.50 -32.29 5.98
C PHE A 299 41.66 -33.15 4.74
N ASN A 300 42.85 -33.12 4.15
CA ASN A 300 43.33 -34.14 3.22
C ASN A 300 43.08 -35.57 3.72
N GLN A 301 43.51 -35.87 4.94
CA GLN A 301 43.36 -37.23 5.43
C GLN A 301 41.97 -37.43 6.02
N THR A 302 41.25 -38.41 5.50
CA THR A 302 40.03 -38.87 6.16
C THR A 302 40.42 -39.49 7.49
N ILE A 303 39.70 -39.12 8.55
CA ILE A 303 40.03 -39.59 9.89
C ILE A 303 39.78 -41.08 10.02
N ASP A 304 40.70 -41.77 10.68
CA ASP A 304 40.58 -43.20 10.93
C ASP A 304 40.69 -43.41 12.44
N GLY A 305 40.76 -44.68 12.83
CA GLY A 305 40.88 -45.08 14.21
C GLY A 305 39.78 -46.06 14.57
N VAL A 306 39.55 -46.21 15.86
CA VAL A 306 38.49 -47.08 16.34
C VAL A 306 37.25 -46.20 16.44
N CYS A 307 36.54 -46.06 15.32
CA CYS A 307 35.35 -45.24 15.30
C CYS A 307 34.24 -45.90 16.12
N ASN A 308 33.23 -45.10 16.46
CA ASN A 308 32.11 -45.61 17.25
C ASN A 308 31.34 -46.69 16.51
N GLY A 309 31.46 -46.78 15.19
CA GLY A 309 30.64 -47.72 14.45
C GLY A 309 30.74 -47.54 12.95
N ALA A 310 29.59 -47.41 12.29
CA ALA A 310 29.55 -47.23 10.84
C ALA A 310 30.56 -46.19 10.38
N ALA A 311 31.37 -46.56 9.38
CA ALA A 311 32.46 -45.73 8.91
C ALA A 311 32.06 -45.01 7.62
N VAL A 312 32.14 -43.69 7.64
CA VAL A 312 31.91 -42.86 6.48
C VAL A 312 33.27 -42.38 6.01
N GLN A 313 33.63 -42.70 4.78
CA GLN A 313 34.96 -42.40 4.27
C GLN A 313 34.89 -41.07 3.54
N ARG A 314 34.90 -39.99 4.32
CA ARG A 314 34.84 -38.64 3.79
C ARG A 314 35.90 -37.75 4.41
N ALA A 315 36.39 -36.81 3.63
CA ALA A 315 37.39 -35.88 4.09
C ALA A 315 36.75 -34.95 5.13
N PRO A 316 37.34 -34.81 6.30
CA PRO A 316 36.86 -33.81 7.25
C PRO A 316 37.05 -32.41 6.71
N GLU A 317 36.12 -31.52 7.08
CA GLU A 317 36.26 -30.10 6.79
C GLU A 317 35.97 -29.27 8.03
N ALA A 318 35.17 -29.82 8.93
CA ALA A 318 34.86 -29.23 10.21
C ALA A 318 35.19 -30.21 11.33
N LEU A 319 35.55 -29.68 12.49
CA LEU A 319 36.03 -30.49 13.59
C LEU A 319 35.56 -29.92 14.91
N ARG A 320 35.06 -30.79 15.77
CA ARG A 320 34.45 -30.40 17.04
C ARG A 320 35.23 -31.00 18.19
N PHE A 321 35.37 -30.22 19.27
CA PHE A 321 35.95 -30.69 20.51
C PHE A 321 34.92 -30.59 21.62
N ASN A 322 34.64 -31.70 22.28
CA ASN A 322 33.93 -31.63 23.56
C ASN A 322 34.99 -31.50 24.66
N ILE A 323 34.96 -30.38 25.36
CA ILE A 323 36.01 -30.02 26.31
C ILE A 323 35.47 -30.04 27.73
N ASN A 324 36.01 -30.89 28.58
CA ASN A 324 35.67 -30.71 29.99
C ASN A 324 36.89 -30.53 30.88
N ASP A 325 37.89 -31.41 30.81
CA ASP A 325 39.08 -31.27 31.64
C ASP A 325 39.95 -30.18 31.03
N THR A 326 39.52 -28.94 31.27
CA THR A 326 40.23 -27.79 30.73
C THR A 326 41.64 -27.71 31.28
N SER A 327 41.85 -28.26 32.48
CA SER A 327 43.16 -28.18 33.11
C SER A 327 44.22 -28.87 32.27
N VAL A 328 43.88 -30.01 31.68
CA VAL A 328 44.85 -30.72 30.85
C VAL A 328 45.28 -29.84 29.70
N ILE A 329 44.31 -29.22 29.04
CA ILE A 329 44.61 -28.34 27.92
C ILE A 329 45.40 -27.13 28.43
N LEU A 330 45.02 -26.62 29.59
CA LEU A 330 45.74 -25.49 30.18
C LEU A 330 47.18 -25.87 30.50
N ALA A 331 47.38 -27.01 31.15
CA ALA A 331 48.69 -27.40 31.63
C ALA A 331 49.51 -28.11 30.56
N GLU A 332 49.01 -29.25 30.09
CA GLU A 332 49.78 -30.16 29.26
C GLU A 332 49.28 -30.29 27.84
N GLY A 333 47.98 -30.10 27.60
CA GLY A 333 47.47 -30.12 26.24
C GLY A 333 48.10 -29.06 25.37
N SER A 334 48.62 -29.49 24.22
CA SER A 334 49.32 -28.62 23.30
C SER A 334 48.57 -28.50 21.98
N ILE A 335 48.46 -27.29 21.48
CA ILE A 335 47.82 -26.96 20.22
C ILE A 335 48.86 -26.39 19.27
N VAL A 336 49.04 -27.04 18.12
CA VAL A 336 49.95 -26.59 17.09
C VAL A 336 49.13 -26.41 15.83
N LEU A 337 49.25 -25.23 15.24
CA LEU A 337 48.41 -24.83 14.13
C LEU A 337 49.22 -24.66 12.85
N HIS A 338 48.58 -24.93 11.73
CA HIS A 338 49.23 -24.88 10.43
C HIS A 338 48.27 -24.19 9.46
N THR A 339 48.61 -22.97 9.07
CA THR A 339 47.76 -22.21 8.16
C THR A 339 47.78 -22.85 6.78
N ALA A 340 47.00 -22.28 5.86
CA ALA A 340 47.07 -22.76 4.49
C ALA A 340 48.50 -22.68 3.98
N LEU A 341 49.23 -21.66 4.41
CA LEU A 341 50.66 -21.57 4.18
C LEU A 341 51.45 -22.46 5.12
N GLY A 342 50.82 -22.94 6.19
CA GLY A 342 51.51 -23.77 7.16
C GLY A 342 52.19 -23.02 8.28
N THR A 343 51.73 -21.82 8.61
CA THR A 343 52.33 -21.07 9.71
C THR A 343 52.02 -21.74 11.03
N ASN A 344 53.03 -21.89 11.86
CA ASN A 344 52.88 -22.54 13.16
C ASN A 344 52.14 -21.61 14.12
N PHE A 345 51.33 -22.22 14.99
CA PHE A 345 50.71 -21.48 16.10
C PHE A 345 50.54 -22.40 17.30
N SER A 346 51.14 -22.01 18.43
CA SER A 346 51.15 -22.80 19.64
C SER A 346 50.30 -22.12 20.72
N PHE A 347 49.44 -22.90 21.36
CA PHE A 347 48.60 -22.42 22.46
C PHE A 347 49.29 -22.71 23.77
N VAL A 348 49.75 -21.65 24.44
CA VAL A 348 50.53 -21.75 25.66
C VAL A 348 49.87 -20.89 26.73
N CYS A 349 49.69 -21.44 27.92
CA CYS A 349 49.14 -20.74 29.06
C CYS A 349 50.18 -20.62 30.17
N SER A 350 50.02 -19.60 31.01
CA SER A 350 50.95 -19.37 32.10
C SER A 350 50.18 -19.10 33.39
N ASN A 351 50.81 -19.44 34.51
CA ASN A 351 50.22 -19.27 35.85
C ASN A 351 51.22 -18.66 36.80
N SER A 352 51.13 -17.35 37.02
CA SER A 352 51.93 -16.65 38.03
C SER A 352 53.39 -17.02 37.93
N SER A 353 53.81 -17.45 36.74
CA SER A 353 55.16 -17.94 36.52
C SER A 353 55.47 -17.67 35.04
N ASN A 354 56.19 -16.60 34.79
CA ASN A 354 56.52 -16.16 33.44
C ASN A 354 58.03 -15.97 33.37
N PRO A 355 58.79 -17.08 33.31
CA PRO A 355 60.25 -16.93 33.21
C PRO A 355 60.67 -16.11 32.01
N HIS A 356 59.97 -16.25 30.91
CA HIS A 356 60.18 -15.42 29.74
C HIS A 356 58.96 -14.61 29.34
N LEU A 357 57.75 -15.09 29.65
CA LEU A 357 56.56 -14.34 29.31
C LEU A 357 56.46 -13.04 30.09
N ALA A 358 57.26 -12.86 31.14
CA ALA A 358 57.22 -11.61 31.89
C ALA A 358 57.69 -10.45 31.04
N THR A 359 58.57 -10.71 30.08
CA THR A 359 58.96 -9.68 29.13
C THR A 359 58.18 -9.77 27.83
N PHE A 360 57.70 -10.96 27.47
CA PHE A 360 56.79 -11.07 26.35
C PHE A 360 55.50 -10.33 26.64
N ALA A 361 55.03 -10.40 27.87
CA ALA A 361 53.81 -9.71 28.28
C ALA A 361 53.87 -9.47 29.78
N ILE A 362 52.86 -8.80 30.29
CA ILE A 362 52.77 -8.67 31.74
C ILE A 362 52.56 -10.07 32.33
N PRO A 363 53.26 -10.45 33.39
CA PRO A 363 53.05 -11.78 33.96
C PRO A 363 51.58 -11.97 34.34
N LEU A 364 50.91 -12.85 33.59
CA LEU A 364 49.48 -13.07 33.69
C LEU A 364 48.70 -11.76 33.72
N GLY A 365 48.22 -11.36 34.89
CA GLY A 365 47.37 -10.19 34.99
C GLY A 365 46.10 -10.49 35.78
N ALA A 366 46.11 -11.62 36.47
CA ALA A 366 45.02 -12.03 37.35
C ALA A 366 45.62 -12.79 38.53
N THR A 367 44.77 -13.34 39.38
CA THR A 367 45.26 -14.11 40.52
C THR A 367 45.74 -15.48 40.06
N GLN A 368 46.15 -16.30 41.03
CA GLN A 368 46.77 -17.58 40.68
C GLN A 368 45.80 -18.51 39.98
N VAL A 369 44.54 -18.57 40.45
CA VAL A 369 43.59 -19.53 39.88
C VAL A 369 43.36 -19.26 38.40
N PRO A 370 43.05 -18.04 37.96
CA PRO A 370 42.93 -17.83 36.52
C PRO A 370 44.29 -17.79 35.87
N TYR A 371 44.36 -18.31 34.66
CA TYR A 371 45.60 -18.36 33.90
C TYR A 371 45.57 -17.32 32.80
N TYR A 372 46.72 -17.10 32.19
CA TYR A 372 46.83 -16.26 31.01
C TYR A 372 47.47 -17.10 29.91
N CYS A 373 46.79 -17.18 28.78
CA CYS A 373 47.19 -18.05 27.70
C CYS A 373 47.62 -17.21 26.50
N PHE A 374 48.68 -17.63 25.84
CA PHE A 374 49.25 -16.88 24.72
C PHE A 374 49.32 -17.78 23.50
N PHE A 375 49.28 -17.14 22.33
CA PHE A 375 49.84 -17.72 21.12
C PHE A 375 51.24 -17.19 20.89
N LYS A 376 52.20 -18.09 20.88
CA LYS A 376 53.51 -17.77 20.34
C LYS A 376 53.32 -17.78 18.84
N VAL A 377 53.13 -16.60 18.27
CA VAL A 377 52.87 -16.51 16.84
C VAL A 377 54.21 -16.79 16.20
N ASP A 378 54.42 -18.07 15.90
CA ASP A 378 55.71 -18.58 15.49
C ASP A 378 55.67 -18.92 14.01
N THR A 379 56.69 -18.47 13.29
CA THR A 379 56.97 -18.93 11.95
C THR A 379 58.38 -19.52 11.96
N TYR A 380 58.84 -19.98 10.81
CA TYR A 380 60.13 -20.64 10.77
C TYR A 380 61.27 -19.68 11.13
N ASN A 381 61.07 -18.37 10.92
CA ASN A 381 62.03 -17.35 11.35
C ASN A 381 61.63 -16.70 12.67
N SER A 382 60.49 -16.02 12.70
CA SER A 382 60.16 -15.10 13.78
C SER A 382 59.47 -15.79 14.94
N THR A 383 59.52 -15.15 16.10
CA THR A 383 58.94 -15.68 17.32
C THR A 383 58.42 -14.52 18.17
N VAL A 384 57.11 -14.50 18.40
CA VAL A 384 56.48 -13.49 19.26
C VAL A 384 55.28 -14.11 19.94
N TYR A 385 55.10 -13.79 21.22
CA TYR A 385 53.97 -14.31 21.98
C TYR A 385 52.81 -13.33 21.86
N LYS A 386 51.69 -13.80 21.34
CA LYS A 386 50.49 -13.00 21.20
C LYS A 386 49.51 -13.36 22.30
N PHE A 387 49.08 -12.34 23.04
CA PHE A 387 48.18 -12.57 24.17
C PHE A 387 46.79 -12.89 23.64
N LEU A 388 46.17 -13.91 24.22
CA LEU A 388 44.83 -14.31 23.79
C LEU A 388 43.73 -13.69 24.64
N ALA A 389 43.69 -14.05 25.93
CA ALA A 389 42.57 -13.73 26.80
C ALA A 389 42.89 -14.30 28.18
N VAL A 390 42.06 -13.92 29.13
CA VAL A 390 42.15 -14.50 30.47
C VAL A 390 41.52 -15.89 30.44
N LEU A 391 41.94 -16.74 31.35
CA LEU A 391 41.35 -18.06 31.47
C LEU A 391 39.90 -17.95 31.91
N PRO A 392 38.95 -18.44 31.11
CA PRO A 392 37.55 -18.40 31.53
C PRO A 392 37.32 -19.42 32.64
N PRO A 393 36.19 -19.33 33.35
CA PRO A 393 35.91 -20.35 34.37
C PRO A 393 35.90 -21.76 33.80
N THR A 394 35.31 -21.94 32.61
CA THR A 394 35.35 -23.20 31.87
C THR A 394 34.72 -22.97 30.51
N VAL A 395 35.31 -23.58 29.48
CA VAL A 395 34.72 -23.68 28.15
C VAL A 395 34.58 -25.15 27.83
N ARG A 396 33.41 -25.54 27.34
CA ARG A 396 33.15 -26.95 27.14
C ARG A 396 33.24 -27.41 25.68
N GLU A 397 33.33 -26.50 24.71
CA GLU A 397 33.53 -26.97 23.35
C GLU A 397 34.29 -25.92 22.53
N ILE A 398 35.07 -26.44 21.58
CA ILE A 398 35.74 -25.67 20.54
C ILE A 398 35.58 -26.38 19.21
N VAL A 399 35.17 -25.65 18.19
CA VAL A 399 34.97 -26.19 16.85
C VAL A 399 35.73 -25.34 15.85
N ILE A 400 36.37 -26.01 14.89
CA ILE A 400 37.13 -25.33 13.86
C ILE A 400 36.76 -25.94 12.51
N THR A 401 36.91 -25.15 11.47
CA THR A 401 36.59 -25.53 10.11
C THR A 401 37.84 -25.49 9.25
N LYS A 402 37.67 -25.95 8.01
CA LYS A 402 38.77 -25.89 7.06
C LYS A 402 39.16 -24.45 6.80
N TYR A 403 38.20 -23.53 6.86
CA TYR A 403 38.53 -22.12 6.73
C TYR A 403 39.40 -21.66 7.89
N GLY A 404 39.46 -22.44 8.97
CA GLY A 404 40.32 -22.14 10.09
C GLY A 404 39.67 -21.39 11.24
N ASP A 405 38.44 -20.91 11.06
CA ASP A 405 37.79 -20.16 12.13
C ASP A 405 37.38 -21.07 13.28
N VAL A 406 37.34 -20.48 14.48
CA VAL A 406 37.07 -21.21 15.71
C VAL A 406 35.91 -20.57 16.46
N TYR A 407 34.99 -21.40 16.94
CA TYR A 407 33.91 -20.98 17.82
C TYR A 407 34.16 -21.49 19.22
N VAL A 408 34.05 -20.60 20.19
CA VAL A 408 34.22 -20.92 21.60
C VAL A 408 32.83 -21.13 22.18
N ASN A 409 32.47 -22.40 22.41
CA ASN A 409 31.11 -22.75 22.79
C ASN A 409 30.11 -22.20 21.76
N GLY A 410 30.51 -22.24 20.49
CA GLY A 410 29.69 -21.73 19.42
C GLY A 410 29.63 -20.23 19.29
N PHE A 411 30.63 -19.52 19.81
CA PHE A 411 30.61 -18.06 19.79
C PHE A 411 31.44 -17.44 18.67
N GLY A 412 32.62 -17.97 18.40
CA GLY A 412 33.45 -17.35 17.39
C GLY A 412 34.31 -16.27 17.98
N TYR A 413 35.12 -16.65 18.97
CA TYR A 413 35.90 -15.68 19.72
C TYR A 413 36.90 -14.98 18.82
N LEU A 414 37.61 -15.75 17.99
CA LEU A 414 38.71 -15.19 17.20
C LEU A 414 38.65 -15.73 15.79
N HIS A 415 39.08 -14.89 14.85
CA HIS A 415 39.02 -15.17 13.43
C HIS A 415 40.43 -15.38 12.89
N LEU A 416 40.56 -16.35 11.99
CA LEU A 416 41.85 -16.70 11.40
C LEU A 416 41.69 -16.88 9.90
N GLY A 417 42.82 -17.08 9.23
CA GLY A 417 42.82 -17.41 7.81
C GLY A 417 42.63 -18.90 7.62
N LEU A 418 42.88 -19.34 6.39
CA LEU A 418 42.69 -20.74 6.05
C LEU A 418 43.75 -21.60 6.72
N LEU A 419 43.32 -22.56 7.51
CA LEU A 419 44.21 -23.52 8.15
C LEU A 419 44.13 -24.84 7.37
N ASP A 420 45.29 -25.39 7.00
CA ASP A 420 45.27 -26.64 6.26
C ASP A 420 45.20 -27.86 7.16
N ALA A 421 45.93 -27.84 8.27
CA ALA A 421 46.01 -29.00 9.13
C ALA A 421 46.35 -28.56 10.54
N VAL A 422 46.13 -29.45 11.48
CA VAL A 422 46.38 -29.18 12.90
C VAL A 422 46.92 -30.44 13.55
N THR A 423 47.85 -30.26 14.49
CA THR A 423 48.37 -31.34 15.30
C THR A 423 48.02 -31.06 16.75
N ILE A 424 47.40 -32.03 17.41
CA ILE A 424 46.92 -31.87 18.77
C ILE A 424 47.45 -32.99 19.65
N ASN A 425 47.64 -32.66 20.92
CA ASN A 425 48.34 -33.42 21.94
C ASN A 425 47.86 -32.93 23.30
N PHE A 426 47.59 -33.87 24.19
CA PHE A 426 47.15 -33.60 25.56
C PHE A 426 47.26 -34.90 26.34
N THR A 427 46.65 -34.93 27.53
CA THR A 427 46.81 -36.10 28.38
C THR A 427 46.14 -37.35 27.83
N GLY A 428 45.47 -37.26 26.69
CA GLY A 428 44.79 -38.41 26.14
C GLY A 428 45.76 -39.53 25.87
N HIS A 429 45.66 -40.59 26.67
CA HIS A 429 46.55 -41.73 26.55
C HIS A 429 45.75 -43.02 26.45
N GLY A 430 44.57 -43.04 27.06
CA GLY A 430 43.74 -44.22 27.09
C GLY A 430 43.21 -44.51 28.47
N THR A 431 44.03 -44.19 29.46
CA THR A 431 43.66 -44.35 30.85
C THR A 431 42.88 -43.17 31.39
N ASP A 432 43.31 -41.96 31.04
CA ASP A 432 42.58 -40.77 31.45
C ASP A 432 41.43 -40.45 30.52
N ASP A 433 41.00 -41.42 29.72
CA ASP A 433 39.98 -41.18 28.71
C ASP A 433 38.71 -40.57 29.29
N ASP A 434 38.33 -40.95 30.52
CA ASP A 434 37.16 -40.34 31.12
C ASP A 434 37.43 -38.90 31.51
N VAL A 435 38.67 -38.59 31.91
CA VAL A 435 39.06 -37.28 32.41
C VAL A 435 40.13 -36.70 31.48
N SER A 436 40.05 -37.03 30.18
CA SER A 436 41.08 -36.60 29.25
C SER A 436 40.93 -35.11 28.91
N GLY A 437 41.84 -34.62 28.08
CA GLY A 437 41.84 -33.19 27.76
C GLY A 437 40.54 -32.74 27.13
N PHE A 438 39.98 -33.56 26.25
CA PHE A 438 38.71 -33.31 25.58
C PHE A 438 37.75 -34.42 25.97
N TRP A 439 36.57 -34.45 25.35
CA TRP A 439 35.67 -35.56 25.60
C TRP A 439 35.29 -36.30 24.33
N THR A 440 34.77 -35.59 23.33
CA THR A 440 34.37 -36.21 22.09
C THR A 440 34.73 -35.29 20.93
N ILE A 441 35.17 -35.91 19.84
CA ILE A 441 35.59 -35.22 18.64
C ILE A 441 35.06 -35.99 17.44
N ALA A 442 34.61 -35.25 16.43
CA ALA A 442 34.03 -35.90 15.26
C ALA A 442 34.31 -35.07 14.02
N SER A 443 34.29 -35.75 12.88
CA SER A 443 34.39 -35.10 11.57
C SER A 443 32.97 -34.78 11.13
N THR A 444 32.60 -33.51 11.26
CA THR A 444 31.25 -33.05 11.04
C THR A 444 31.12 -32.38 9.68
N ASN A 445 29.91 -32.43 9.13
CA ASN A 445 29.65 -31.87 7.82
C ASN A 445 28.42 -30.99 7.85
N PHE A 446 28.44 -29.94 7.02
CA PHE A 446 27.32 -29.01 6.96
C PHE A 446 26.03 -29.73 6.61
N VAL A 447 24.94 -29.33 7.26
CA VAL A 447 23.64 -29.93 7.02
C VAL A 447 22.55 -28.88 7.21
N ASP A 448 21.46 -29.06 6.46
CA ASP A 448 20.25 -28.27 6.62
C ASP A 448 19.24 -29.08 7.40
N ALA A 449 18.76 -28.53 8.51
CA ALA A 449 17.82 -29.20 9.38
C ALA A 449 17.04 -28.14 10.13
N LEU A 450 15.90 -28.54 10.68
CA LEU A 450 15.07 -27.63 11.44
C LEU A 450 15.36 -27.78 12.92
N ILE A 451 15.48 -26.66 13.61
CA ILE A 451 15.89 -26.68 15.01
C ILE A 451 14.97 -25.79 15.82
N GLU A 452 14.53 -26.30 16.97
CA GLU A 452 13.73 -25.55 17.93
C GLU A 452 14.55 -25.30 19.18
N VAL A 453 14.63 -24.04 19.58
CA VAL A 453 15.45 -23.64 20.72
C VAL A 453 14.53 -22.97 21.73
N GLN A 454 14.68 -23.33 22.99
CA GLN A 454 13.96 -22.72 24.08
C GLN A 454 14.97 -22.19 25.09
N GLY A 455 15.24 -20.89 25.02
CA GLY A 455 16.17 -20.31 25.96
C GLY A 455 17.52 -20.99 25.87
N THR A 456 18.04 -21.12 24.66
CA THR A 456 19.31 -21.78 24.32
C THR A 456 19.21 -23.30 24.45
N ALA A 457 18.04 -23.84 24.76
CA ALA A 457 17.87 -25.29 24.83
C ALA A 457 17.40 -25.79 23.47
N ILE A 458 18.21 -26.59 22.83
CA ILE A 458 17.98 -27.12 21.50
C ILE A 458 17.25 -28.46 21.59
N GLN A 459 16.30 -28.68 20.67
CA GLN A 459 15.60 -29.95 20.58
C GLN A 459 14.86 -29.99 19.25
N ARG A 460 14.24 -31.13 18.97
CA ARG A 460 13.32 -31.33 17.84
C ARG A 460 13.97 -30.94 16.51
N ILE A 461 14.97 -31.75 16.14
CA ILE A 461 15.71 -31.52 14.91
C ILE A 461 15.50 -32.71 13.98
N LEU A 462 15.61 -32.45 12.68
CA LEU A 462 15.48 -33.48 11.67
C LEU A 462 16.12 -32.96 10.39
N TYR A 463 16.87 -33.83 9.71
CA TYR A 463 17.54 -33.41 8.50
C TYR A 463 16.53 -33.15 7.40
N CYS A 464 16.64 -32.00 6.75
CA CYS A 464 15.72 -31.61 5.69
C CYS A 464 16.12 -32.21 4.35
N ASP A 465 17.09 -33.13 4.34
CA ASP A 465 17.64 -33.69 3.11
C ASP A 465 16.68 -34.74 2.53
N ASP A 466 15.52 -34.25 2.13
CA ASP A 466 14.47 -35.02 1.48
C ASP A 466 13.51 -34.02 0.85
N PRO A 467 13.16 -34.19 -0.42
CA PRO A 467 12.19 -33.31 -1.05
C PRO A 467 11.00 -33.05 -0.14
N VAL A 468 10.49 -34.14 0.44
CA VAL A 468 9.41 -33.98 1.41
C VAL A 468 9.90 -33.24 2.64
N SER A 469 11.07 -33.61 3.14
CA SER A 469 11.62 -32.85 4.25
C SER A 469 11.92 -31.43 3.83
N GLN A 470 12.46 -31.28 2.62
CA GLN A 470 12.75 -29.95 2.11
C GLN A 470 11.49 -29.11 2.08
N LEU A 471 10.38 -29.69 1.62
CA LEU A 471 9.18 -28.89 1.48
C LEU A 471 8.58 -28.53 2.83
N LYS A 472 8.57 -29.48 3.78
CA LYS A 472 8.07 -29.07 5.09
C LYS A 472 9.03 -28.08 5.71
N CYS A 473 10.33 -28.31 5.54
CA CYS A 473 11.29 -27.32 5.99
C CYS A 473 11.08 -26.03 5.21
N SER A 474 10.67 -26.15 3.95
CA SER A 474 10.36 -24.94 3.22
C SER A 474 9.18 -24.22 3.84
N GLN A 475 8.44 -24.91 4.71
CA GLN A 475 7.35 -24.31 5.46
C GLN A 475 7.63 -24.28 6.96
N VAL A 476 8.79 -24.79 7.39
CA VAL A 476 9.25 -24.82 8.78
C VAL A 476 8.17 -25.23 9.77
N ALA A 477 7.45 -26.31 9.48
CA ALA A 477 6.43 -26.82 10.38
C ALA A 477 6.60 -28.31 10.59
N PHE A 478 6.67 -28.72 11.87
CA PHE A 478 6.71 -30.15 12.17
C PHE A 478 5.51 -30.87 11.57
N ASP A 479 4.32 -30.39 11.89
CA ASP A 479 3.14 -30.88 11.21
C ASP A 479 2.99 -30.16 9.87
N LEU A 480 2.00 -30.59 9.10
CA LEU A 480 1.68 -29.94 7.84
C LEU A 480 0.38 -30.51 7.33
N ASP A 481 -0.42 -29.67 6.69
CA ASP A 481 -1.79 -30.03 6.33
C ASP A 481 -1.83 -30.59 4.92
N ASP A 482 -2.67 -31.61 4.73
CA ASP A 482 -2.89 -32.13 3.39
C ASP A 482 -3.45 -31.03 2.50
N GLY A 483 -2.91 -30.92 1.29
CA GLY A 483 -3.35 -29.88 0.39
C GLY A 483 -2.34 -29.67 -0.72
N PHE A 484 -2.47 -28.52 -1.37
CA PHE A 484 -1.70 -28.20 -2.55
C PHE A 484 -0.36 -27.57 -2.21
N TYR A 485 0.61 -27.81 -3.08
CA TYR A 485 1.89 -27.15 -3.06
C TYR A 485 2.62 -27.34 -4.38
N PRO A 486 3.10 -26.27 -4.98
CA PRO A 486 3.89 -26.40 -6.21
C PRO A 486 5.31 -26.82 -5.86
N PHE A 487 5.65 -28.04 -6.21
CA PHE A 487 6.98 -28.56 -5.93
C PHE A 487 7.82 -28.46 -7.19
N SER A 488 9.03 -27.94 -7.03
CA SER A 488 9.93 -27.79 -8.15
C SER A 488 10.62 -29.11 -8.42
N SER A 489 10.58 -29.55 -9.67
CA SER A 489 11.18 -30.82 -10.03
C SER A 489 12.66 -30.81 -9.72
N ARG A 490 13.16 -31.93 -9.23
CA ARG A 490 14.59 -32.06 -8.97
C ARG A 490 15.36 -31.83 -10.26
N ASN A 491 16.42 -31.05 -10.18
CA ASN A 491 17.24 -30.78 -11.36
C ASN A 491 18.72 -30.80 -11.01
N LEU A 492 19.10 -31.57 -10.00
CA LEU A 492 20.49 -31.60 -9.54
C LEU A 492 21.02 -33.02 -9.46
N LEU A 493 20.52 -33.92 -10.31
CA LEU A 493 21.04 -35.29 -10.28
C LEU A 493 22.44 -35.37 -10.89
N SER A 494 22.65 -34.70 -12.02
CA SER A 494 23.93 -34.76 -12.73
C SER A 494 24.41 -33.35 -13.04
N HIS A 495 25.73 -33.19 -13.11
CA HIS A 495 26.32 -31.89 -13.35
C HIS A 495 27.46 -31.87 -14.37
N GLU A 496 27.77 -33.01 -14.99
CA GLU A 496 28.79 -33.04 -16.05
C GLU A 496 28.18 -32.52 -17.35
N GLN A 497 27.75 -31.27 -17.31
CA GLN A 497 26.94 -30.73 -18.38
C GLN A 497 27.82 -30.29 -19.54
N PRO A 498 27.59 -30.81 -20.74
CA PRO A 498 28.30 -30.31 -21.92
C PRO A 498 27.91 -28.87 -22.21
N ILE A 499 28.63 -28.28 -23.17
CA ILE A 499 28.49 -26.87 -23.48
C ILE A 499 28.21 -26.71 -24.97
N SER A 500 27.57 -25.59 -25.30
CA SER A 500 27.31 -25.19 -26.67
C SER A 500 27.61 -23.70 -26.78
N PHE A 501 27.91 -23.25 -28.00
CA PHE A 501 28.41 -21.89 -28.15
C PHE A 501 28.12 -21.33 -29.53
N VAL A 502 27.58 -20.11 -29.57
CA VAL A 502 27.26 -19.44 -30.82
C VAL A 502 27.55 -17.97 -30.69
N THR A 503 28.10 -17.39 -31.77
CA THR A 503 28.44 -15.98 -31.88
C THR A 503 28.24 -15.54 -33.32
N LEU A 504 28.79 -14.38 -33.65
CA LEU A 504 28.66 -13.85 -35.00
C LEU A 504 29.26 -14.80 -36.01
N PRO A 505 28.60 -15.03 -37.14
CA PRO A 505 29.15 -15.97 -38.14
C PRO A 505 30.46 -15.45 -38.71
N SER A 506 31.53 -16.21 -38.47
CA SER A 506 32.86 -15.83 -38.90
C SER A 506 33.80 -17.01 -38.65
N PHE A 507 35.00 -16.90 -39.22
CA PHE A 507 35.99 -17.95 -39.09
C PHE A 507 36.92 -17.64 -37.91
N ASN A 508 38.00 -18.41 -37.79
CA ASN A 508 38.93 -18.29 -36.68
C ASN A 508 40.01 -17.26 -37.00
N ALA A 509 40.01 -16.15 -36.27
CA ALA A 509 41.04 -15.12 -36.41
C ALA A 509 41.44 -14.73 -34.98
N HIS A 510 42.45 -15.40 -34.45
CA HIS A 510 42.83 -15.25 -33.05
C HIS A 510 44.25 -14.72 -32.91
N SER A 511 44.46 -13.97 -31.83
CA SER A 511 45.73 -13.35 -31.51
C SER A 511 46.09 -13.58 -30.05
N PHE A 512 47.33 -13.92 -29.78
CA PHE A 512 47.84 -13.99 -28.42
C PHE A 512 48.37 -12.61 -28.03
N VAL A 513 47.96 -12.14 -26.86
CA VAL A 513 48.43 -10.85 -26.36
C VAL A 513 49.17 -11.11 -25.06
N ASN A 514 50.20 -10.32 -24.82
CA ASN A 514 51.30 -10.70 -23.92
C ASN A 514 51.57 -9.53 -23.01
N ILE A 515 51.05 -9.56 -21.79
CA ILE A 515 51.27 -8.49 -20.82
C ILE A 515 52.28 -8.99 -19.80
N THR A 516 53.32 -8.20 -19.56
CA THR A 516 54.42 -8.62 -18.72
C THR A 516 54.76 -7.56 -17.69
N VAL A 517 55.05 -8.01 -16.47
CA VAL A 517 55.57 -7.16 -15.41
C VAL A 517 56.89 -7.76 -14.91
N SER A 518 57.90 -6.91 -14.79
CA SER A 518 59.23 -7.32 -14.38
C SER A 518 59.78 -6.33 -13.36
N ALA A 519 60.27 -6.84 -12.22
CA ALA A 519 60.73 -5.96 -11.16
C ALA A 519 61.69 -6.71 -10.25
N SER A 520 62.02 -6.10 -9.13
CA SER A 520 62.91 -6.69 -8.13
C SER A 520 62.64 -6.05 -6.78
N PHE A 521 63.04 -6.77 -5.73
CA PHE A 521 62.91 -6.31 -4.35
C PHE A 521 64.25 -6.25 -3.63
N GLY A 522 65.04 -7.32 -3.72
CA GLY A 522 66.26 -7.42 -2.94
C GLY A 522 67.31 -6.40 -3.31
N GLY A 523 67.20 -5.79 -4.49
CA GLY A 523 68.23 -4.87 -4.94
C GLY A 523 68.35 -3.66 -4.03
N HIS A 524 67.23 -3.06 -3.67
CA HIS A 524 67.24 -1.84 -2.85
C HIS A 524 67.34 -2.17 -1.37
N SER A 525 66.31 -2.81 -0.82
CA SER A 525 66.35 -3.22 0.57
C SER A 525 65.71 -4.58 0.83
N GLY A 526 65.27 -5.28 -0.21
CA GLY A 526 64.55 -6.53 -0.01
C GLY A 526 63.08 -6.29 0.22
N ALA A 527 62.74 -5.32 1.08
CA ALA A 527 61.36 -4.99 1.40
C ALA A 527 60.79 -3.88 0.53
N ASN A 528 61.57 -3.36 -0.41
CA ASN A 528 61.11 -2.28 -1.27
C ASN A 528 61.56 -2.56 -2.70
N LEU A 529 60.82 -1.99 -3.65
CA LEU A 529 61.08 -2.22 -5.06
C LEU A 529 62.31 -1.46 -5.53
N ILE A 530 62.72 -1.78 -6.75
CA ILE A 530 63.80 -1.05 -7.42
C ILE A 530 63.28 -0.47 -8.73
N ALA A 531 62.79 -1.34 -9.60
CA ALA A 531 62.30 -0.91 -10.92
C ALA A 531 61.31 -1.93 -11.42
N SER A 532 60.04 -1.53 -11.52
CA SER A 532 58.98 -2.38 -12.03
C SER A 532 58.54 -1.84 -13.39
N ASP A 533 58.48 -2.73 -14.38
CA ASP A 533 58.13 -2.34 -15.72
C ASP A 533 57.02 -3.24 -16.24
N THR A 534 56.07 -2.64 -16.94
CA THR A 534 55.00 -3.38 -17.59
C THR A 534 55.15 -3.29 -19.10
N THR A 535 54.87 -4.39 -19.78
CA THR A 535 55.11 -4.47 -21.21
C THR A 535 54.05 -5.33 -21.85
N ILE A 536 53.35 -4.77 -22.83
CA ILE A 536 52.50 -5.56 -23.72
C ILE A 536 53.40 -5.93 -24.89
N ASN A 537 54.19 -6.99 -24.68
CA ASN A 537 55.28 -7.32 -25.59
C ASN A 537 56.17 -6.09 -25.82
N GLY A 538 56.34 -5.30 -24.76
CA GLY A 538 57.13 -4.09 -24.87
C GLY A 538 56.32 -2.86 -25.18
N PHE A 539 55.23 -2.65 -24.45
CA PHE A 539 54.37 -1.51 -24.73
C PHE A 539 53.74 -1.01 -23.43
N SER A 540 53.15 0.18 -23.53
CA SER A 540 52.40 0.78 -22.44
C SER A 540 50.92 0.90 -22.74
N SER A 541 50.50 0.62 -23.98
CA SER A 541 49.10 0.64 -24.34
C SER A 541 48.94 -0.19 -25.61
N PHE A 542 47.71 -0.63 -25.86
CA PHE A 542 47.46 -1.52 -26.98
C PHE A 542 45.96 -1.64 -27.23
N CYS A 543 45.58 -1.75 -28.49
CA CYS A 543 44.19 -2.03 -28.87
C CYS A 543 44.17 -3.29 -29.74
N VAL A 544 43.18 -4.13 -29.47
CA VAL A 544 43.10 -5.44 -30.12
C VAL A 544 42.59 -5.29 -31.55
N ASP A 545 42.95 -6.24 -32.40
CA ASP A 545 42.55 -6.23 -33.79
C ASP A 545 41.68 -7.43 -34.17
N THR A 546 42.05 -8.64 -33.75
CA THR A 546 41.31 -9.83 -34.15
C THR A 546 40.01 -9.99 -33.36
N ARG A 547 39.14 -10.85 -33.89
CA ARG A 547 37.85 -11.07 -33.25
C ARG A 547 38.00 -11.70 -31.89
N GLN A 548 38.92 -12.65 -31.75
CA GLN A 548 39.16 -13.32 -30.49
C GLN A 548 40.64 -13.26 -30.17
N PHE A 549 40.95 -13.24 -28.87
CA PHE A 549 42.33 -13.13 -28.44
C PHE A 549 42.50 -13.86 -27.13
N THR A 550 43.76 -14.15 -26.80
CA THR A 550 44.11 -14.79 -25.55
C THR A 550 45.17 -13.93 -24.87
N ILE A 551 44.91 -13.60 -23.62
CA ILE A 551 45.78 -12.75 -22.82
C ILE A 551 46.85 -13.60 -22.18
N SER A 552 48.07 -13.06 -22.11
CA SER A 552 49.19 -13.76 -21.50
C SER A 552 49.80 -12.84 -20.45
N LEU A 553 49.42 -13.07 -19.20
CA LEU A 553 49.94 -12.32 -18.07
C LEU A 553 51.18 -13.02 -17.52
N SER A 554 52.26 -12.25 -17.36
CA SER A 554 53.51 -12.79 -16.85
C SER A 554 54.03 -11.89 -15.75
N TYR A 555 54.51 -12.51 -14.69
CA TYR A 555 55.12 -11.80 -13.58
C TYR A 555 56.62 -12.02 -13.65
N ASN A 556 57.38 -11.10 -13.06
CA ASN A 556 58.82 -11.31 -12.91
C ASN A 556 59.23 -10.68 -11.58
N VAL A 557 59.36 -11.52 -10.56
CA VAL A 557 59.58 -11.08 -9.19
C VAL A 557 60.98 -11.46 -8.74
N THR A 558 61.64 -10.53 -8.07
CA THR A 558 62.98 -10.76 -7.53
C THR A 558 63.04 -10.20 -6.11
N ASN A 559 63.32 -11.06 -5.13
CA ASN A 559 63.46 -10.62 -3.75
C ASN A 559 64.43 -11.53 -3.01
N SER A 560 64.97 -11.02 -1.91
CA SER A 560 65.94 -11.78 -1.14
C SER A 560 65.34 -13.06 -0.58
N TYR A 561 64.13 -12.97 -0.03
CA TYR A 561 63.46 -14.18 0.45
C TYR A 561 63.08 -15.09 -0.69
N GLY A 562 62.74 -14.53 -1.85
CA GLY A 562 62.40 -15.31 -3.01
C GLY A 562 60.96 -15.76 -3.10
N TYR A 563 60.08 -15.23 -2.25
CA TYR A 563 58.67 -15.63 -2.28
C TYR A 563 57.78 -14.42 -2.03
N VAL A 564 56.83 -14.20 -2.94
CA VAL A 564 55.92 -13.06 -2.92
C VAL A 564 54.53 -13.56 -3.30
N SER A 565 53.52 -12.81 -2.88
CA SER A 565 52.13 -13.15 -3.16
C SER A 565 51.52 -12.05 -4.02
N ASN A 566 50.82 -12.46 -5.06
CA ASN A 566 50.22 -11.49 -5.96
C ASN A 566 48.88 -11.00 -5.42
N SER A 567 48.48 -9.83 -5.89
CA SER A 567 47.21 -9.24 -5.48
C SER A 567 46.85 -8.12 -6.45
N GLN A 568 45.57 -7.81 -6.51
CA GLN A 568 45.05 -6.86 -7.47
C GLN A 568 43.75 -6.30 -6.93
N ASP A 569 43.46 -5.06 -7.31
CA ASP A 569 42.17 -4.47 -6.97
C ASP A 569 41.77 -3.53 -8.09
N SER A 570 40.47 -3.30 -8.20
CA SER A 570 39.92 -2.52 -9.30
C SER A 570 38.45 -2.28 -9.04
N ASN A 571 37.88 -1.37 -9.83
CA ASN A 571 36.45 -1.14 -9.85
C ASN A 571 35.80 -1.65 -11.12
N CYS A 572 36.57 -2.32 -11.97
CA CYS A 572 35.98 -2.88 -13.17
C CYS A 572 34.96 -3.94 -12.78
N PRO A 573 33.87 -4.07 -13.53
CA PRO A 573 32.86 -5.08 -13.19
C PRO A 573 33.34 -6.50 -13.37
N PHE A 574 34.54 -6.72 -13.89
CA PHE A 574 34.94 -8.06 -14.24
C PHE A 574 36.28 -8.37 -13.59
N THR A 575 36.83 -9.54 -13.91
CA THR A 575 38.15 -9.94 -13.43
C THR A 575 38.94 -10.50 -14.60
N LEU A 576 40.25 -10.63 -14.37
CA LEU A 576 41.15 -11.12 -15.41
C LEU A 576 40.73 -12.50 -15.88
N GLN A 577 40.34 -13.35 -14.94
CA GLN A 577 39.88 -14.68 -15.32
C GLN A 577 38.48 -14.64 -15.92
N SER A 578 37.63 -13.76 -15.39
CA SER A 578 36.25 -13.75 -15.86
C SER A 578 36.15 -13.30 -17.31
N VAL A 579 36.93 -12.28 -17.68
CA VAL A 579 36.83 -11.71 -19.02
C VAL A 579 37.13 -12.73 -20.10
N ASN A 580 37.91 -13.77 -19.76
CA ASN A 580 38.25 -14.79 -20.73
C ASN A 580 37.05 -15.62 -21.15
N ASP A 581 35.94 -15.53 -20.43
CA ASP A 581 34.80 -16.41 -20.68
C ASP A 581 34.05 -15.96 -21.94
N TYR A 582 34.77 -15.97 -23.06
CA TYR A 582 34.19 -15.60 -24.35
C TYR A 582 33.49 -14.25 -24.29
N LEU A 583 34.00 -13.37 -23.44
CA LEU A 583 33.43 -12.03 -23.37
C LEU A 583 33.66 -11.32 -24.69
N SER A 584 32.62 -10.65 -25.17
CA SER A 584 32.67 -9.96 -26.45
C SER A 584 32.49 -8.46 -26.26
N PHE A 585 32.94 -7.73 -27.27
CA PHE A 585 32.88 -6.28 -27.26
C PHE A 585 32.78 -5.79 -28.70
N SER A 586 32.37 -4.55 -28.84
CA SER A 586 32.44 -3.87 -30.11
C SER A 586 33.76 -3.14 -30.27
N LYS A 587 34.36 -2.72 -29.16
CA LYS A 587 35.66 -2.06 -29.17
C LYS A 587 36.31 -2.28 -27.82
N PHE A 588 37.64 -2.32 -27.81
CA PHE A 588 38.37 -2.48 -26.57
C PHE A 588 39.79 -1.98 -26.74
N CYS A 589 40.30 -1.32 -25.70
CA CYS A 589 41.67 -0.83 -25.68
C CYS A 589 42.18 -0.88 -24.26
N VAL A 590 43.50 -0.94 -24.14
CA VAL A 590 44.19 -1.02 -22.86
C VAL A 590 45.29 0.02 -22.84
N SER A 591 45.40 0.75 -21.73
CA SER A 591 46.47 1.73 -21.59
C SER A 591 46.97 1.75 -20.15
N THR A 592 48.27 1.97 -20.01
CA THR A 592 48.84 2.24 -18.70
C THR A 592 48.73 3.71 -18.34
N SER A 593 48.31 4.54 -19.28
CA SER A 593 48.02 5.94 -19.03
C SER A 593 46.52 6.15 -19.01
N LEU A 594 46.10 7.16 -18.26
CA LEU A 594 44.69 7.40 -18.01
C LEU A 594 43.91 7.58 -19.31
N LEU A 595 42.62 7.31 -19.23
CA LEU A 595 41.72 7.45 -20.36
C LEU A 595 40.29 7.48 -19.86
N ALA A 596 39.50 8.38 -20.41
CA ALA A 596 38.10 8.49 -20.01
C ALA A 596 37.32 7.30 -20.51
N SER A 597 36.18 7.03 -19.83
CA SER A 597 35.32 5.90 -20.15
C SER A 597 36.04 4.57 -20.03
N ALA A 598 36.97 4.48 -19.09
CA ALA A 598 37.71 3.26 -18.85
C ALA A 598 37.74 3.00 -17.35
N CYS A 599 37.78 1.72 -16.98
CA CYS A 599 37.84 1.35 -15.58
C CYS A 599 39.29 1.22 -15.15
N THR A 600 39.52 1.40 -13.85
CA THR A 600 40.86 1.40 -13.29
C THR A 600 41.25 0.00 -12.85
N ILE A 601 42.53 -0.34 -13.03
CA ILE A 601 43.09 -1.62 -12.62
C ILE A 601 44.35 -1.33 -11.82
N ASP A 602 44.43 -1.90 -10.63
CA ASP A 602 45.55 -1.68 -9.73
C ASP A 602 46.15 -3.00 -9.25
N LEU A 603 47.47 -3.05 -9.18
CA LEU A 603 48.17 -4.25 -8.78
C LEU A 603 48.91 -4.07 -7.46
N PHE A 604 48.97 -5.14 -6.69
CA PHE A 604 49.60 -5.13 -5.38
C PHE A 604 50.41 -6.41 -5.20
N GLY A 605 51.43 -6.34 -4.37
CA GLY A 605 52.23 -7.52 -4.13
C GLY A 605 52.70 -7.66 -2.69
N TYR A 606 52.63 -8.87 -2.15
CA TYR A 606 53.05 -9.11 -0.77
C TYR A 606 54.31 -9.96 -0.76
N PRO A 607 55.48 -9.36 -0.53
CA PRO A 607 56.73 -10.14 -0.54
C PRO A 607 56.88 -11.08 0.64
N GLU A 608 55.88 -11.18 1.50
CA GLU A 608 55.84 -12.03 2.69
C GLU A 608 56.78 -11.55 3.79
N PHE A 609 57.60 -10.52 3.52
CA PHE A 609 58.33 -9.87 4.61
C PHE A 609 57.36 -9.21 5.58
N GLY A 610 56.33 -8.57 5.05
CA GLY A 610 55.37 -7.84 5.86
C GLY A 610 55.17 -6.43 5.33
N SER A 611 55.67 -6.17 4.12
CA SER A 611 55.62 -4.83 3.52
C SER A 611 55.21 -4.97 2.04
N GLY A 612 53.90 -4.87 1.79
CA GLY A 612 53.40 -4.91 0.45
C GLY A 612 53.51 -3.56 -0.26
N VAL A 613 53.41 -3.61 -1.59
CA VAL A 613 53.56 -2.42 -2.43
C VAL A 613 52.58 -2.52 -3.59
N LYS A 614 52.48 -1.42 -4.33
CA LYS A 614 51.66 -1.33 -5.53
C LYS A 614 52.54 -1.44 -6.76
N PHE A 615 51.93 -1.81 -7.88
CA PHE A 615 52.68 -1.96 -9.12
C PHE A 615 52.26 -1.00 -10.22
N THR A 616 51.00 -0.99 -10.62
CA THR A 616 50.63 -0.21 -11.79
C THR A 616 49.13 0.08 -11.81
N SER A 617 48.78 1.08 -12.60
CA SER A 617 47.39 1.46 -12.85
C SER A 617 47.11 1.24 -14.33
N LEU A 618 46.13 0.42 -14.63
CA LEU A 618 45.72 0.15 -15.99
C LEU A 618 44.36 0.75 -16.27
N TYR A 619 44.10 0.99 -17.55
CA TYR A 619 42.86 1.61 -17.97
C TYR A 619 42.38 0.87 -19.21
N PHE A 620 41.19 0.27 -19.10
CA PHE A 620 40.60 -0.52 -20.16
C PHE A 620 39.39 0.22 -20.72
N GLN A 621 39.46 0.61 -21.97
CA GLN A 621 38.33 1.26 -22.63
C GLN A 621 37.69 0.24 -23.55
N PHE A 622 36.43 -0.09 -23.28
CA PHE A 622 35.71 -1.13 -24.00
C PHE A 622 34.28 -0.69 -24.29
N THR A 623 33.70 -1.28 -25.32
CA THR A 623 32.33 -1.05 -25.71
C THR A 623 31.65 -2.38 -26.01
N LYS A 624 30.47 -2.58 -25.44
CA LYS A 624 29.78 -3.84 -25.62
C LYS A 624 29.49 -4.07 -27.10
N GLY A 625 29.64 -5.32 -27.52
CA GLY A 625 29.41 -5.62 -28.92
C GLY A 625 29.82 -7.05 -29.22
N GLU A 626 29.49 -7.44 -30.45
CA GLU A 626 29.73 -8.80 -30.94
C GLU A 626 31.07 -8.93 -31.66
N LEU A 627 31.69 -7.81 -32.04
CA LEU A 627 32.82 -7.85 -32.95
C LEU A 627 34.00 -8.62 -32.37
N ILE A 628 34.57 -8.12 -31.30
CA ILE A 628 35.73 -8.74 -30.68
C ILE A 628 35.28 -9.61 -29.54
N THR A 629 36.08 -10.64 -29.25
CA THR A 629 35.80 -11.60 -28.21
C THR A 629 37.10 -12.00 -27.54
N GLY A 630 36.98 -12.66 -26.39
CA GLY A 630 38.14 -13.23 -25.72
C GLY A 630 37.85 -14.58 -25.09
N THR A 631 38.60 -15.61 -25.48
CA THR A 631 38.30 -17.00 -25.13
C THR A 631 39.33 -17.58 -24.17
N PRO A 632 38.93 -18.56 -23.34
CA PRO A 632 39.91 -19.23 -22.47
C PRO A 632 40.99 -19.89 -23.31
N LYS A 633 40.55 -20.74 -24.23
CA LYS A 633 41.41 -21.33 -25.23
C LYS A 633 40.83 -21.05 -26.61
N PRO A 634 41.66 -20.72 -27.58
CA PRO A 634 41.17 -20.46 -28.93
C PRO A 634 40.83 -21.75 -29.66
N LEU A 635 40.01 -21.59 -30.69
CA LEU A 635 39.82 -22.66 -31.65
C LEU A 635 40.87 -22.49 -32.73
N GLU A 636 41.29 -23.60 -33.31
CA GLU A 636 42.40 -23.61 -34.25
C GLU A 636 41.92 -24.12 -35.61
N GLY A 637 42.12 -23.30 -36.64
CA GLY A 637 41.81 -23.70 -38.00
C GLY A 637 40.36 -24.08 -38.21
N VAL A 638 39.44 -23.27 -37.70
CA VAL A 638 38.02 -23.57 -37.74
C VAL A 638 37.32 -22.48 -38.53
N THR A 639 36.57 -22.88 -39.56
CA THR A 639 35.85 -21.91 -40.38
C THR A 639 34.61 -21.39 -39.69
N ASP A 640 33.99 -22.18 -38.81
CA ASP A 640 32.84 -21.76 -38.03
C ASP A 640 33.11 -22.16 -36.58
N VAL A 641 33.65 -21.23 -35.80
CA VAL A 641 34.08 -21.54 -34.45
C VAL A 641 32.90 -21.91 -33.55
N SER A 642 31.72 -21.37 -33.81
CA SER A 642 30.57 -21.64 -32.95
C SER A 642 30.20 -23.12 -33.00
N PHE A 643 29.83 -23.67 -31.84
CA PHE A 643 29.50 -25.07 -31.74
C PHE A 643 28.28 -25.26 -30.85
N MET A 644 27.52 -26.32 -31.12
CA MET A 644 26.27 -26.53 -30.42
C MET A 644 25.84 -27.98 -30.56
N THR A 645 24.81 -28.33 -29.79
CA THR A 645 24.15 -29.62 -29.87
C THR A 645 22.68 -29.40 -29.57
N LEU A 646 21.82 -30.19 -30.20
CA LEU A 646 20.39 -29.89 -30.23
C LEU A 646 19.58 -30.80 -29.32
N ASP A 647 18.50 -30.24 -28.78
CA ASP A 647 17.47 -30.98 -28.03
C ASP A 647 18.06 -31.73 -26.85
N VAL A 648 18.96 -31.07 -26.13
CA VAL A 648 19.57 -31.63 -24.94
C VAL A 648 19.82 -30.49 -23.96
N CYS A 649 19.71 -30.81 -22.68
CA CYS A 649 20.02 -29.81 -21.65
C CYS A 649 21.53 -29.61 -21.58
N THR A 650 21.95 -28.35 -21.69
CA THR A 650 23.37 -28.04 -21.75
C THR A 650 23.59 -26.62 -21.25
N LYS A 651 24.83 -26.34 -20.87
CA LYS A 651 25.20 -24.98 -20.56
C LYS A 651 25.54 -24.25 -21.85
N TYR A 652 25.02 -23.04 -22.00
CA TYR A 652 25.14 -22.30 -23.24
C TYR A 652 25.46 -20.86 -22.92
N THR A 653 26.05 -20.17 -23.89
CA THR A 653 26.36 -18.75 -23.80
C THR A 653 26.33 -18.19 -25.21
N ILE A 654 25.28 -17.44 -25.54
CA ILE A 654 25.07 -16.98 -26.90
C ILE A 654 24.97 -15.47 -26.88
N TYR A 655 25.87 -14.82 -27.61
CA TYR A 655 25.84 -13.38 -27.78
C TYR A 655 25.86 -12.68 -26.44
N GLY A 656 26.56 -13.25 -25.46
CA GLY A 656 26.56 -12.67 -24.15
C GLY A 656 25.37 -13.07 -23.32
N PHE A 657 24.50 -13.91 -23.84
CA PHE A 657 23.36 -14.41 -23.08
C PHE A 657 23.51 -15.91 -22.93
N LYS A 658 23.35 -16.37 -21.70
CA LYS A 658 23.80 -17.69 -21.32
C LYS A 658 22.83 -18.32 -20.33
N GLY A 659 23.02 -19.60 -20.09
CA GLY A 659 22.18 -20.31 -19.15
C GLY A 659 22.30 -21.80 -19.39
N GLU A 660 21.32 -22.52 -18.86
CA GLU A 660 21.25 -23.96 -18.94
C GLU A 660 19.86 -24.31 -19.46
N GLY A 661 19.81 -25.10 -20.52
CA GLY A 661 18.51 -25.41 -21.10
C GLY A 661 18.63 -26.30 -22.32
N ILE A 662 17.48 -26.54 -22.95
CA ILE A 662 17.38 -27.37 -24.14
C ILE A 662 17.07 -26.47 -25.32
N ILE A 663 17.95 -26.46 -26.29
CA ILE A 663 17.71 -25.78 -27.55
C ILE A 663 16.77 -26.61 -28.40
N THR A 664 15.91 -25.92 -29.15
CA THR A 664 14.91 -26.59 -29.97
C THR A 664 14.70 -25.85 -31.27
N LEU A 665 14.17 -26.58 -32.24
CA LEU A 665 13.90 -26.11 -33.59
C LEU A 665 12.41 -25.96 -33.82
N THR A 666 12.01 -24.85 -34.41
CA THR A 666 10.65 -24.63 -34.86
C THR A 666 10.71 -24.31 -36.35
N ASN A 667 9.56 -23.96 -36.94
CA ASN A 667 9.54 -23.68 -38.37
C ASN A 667 9.01 -22.30 -38.67
N SER A 668 8.71 -21.50 -37.66
CA SER A 668 8.01 -20.25 -37.88
C SER A 668 8.99 -19.30 -38.55
N SER A 669 8.97 -19.26 -39.87
CA SER A 669 9.87 -18.35 -40.56
C SER A 669 9.45 -16.92 -40.30
N PHE A 670 10.44 -16.03 -40.21
CA PHE A 670 10.16 -14.63 -40.01
C PHE A 670 11.18 -13.83 -40.81
N LEU A 671 10.69 -12.85 -41.55
CA LEU A 671 11.57 -12.09 -42.44
C LEU A 671 12.36 -11.04 -41.70
N ALA A 672 12.10 -10.85 -40.41
CA ALA A 672 12.81 -9.86 -39.63
C ALA A 672 13.28 -10.52 -38.34
N GLY A 673 14.55 -10.31 -38.00
CA GLY A 673 15.08 -10.75 -36.72
C GLY A 673 15.95 -11.98 -36.80
N VAL A 674 17.13 -11.92 -36.18
CA VAL A 674 17.97 -13.09 -35.97
C VAL A 674 17.78 -13.65 -34.57
N TYR A 675 17.17 -12.89 -33.68
CA TYR A 675 16.98 -13.27 -32.30
C TYR A 675 15.70 -12.64 -31.76
N TYR A 676 15.21 -13.21 -30.67
CA TYR A 676 14.03 -12.68 -30.01
C TYR A 676 14.10 -13.02 -28.54
N THR A 677 13.19 -12.43 -27.79
CA THR A 677 13.17 -12.60 -26.35
C THR A 677 11.76 -12.47 -25.83
N SER A 678 11.58 -12.92 -24.59
CA SER A 678 10.33 -12.67 -23.92
C SER A 678 10.22 -11.18 -23.60
N ASP A 679 8.97 -10.75 -23.38
CA ASP A 679 8.77 -9.39 -22.89
C ASP A 679 9.49 -9.20 -21.57
N SER A 680 9.70 -10.28 -20.85
CA SER A 680 10.51 -10.28 -19.65
C SER A 680 11.99 -10.25 -19.94
N GLY A 681 12.39 -10.07 -21.20
CA GLY A 681 13.79 -10.06 -21.50
C GLY A 681 14.44 -11.42 -21.37
N GLN A 682 13.66 -12.47 -21.52
CA GLN A 682 14.18 -13.82 -21.51
C GLN A 682 14.26 -14.28 -22.96
N LEU A 683 15.47 -14.53 -23.42
CA LEU A 683 15.79 -14.72 -24.82
C LEU A 683 15.31 -16.09 -25.27
N LEU A 684 14.05 -16.16 -25.68
CA LEU A 684 13.48 -17.42 -26.14
C LEU A 684 13.90 -17.76 -27.56
N ALA A 685 13.51 -16.93 -28.51
CA ALA A 685 13.65 -17.23 -29.92
C ALA A 685 14.85 -16.56 -30.56
N PHE A 686 15.45 -17.27 -31.52
CA PHE A 686 16.49 -16.68 -32.33
C PHE A 686 16.52 -17.40 -33.66
N LYS A 687 17.06 -16.70 -34.65
CA LYS A 687 17.01 -17.12 -36.04
C LYS A 687 18.40 -17.42 -36.56
N ASN A 688 18.44 -18.15 -37.66
CA ASN A 688 19.69 -18.46 -38.34
C ASN A 688 19.56 -17.97 -39.77
N VAL A 689 20.37 -16.98 -40.13
CA VAL A 689 20.19 -16.36 -41.44
C VAL A 689 20.86 -17.18 -42.53
N THR A 690 22.05 -17.71 -42.22
CA THR A 690 22.78 -18.49 -43.21
C THR A 690 21.97 -19.69 -43.66
N SER A 691 21.43 -20.42 -42.70
CA SER A 691 20.66 -21.62 -43.00
C SER A 691 19.18 -21.34 -43.13
N GLY A 692 18.73 -20.15 -42.74
CA GLY A 692 17.32 -19.90 -42.65
C GLY A 692 16.67 -20.54 -41.44
N ALA A 693 17.46 -21.10 -40.53
CA ALA A 693 16.90 -21.83 -39.41
C ALA A 693 16.41 -20.88 -38.32
N VAL A 694 15.56 -21.42 -37.46
CA VAL A 694 15.05 -20.70 -36.28
C VAL A 694 15.09 -21.64 -35.09
N TYR A 695 15.55 -21.13 -33.94
CA TYR A 695 15.80 -22.02 -32.82
C TYR A 695 15.40 -21.35 -31.52
N SER A 696 15.29 -22.16 -30.48
CA SER A 696 14.89 -21.68 -29.17
C SER A 696 15.29 -22.66 -28.10
N VAL A 697 15.60 -22.13 -26.91
CA VAL A 697 16.01 -22.91 -25.75
C VAL A 697 14.89 -22.88 -24.72
N THR A 698 14.71 -24.00 -24.02
CA THR A 698 13.73 -24.15 -22.97
C THR A 698 14.40 -24.57 -21.67
N PRO A 699 13.88 -24.12 -20.52
CA PRO A 699 14.56 -24.42 -19.25
C PRO A 699 14.40 -25.88 -18.85
N CYS A 700 15.43 -26.40 -18.21
CA CYS A 700 15.35 -27.74 -17.64
C CYS A 700 14.94 -27.69 -16.17
N SER A 701 13.87 -26.97 -15.86
CA SER A 701 13.43 -26.88 -14.48
C SER A 701 12.03 -26.27 -14.38
N PHE A 702 11.14 -26.94 -13.65
CA PHE A 702 9.79 -26.42 -13.45
C PHE A 702 9.28 -26.85 -12.09
N SER A 703 8.26 -26.14 -11.62
CA SER A 703 7.56 -26.50 -10.39
C SER A 703 6.15 -26.94 -10.73
N GLU A 704 5.68 -27.95 -10.03
CA GLU A 704 4.40 -28.55 -10.30
C GLU A 704 3.66 -28.78 -8.99
N GLN A 705 2.34 -28.86 -9.12
CA GLN A 705 1.43 -28.90 -7.98
C GLN A 705 1.32 -30.34 -7.48
N ALA A 706 1.91 -30.59 -6.31
CA ALA A 706 1.87 -31.89 -5.65
C ALA A 706 0.86 -31.87 -4.52
N ALA A 707 0.20 -33.02 -4.31
CA ALA A 707 -0.85 -33.15 -3.32
C ALA A 707 -0.33 -33.97 -2.14
N TYR A 708 -0.13 -33.29 -1.02
CA TYR A 708 0.32 -33.91 0.22
C TYR A 708 -0.83 -34.66 0.87
N VAL A 709 -0.58 -35.89 1.28
CA VAL A 709 -1.60 -36.75 1.85
C VAL A 709 -1.08 -37.34 3.16
N ASP A 710 -1.93 -37.31 4.19
CA ASP A 710 -1.58 -37.82 5.51
C ASP A 710 -0.21 -37.31 5.90
N ASP A 711 0.82 -38.06 5.52
CA ASP A 711 2.21 -37.69 5.78
C ASP A 711 3.06 -37.84 4.52
N ASP A 712 2.45 -37.71 3.34
CA ASP A 712 3.20 -37.95 2.12
C ASP A 712 2.49 -37.29 0.94
N ILE A 713 3.25 -37.10 -0.13
CA ILE A 713 2.71 -36.65 -1.40
C ILE A 713 2.32 -37.92 -2.13
N VAL A 714 1.09 -38.37 -1.90
CA VAL A 714 0.66 -39.60 -2.54
C VAL A 714 0.50 -39.40 -4.04
N GLY A 715 -0.11 -38.29 -4.43
CA GLY A 715 -0.42 -38.06 -5.82
C GLY A 715 0.14 -36.72 -6.28
N VAL A 716 0.43 -36.65 -7.57
CA VAL A 716 0.98 -35.44 -8.18
C VAL A 716 0.29 -35.20 -9.50
N ILE A 717 0.08 -33.93 -9.81
CA ILE A 717 -0.51 -33.50 -11.07
C ILE A 717 0.45 -32.53 -11.74
N SER A 718 0.79 -32.81 -13.00
CA SER A 718 1.82 -32.08 -13.71
C SER A 718 1.43 -31.94 -15.17
N SER A 719 2.32 -31.29 -15.91
CA SER A 719 2.19 -31.15 -17.36
C SER A 719 3.22 -31.97 -18.12
N LEU A 720 4.00 -32.79 -17.43
CA LEU A 720 5.07 -33.55 -18.05
C LEU A 720 4.82 -35.04 -17.84
N SER A 721 5.18 -35.82 -18.86
CA SER A 721 4.93 -37.26 -18.79
C SER A 721 5.93 -38.01 -17.92
N SER A 722 7.02 -37.39 -17.48
CA SER A 722 8.02 -38.08 -16.68
C SER A 722 7.71 -37.93 -15.19
N SER A 723 7.72 -39.04 -14.48
CA SER A 723 7.48 -39.03 -13.03
C SER A 723 7.97 -40.33 -12.42
N THR A 724 8.17 -40.30 -11.10
CA THR A 724 8.53 -41.51 -10.38
C THR A 724 7.32 -42.41 -10.17
N PHE A 725 6.13 -41.81 -10.12
CA PHE A 725 4.92 -42.58 -9.92
C PHE A 725 4.63 -43.48 -11.11
N ASN A 726 4.08 -44.66 -10.82
CA ASN A 726 3.86 -45.63 -11.89
C ASN A 726 2.76 -45.17 -12.84
N SER A 727 1.69 -44.61 -12.31
CA SER A 727 0.54 -44.20 -13.11
C SER A 727 0.55 -42.69 -13.30
N THR A 728 0.19 -42.28 -14.51
CA THR A 728 0.12 -40.86 -14.87
C THR A 728 -1.11 -40.69 -15.75
N ARG A 729 -2.19 -40.18 -15.15
CA ARG A 729 -3.43 -39.99 -15.89
C ARG A 729 -3.45 -38.58 -16.47
N GLU A 730 -3.58 -38.49 -17.78
CA GLU A 730 -3.62 -37.21 -18.48
C GLU A 730 -5.08 -36.76 -18.55
N LEU A 731 -5.41 -35.72 -17.79
CA LEU A 731 -6.71 -35.10 -17.85
C LEU A 731 -6.60 -33.74 -18.53
N PRO A 732 -7.70 -33.22 -19.12
CA PRO A 732 -7.56 -31.99 -19.92
C PRO A 732 -6.81 -30.92 -19.18
N GLY A 733 -5.61 -30.63 -19.68
CA GLY A 733 -4.76 -29.58 -19.14
C GLY A 733 -3.62 -30.08 -18.29
N PHE A 734 -3.62 -31.36 -17.88
CA PHE A 734 -2.62 -31.81 -16.93
C PHE A 734 -2.51 -33.33 -16.90
N PHE A 735 -1.34 -33.81 -16.48
CA PHE A 735 -1.10 -35.19 -16.07
C PHE A 735 -1.37 -35.35 -14.59
N TYR A 736 -1.76 -36.55 -14.19
CA TYR A 736 -1.90 -36.89 -12.78
C TYR A 736 -1.05 -38.12 -12.48
N HIS A 737 -0.07 -37.95 -11.60
CA HIS A 737 0.90 -38.99 -11.31
C HIS A 737 0.72 -39.53 -9.91
N SER A 738 0.55 -40.85 -9.83
CA SER A 738 0.49 -41.53 -8.55
C SER A 738 0.76 -43.00 -8.81
N ASN A 739 1.09 -43.72 -7.74
CA ASN A 739 1.29 -45.15 -7.82
C ASN A 739 0.00 -45.89 -7.55
N ASP A 740 -1.14 -45.19 -7.61
CA ASP A 740 -2.46 -45.74 -7.43
C ASP A 740 -3.17 -45.78 -8.78
N GLY A 741 -3.88 -46.88 -9.04
CA GLY A 741 -4.47 -47.10 -10.35
C GLY A 741 -5.95 -47.44 -10.41
N SER A 742 -6.76 -46.80 -9.59
CA SER A 742 -8.20 -47.04 -9.59
C SER A 742 -8.94 -45.71 -9.67
N ASN A 743 -10.25 -45.79 -9.82
CA ASN A 743 -11.11 -44.62 -9.85
C ASN A 743 -11.70 -44.42 -8.47
N CYS A 744 -11.47 -43.24 -7.89
CA CYS A 744 -11.94 -42.94 -6.55
C CYS A 744 -13.46 -42.84 -6.51
N THR A 745 -14.03 -43.18 -5.35
CA THR A 745 -15.47 -43.12 -5.14
C THR A 745 -15.78 -42.30 -3.88
N GLU A 746 -14.89 -42.36 -2.89
CA GLU A 746 -15.05 -41.61 -1.65
C GLU A 746 -13.93 -40.57 -1.57
N PRO A 747 -14.20 -39.33 -1.94
CA PRO A 747 -13.14 -38.31 -1.93
C PRO A 747 -12.66 -37.95 -0.55
N VAL A 748 -11.42 -38.31 -0.23
CA VAL A 748 -10.83 -37.87 1.02
C VAL A 748 -10.55 -36.38 0.96
N LEU A 749 -9.98 -35.93 -0.14
CA LEU A 749 -9.79 -34.52 -0.41
C LEU A 749 -10.52 -34.16 -1.69
N VAL A 750 -10.98 -32.92 -1.76
CA VAL A 750 -11.85 -32.49 -2.85
C VAL A 750 -11.45 -31.10 -3.33
N TYR A 751 -11.51 -30.92 -4.64
CA TYR A 751 -11.44 -29.60 -5.24
C TYR A 751 -12.24 -29.66 -6.53
N SER A 752 -13.11 -28.67 -6.73
CA SER A 752 -14.02 -28.62 -7.88
C SER A 752 -14.84 -29.90 -7.89
N ASN A 753 -15.16 -30.40 -9.08
CA ASN A 753 -15.86 -31.66 -9.22
C ASN A 753 -14.90 -32.85 -9.24
N ILE A 754 -13.72 -32.68 -8.67
CA ILE A 754 -12.72 -33.74 -8.63
C ILE A 754 -12.43 -34.08 -7.17
N GLY A 755 -12.28 -35.37 -6.90
CA GLY A 755 -11.98 -35.83 -5.56
C GLY A 755 -10.99 -36.97 -5.60
N VAL A 756 -10.29 -37.15 -4.48
CA VAL A 756 -9.22 -38.12 -4.36
C VAL A 756 -9.39 -38.94 -3.11
N CYS A 757 -9.13 -40.25 -3.23
CA CYS A 757 -9.28 -41.19 -2.14
C CYS A 757 -8.01 -41.21 -1.29
N LYS A 758 -7.96 -42.12 -0.31
CA LYS A 758 -6.77 -42.23 0.54
C LYS A 758 -5.58 -42.80 -0.22
N SER A 759 -5.78 -43.89 -0.94
CA SER A 759 -4.68 -44.53 -1.67
C SER A 759 -4.19 -43.69 -2.83
N GLY A 760 -4.93 -42.68 -3.24
CA GLY A 760 -4.53 -41.80 -4.32
C GLY A 760 -5.42 -41.86 -5.54
N SER A 761 -6.43 -42.73 -5.56
CA SER A 761 -7.32 -42.78 -6.71
C SER A 761 -8.09 -41.48 -6.83
N ILE A 762 -8.50 -41.17 -8.06
CA ILE A 762 -9.14 -39.92 -8.38
C ILE A 762 -10.51 -40.21 -8.98
N GLY A 763 -11.41 -39.25 -8.84
CA GLY A 763 -12.74 -39.39 -9.41
C GLY A 763 -13.40 -38.05 -9.56
N TYR A 764 -14.52 -38.05 -10.27
CA TYR A 764 -15.31 -36.85 -10.52
C TYR A 764 -16.41 -36.73 -9.48
N VAL A 765 -16.36 -35.64 -8.72
CA VAL A 765 -17.27 -35.49 -7.57
C VAL A 765 -18.71 -35.39 -8.06
N PRO A 766 -19.61 -36.22 -7.55
CA PRO A 766 -21.02 -36.07 -7.89
C PRO A 766 -21.60 -34.81 -7.26
N SER A 767 -22.63 -34.28 -7.90
CA SER A 767 -23.27 -33.08 -7.41
C SER A 767 -23.99 -33.38 -6.09
N GLN A 768 -24.21 -32.31 -5.32
CA GLN A 768 -24.81 -32.41 -3.99
C GLN A 768 -26.21 -31.82 -4.01
N SER A 769 -27.17 -32.62 -3.55
CA SER A 769 -28.57 -32.19 -3.54
C SER A 769 -28.84 -31.27 -2.35
N GLY A 770 -29.63 -30.23 -2.59
CA GLY A 770 -30.05 -29.33 -1.54
C GLY A 770 -31.49 -29.60 -1.11
N GLN A 771 -31.98 -28.71 -0.24
CA GLN A 771 -33.36 -28.84 0.21
C GLN A 771 -34.30 -28.59 -0.95
N VAL A 772 -35.47 -29.22 -0.89
CA VAL A 772 -36.47 -29.09 -1.93
C VAL A 772 -37.62 -28.28 -1.38
N LYS A 773 -38.04 -27.27 -2.12
CA LYS A 773 -39.18 -26.45 -1.76
C LYS A 773 -40.21 -26.54 -2.86
N ILE A 774 -41.47 -26.63 -2.46
CA ILE A 774 -42.57 -26.85 -3.39
C ILE A 774 -43.23 -25.52 -3.70
N ALA A 775 -43.40 -25.24 -4.98
CA ALA A 775 -44.01 -23.99 -5.39
C ALA A 775 -45.50 -23.97 -5.00
N PRO A 776 -46.04 -22.79 -4.71
CA PRO A 776 -47.47 -22.69 -4.41
C PRO A 776 -48.29 -23.09 -5.62
N THR A 777 -49.45 -23.64 -5.36
CA THR A 777 -50.29 -24.21 -6.40
C THR A 777 -51.71 -23.69 -6.27
N VAL A 778 -52.44 -23.67 -7.39
CA VAL A 778 -53.76 -23.06 -7.44
C VAL A 778 -54.87 -24.10 -7.31
N THR A 779 -54.63 -25.31 -7.81
CA THR A 779 -55.64 -26.35 -7.78
C THR A 779 -54.97 -27.71 -7.82
N GLY A 780 -55.76 -28.76 -7.91
CA GLY A 780 -55.20 -30.09 -8.01
C GLY A 780 -54.87 -30.67 -6.66
N ASN A 781 -53.62 -31.08 -6.50
CA ASN A 781 -53.23 -31.99 -5.42
C ASN A 781 -51.73 -31.88 -5.15
N ILE A 782 -51.40 -31.62 -3.87
CA ILE A 782 -50.07 -31.25 -3.44
C ILE A 782 -49.70 -32.05 -2.18
N SER A 783 -48.39 -32.11 -1.89
CA SER A 783 -47.85 -32.82 -0.73
C SER A 783 -47.63 -31.85 0.42
N ILE A 784 -48.52 -31.89 1.40
CA ILE A 784 -48.36 -31.02 2.57
C ILE A 784 -47.24 -31.54 3.45
N PRO A 785 -46.27 -30.72 3.82
CA PRO A 785 -45.14 -31.18 4.63
C PRO A 785 -45.57 -31.55 6.05
N THR A 786 -44.69 -32.32 6.70
CA THR A 786 -44.93 -32.84 8.03
C THR A 786 -43.62 -33.44 8.53
N ASN A 787 -43.62 -33.89 9.79
CA ASN A 787 -42.47 -34.54 10.42
C ASN A 787 -41.24 -33.64 10.40
N PHE A 788 -41.35 -32.53 11.10
CA PHE A 788 -40.31 -31.52 11.08
C PHE A 788 -39.16 -31.93 11.99
N SER A 789 -38.07 -32.35 11.38
CA SER A 789 -36.81 -32.46 12.09
C SER A 789 -36.20 -31.08 12.24
N MET A 790 -35.16 -30.99 13.06
CA MET A 790 -34.58 -29.69 13.39
C MET A 790 -33.07 -29.70 13.28
N SER A 791 -32.53 -28.51 12.99
CA SER A 791 -31.10 -28.27 12.95
C SER A 791 -30.79 -26.99 13.71
N ILE A 792 -29.53 -26.82 14.07
CA ILE A 792 -29.09 -25.61 14.73
C ILE A 792 -27.88 -25.10 13.97
N ARG A 793 -28.09 -24.09 13.13
CA ARG A 793 -27.06 -23.57 12.24
C ARG A 793 -26.13 -22.61 12.96
N THR A 794 -24.96 -22.42 12.36
CA THR A 794 -23.86 -21.67 12.97
C THR A 794 -23.59 -20.38 12.21
N GLU A 795 -23.27 -19.32 12.95
CA GLU A 795 -22.84 -18.07 12.36
C GLU A 795 -21.93 -17.39 13.37
N TYR A 796 -21.03 -16.54 12.88
CA TYR A 796 -20.23 -15.72 13.78
C TYR A 796 -19.86 -14.43 13.06
N LEU A 797 -19.67 -13.38 13.86
CA LEU A 797 -19.11 -12.15 13.33
C LEU A 797 -18.36 -11.41 14.42
N GLN A 798 -17.17 -10.94 14.06
CA GLN A 798 -16.31 -10.16 14.93
C GLN A 798 -16.88 -8.74 15.11
N LEU A 799 -16.52 -8.11 16.22
CA LEU A 799 -17.15 -6.85 16.62
C LEU A 799 -16.20 -5.66 16.52
N TYR A 800 -15.08 -5.65 17.23
CA TYR A 800 -14.24 -4.46 17.26
C TYR A 800 -12.79 -4.88 17.13
N ASN A 801 -11.88 -3.92 17.24
CA ASN A 801 -10.48 -4.22 17.01
C ASN A 801 -9.64 -3.55 18.07
N THR A 802 -8.46 -4.09 18.27
CA THR A 802 -7.54 -3.56 19.26
C THR A 802 -6.85 -2.30 18.75
N PRO A 803 -6.93 -1.20 19.48
CA PRO A 803 -6.25 0.03 19.06
C PRO A 803 -4.77 0.01 19.44
N VAL A 804 -4.03 0.95 18.87
CA VAL A 804 -2.60 1.06 19.11
C VAL A 804 -2.27 2.52 19.41
N SER A 805 -1.24 2.74 20.21
CA SER A 805 -0.82 4.09 20.55
C SER A 805 0.69 4.22 20.39
N VAL A 806 1.10 5.29 19.70
CA VAL A 806 2.51 5.55 19.39
C VAL A 806 2.73 7.06 19.41
N ASP A 807 3.94 7.46 19.83
CA ASP A 807 4.36 8.86 19.76
C ASP A 807 5.41 8.97 18.67
N CYS A 808 5.19 9.90 17.75
CA CYS A 808 6.06 10.00 16.57
C CYS A 808 7.48 10.36 16.96
N ALA A 809 7.63 11.41 17.78
CA ALA A 809 8.97 11.90 18.10
C ALA A 809 9.76 10.83 18.82
N THR A 810 9.16 10.22 19.84
CA THR A 810 9.84 9.17 20.58
C THR A 810 10.11 7.99 19.69
N TYR A 811 9.15 7.64 18.83
CA TYR A 811 9.34 6.51 17.94
C TYR A 811 10.52 6.75 17.04
N VAL A 812 10.72 7.99 16.61
CA VAL A 812 11.82 8.29 15.73
C VAL A 812 13.05 8.67 16.53
N CYS A 813 12.89 9.39 17.63
CA CYS A 813 14.02 9.84 18.43
C CYS A 813 14.03 9.07 19.73
N ASN A 814 15.15 8.41 20.00
CA ASN A 814 15.35 7.73 21.27
C ASN A 814 16.07 8.65 22.25
N GLY A 815 15.45 9.80 22.52
CA GLY A 815 16.06 10.75 23.43
C GLY A 815 17.17 11.52 22.75
N ASN A 816 16.84 12.29 21.72
CA ASN A 816 17.82 12.97 20.89
C ASN A 816 17.42 14.44 20.76
N SER A 817 18.07 15.30 21.54
CA SER A 817 17.73 16.72 21.52
C SER A 817 18.01 17.35 20.16
N ARG A 818 19.15 17.03 19.56
CA ARG A 818 19.46 17.59 18.25
C ARG A 818 18.49 17.08 17.20
N CYS A 819 18.16 15.80 17.26
CA CYS A 819 17.27 15.26 16.25
C CYS A 819 15.89 15.88 16.34
N LYS A 820 15.36 16.05 17.55
CA LYS A 820 14.01 16.59 17.64
C LYS A 820 13.98 18.00 17.10
N GLN A 821 14.95 18.81 17.47
CA GLN A 821 15.01 20.16 16.92
C GLN A 821 15.27 20.12 15.43
N LEU A 822 15.99 19.11 14.95
CA LEU A 822 16.14 18.95 13.51
C LEU A 822 14.82 18.66 12.83
N LEU A 823 14.11 17.66 13.33
CA LEU A 823 12.88 17.23 12.68
C LEU A 823 11.75 18.22 12.84
N THR A 824 11.94 19.24 13.65
CA THR A 824 10.93 20.27 13.81
C THR A 824 10.46 20.85 12.49
N GLN A 825 11.23 20.69 11.42
CA GLN A 825 10.79 21.22 10.12
C GLN A 825 9.48 20.59 9.66
N TYR A 826 9.33 19.27 9.82
CA TYR A 826 8.13 18.59 9.35
C TYR A 826 7.43 17.89 10.50
N THR A 827 6.20 18.33 10.81
CA THR A 827 5.45 17.66 11.87
C THR A 827 3.98 17.45 11.56
N ALA A 828 3.42 18.13 10.55
CA ALA A 828 1.98 18.08 10.33
C ALA A 828 1.48 16.65 10.14
N ALA A 829 2.29 15.80 9.52
CA ALA A 829 1.90 14.42 9.33
C ALA A 829 1.69 13.72 10.67
N CYS A 830 2.55 13.97 11.64
CA CYS A 830 2.36 13.38 12.96
C CYS A 830 1.03 13.82 13.55
N LYS A 831 0.70 15.11 13.39
CA LYS A 831 -0.56 15.59 13.92
C LYS A 831 -1.72 14.83 13.30
N THR A 832 -1.65 14.60 12.00
CA THR A 832 -2.75 13.93 11.31
C THR A 832 -2.93 12.51 11.83
N ILE A 833 -1.84 11.78 11.99
CA ILE A 833 -1.96 10.37 12.34
C ILE A 833 -2.48 10.21 13.76
N GLU A 834 -1.96 11.01 14.69
CA GLU A 834 -2.41 10.90 16.07
C GLU A 834 -3.88 11.28 16.17
N SER A 835 -4.27 12.33 15.46
CA SER A 835 -5.66 12.72 15.44
C SER A 835 -6.52 11.59 14.92
N ALA A 836 -6.09 10.96 13.82
CA ALA A 836 -6.88 9.88 13.26
C ALA A 836 -7.06 8.78 14.29
N LEU A 837 -5.97 8.33 14.89
CA LEU A 837 -6.09 7.23 15.84
C LEU A 837 -6.91 7.66 17.04
N GLN A 838 -6.70 8.89 17.52
CA GLN A 838 -7.43 9.33 18.69
C GLN A 838 -8.91 9.50 18.39
N LEU A 839 -9.25 10.15 17.29
CA LEU A 839 -10.65 10.32 16.93
C LEU A 839 -11.32 9.00 16.67
N SER A 840 -10.60 8.06 16.07
CA SER A 840 -11.13 6.74 15.84
C SER A 840 -11.55 6.13 17.15
N ALA A 841 -10.58 5.88 18.03
CA ALA A 841 -10.86 5.29 19.33
C ALA A 841 -12.14 5.83 19.91
N ARG A 842 -12.28 7.15 19.91
CA ARG A 842 -13.48 7.76 20.46
C ARG A 842 -14.73 7.29 19.73
N LEU A 843 -14.68 7.27 18.41
CA LEU A 843 -15.91 7.00 17.66
C LEU A 843 -16.35 5.55 17.82
N GLU A 844 -15.43 4.60 17.68
CA GLU A 844 -15.82 3.22 17.89
C GLU A 844 -16.20 2.96 19.34
N SER A 845 -15.53 3.62 20.28
CA SER A 845 -15.86 3.44 21.69
C SER A 845 -17.31 3.81 21.99
N VAL A 846 -17.76 4.98 21.56
CA VAL A 846 -19.11 5.40 21.89
C VAL A 846 -20.16 4.50 21.24
N GLU A 847 -19.90 4.05 20.01
CA GLU A 847 -20.89 3.24 19.34
C GLU A 847 -21.04 1.87 19.99
N VAL A 848 -19.95 1.27 20.46
CA VAL A 848 -20.10 -0.01 21.14
C VAL A 848 -20.84 0.19 22.45
N ASN A 849 -20.59 1.32 23.12
CA ASN A 849 -21.35 1.62 24.31
C ASN A 849 -22.83 1.73 23.97
N SER A 850 -23.14 2.33 22.84
CA SER A 850 -24.51 2.36 22.39
C SER A 850 -24.99 0.97 22.01
N MET A 851 -24.12 0.13 21.46
CA MET A 851 -24.52 -1.22 21.12
C MET A 851 -24.99 -1.99 22.34
N LEU A 852 -24.25 -1.87 23.44
CA LEU A 852 -24.57 -2.66 24.61
C LEU A 852 -25.84 -2.17 25.29
N THR A 853 -26.50 -3.08 25.99
CA THR A 853 -27.70 -2.82 26.77
C THR A 853 -27.68 -3.73 27.98
N ILE A 854 -28.50 -3.43 28.98
CA ILE A 854 -28.52 -4.21 30.22
C ILE A 854 -29.95 -4.49 30.63
N SER A 855 -30.15 -5.64 31.27
CA SER A 855 -31.44 -5.99 31.86
C SER A 855 -31.20 -6.90 33.06
N GLU A 856 -31.26 -6.31 34.26
CA GLU A 856 -31.00 -7.09 35.46
C GLU A 856 -32.04 -8.17 35.63
N GLU A 857 -33.26 -7.93 35.16
CA GLU A 857 -34.31 -8.92 35.29
C GLU A 857 -33.92 -10.22 34.61
N ALA A 858 -33.36 -10.11 33.40
CA ALA A 858 -32.88 -11.31 32.73
C ALA A 858 -31.78 -11.97 33.55
N LEU A 859 -30.98 -11.17 34.25
CA LEU A 859 -29.96 -11.74 35.11
C LEU A 859 -30.59 -12.50 36.27
N GLN A 860 -31.72 -12.02 36.77
CA GLN A 860 -32.41 -12.72 37.83
C GLN A 860 -32.77 -14.13 37.40
N LEU A 861 -33.34 -14.25 36.21
CA LEU A 861 -33.79 -15.52 35.67
C LEU A 861 -32.67 -16.34 35.05
N ALA A 862 -31.45 -15.81 35.03
CA ALA A 862 -30.36 -16.47 34.31
C ALA A 862 -30.09 -17.87 34.85
N THR A 863 -30.04 -18.03 36.16
CA THR A 863 -29.61 -19.30 36.74
C THR A 863 -30.60 -20.40 36.46
N ILE A 864 -30.10 -21.64 36.46
CA ILE A 864 -30.95 -22.81 36.27
C ILE A 864 -32.05 -22.82 37.33
N SER A 865 -31.67 -22.56 38.57
CA SER A 865 -32.64 -22.47 39.66
C SER A 865 -33.70 -21.43 39.32
N SER A 866 -33.31 -20.37 38.61
CA SER A 866 -34.22 -19.34 38.19
C SER A 866 -34.78 -19.60 36.81
N PHE A 867 -34.81 -20.87 36.39
CA PHE A 867 -35.47 -21.29 35.16
C PHE A 867 -36.32 -22.52 35.43
N ASN A 868 -37.53 -22.51 34.90
CA ASN A 868 -38.45 -23.64 35.06
C ASN A 868 -38.04 -24.72 34.05
N GLY A 869 -37.17 -25.63 34.51
CA GLY A 869 -36.66 -26.69 33.67
C GLY A 869 -37.71 -27.60 33.07
N ASP A 870 -37.72 -27.70 31.75
CA ASP A 870 -38.70 -28.52 31.04
C ASP A 870 -37.98 -29.43 30.06
N GLY A 871 -37.54 -30.59 30.54
CA GLY A 871 -36.91 -31.55 29.65
C GLY A 871 -35.55 -31.11 29.16
N TYR A 872 -35.49 -29.92 28.58
CA TYR A 872 -34.26 -29.40 28.01
C TYR A 872 -33.22 -29.15 29.08
N ASN A 873 -31.97 -29.15 28.64
CA ASN A 873 -30.81 -29.07 29.54
C ASN A 873 -30.23 -27.67 29.61
N PHE A 874 -29.75 -27.14 28.48
CA PHE A 874 -29.04 -25.86 28.44
C PHE A 874 -27.95 -25.79 29.50
N THR A 875 -27.36 -26.94 29.82
CA THR A 875 -26.40 -26.99 30.92
C THR A 875 -25.09 -26.32 30.55
N ASN A 876 -24.42 -26.83 29.53
CA ASN A 876 -23.09 -26.35 29.17
C ASN A 876 -23.11 -24.97 28.53
N VAL A 877 -24.28 -24.48 28.16
CA VAL A 877 -24.41 -23.18 27.51
C VAL A 877 -24.76 -22.11 28.53
N LEU A 878 -25.54 -22.46 29.54
CA LEU A 878 -25.92 -21.46 30.53
C LEU A 878 -24.73 -21.12 31.41
N GLY A 879 -24.54 -19.81 31.63
CA GLY A 879 -23.36 -19.34 32.33
C GLY A 879 -23.32 -19.80 33.78
N VAL A 880 -22.12 -20.13 34.25
CA VAL A 880 -21.96 -20.66 35.60
C VAL A 880 -22.01 -19.52 36.61
N SER A 881 -22.70 -19.78 37.73
CA SER A 881 -22.77 -18.86 38.84
C SER A 881 -21.66 -19.18 39.84
N VAL A 882 -20.73 -18.24 40.03
CA VAL A 882 -19.55 -18.48 40.84
C VAL A 882 -19.79 -17.85 42.22
N TYR A 883 -18.97 -18.24 43.19
CA TYR A 883 -19.09 -17.80 44.57
C TYR A 883 -18.81 -16.31 44.70
N ASP A 884 -18.87 -15.83 45.93
CA ASP A 884 -18.55 -14.44 46.20
C ASP A 884 -17.04 -14.28 46.30
N PRO A 885 -16.42 -13.57 45.38
CA PRO A 885 -14.97 -13.35 45.47
C PRO A 885 -14.65 -12.20 46.40
N ALA A 886 -13.40 -11.74 46.40
CA ALA A 886 -12.99 -10.63 47.24
C ALA A 886 -13.96 -9.45 47.12
N ARG A 887 -14.67 -9.35 46.00
CA ARG A 887 -15.70 -8.34 45.85
C ARG A 887 -16.80 -8.53 46.89
N GLY A 888 -17.09 -9.78 47.26
CA GLY A 888 -18.09 -10.08 48.25
C GLY A 888 -19.48 -10.36 47.69
N ARG A 889 -19.69 -10.18 46.40
CA ARG A 889 -20.98 -10.42 45.76
C ARG A 889 -20.89 -11.61 44.82
N VAL A 890 -22.01 -12.31 44.66
CA VAL A 890 -22.07 -13.43 43.73
C VAL A 890 -21.95 -12.89 42.31
N VAL A 891 -20.96 -13.38 41.57
CA VAL A 891 -20.75 -12.95 40.20
C VAL A 891 -20.86 -14.16 39.30
N GLN A 892 -20.61 -13.98 38.00
CA GLN A 892 -20.80 -15.04 37.03
C GLN A 892 -19.55 -15.23 36.19
N LYS A 893 -19.15 -16.49 36.01
CA LYS A 893 -18.10 -16.84 35.07
C LYS A 893 -18.74 -17.30 33.76
N ARG A 894 -17.91 -17.75 32.83
CA ARG A 894 -18.38 -18.20 31.52
C ARG A 894 -18.90 -19.62 31.60
N SER A 895 -19.85 -19.94 30.72
CA SER A 895 -20.41 -21.28 30.69
C SER A 895 -19.39 -22.27 30.15
N PHE A 896 -19.81 -23.52 30.07
CA PHE A 896 -18.88 -24.58 29.69
C PHE A 896 -18.44 -24.42 28.25
N ILE A 897 -19.38 -24.08 27.36
CA ILE A 897 -19.11 -24.20 25.94
C ILE A 897 -18.04 -23.21 25.50
N GLU A 898 -18.19 -21.94 25.85
CA GLU A 898 -17.24 -20.95 25.38
C GLU A 898 -15.89 -21.13 26.05
N ASP A 899 -15.90 -21.50 27.32
CA ASP A 899 -14.65 -21.83 27.98
C ASP A 899 -13.95 -22.98 27.28
N LEU A 900 -14.72 -23.94 26.77
CA LEU A 900 -14.13 -25.01 25.99
C LEU A 900 -13.43 -24.48 24.75
N LEU A 901 -14.14 -23.68 23.95
CA LEU A 901 -13.53 -23.17 22.73
C LEU A 901 -12.37 -22.24 23.03
N PHE A 902 -12.48 -21.44 24.08
CA PHE A 902 -11.37 -20.58 24.49
C PHE A 902 -10.13 -21.40 24.85
N ASN A 903 -10.24 -22.26 25.86
CA ASN A 903 -9.05 -22.98 26.30
C ASN A 903 -8.47 -23.88 25.23
N LYS A 904 -9.23 -24.18 24.19
CA LYS A 904 -8.69 -25.00 23.10
C LYS A 904 -7.96 -24.14 22.07
N VAL A 905 -8.62 -23.09 21.58
CA VAL A 905 -8.11 -22.32 20.45
C VAL A 905 -7.51 -21.00 20.90
N VAL A 906 -8.13 -20.33 21.87
CA VAL A 906 -7.61 -19.07 22.37
C VAL A 906 -6.47 -19.40 23.31
N THR A 907 -5.24 -19.14 22.87
CA THR A 907 -4.07 -19.48 23.65
C THR A 907 -3.88 -18.49 24.81
N ASN A 908 -3.75 -19.03 26.02
CA ASN A 908 -3.46 -18.20 27.18
C ASN A 908 -2.05 -17.63 27.06
N GLY A 909 -1.83 -16.48 27.70
CA GLY A 909 -0.54 -15.83 27.61
C GLY A 909 -0.36 -14.93 26.41
N LEU A 910 -1.40 -14.75 25.60
CA LEU A 910 -1.34 -13.85 24.46
C LEU A 910 -1.75 -12.44 24.90
N GLY A 911 -2.00 -11.56 23.93
CA GLY A 911 -2.36 -10.18 24.23
C GLY A 911 -3.69 -10.02 24.95
N THR A 912 -4.54 -11.04 24.91
CA THR A 912 -5.86 -10.93 25.55
C THR A 912 -5.74 -10.68 27.04
N VAL A 913 -4.87 -11.40 27.74
CA VAL A 913 -4.64 -11.11 29.15
C VAL A 913 -3.79 -9.85 29.19
N ASP A 914 -4.41 -8.72 29.48
CA ASP A 914 -3.72 -7.45 29.45
C ASP A 914 -2.59 -7.42 30.47
N GLU A 915 -1.45 -6.88 30.06
CA GLU A 915 -0.25 -6.86 30.88
C GLU A 915 -0.14 -5.53 31.60
N ASP A 916 0.12 -5.58 32.89
CA ASP A 916 0.41 -4.37 33.63
C ASP A 916 1.86 -4.02 33.40
N TYR A 917 2.10 -2.84 32.86
CA TYR A 917 3.41 -2.43 32.41
C TYR A 917 4.39 -2.21 33.55
N LYS A 918 3.93 -2.30 34.78
CA LYS A 918 4.79 -2.06 35.93
C LYS A 918 5.91 -3.10 35.99
N ARG A 919 5.59 -4.35 35.66
CA ARG A 919 6.52 -5.44 35.86
C ARG A 919 7.85 -5.16 35.17
N CYS A 920 7.82 -4.59 33.98
CA CYS A 920 9.06 -4.24 33.32
C CYS A 920 9.46 -2.81 33.63
N SER A 921 8.51 -1.99 34.06
CA SER A 921 8.90 -0.68 34.58
C SER A 921 9.92 -0.84 35.68
N ASN A 922 9.70 -1.82 36.56
CA ASN A 922 10.78 -2.23 37.46
C ASN A 922 11.81 -3.06 36.70
N GLY A 923 11.37 -3.85 35.74
CA GLY A 923 12.29 -4.65 34.96
C GLY A 923 12.85 -5.80 35.77
N ARG A 924 14.13 -5.69 36.15
CA ARG A 924 14.76 -6.59 37.08
C ARG A 924 14.96 -8.00 36.51
N SER A 925 14.43 -8.26 35.32
CA SER A 925 14.55 -9.60 34.76
C SER A 925 14.29 -9.54 33.26
N VAL A 926 14.68 -10.61 32.56
CA VAL A 926 14.46 -10.69 31.13
C VAL A 926 12.97 -10.70 30.83
N ALA A 927 12.57 -9.88 29.88
CA ALA A 927 11.18 -9.75 29.48
C ALA A 927 11.00 -10.16 28.03
N ASP A 928 9.80 -9.98 27.53
CA ASP A 928 9.43 -10.32 26.17
C ASP A 928 9.39 -9.05 25.33
N LEU A 929 8.86 -9.18 24.12
CA LEU A 929 8.89 -8.10 23.14
C LEU A 929 8.05 -6.91 23.57
N VAL A 930 7.01 -7.13 24.36
CA VAL A 930 6.01 -6.09 24.58
C VAL A 930 6.62 -4.86 25.26
N CYS A 931 7.51 -5.06 26.22
CA CYS A 931 8.07 -3.87 26.84
C CYS A 931 9.09 -3.23 25.91
N ALA A 932 9.77 -4.05 25.11
CA ALA A 932 10.70 -3.51 24.14
C ALA A 932 9.96 -2.66 23.13
N GLN A 933 8.82 -3.14 22.65
CA GLN A 933 8.10 -2.31 21.72
C GLN A 933 7.48 -1.13 22.46
N TYR A 934 7.24 -1.27 23.76
CA TYR A 934 6.92 -0.07 24.52
C TYR A 934 8.11 0.85 24.47
N TYR A 935 9.30 0.28 24.65
CA TYR A 935 10.52 1.04 24.49
C TYR A 935 10.58 1.66 23.11
N SER A 936 10.10 0.93 22.11
CA SER A 936 9.98 1.55 20.80
C SER A 936 8.98 2.69 20.80
N GLY A 937 8.06 2.70 21.75
CA GLY A 937 7.10 3.79 21.83
C GLY A 937 5.75 3.31 21.36
N VAL A 938 5.39 2.08 21.72
CA VAL A 938 4.11 1.50 21.32
C VAL A 938 3.41 0.92 22.53
N MET A 939 2.11 1.19 22.64
CA MET A 939 1.31 0.65 23.72
C MET A 939 -0.03 0.23 23.13
N VAL A 940 -0.56 -0.88 23.62
CA VAL A 940 -1.79 -1.46 23.11
C VAL A 940 -2.95 -1.09 24.02
N LEU A 941 -3.97 -0.47 23.45
CA LEU A 941 -5.06 0.04 24.26
C LEU A 941 -5.82 -1.13 24.87
N PRO A 942 -6.25 -1.01 26.13
CA PRO A 942 -7.08 -2.06 26.73
C PRO A 942 -8.41 -2.24 26.00
N GLY A 943 -8.91 -3.47 26.01
CA GLY A 943 -10.17 -3.76 25.35
C GLY A 943 -11.30 -2.91 25.90
N VAL A 944 -12.11 -2.36 24.99
CA VAL A 944 -13.18 -1.45 25.40
C VAL A 944 -14.21 -2.17 26.27
N VAL A 945 -14.50 -3.43 25.95
CA VAL A 945 -15.47 -4.18 26.74
C VAL A 945 -14.85 -5.44 27.32
N ASP A 946 -15.65 -6.23 28.05
CA ASP A 946 -15.16 -7.45 28.67
C ASP A 946 -16.03 -8.63 28.28
N ALA A 947 -15.40 -9.81 28.29
CA ALA A 947 -16.10 -11.04 27.97
C ALA A 947 -17.24 -11.31 28.93
N GLU A 948 -17.01 -11.06 30.23
CA GLU A 948 -18.08 -11.19 31.19
C GLU A 948 -19.20 -10.22 30.87
N LYS A 949 -18.84 -9.01 30.51
CA LYS A 949 -19.88 -8.05 30.19
C LYS A 949 -20.70 -8.58 29.03
N LEU A 950 -20.00 -9.07 28.01
CA LEU A 950 -20.69 -9.69 26.90
C LEU A 950 -21.33 -10.99 27.34
N HIS A 951 -20.71 -11.67 28.30
CA HIS A 951 -21.27 -12.92 28.76
C HIS A 951 -22.64 -12.67 29.34
N MET A 952 -22.72 -11.75 30.29
CA MET A 952 -24.03 -11.41 30.84
C MET A 952 -24.83 -10.57 29.87
N TYR A 953 -24.16 -9.88 28.93
CA TYR A 953 -24.91 -9.24 27.86
C TYR A 953 -25.63 -10.28 27.04
N SER A 954 -24.90 -11.30 26.58
CA SER A 954 -25.52 -12.36 25.82
C SER A 954 -26.55 -13.09 26.68
N ALA A 955 -26.19 -13.33 27.95
CA ALA A 955 -27.10 -13.99 28.86
C ALA A 955 -28.37 -13.18 29.05
N SER A 956 -28.25 -11.88 29.26
CA SER A 956 -29.45 -11.06 29.42
C SER A 956 -30.29 -11.06 28.15
N LEU A 957 -29.66 -10.91 26.99
CA LEU A 957 -30.41 -10.87 25.76
C LEU A 957 -31.15 -12.19 25.54
N ILE A 958 -30.47 -13.30 25.75
CA ILE A 958 -31.12 -14.59 25.52
C ILE A 958 -32.16 -14.85 26.59
N GLY A 959 -31.88 -14.47 27.83
CA GLY A 959 -32.84 -14.73 28.86
C GLY A 959 -34.03 -13.82 28.84
N GLY A 960 -33.94 -12.74 28.07
CA GLY A 960 -35.05 -11.81 27.97
C GLY A 960 -36.31 -12.41 27.38
N MET A 961 -36.21 -13.56 26.74
CA MET A 961 -37.34 -14.13 26.01
C MET A 961 -38.27 -14.95 26.89
N VAL A 962 -37.99 -15.08 28.19
CA VAL A 962 -38.87 -15.82 29.10
C VAL A 962 -39.74 -14.90 29.95
N LEU A 963 -39.73 -13.60 29.67
CA LEU A 963 -40.47 -12.66 30.50
C LEU A 963 -41.96 -12.71 30.22
N GLY A 964 -42.75 -12.40 31.24
CA GLY A 964 -44.18 -12.25 31.10
C GLY A 964 -44.60 -10.82 31.38
N GLY A 965 -45.22 -10.60 32.55
CA GLY A 965 -45.47 -9.26 33.01
C GLY A 965 -44.26 -8.66 33.69
N PHE A 966 -44.37 -7.38 34.03
CA PHE A 966 -43.30 -6.71 34.76
C PHE A 966 -43.03 -7.44 36.06
N THR A 967 -41.83 -7.99 36.19
CA THR A 967 -41.45 -8.79 37.34
C THR A 967 -42.46 -9.92 37.53
N ALA A 968 -42.43 -10.84 36.57
CA ALA A 968 -43.30 -12.00 36.62
C ALA A 968 -42.95 -12.87 37.83
N ALA A 969 -43.97 -13.45 38.45
CA ALA A 969 -43.76 -14.28 39.62
C ALA A 969 -42.92 -15.52 39.28
N ALA A 970 -43.25 -16.19 38.18
CA ALA A 970 -42.52 -17.38 37.75
C ALA A 970 -42.35 -17.35 36.24
N ALA A 971 -41.20 -17.80 35.78
CA ALA A 971 -40.95 -17.85 34.34
C ALA A 971 -41.94 -18.77 33.67
N LEU A 972 -42.54 -18.30 32.58
CA LEU A 972 -43.46 -19.13 31.82
C LEU A 972 -42.68 -20.30 31.23
N PRO A 973 -43.27 -21.49 31.18
CA PRO A 973 -42.54 -22.63 30.60
C PRO A 973 -42.09 -22.31 29.18
N PHE A 974 -40.85 -22.71 28.87
CA PHE A 974 -40.32 -22.47 27.54
C PHE A 974 -41.21 -23.08 26.48
N SER A 975 -41.74 -24.26 26.76
CA SER A 975 -42.64 -24.91 25.81
C SER A 975 -43.83 -24.03 25.51
N TYR A 976 -44.36 -23.36 26.53
CA TYR A 976 -45.54 -22.52 26.33
C TYR A 976 -45.28 -21.46 25.28
N ALA A 977 -44.18 -20.73 25.41
CA ALA A 977 -43.82 -19.77 24.38
C ALA A 977 -43.57 -20.45 23.04
N VAL A 978 -43.16 -21.71 23.07
CA VAL A 978 -42.90 -22.42 21.82
C VAL A 978 -44.18 -22.57 21.01
N GLN A 979 -45.23 -23.13 21.62
CA GLN A 979 -46.47 -23.23 20.86
C GLN A 979 -47.04 -21.86 20.57
N ALA A 980 -46.69 -20.85 21.35
CA ALA A 980 -47.06 -19.49 20.99
C ALA A 980 -46.47 -19.17 19.63
N ARG A 981 -45.16 -19.39 19.48
CA ARG A 981 -44.52 -19.18 18.20
C ARG A 981 -45.08 -20.12 17.15
N LEU A 982 -45.35 -21.36 17.55
CA LEU A 982 -45.87 -22.36 16.61
C LEU A 982 -47.19 -21.91 16.03
N ASN A 983 -48.11 -21.47 16.88
CA ASN A 983 -49.37 -20.98 16.34
C ASN A 983 -49.16 -19.74 15.50
N TYR A 984 -48.28 -18.85 15.97
CA TYR A 984 -47.96 -17.68 15.15
C TYR A 984 -47.51 -18.11 13.77
N LEU A 985 -46.57 -19.03 13.71
CA LEU A 985 -46.11 -19.47 12.41
C LEU A 985 -47.21 -20.26 11.72
N ALA A 986 -47.92 -21.09 12.47
CA ALA A 986 -49.09 -21.77 11.92
C ALA A 986 -49.95 -22.29 13.07
N LEU A 987 -51.11 -21.67 13.29
CA LEU A 987 -52.05 -22.08 14.32
C LEU A 987 -52.16 -23.59 14.36
N GLN A 988 -51.84 -24.19 15.51
CA GLN A 988 -51.97 -25.63 15.66
C GLN A 988 -53.37 -26.04 16.09
N THR A 989 -53.80 -27.20 15.62
CA THR A 989 -55.07 -27.80 16.02
C THR A 989 -54.87 -28.93 17.02
N ASP A 990 -54.00 -29.88 16.67
CA ASP A 990 -53.77 -31.02 17.54
C ASP A 990 -53.01 -30.60 18.78
N VAL A 991 -53.30 -31.26 19.89
CA VAL A 991 -52.68 -30.96 21.17
C VAL A 991 -52.17 -32.25 21.80
N LEU A 992 -51.82 -33.23 20.96
CA LEU A 992 -51.39 -34.53 21.47
C LEU A 992 -50.20 -34.42 22.42
N GLN A 993 -49.36 -33.39 22.24
CA GLN A 993 -48.27 -33.07 23.16
C GLN A 993 -47.15 -34.11 23.09
N ARG A 994 -47.39 -35.21 22.38
CA ARG A 994 -46.34 -36.19 22.15
C ARG A 994 -45.35 -35.70 21.10
N ASN A 995 -45.83 -34.91 20.15
CA ASN A 995 -44.93 -34.30 19.17
C ASN A 995 -43.87 -33.46 19.84
N GLN A 996 -44.29 -32.68 20.84
CA GLN A 996 -43.33 -31.84 21.56
C GLN A 996 -42.26 -32.70 22.22
N GLN A 997 -42.66 -33.83 22.80
CA GLN A 997 -41.68 -34.73 23.38
C GLN A 997 -40.76 -35.29 22.30
N LEU A 998 -41.34 -35.71 21.17
CA LEU A 998 -40.50 -36.15 20.06
C LEU A 998 -39.60 -35.04 19.58
N LEU A 999 -40.11 -33.81 19.55
CA LEU A 999 -39.28 -32.67 19.21
C LEU A 999 -38.16 -32.46 20.23
N ALA A 1000 -38.51 -32.47 21.52
CA ALA A 1000 -37.55 -32.04 22.53
C ALA A 1000 -36.33 -32.94 22.61
N GLU A 1001 -36.55 -34.26 22.62
CA GLU A 1001 -35.41 -35.16 22.66
C GLU A 1001 -34.58 -35.02 21.40
N SER A 1002 -35.22 -34.69 20.28
CA SER A 1002 -34.48 -34.48 19.05
C SER A 1002 -33.66 -33.20 19.14
N PHE A 1003 -34.22 -32.13 19.72
CA PHE A 1003 -33.36 -31.00 20.04
C PHE A 1003 -32.23 -31.47 20.93
N ASN A 1004 -32.57 -32.27 21.93
CA ASN A 1004 -31.56 -32.73 22.87
C ASN A 1004 -30.52 -33.57 22.15
N SER A 1005 -30.98 -34.47 21.27
CA SER A 1005 -30.03 -35.26 20.50
C SER A 1005 -29.18 -34.36 19.61
N ALA A 1006 -29.80 -33.36 18.99
CA ALA A 1006 -29.06 -32.47 18.12
C ALA A 1006 -28.08 -31.61 18.90
N ILE A 1007 -28.47 -31.18 20.11
CA ILE A 1007 -27.54 -30.43 20.94
C ILE A 1007 -26.38 -31.32 21.38
N GLY A 1008 -26.67 -32.58 21.67
CA GLY A 1008 -25.60 -33.52 21.95
C GLY A 1008 -24.66 -33.66 20.77
N ASN A 1009 -25.23 -33.72 19.57
CA ASN A 1009 -24.42 -33.71 18.37
C ASN A 1009 -23.56 -32.46 18.29
N ILE A 1010 -24.14 -31.31 18.63
CA ILE A 1010 -23.41 -30.05 18.56
C ILE A 1010 -22.17 -30.07 19.44
N THR A 1011 -22.34 -30.42 20.71
CA THR A 1011 -21.20 -30.38 21.61
C THR A 1011 -20.17 -31.45 21.25
N SER A 1012 -20.63 -32.60 20.78
CA SER A 1012 -19.72 -33.65 20.38
C SER A 1012 -18.91 -33.22 19.18
N ALA A 1013 -19.58 -32.75 18.14
CA ALA A 1013 -18.85 -32.39 16.94
C ALA A 1013 -18.13 -31.06 17.09
N PHE A 1014 -18.42 -30.32 18.15
CA PHE A 1014 -17.79 -29.03 18.35
C PHE A 1014 -16.27 -29.14 18.46
N GLU A 1015 -15.77 -30.24 19.01
CA GLU A 1015 -14.34 -30.39 19.24
C GLU A 1015 -13.83 -31.69 18.63
N SER A 1016 -12.66 -31.60 17.99
CA SER A 1016 -11.98 -32.74 17.38
C SER A 1016 -12.89 -33.41 16.34
N VAL A 1017 -13.28 -32.61 15.35
CA VAL A 1017 -14.22 -33.04 14.33
C VAL A 1017 -13.51 -33.52 13.07
N LYS A 1018 -12.17 -33.63 13.10
CA LYS A 1018 -11.39 -33.96 11.92
C LYS A 1018 -11.05 -35.45 11.84
N GLU A 1019 -11.90 -36.32 12.38
CA GLU A 1019 -11.64 -37.76 12.27
C GLU A 1019 -12.10 -38.30 10.93
N ALA A 1020 -13.40 -38.22 10.65
CA ALA A 1020 -13.92 -38.71 9.37
C ALA A 1020 -15.07 -37.85 8.86
N SER A 1021 -15.14 -36.59 9.28
CA SER A 1021 -16.25 -35.74 8.88
C SER A 1021 -16.17 -35.42 7.39
N SER A 1022 -17.32 -35.45 6.74
CA SER A 1022 -17.37 -35.10 5.34
C SER A 1022 -17.13 -33.61 5.17
N GLN A 1023 -16.50 -33.24 4.05
CA GLN A 1023 -16.33 -31.83 3.77
C GLN A 1023 -17.69 -31.15 3.68
N THR A 1024 -18.71 -31.88 3.25
CA THR A 1024 -20.07 -31.36 3.30
C THR A 1024 -20.46 -31.06 4.74
N SER A 1025 -20.02 -31.91 5.67
CA SER A 1025 -20.25 -31.66 7.08
C SER A 1025 -19.39 -30.51 7.59
N ARG A 1026 -18.50 -30.00 6.75
CA ARG A 1026 -17.65 -28.87 7.07
C ARG A 1026 -18.10 -27.61 6.36
N GLY A 1027 -19.27 -27.64 5.72
CA GLY A 1027 -19.75 -26.52 4.92
C GLY A 1027 -20.39 -25.40 5.71
N LEU A 1028 -21.39 -24.79 5.10
CA LEU A 1028 -22.06 -23.65 5.69
C LEU A 1028 -22.78 -24.07 6.97
N ASN A 1029 -22.84 -23.15 7.93
CA ASN A 1029 -23.53 -23.36 9.18
C ASN A 1029 -22.92 -24.54 9.95
N THR A 1030 -21.61 -24.70 9.82
CA THR A 1030 -20.88 -25.76 10.50
C THR A 1030 -19.82 -25.15 11.37
N VAL A 1031 -19.59 -25.75 12.54
CA VAL A 1031 -18.59 -25.21 13.47
C VAL A 1031 -17.22 -25.23 12.82
N ALA A 1032 -16.93 -26.24 12.01
CA ALA A 1032 -15.63 -26.30 11.37
C ALA A 1032 -15.44 -25.10 10.47
N HIS A 1033 -16.44 -24.80 9.65
CA HIS A 1033 -16.37 -23.58 8.86
C HIS A 1033 -16.28 -22.38 9.79
N ALA A 1034 -17.03 -22.42 10.88
CA ALA A 1034 -16.99 -21.35 11.86
C ALA A 1034 -15.66 -21.28 12.58
N LEU A 1035 -15.20 -22.41 13.13
CA LEU A 1035 -13.99 -22.35 13.94
C LEU A 1035 -12.78 -22.02 13.11
N THR A 1036 -12.74 -22.49 11.87
CA THR A 1036 -11.60 -22.18 11.02
C THR A 1036 -11.52 -20.68 10.79
N LYS A 1037 -12.64 -20.07 10.44
CA LYS A 1037 -12.60 -18.65 10.15
C LYS A 1037 -12.22 -17.85 11.38
N VAL A 1038 -12.77 -18.21 12.53
CA VAL A 1038 -12.46 -17.44 13.73
C VAL A 1038 -11.00 -17.60 14.12
N GLN A 1039 -10.46 -18.82 14.03
CA GLN A 1039 -9.07 -18.99 14.39
C GLN A 1039 -8.14 -18.28 13.41
N GLU A 1040 -8.45 -18.31 12.12
CA GLU A 1040 -7.54 -17.67 11.19
C GLU A 1040 -7.56 -16.15 11.37
N VAL A 1041 -8.70 -15.57 11.71
CA VAL A 1041 -8.72 -14.13 11.89
C VAL A 1041 -7.98 -13.75 13.15
N VAL A 1042 -8.06 -14.57 14.19
CA VAL A 1042 -7.29 -14.23 15.37
C VAL A 1042 -5.82 -14.43 15.07
N ASN A 1043 -5.49 -15.45 14.28
CA ASN A 1043 -4.13 -15.57 13.80
C ASN A 1043 -3.81 -14.39 12.89
N SER A 1044 -4.80 -13.95 12.12
CA SER A 1044 -4.61 -12.80 11.23
C SER A 1044 -4.29 -11.55 12.04
N GLN A 1045 -5.08 -11.28 13.08
CA GLN A 1045 -4.83 -10.09 13.90
C GLN A 1045 -3.54 -10.23 14.69
N GLY A 1046 -3.11 -11.45 14.97
CA GLY A 1046 -1.83 -11.65 15.60
C GLY A 1046 -0.66 -11.45 14.65
N ALA A 1047 -0.65 -10.30 13.99
CA ALA A 1047 0.35 -9.96 12.98
C ALA A 1047 0.24 -8.46 12.72
N ALA A 1048 0.93 -8.01 11.67
CA ALA A 1048 0.91 -6.63 11.19
C ALA A 1048 1.58 -5.66 12.13
N LEU A 1049 2.26 -6.13 13.17
CA LEU A 1049 3.07 -5.27 14.00
C LEU A 1049 4.52 -5.70 14.08
N THR A 1050 4.82 -6.96 13.78
CA THR A 1050 6.20 -7.44 13.79
C THR A 1050 7.05 -6.72 12.75
N GLN A 1051 6.47 -6.47 11.58
CA GLN A 1051 7.25 -5.89 10.49
C GLN A 1051 7.78 -4.51 10.85
N LEU A 1052 7.11 -3.80 11.76
CA LEU A 1052 7.54 -2.45 12.10
C LEU A 1052 9.00 -2.41 12.50
N THR A 1053 9.37 -3.14 13.55
CA THR A 1053 10.76 -3.17 13.97
C THR A 1053 11.68 -3.72 12.90
N VAL A 1054 11.13 -4.43 11.91
CA VAL A 1054 11.97 -5.03 10.88
C VAL A 1054 12.68 -3.94 10.09
N GLN A 1055 11.93 -3.04 9.47
CA GLN A 1055 12.62 -1.98 8.76
C GLN A 1055 13.29 -1.04 9.74
N LEU A 1056 12.78 -0.96 10.97
CA LEU A 1056 13.49 -0.22 12.00
C LEU A 1056 14.86 -0.81 12.22
N GLN A 1057 14.97 -2.14 12.14
CA GLN A 1057 16.29 -2.76 12.05
C GLN A 1057 17.00 -2.31 10.81
N HIS A 1058 16.30 -2.29 9.68
CA HIS A 1058 16.93 -2.00 8.41
C HIS A 1058 17.43 -0.56 8.35
N ASN A 1059 18.54 -0.37 7.64
CA ASN A 1059 19.20 0.92 7.53
C ASN A 1059 18.97 1.46 6.14
N PHE A 1060 18.40 2.66 6.05
CA PHE A 1060 18.09 3.27 4.76
C PHE A 1060 19.32 4.03 4.27
N GLN A 1061 20.20 3.32 3.56
CA GLN A 1061 21.34 3.94 2.91
C GLN A 1061 22.15 4.79 3.89
N ALA A 1062 22.79 4.10 4.81
CA ALA A 1062 23.64 4.79 5.78
C ALA A 1062 24.64 3.79 6.34
N ILE A 1063 25.66 4.31 7.02
CA ILE A 1063 26.69 3.46 7.60
C ILE A 1063 26.09 2.58 8.70
N SER A 1064 25.31 3.17 9.59
CA SER A 1064 24.76 2.42 10.70
C SER A 1064 23.46 3.05 11.13
N SER A 1065 22.52 2.21 11.54
CA SER A 1065 21.24 2.72 11.99
C SER A 1065 21.32 3.43 13.33
N SER A 1066 22.41 3.28 14.09
CA SER A 1066 22.44 3.87 15.42
C SER A 1066 22.61 5.38 15.28
N ILE A 1067 21.48 6.08 15.33
CA ILE A 1067 21.48 7.51 15.09
C ILE A 1067 22.37 8.24 16.10
N ASP A 1068 22.31 7.85 17.36
CA ASP A 1068 23.13 8.50 18.37
C ASP A 1068 24.61 8.31 18.10
N ASP A 1069 25.02 7.08 17.85
CA ASP A 1069 26.44 6.79 17.66
C ASP A 1069 26.96 7.45 16.39
N ILE A 1070 26.24 7.27 15.28
CA ILE A 1070 26.69 7.86 14.03
C ILE A 1070 26.76 9.37 14.17
N TYR A 1071 25.84 9.95 14.95
CA TYR A 1071 25.93 11.36 15.28
C TYR A 1071 27.22 11.65 16.02
N SER A 1072 27.77 10.65 16.70
CA SER A 1072 28.97 10.80 17.49
C SER A 1072 30.22 10.42 16.72
N ARG A 1073 30.19 10.48 15.39
CA ARG A 1073 31.33 10.10 14.58
C ARG A 1073 31.94 11.25 13.79
N LEU A 1074 31.13 12.03 13.08
CA LEU A 1074 31.64 13.00 12.12
C LEU A 1074 30.86 14.31 12.27
N ASP A 1075 30.97 15.18 11.28
CA ASP A 1075 30.31 16.47 11.33
C ASP A 1075 28.81 16.30 11.13
N ILE A 1076 28.11 17.43 11.05
CA ILE A 1076 26.65 17.39 11.07
C ILE A 1076 26.06 17.13 9.70
N LEU A 1077 26.72 17.60 8.65
CA LEU A 1077 26.10 17.68 7.33
C LEU A 1077 25.62 16.32 6.82
N SER A 1078 26.53 15.36 6.70
CA SER A 1078 26.14 14.06 6.16
C SER A 1078 25.09 13.39 7.02
N ALA A 1079 25.24 13.47 8.34
CA ALA A 1079 24.29 12.85 9.24
C ALA A 1079 22.89 13.40 9.04
N ASP A 1080 22.77 14.70 8.82
CA ASP A 1080 21.47 15.29 8.54
C ASP A 1080 20.84 14.67 7.31
N VAL A 1081 21.66 14.33 6.31
CA VAL A 1081 21.12 13.71 5.10
C VAL A 1081 20.48 12.37 5.43
N GLN A 1082 21.20 11.54 6.16
CA GLN A 1082 20.74 10.18 6.43
C GLN A 1082 19.56 10.15 7.40
N VAL A 1083 19.55 11.03 8.40
CA VAL A 1083 18.43 11.02 9.35
C VAL A 1083 17.12 11.37 8.65
N ASP A 1084 17.18 12.27 7.67
CA ASP A 1084 15.99 12.54 6.88
C ASP A 1084 15.54 11.27 6.17
N ARG A 1085 16.48 10.53 5.61
CA ARG A 1085 16.15 9.29 4.93
C ARG A 1085 15.35 8.36 5.84
N LEU A 1086 15.87 8.11 7.04
CA LEU A 1086 15.23 7.14 7.90
C LEU A 1086 13.87 7.62 8.40
N ILE A 1087 13.76 8.91 8.74
CA ILE A 1087 12.48 9.42 9.22
C ILE A 1087 11.43 9.34 8.12
N THR A 1088 11.82 9.67 6.90
CA THR A 1088 10.89 9.58 5.79
C THR A 1088 10.41 8.16 5.58
N GLY A 1089 11.33 7.21 5.63
CA GLY A 1089 10.93 5.82 5.45
C GLY A 1089 9.95 5.36 6.51
N ARG A 1090 10.26 5.64 7.78
CA ARG A 1090 9.39 5.16 8.85
C ARG A 1090 8.04 5.87 8.84
N LEU A 1091 8.03 7.16 8.53
CA LEU A 1091 6.75 7.84 8.47
C LEU A 1091 5.91 7.30 7.33
N SER A 1092 6.55 7.05 6.19
CA SER A 1092 5.83 6.46 5.07
C SER A 1092 5.28 5.09 5.41
N ALA A 1093 6.06 4.29 6.14
CA ALA A 1093 5.58 2.99 6.56
C ALA A 1093 4.34 3.12 7.42
N LEU A 1094 4.34 4.07 8.35
CA LEU A 1094 3.19 4.22 9.22
C LEU A 1094 2.05 4.88 8.47
N ASN A 1095 2.34 5.67 7.44
CA ASN A 1095 1.25 6.14 6.60
C ASN A 1095 0.58 4.97 5.92
N ALA A 1096 1.36 4.02 5.43
CA ALA A 1096 0.80 2.78 4.90
C ALA A 1096 -0.05 2.11 5.98
N PHE A 1097 0.57 1.87 7.13
CA PHE A 1097 -0.11 1.33 8.30
C PHE A 1097 -1.48 1.96 8.52
N VAL A 1098 -1.52 3.29 8.53
CA VAL A 1098 -2.78 3.98 8.76
C VAL A 1098 -3.82 3.62 7.70
N ALA A 1099 -3.41 3.55 6.44
CA ALA A 1099 -4.38 3.28 5.39
C ALA A 1099 -5.08 1.94 5.57
N GLN A 1100 -4.32 0.86 5.72
CA GLN A 1100 -4.98 -0.43 5.86
C GLN A 1100 -5.68 -0.57 7.19
N THR A 1101 -5.15 0.04 8.25
CA THR A 1101 -5.84 -0.04 9.52
C THR A 1101 -7.20 0.64 9.47
N LEU A 1102 -7.25 1.84 8.89
CA LEU A 1102 -8.53 2.49 8.75
C LEU A 1102 -9.40 1.75 7.75
N THR A 1103 -8.75 1.08 6.80
CA THR A 1103 -9.48 0.22 5.88
C THR A 1103 -10.18 -0.91 6.61
N LYS A 1104 -9.45 -1.61 7.48
CA LYS A 1104 -10.11 -2.63 8.27
C LYS A 1104 -11.21 -2.00 9.09
N TYR A 1105 -10.95 -0.81 9.64
CA TYR A 1105 -11.95 -0.20 10.48
C TYR A 1105 -13.14 0.26 9.67
N THR A 1106 -12.92 0.71 8.44
CA THR A 1106 -14.04 1.07 7.59
C THR A 1106 -14.87 -0.15 7.21
N GLU A 1107 -14.22 -1.21 6.75
CA GLU A 1107 -14.98 -2.40 6.37
C GLU A 1107 -15.68 -3.01 7.57
N VAL A 1108 -15.08 -2.92 8.75
CA VAL A 1108 -15.71 -3.53 9.92
C VAL A 1108 -16.84 -2.69 10.49
N GLN A 1109 -16.81 -1.37 10.32
CA GLN A 1109 -17.96 -0.61 10.80
C GLN A 1109 -19.21 -0.95 9.99
N ALA A 1110 -19.05 -1.12 8.69
CA ALA A 1110 -20.15 -1.67 7.90
C ALA A 1110 -20.53 -3.06 8.40
N SER A 1111 -19.52 -3.86 8.73
CA SER A 1111 -19.78 -5.23 9.17
C SER A 1111 -20.66 -5.27 10.40
N ARG A 1112 -20.32 -4.52 11.44
CA ARG A 1112 -21.16 -4.66 12.63
C ARG A 1112 -22.40 -3.80 12.55
N LYS A 1113 -22.46 -2.88 11.58
CA LYS A 1113 -23.76 -2.34 11.22
C LYS A 1113 -24.66 -3.47 10.79
N LEU A 1114 -24.17 -4.33 9.90
CA LEU A 1114 -24.94 -5.50 9.52
C LEU A 1114 -25.16 -6.40 10.72
N ALA A 1115 -24.17 -6.50 11.59
CA ALA A 1115 -24.30 -7.38 12.75
C ALA A 1115 -25.38 -6.87 13.69
N GLN A 1116 -25.38 -5.58 13.98
CA GLN A 1116 -26.43 -5.03 14.82
C GLN A 1116 -27.77 -5.17 14.12
N GLN A 1117 -27.77 -5.05 12.80
CA GLN A 1117 -28.95 -5.43 12.05
C GLN A 1117 -29.41 -6.81 12.46
N LYS A 1118 -28.54 -7.81 12.33
CA LYS A 1118 -28.89 -9.19 12.66
C LYS A 1118 -29.47 -9.34 14.05
N VAL A 1119 -28.83 -8.74 15.04
CA VAL A 1119 -29.31 -8.90 16.41
C VAL A 1119 -30.70 -8.30 16.57
N ASN A 1120 -31.12 -7.48 15.63
CA ASN A 1120 -32.49 -7.01 15.67
C ASN A 1120 -33.51 -8.01 15.14
N GLU A 1121 -33.41 -8.38 13.86
CA GLU A 1121 -34.58 -8.90 13.18
C GLU A 1121 -35.06 -10.21 13.79
N CYS A 1122 -34.23 -11.23 13.79
CA CYS A 1122 -34.68 -12.54 14.20
C CYS A 1122 -34.05 -12.91 15.52
N VAL A 1123 -33.25 -12.01 16.09
CA VAL A 1123 -32.65 -12.26 17.38
C VAL A 1123 -33.55 -11.69 18.45
N LYS A 1124 -33.74 -10.38 18.43
CA LYS A 1124 -34.63 -9.82 19.42
C LYS A 1124 -36.08 -10.08 19.07
N SER A 1125 -36.35 -10.52 17.85
CA SER A 1125 -37.72 -10.69 17.39
C SER A 1125 -37.76 -11.87 16.43
N GLN A 1126 -38.91 -12.03 15.77
CA GLN A 1126 -39.10 -13.05 14.75
C GLN A 1126 -39.73 -12.36 13.53
N SER A 1127 -39.26 -12.73 12.35
CA SER A 1127 -39.77 -12.16 11.11
C SER A 1127 -40.25 -13.26 10.19
N GLN A 1128 -40.85 -12.85 9.08
CA GLN A 1128 -41.39 -13.78 8.10
C GLN A 1128 -40.50 -13.91 6.88
N ARG A 1129 -39.42 -13.16 6.80
CA ARG A 1129 -38.47 -13.28 5.69
C ARG A 1129 -37.79 -14.65 5.77
N TYR A 1130 -38.15 -15.52 4.83
CA TYR A 1130 -37.74 -16.91 4.89
C TYR A 1130 -36.24 -17.05 4.73
N GLY A 1131 -35.61 -17.71 5.69
CA GLY A 1131 -34.20 -18.01 5.58
C GLY A 1131 -33.32 -16.79 5.51
N PHE A 1132 -33.85 -15.63 5.89
CA PHE A 1132 -33.06 -14.41 5.88
C PHE A 1132 -31.87 -14.56 6.79
N CYS A 1133 -32.09 -14.99 8.01
CA CYS A 1133 -31.02 -15.44 8.87
C CYS A 1133 -31.07 -16.96 8.89
N GLY A 1134 -29.93 -17.58 8.64
CA GLY A 1134 -29.87 -19.03 8.52
C GLY A 1134 -29.97 -19.60 7.13
N GLY A 1135 -31.00 -19.25 6.39
CA GLY A 1135 -31.16 -19.76 5.04
C GLY A 1135 -31.70 -21.17 5.06
N ASP A 1136 -31.90 -21.70 3.86
CA ASP A 1136 -32.29 -23.09 3.57
C ASP A 1136 -33.18 -23.76 4.62
N GLY A 1137 -34.26 -23.11 4.98
CA GLY A 1137 -35.18 -23.63 5.97
C GLY A 1137 -36.05 -22.52 6.53
N GLU A 1138 -37.03 -22.91 7.33
CA GLU A 1138 -37.91 -21.95 7.99
C GLU A 1138 -37.52 -21.81 9.46
N HIS A 1139 -37.25 -20.58 9.86
CA HIS A 1139 -36.68 -20.34 11.17
C HIS A 1139 -37.70 -20.55 12.28
N ILE A 1140 -37.21 -20.90 13.46
CA ILE A 1140 -38.07 -21.13 14.60
C ILE A 1140 -37.61 -20.19 15.70
N PHE A 1141 -36.39 -20.39 16.16
CA PHE A 1141 -35.74 -19.45 17.07
C PHE A 1141 -34.25 -19.72 16.99
N SER A 1142 -33.48 -19.05 17.81
CA SER A 1142 -32.03 -19.17 17.71
C SER A 1142 -31.41 -18.71 19.02
N LEU A 1143 -30.08 -18.71 19.04
CA LEU A 1143 -29.38 -18.21 20.20
C LEU A 1143 -28.04 -17.65 19.73
N VAL A 1144 -27.47 -16.82 20.58
CA VAL A 1144 -26.24 -16.11 20.30
C VAL A 1144 -25.28 -16.36 21.45
N GLN A 1145 -24.00 -16.50 21.12
CA GLN A 1145 -23.02 -16.65 22.17
C GLN A 1145 -21.82 -15.79 21.85
N ALA A 1146 -21.11 -15.43 22.90
CA ALA A 1146 -19.92 -14.62 22.77
C ALA A 1146 -18.82 -15.42 22.09
N ALA A 1147 -17.76 -14.71 21.74
CA ALA A 1147 -16.65 -15.26 20.99
C ALA A 1147 -15.51 -14.26 21.04
N PRO A 1148 -14.27 -14.69 20.80
CA PRO A 1148 -13.17 -13.74 20.80
C PRO A 1148 -13.44 -12.64 19.80
N GLN A 1149 -13.61 -11.43 20.33
CA GLN A 1149 -13.77 -10.20 19.58
C GLN A 1149 -15.06 -10.15 18.78
N GLY A 1150 -15.93 -11.16 18.90
CA GLY A 1150 -17.17 -11.12 18.16
C GLY A 1150 -18.23 -12.01 18.77
N LEU A 1151 -19.30 -12.21 18.00
CA LEU A 1151 -20.46 -12.99 18.41
C LEU A 1151 -20.76 -14.08 17.41
N LEU A 1152 -21.31 -15.16 17.93
CA LEU A 1152 -21.65 -16.36 17.17
C LEU A 1152 -23.12 -16.69 17.36
N PHE A 1153 -23.73 -17.27 16.33
CA PHE A 1153 -25.14 -17.60 16.36
C PHE A 1153 -25.36 -19.10 16.24
N LEU A 1154 -26.30 -19.60 17.03
CA LEU A 1154 -26.87 -20.93 16.84
C LEU A 1154 -28.32 -20.76 16.45
N HIS A 1155 -28.69 -21.26 15.29
CA HIS A 1155 -30.01 -21.04 14.72
C HIS A 1155 -30.87 -22.29 14.90
N THR A 1156 -31.84 -22.23 15.81
CA THR A 1156 -32.72 -23.38 15.98
C THR A 1156 -33.76 -23.38 14.87
N VAL A 1157 -33.69 -24.38 14.00
CA VAL A 1157 -34.54 -24.41 12.82
C VAL A 1157 -35.22 -25.78 12.76
N LEU A 1158 -36.45 -25.80 12.26
CA LEU A 1158 -37.18 -27.01 11.96
C LEU A 1158 -37.25 -27.24 10.47
N VAL A 1159 -37.48 -28.50 10.10
CA VAL A 1159 -37.51 -28.88 8.70
C VAL A 1159 -38.28 -30.19 8.56
N PRO A 1160 -39.26 -30.25 7.67
CA PRO A 1160 -40.06 -31.46 7.55
C PRO A 1160 -39.22 -32.60 7.02
N SER A 1161 -39.61 -33.81 7.43
CA SER A 1161 -38.99 -35.02 6.92
C SER A 1161 -39.90 -35.77 5.98
N ASP A 1162 -41.20 -35.47 5.99
CA ASP A 1162 -42.18 -36.12 5.15
C ASP A 1162 -43.19 -35.09 4.68
N PHE A 1163 -44.13 -35.56 3.87
CA PHE A 1163 -45.18 -34.71 3.33
C PHE A 1163 -46.39 -35.58 3.06
N VAL A 1164 -47.56 -34.95 3.00
CA VAL A 1164 -48.81 -35.67 2.83
C VAL A 1164 -49.43 -35.29 1.49
N ASP A 1165 -49.72 -36.30 0.68
CA ASP A 1165 -50.33 -36.09 -0.63
C ASP A 1165 -51.84 -36.05 -0.45
N VAL A 1166 -52.44 -34.90 -0.70
CA VAL A 1166 -53.87 -34.71 -0.60
C VAL A 1166 -54.34 -33.93 -1.81
N ILE A 1167 -55.61 -34.10 -2.16
CA ILE A 1167 -56.16 -33.42 -3.32
C ILE A 1167 -56.90 -32.18 -2.85
N ALA A 1168 -56.78 -31.11 -3.63
CA ALA A 1168 -57.38 -29.83 -3.33
C ALA A 1168 -58.40 -29.47 -4.41
N ILE A 1169 -59.09 -28.36 -4.18
CA ILE A 1169 -60.14 -27.87 -5.06
C ILE A 1169 -59.84 -26.42 -5.38
N ALA A 1170 -60.40 -25.96 -6.49
CA ALA A 1170 -60.28 -24.56 -6.86
C ALA A 1170 -61.35 -23.70 -6.21
N GLY A 1171 -62.61 -24.08 -6.35
CA GLY A 1171 -63.69 -23.30 -5.76
C GLY A 1171 -65.01 -24.01 -5.95
N LEU A 1172 -66.07 -23.39 -5.44
CA LEU A 1172 -67.40 -23.94 -5.51
C LEU A 1172 -68.35 -23.01 -6.26
N CYS A 1173 -69.28 -23.62 -6.99
CA CYS A 1173 -70.39 -22.92 -7.61
C CYS A 1173 -71.66 -23.65 -7.25
N VAL A 1174 -72.59 -22.95 -6.61
CA VAL A 1174 -73.87 -23.51 -6.23
C VAL A 1174 -74.96 -22.71 -6.94
N ASN A 1175 -75.94 -23.41 -7.48
CA ASN A 1175 -77.04 -22.87 -8.27
C ASN A 1175 -76.55 -22.29 -9.58
N ASP A 1176 -75.25 -22.40 -9.88
CA ASP A 1176 -74.65 -21.72 -11.02
C ASP A 1176 -74.88 -20.22 -10.96
N GLU A 1177 -75.17 -19.69 -9.77
CA GLU A 1177 -75.41 -18.27 -9.58
C GLU A 1177 -74.54 -17.72 -8.47
N ILE A 1178 -74.22 -18.56 -7.49
CA ILE A 1178 -73.36 -18.20 -6.37
C ILE A 1178 -72.07 -19.00 -6.49
N ALA A 1179 -70.94 -18.32 -6.35
CA ALA A 1179 -69.63 -18.94 -6.46
C ALA A 1179 -68.95 -18.85 -5.10
N LEU A 1180 -68.75 -19.99 -4.46
CA LEU A 1180 -68.11 -20.03 -3.16
C LEU A 1180 -66.59 -20.06 -3.35
N THR A 1181 -65.91 -19.03 -2.88
CA THR A 1181 -64.50 -18.87 -3.15
C THR A 1181 -63.73 -18.58 -1.87
N LEU A 1182 -62.53 -19.14 -1.80
CA LEU A 1182 -61.67 -18.95 -0.65
C LEU A 1182 -61.21 -17.50 -0.59
N ARG A 1183 -61.02 -17.00 0.63
CA ARG A 1183 -60.70 -15.59 0.84
C ARG A 1183 -59.21 -15.35 1.07
N GLU A 1184 -58.64 -15.97 2.11
CA GLU A 1184 -57.28 -15.65 2.52
C GLU A 1184 -56.29 -16.53 1.77
N PRO A 1185 -55.39 -15.97 0.96
CA PRO A 1185 -54.56 -16.80 0.08
C PRO A 1185 -53.76 -17.87 0.81
N GLY A 1186 -53.26 -17.58 2.02
CA GLY A 1186 -52.51 -18.60 2.75
C GLY A 1186 -53.37 -19.82 3.05
N LEU A 1187 -54.65 -19.60 3.31
CA LEU A 1187 -55.57 -20.69 3.58
C LEU A 1187 -55.66 -21.60 2.35
N VAL A 1188 -55.88 -22.89 2.61
CA VAL A 1188 -56.05 -23.87 1.55
C VAL A 1188 -57.19 -24.80 1.90
N LEU A 1189 -58.12 -24.97 0.97
CA LEU A 1189 -59.12 -26.03 1.05
C LEU A 1189 -58.61 -27.27 0.35
N PHE A 1190 -59.08 -28.41 0.81
CA PHE A 1190 -58.65 -29.67 0.24
C PHE A 1190 -59.74 -30.70 0.49
N THR A 1191 -59.63 -31.81 -0.22
CA THR A 1191 -60.62 -32.87 -0.20
C THR A 1191 -59.93 -34.12 0.33
N HIS A 1192 -60.14 -34.39 1.62
CA HIS A 1192 -59.69 -35.66 2.17
C HIS A 1192 -60.45 -36.79 1.52
N GLU A 1193 -59.72 -37.82 1.10
CA GLU A 1193 -60.28 -38.95 0.36
C GLU A 1193 -60.89 -38.47 -0.96
N LEU A 1194 -61.46 -39.39 -1.74
CA LEU A 1194 -62.04 -39.07 -3.02
C LEU A 1194 -63.45 -39.62 -3.11
N GLN A 1195 -64.09 -39.37 -4.24
CA GLN A 1195 -65.46 -39.80 -4.51
C GLN A 1195 -65.55 -41.27 -4.90
N ASN A 1196 -64.46 -42.02 -4.75
CA ASN A 1196 -64.49 -43.43 -5.11
C ASN A 1196 -65.57 -44.16 -4.33
N HIS A 1197 -65.68 -43.88 -3.03
CA HIS A 1197 -66.76 -44.41 -2.21
C HIS A 1197 -67.73 -43.31 -1.82
N THR A 1198 -67.80 -42.24 -2.61
CA THR A 1198 -68.70 -41.11 -2.37
C THR A 1198 -68.47 -40.54 -0.96
N ALA A 1199 -67.21 -40.23 -0.67
CA ALA A 1199 -66.84 -39.58 0.58
C ALA A 1199 -65.64 -38.69 0.27
N THR A 1200 -65.93 -37.43 -0.05
CA THR A 1200 -64.94 -36.39 -0.32
C THR A 1200 -64.95 -35.44 0.87
N GLU A 1201 -64.12 -35.75 1.86
CA GLU A 1201 -64.16 -34.97 3.09
C GLU A 1201 -63.49 -33.63 2.84
N TYR A 1202 -64.26 -32.57 2.96
CA TYR A 1202 -63.78 -31.23 2.66
C TYR A 1202 -63.19 -30.61 3.92
N PHE A 1203 -61.92 -30.28 3.86
CA PHE A 1203 -61.24 -29.63 4.98
C PHE A 1203 -60.44 -28.44 4.49
N VAL A 1204 -59.99 -27.64 5.45
CA VAL A 1204 -59.16 -26.48 5.17
C VAL A 1204 -58.03 -26.44 6.19
N SER A 1205 -56.93 -25.81 5.80
CA SER A 1205 -55.74 -25.70 6.64
C SER A 1205 -54.85 -24.61 6.07
N SER A 1206 -53.65 -24.49 6.62
CA SER A 1206 -52.66 -23.58 6.06
C SER A 1206 -52.01 -24.23 4.85
N ARG A 1207 -51.56 -23.38 3.92
CA ARG A 1207 -50.87 -23.91 2.75
C ARG A 1207 -49.62 -24.68 3.15
N ARG A 1208 -48.88 -24.15 4.12
CA ARG A 1208 -47.66 -24.83 4.54
C ARG A 1208 -47.99 -26.08 5.35
N MET A 1209 -48.71 -25.91 6.44
CA MET A 1209 -48.92 -26.96 7.42
C MET A 1209 -50.25 -27.67 7.23
N PHE A 1210 -50.36 -28.83 7.88
CA PHE A 1210 -51.56 -29.66 7.85
C PHE A 1210 -52.38 -29.40 9.10
N GLU A 1211 -53.42 -28.58 8.95
CA GLU A 1211 -54.27 -28.16 10.07
C GLU A 1211 -55.71 -28.36 9.64
N PRO A 1212 -56.13 -29.62 9.54
CA PRO A 1212 -57.44 -29.92 8.95
C PRO A 1212 -58.59 -29.33 9.75
N ARG A 1213 -59.60 -28.87 9.03
CA ARG A 1213 -60.80 -28.32 9.63
C ARG A 1213 -61.85 -28.14 8.56
N LYS A 1214 -63.10 -28.33 8.94
CA LYS A 1214 -64.18 -28.20 7.98
C LYS A 1214 -64.29 -26.73 7.56
N PRO A 1215 -64.38 -26.44 6.27
CA PRO A 1215 -64.48 -25.05 5.84
C PRO A 1215 -65.70 -24.37 6.46
N THR A 1216 -65.54 -23.09 6.75
CA THR A 1216 -66.56 -22.31 7.44
C THR A 1216 -67.01 -21.13 6.59
N VAL A 1217 -68.25 -20.70 6.84
CA VAL A 1217 -68.84 -19.62 6.07
C VAL A 1217 -68.02 -18.35 6.22
N SER A 1218 -67.52 -18.09 7.42
CA SER A 1218 -66.73 -16.88 7.66
C SER A 1218 -65.41 -16.92 6.93
N ASP A 1219 -65.02 -18.09 6.41
CA ASP A 1219 -63.74 -18.20 5.69
C ASP A 1219 -63.81 -17.75 4.25
N PHE A 1220 -65.01 -17.57 3.69
CA PHE A 1220 -65.16 -17.44 2.24
C PHE A 1220 -65.92 -16.17 1.88
N VAL A 1221 -66.04 -15.97 0.57
CA VAL A 1221 -66.80 -14.88 -0.02
C VAL A 1221 -67.55 -15.44 -1.23
N GLN A 1222 -68.43 -14.61 -1.79
CA GLN A 1222 -69.30 -15.02 -2.87
C GLN A 1222 -68.97 -14.23 -4.11
N ILE A 1223 -68.98 -14.90 -5.25
CA ILE A 1223 -68.71 -14.28 -6.55
C ILE A 1223 -69.85 -14.65 -7.49
N GLU A 1224 -70.02 -13.82 -8.51
CA GLU A 1224 -71.10 -14.00 -9.48
C GLU A 1224 -70.64 -14.71 -10.75
N SER A 1225 -69.38 -15.11 -10.83
CA SER A 1225 -68.84 -15.75 -12.01
C SER A 1225 -68.45 -17.19 -11.67
N CYS A 1226 -68.55 -18.07 -12.67
CA CYS A 1226 -68.27 -19.48 -12.48
C CYS A 1226 -67.41 -20.02 -13.62
N VAL A 1227 -66.65 -21.08 -13.32
CA VAL A 1227 -65.81 -21.76 -14.28
C VAL A 1227 -65.86 -23.25 -13.98
N VAL A 1228 -65.27 -24.03 -14.89
CA VAL A 1228 -65.35 -25.48 -14.77
C VAL A 1228 -64.63 -25.94 -13.52
N THR A 1229 -63.56 -25.26 -13.14
CA THR A 1229 -62.80 -25.67 -11.97
C THR A 1229 -63.66 -25.64 -10.73
N TYR A 1230 -64.64 -24.75 -10.68
CA TYR A 1230 -65.54 -24.69 -9.54
C TYR A 1230 -66.46 -25.89 -9.55
N VAL A 1231 -66.42 -26.65 -8.45
CA VAL A 1231 -67.29 -27.81 -8.31
C VAL A 1231 -68.72 -27.32 -8.19
N ASN A 1232 -69.62 -27.96 -8.92
CA ASN A 1232 -70.97 -27.49 -9.10
C ASN A 1232 -71.93 -28.34 -8.27
N LEU A 1233 -72.92 -27.68 -7.66
CA LEU A 1233 -73.65 -28.29 -6.56
C LEU A 1233 -74.97 -27.55 -6.35
N THR A 1234 -75.86 -28.19 -5.61
CA THR A 1234 -77.17 -27.65 -5.31
C THR A 1234 -77.14 -26.99 -3.93
N ARG A 1235 -78.27 -26.38 -3.58
CA ARG A 1235 -78.38 -25.64 -2.32
C ARG A 1235 -78.54 -26.56 -1.12
N ASP A 1236 -79.22 -27.70 -1.30
CA ASP A 1236 -79.52 -28.56 -0.17
C ASP A 1236 -78.26 -29.17 0.42
N GLN A 1237 -77.24 -29.37 -0.39
CA GLN A 1237 -76.02 -29.98 0.10
C GLN A 1237 -75.05 -28.97 0.70
N LEU A 1238 -75.36 -27.67 0.61
CA LEU A 1238 -74.49 -26.67 1.24
C LEU A 1238 -74.34 -26.91 2.73
N PRO A 1239 -75.41 -27.11 3.51
CA PRO A 1239 -75.20 -27.52 4.91
C PRO A 1239 -74.49 -28.85 5.02
N ASP A 1240 -74.71 -29.75 4.07
CA ASP A 1240 -74.02 -31.03 4.09
C ASP A 1240 -72.52 -30.83 3.91
N VAL A 1241 -72.12 -29.98 2.97
CA VAL A 1241 -70.70 -29.74 2.80
C VAL A 1241 -70.21 -28.71 3.78
N ILE A 1242 -71.08 -27.79 4.19
CA ILE A 1242 -70.73 -26.76 5.17
C ILE A 1242 -71.75 -26.77 6.30
N PRO A 1243 -71.55 -27.57 7.34
CA PRO A 1243 -72.47 -27.51 8.49
C PRO A 1243 -72.48 -26.13 9.10
N ASP A 1244 -71.38 -25.39 8.95
CA ASP A 1244 -71.32 -24.03 9.42
C ASP A 1244 -72.30 -23.13 8.67
N TYR A 1245 -72.75 -23.56 7.50
CA TYR A 1245 -73.73 -22.78 6.76
C TYR A 1245 -75.11 -22.98 7.38
N ILE A 1246 -75.86 -21.89 7.47
CA ILE A 1246 -77.22 -21.93 7.98
C ILE A 1246 -78.11 -21.27 6.95
N ASP A 1247 -79.12 -22.00 6.49
CA ASP A 1247 -80.08 -21.47 5.52
C ASP A 1247 -81.29 -21.00 6.31
N VAL A 1248 -81.35 -19.69 6.55
CA VAL A 1248 -82.47 -19.13 7.29
C VAL A 1248 -83.76 -19.26 6.50
N ASN A 1249 -83.67 -19.22 5.16
CA ASN A 1249 -84.85 -19.29 4.32
C ASN A 1249 -85.57 -20.63 4.46
N LYS A 1250 -84.81 -21.72 4.38
CA LYS A 1250 -85.39 -23.06 4.38
C LYS A 1250 -85.70 -23.59 5.78
N THR A 1251 -85.26 -22.90 6.82
CA THR A 1251 -85.59 -23.31 8.19
C THR A 1251 -86.80 -22.58 8.74
N ARG A 1252 -87.03 -21.34 8.31
CA ARG A 1252 -88.17 -20.58 8.80
C ARG A 1252 -89.49 -21.15 8.28
N ASP A 1253 -89.52 -21.54 7.00
CA ASP A 1253 -90.73 -22.03 6.38
C ASP A 1253 -91.22 -23.33 7.03
N GLU A 1254 -90.32 -24.04 7.69
CA GLU A 1254 -90.65 -25.31 8.34
C GLU A 1254 -91.71 -25.12 9.42
N ASN B 31 -13.15 7.55 -70.29
CA ASN B 31 -13.75 6.31 -69.84
C ASN B 31 -12.82 5.57 -68.88
N PHE B 32 -11.94 4.75 -69.44
CA PHE B 32 -10.93 4.10 -68.60
C PHE B 32 -9.99 5.13 -67.99
N ARG B 33 -9.66 6.19 -68.73
CA ARG B 33 -8.92 7.27 -68.13
C ARG B 33 -9.71 7.90 -66.99
N ARG B 34 -11.04 7.97 -67.14
CA ARG B 34 -11.86 8.39 -66.01
C ARG B 34 -11.92 7.30 -64.96
N PHE B 35 -11.83 6.04 -65.38
CA PHE B 35 -11.81 4.95 -64.42
C PHE B 35 -10.54 5.02 -63.57
N PHE B 36 -9.49 5.64 -64.11
CA PHE B 36 -8.20 5.68 -63.45
C PHE B 36 -7.75 7.07 -63.03
N SER B 37 -8.38 8.13 -63.55
CA SER B 37 -8.02 9.48 -63.13
C SER B 37 -8.36 9.71 -61.67
N LYS B 38 -9.20 8.86 -61.09
CA LYS B 38 -9.54 8.97 -59.68
C LYS B 38 -8.33 8.81 -58.78
N PHE B 39 -7.26 8.18 -59.28
CA PHE B 39 -6.05 8.04 -58.49
C PHE B 39 -5.44 9.42 -58.27
N ASN B 40 -5.57 9.93 -57.05
CA ASN B 40 -5.01 11.23 -56.71
C ASN B 40 -3.51 11.08 -56.64
N VAL B 41 -2.81 11.56 -57.66
CA VAL B 41 -1.38 11.34 -57.80
C VAL B 41 -0.72 12.67 -58.13
N GLN B 42 0.55 12.80 -57.74
CA GLN B 42 1.30 14.00 -58.02
C GLN B 42 1.58 14.13 -59.52
N ALA B 43 2.00 15.33 -59.92
CA ALA B 43 2.19 15.62 -61.35
C ALA B 43 3.24 14.71 -62.00
N PRO B 44 4.49 14.66 -61.53
CA PRO B 44 5.49 13.84 -62.24
C PRO B 44 5.48 12.38 -61.78
N ALA B 45 4.57 11.59 -62.35
CA ALA B 45 4.40 10.21 -61.88
C ALA B 45 4.26 9.26 -63.05
N VAL B 46 4.86 8.07 -62.91
CA VAL B 46 4.56 6.95 -63.78
C VAL B 46 4.59 5.68 -62.92
N VAL B 47 3.43 5.02 -62.79
CA VAL B 47 3.32 3.89 -61.88
C VAL B 47 2.60 2.76 -62.60
N VAL B 48 2.88 1.53 -62.19
CA VAL B 48 2.14 0.36 -62.65
C VAL B 48 0.99 0.11 -61.69
N LEU B 49 -0.23 0.17 -62.18
CA LEU B 49 -1.37 -0.29 -61.41
C LEU B 49 -1.81 -1.65 -61.91
N GLY B 50 -2.59 -2.32 -61.08
CA GLY B 50 -3.00 -3.68 -61.42
C GLY B 50 -4.05 -4.16 -60.45
N GLY B 51 -4.52 -5.38 -60.69
CA GLY B 51 -5.58 -5.91 -59.86
C GLY B 51 -6.75 -6.39 -60.70
N TYR B 52 -7.95 -6.34 -60.13
CA TYR B 52 -9.15 -6.78 -60.82
C TYR B 52 -9.73 -5.61 -61.63
N LEU B 53 -8.90 -5.10 -62.52
CA LEU B 53 -9.23 -3.94 -63.32
C LEU B 53 -10.37 -4.26 -64.29
N PRO B 54 -11.25 -3.29 -64.56
CA PRO B 54 -12.38 -3.54 -65.47
C PRO B 54 -11.93 -4.00 -66.85
N ILE B 55 -12.50 -5.11 -67.31
CA ILE B 55 -12.19 -5.68 -68.60
C ILE B 55 -13.44 -5.86 -69.47
N GLY B 56 -14.54 -6.33 -68.88
CA GLY B 56 -15.77 -6.56 -69.62
C GLY B 56 -16.96 -6.52 -68.70
N GLU B 57 -18.11 -6.12 -69.27
CA GLU B 57 -19.34 -6.06 -68.46
C GLU B 57 -19.78 -7.45 -68.03
N ASN B 58 -19.85 -8.38 -68.98
CA ASN B 58 -20.31 -9.74 -68.72
C ASN B 58 -19.21 -10.72 -69.05
N GLN B 59 -17.97 -10.35 -68.73
CA GLN B 59 -16.82 -11.24 -68.92
C GLN B 59 -16.89 -12.28 -67.81
N GLY B 60 -17.55 -13.39 -68.12
CA GLY B 60 -17.83 -14.39 -67.12
C GLY B 60 -16.58 -15.12 -66.66
N VAL B 61 -16.71 -15.75 -65.50
CA VAL B 61 -15.64 -16.57 -64.94
C VAL B 61 -15.51 -17.81 -65.82
N ASN B 62 -14.40 -18.53 -65.67
CA ASN B 62 -14.12 -19.70 -66.49
C ASN B 62 -14.79 -20.97 -65.98
N SER B 63 -15.56 -20.88 -64.90
CA SER B 63 -16.22 -22.03 -64.30
C SER B 63 -17.45 -21.52 -63.55
N THR B 64 -18.01 -22.36 -62.68
CA THR B 64 -19.13 -21.99 -61.82
C THR B 64 -18.68 -21.89 -60.36
N TRP B 65 -17.49 -21.34 -60.15
CA TRP B 65 -16.86 -21.26 -58.85
C TRP B 65 -16.85 -19.82 -58.34
N TYR B 66 -17.15 -19.66 -57.05
CA TYR B 66 -17.12 -18.35 -56.42
C TYR B 66 -16.08 -18.26 -55.31
N CYS B 67 -15.50 -19.39 -54.88
CA CYS B 67 -14.53 -19.40 -53.80
C CYS B 67 -13.12 -19.36 -54.35
N ALA B 68 -12.15 -19.15 -53.46
CA ALA B 68 -10.76 -18.97 -53.82
C ALA B 68 -9.91 -20.16 -53.40
N GLY B 69 -8.76 -20.29 -54.06
CA GLY B 69 -7.82 -21.35 -53.79
C GLY B 69 -6.43 -21.05 -54.31
N GLN B 70 -5.76 -22.06 -54.85
CA GLN B 70 -4.44 -21.88 -55.43
C GLN B 70 -4.54 -21.05 -56.71
N HIS B 71 -3.76 -19.97 -56.78
CA HIS B 71 -3.80 -19.03 -57.89
C HIS B 71 -5.23 -18.58 -58.11
N PRO B 72 -5.81 -17.80 -57.19
CA PRO B 72 -7.26 -17.50 -57.28
C PRO B 72 -7.57 -16.47 -58.35
N THR B 73 -8.12 -16.94 -59.46
CA THR B 73 -8.60 -16.06 -60.53
C THR B 73 -10.10 -16.17 -60.72
N ALA B 74 -10.63 -17.36 -60.98
CA ALA B 74 -12.08 -17.53 -61.11
C ALA B 74 -12.69 -17.80 -59.74
N SER B 75 -12.37 -16.93 -58.80
CA SER B 75 -12.72 -17.09 -57.40
C SER B 75 -13.83 -16.12 -57.02
N GLY B 76 -14.77 -15.92 -57.92
CA GLY B 76 -15.87 -15.02 -57.65
C GLY B 76 -15.53 -13.61 -58.08
N VAL B 77 -16.50 -12.73 -57.91
CA VAL B 77 -16.33 -11.34 -58.31
C VAL B 77 -15.58 -10.61 -57.21
N HIS B 78 -14.25 -10.66 -57.27
CA HIS B 78 -13.46 -9.88 -56.33
C HIS B 78 -13.66 -8.39 -56.58
N GLY B 79 -13.61 -7.99 -57.86
CA GLY B 79 -13.82 -6.62 -58.25
C GLY B 79 -15.12 -6.52 -59.03
N ILE B 80 -15.97 -5.60 -58.61
CA ILE B 80 -17.27 -5.39 -59.22
C ILE B 80 -17.46 -3.91 -59.47
N PHE B 81 -17.97 -3.57 -60.65
CA PHE B 81 -18.18 -2.19 -61.04
C PHE B 81 -19.61 -2.04 -61.54
N VAL B 82 -20.24 -0.93 -61.16
CA VAL B 82 -21.63 -0.64 -61.49
C VAL B 82 -21.69 0.70 -62.21
N SER B 83 -22.36 0.71 -63.37
CA SER B 83 -22.60 1.97 -64.07
C SER B 83 -23.99 2.09 -64.68
N HIS B 84 -24.75 1.01 -64.79
CA HIS B 84 -26.06 1.03 -65.42
C HIS B 84 -27.06 0.28 -64.55
N ILE B 85 -28.34 0.58 -64.76
CA ILE B 85 -29.41 -0.08 -64.04
C ILE B 85 -30.69 0.13 -64.84
N ARG B 86 -31.57 -0.86 -64.81
CA ARG B 86 -32.92 -0.71 -65.36
C ARG B 86 -33.99 -0.59 -64.30
N GLY B 87 -33.70 -0.97 -63.05
CA GLY B 87 -34.65 -0.76 -61.98
C GLY B 87 -34.64 0.67 -61.48
N GLY B 88 -33.53 1.12 -60.92
CA GLY B 88 -33.39 2.50 -60.50
C GLY B 88 -33.89 2.81 -59.11
N HIS B 89 -34.69 1.92 -58.51
CA HIS B 89 -35.24 2.20 -57.19
C HIS B 89 -34.16 2.33 -56.13
N GLY B 90 -33.08 1.59 -56.27
CA GLY B 90 -31.98 1.66 -55.32
C GLY B 90 -30.95 0.65 -55.75
N PHE B 91 -29.78 0.75 -55.12
CA PHE B 91 -28.66 -0.14 -55.46
C PHE B 91 -28.31 -0.90 -54.19
N GLU B 92 -29.07 -1.95 -53.89
CA GLU B 92 -28.81 -2.76 -52.70
C GLU B 92 -27.97 -3.94 -53.11
N ILE B 93 -26.83 -4.11 -52.45
CA ILE B 93 -25.92 -5.21 -52.75
C ILE B 93 -25.35 -5.75 -51.43
N GLY B 94 -25.54 -7.05 -51.20
CA GLY B 94 -24.97 -7.71 -50.05
C GLY B 94 -24.02 -8.82 -50.42
N ILE B 95 -22.83 -8.82 -49.83
CA ILE B 95 -21.78 -9.77 -50.19
C ILE B 95 -21.35 -10.56 -48.97
N SER B 96 -21.22 -11.86 -49.16
CA SER B 96 -20.81 -12.80 -48.10
C SER B 96 -20.02 -13.91 -48.78
N GLN B 97 -19.83 -15.02 -48.05
CA GLN B 97 -19.05 -16.15 -48.51
C GLN B 97 -19.92 -17.36 -48.82
N GLU B 98 -19.53 -18.10 -49.85
CA GLU B 98 -20.23 -19.33 -50.21
C GLU B 98 -20.20 -20.37 -49.11
N PRO B 99 -19.08 -20.68 -48.44
CA PRO B 99 -19.11 -21.73 -47.42
C PRO B 99 -20.02 -21.43 -46.24
N PHE B 100 -20.57 -20.21 -46.16
CA PHE B 100 -21.49 -19.84 -45.08
C PHE B 100 -20.84 -20.03 -43.72
N ASP B 101 -19.77 -19.28 -43.48
CA ASP B 101 -19.09 -19.26 -42.20
C ASP B 101 -19.46 -17.96 -41.48
N PRO B 102 -20.54 -17.94 -40.71
CA PRO B 102 -21.04 -16.67 -40.15
C PRO B 102 -20.24 -16.12 -38.99
N SER B 103 -19.11 -16.73 -38.62
CA SER B 103 -18.30 -16.19 -37.54
C SER B 103 -17.69 -14.84 -37.92
N GLY B 104 -17.59 -14.56 -39.22
CA GLY B 104 -17.05 -13.32 -39.70
C GLY B 104 -18.12 -12.28 -40.01
N TYR B 105 -17.67 -11.16 -40.56
CA TYR B 105 -18.53 -10.04 -40.90
C TYR B 105 -19.11 -10.23 -42.30
N GLN B 106 -20.19 -9.51 -42.57
CA GLN B 106 -20.83 -9.50 -43.88
C GLN B 106 -21.16 -8.07 -44.25
N LEU B 107 -21.30 -7.82 -45.54
CA LEU B 107 -21.63 -6.50 -46.06
C LEU B 107 -23.01 -6.47 -46.71
N TYR B 108 -23.80 -5.48 -46.32
CA TYR B 108 -24.98 -5.05 -47.03
C TYR B 108 -24.77 -3.58 -47.37
N LEU B 109 -24.97 -3.23 -48.64
CA LEU B 109 -24.84 -1.85 -49.08
C LEU B 109 -26.08 -1.48 -49.85
N HIS B 110 -26.38 -0.18 -49.88
CA HIS B 110 -27.54 0.31 -50.63
C HIS B 110 -27.32 1.75 -51.05
N LYS B 111 -27.20 1.97 -52.35
CA LYS B 111 -27.21 3.31 -52.89
C LYS B 111 -28.66 3.74 -53.10
N ALA B 112 -28.91 5.03 -52.97
CA ALA B 112 -30.27 5.55 -53.00
C ALA B 112 -30.83 5.48 -54.41
N THR B 113 -32.02 6.05 -54.59
CA THR B 113 -32.75 5.90 -55.84
C THR B 113 -32.07 6.66 -56.98
N ASN B 114 -32.01 7.99 -56.87
CA ASN B 114 -31.51 8.83 -57.95
C ASN B 114 -30.51 9.84 -57.39
N GLY B 115 -29.98 10.68 -58.28
CA GLY B 115 -29.08 11.74 -57.87
C GLY B 115 -27.65 11.24 -57.71
N ASN B 116 -26.80 12.16 -57.27
CA ASN B 116 -25.42 11.85 -56.90
C ASN B 116 -25.21 12.05 -55.41
N THR B 117 -25.49 13.25 -54.88
CA THR B 117 -25.46 13.45 -53.44
C THR B 117 -26.68 12.82 -52.79
N ASN B 118 -27.84 12.93 -53.43
CA ASN B 118 -29.05 12.28 -52.94
C ASN B 118 -28.95 10.77 -53.05
N ALA B 119 -28.00 10.27 -53.86
CA ALA B 119 -27.74 8.85 -53.99
C ALA B 119 -26.74 8.37 -52.96
N THR B 120 -26.68 9.03 -51.81
CA THR B 120 -25.78 8.65 -50.74
C THR B 120 -25.98 7.18 -50.40
N ALA B 121 -24.96 6.37 -50.66
CA ALA B 121 -25.09 4.93 -50.54
C ALA B 121 -24.87 4.50 -49.10
N ARG B 122 -25.82 3.74 -48.55
CA ARG B 122 -25.67 3.22 -47.21
C ARG B 122 -24.79 1.98 -47.23
N LEU B 123 -23.85 1.94 -46.29
CA LEU B 123 -22.88 0.86 -46.15
C LEU B 123 -22.99 0.28 -44.75
N ARG B 124 -22.95 -1.04 -44.67
CA ARG B 124 -23.14 -1.74 -43.39
C ARG B 124 -22.14 -2.88 -43.29
N ILE B 125 -21.06 -2.65 -42.55
CA ILE B 125 -20.14 -3.73 -42.17
C ILE B 125 -20.59 -4.23 -40.80
N CYS B 126 -21.35 -5.31 -40.79
CA CYS B 126 -21.86 -5.90 -39.56
C CYS B 126 -22.03 -7.39 -39.77
N GLN B 127 -22.12 -8.11 -38.66
CA GLN B 127 -22.47 -9.52 -38.72
C GLN B 127 -24.00 -9.66 -38.64
N PHE B 128 -24.67 -9.01 -39.59
CA PHE B 128 -26.13 -8.93 -39.64
C PHE B 128 -26.73 -10.33 -39.74
N PRO B 129 -28.04 -10.48 -39.48
CA PRO B 129 -28.67 -11.79 -39.66
C PRO B 129 -28.80 -12.17 -41.13
N SER B 130 -27.67 -12.52 -41.73
CA SER B 130 -27.62 -12.88 -43.13
C SER B 130 -28.40 -14.15 -43.38
N ILE B 131 -28.98 -14.25 -44.57
CA ILE B 131 -29.81 -15.37 -44.97
C ILE B 131 -29.12 -16.07 -46.14
N LYS B 132 -29.02 -17.41 -46.07
CA LYS B 132 -28.44 -18.16 -47.17
C LYS B 132 -29.15 -17.86 -48.48
N THR B 133 -30.48 -17.84 -48.44
CA THR B 133 -31.26 -17.43 -49.60
C THR B 133 -31.14 -15.91 -49.78
N LEU B 134 -31.04 -15.48 -51.04
CA LEU B 134 -30.86 -14.07 -51.36
C LEU B 134 -32.20 -13.34 -51.24
N GLY B 135 -32.55 -13.03 -50.00
CA GLY B 135 -33.78 -12.31 -49.71
C GLY B 135 -34.32 -12.64 -48.33
N PRO B 136 -35.34 -11.87 -47.89
CA PRO B 136 -35.91 -12.09 -46.55
C PRO B 136 -37.06 -13.11 -46.55
N THR B 137 -36.73 -14.36 -46.92
CA THR B 137 -37.74 -15.42 -46.94
C THR B 137 -37.23 -16.72 -46.35
N ALA B 138 -36.07 -16.73 -45.69
CA ALA B 138 -35.51 -17.95 -45.14
C ALA B 138 -34.78 -17.61 -43.83
N ASN B 139 -34.15 -18.63 -43.26
CA ASN B 139 -33.46 -18.47 -41.98
C ASN B 139 -32.35 -17.42 -42.08
N ASN B 140 -32.24 -16.60 -41.04
CA ASN B 140 -31.25 -15.55 -40.94
C ASN B 140 -30.18 -15.92 -39.91
N ASP B 141 -29.01 -15.31 -40.05
CA ASP B 141 -27.90 -15.60 -39.15
C ASP B 141 -28.16 -15.05 -37.75
N VAL B 142 -27.53 -15.70 -36.76
CA VAL B 142 -27.64 -15.28 -35.37
C VAL B 142 -26.27 -14.91 -34.80
N THR B 143 -25.34 -14.51 -35.65
CA THR B 143 -23.99 -14.13 -35.22
C THR B 143 -23.84 -12.62 -35.13
N ILE B 144 -24.87 -11.94 -34.61
CA ILE B 144 -24.90 -10.48 -34.57
C ILE B 144 -24.33 -10.05 -33.23
N GLY B 145 -23.51 -10.89 -32.61
CA GLY B 145 -22.97 -10.66 -31.29
C GLY B 145 -22.51 -9.24 -31.03
N ARG B 146 -21.43 -8.81 -31.68
CA ARG B 146 -21.01 -7.43 -31.53
C ARG B 146 -21.91 -6.54 -32.39
N ASN B 147 -21.95 -5.25 -32.04
CA ASN B 147 -22.85 -4.33 -32.71
C ASN B 147 -22.61 -4.29 -34.21
N CYS B 148 -21.46 -3.78 -34.63
CA CYS B 148 -21.14 -3.59 -36.04
C CYS B 148 -19.67 -3.24 -36.17
N LEU B 149 -19.23 -3.06 -37.41
CA LEU B 149 -17.92 -2.49 -37.69
C LEU B 149 -18.00 -1.21 -38.51
N PHE B 150 -19.08 -0.99 -39.26
CA PHE B 150 -19.24 0.22 -40.05
C PHE B 150 -20.69 0.34 -40.47
N ASN B 151 -21.30 1.50 -40.22
CA ASN B 151 -22.66 1.78 -40.66
C ASN B 151 -22.76 3.27 -41.00
N LYS B 152 -22.59 3.60 -42.27
CA LYS B 152 -22.67 4.97 -42.73
C LYS B 152 -23.11 5.00 -44.18
N ALA B 153 -23.61 6.16 -44.60
CA ALA B 153 -24.08 6.38 -45.96
C ALA B 153 -23.08 7.28 -46.68
N ILE B 154 -22.64 6.85 -47.86
CA ILE B 154 -21.64 7.59 -48.62
C ILE B 154 -22.11 7.90 -50.04
N PRO B 155 -22.05 9.15 -50.47
CA PRO B 155 -22.47 9.48 -51.84
C PRO B 155 -21.30 9.42 -52.82
N ALA B 156 -21.63 9.57 -54.10
CA ALA B 156 -20.67 9.57 -55.20
C ALA B 156 -21.35 10.26 -56.38
N HIS B 157 -20.77 10.11 -57.58
CA HIS B 157 -21.38 10.64 -58.78
C HIS B 157 -21.66 9.48 -59.72
N MET B 158 -22.78 9.56 -60.42
CA MET B 158 -23.25 8.49 -61.30
C MET B 158 -23.17 8.90 -62.76
N SER B 159 -22.61 8.02 -63.59
CA SER B 159 -22.51 8.26 -65.01
C SER B 159 -22.53 6.92 -65.74
N GLU B 160 -22.89 6.97 -67.02
CA GLU B 160 -22.96 5.74 -67.80
C GLU B 160 -21.59 5.19 -68.15
N HIS B 161 -20.66 6.05 -68.56
CA HIS B 161 -19.30 5.63 -68.88
C HIS B 161 -18.40 5.57 -67.67
N SER B 162 -18.90 5.93 -66.49
CA SER B 162 -18.13 5.85 -65.25
C SER B 162 -18.73 4.78 -64.37
N VAL B 163 -17.86 3.97 -63.74
CA VAL B 163 -18.28 2.84 -62.94
C VAL B 163 -17.81 3.02 -61.51
N VAL B 164 -18.70 2.75 -60.56
CA VAL B 164 -18.34 2.70 -59.14
C VAL B 164 -17.93 1.27 -58.83
N GLY B 165 -16.73 1.09 -58.29
CA GLY B 165 -16.12 -0.21 -58.17
C GLY B 165 -15.89 -0.62 -56.73
N ILE B 166 -15.99 -1.92 -56.49
CA ILE B 166 -15.67 -2.53 -55.20
C ILE B 166 -14.81 -3.75 -55.47
N THR B 167 -13.60 -3.77 -54.92
CA THR B 167 -12.67 -4.86 -55.17
C THR B 167 -12.16 -5.39 -53.84
N TRP B 168 -11.74 -6.65 -53.86
CA TRP B 168 -11.31 -7.32 -52.65
C TRP B 168 -10.31 -8.44 -52.94
N ASP B 169 -9.34 -8.57 -52.03
CA ASP B 169 -8.53 -9.78 -51.92
C ASP B 169 -7.78 -9.70 -50.59
N ASN B 170 -7.76 -10.82 -49.86
CA ASN B 170 -7.16 -10.87 -48.54
C ASN B 170 -7.75 -9.80 -47.62
N ASP B 171 -6.90 -9.17 -46.80
CA ASP B 171 -7.41 -8.13 -45.92
C ASP B 171 -7.82 -6.89 -46.67
N ARG B 172 -7.33 -6.69 -47.89
CA ARG B 172 -7.52 -5.42 -48.57
C ARG B 172 -8.93 -5.32 -49.12
N VAL B 173 -9.67 -4.32 -48.66
CA VAL B 173 -10.99 -3.97 -49.19
C VAL B 173 -10.91 -2.56 -49.74
N THR B 174 -11.24 -2.40 -51.02
CA THR B 174 -11.15 -1.12 -51.69
C THR B 174 -12.51 -0.71 -52.23
N VAL B 175 -12.90 0.52 -51.92
CA VAL B 175 -14.14 1.09 -52.40
C VAL B 175 -13.80 2.18 -53.41
N PHE B 176 -14.17 1.95 -54.66
CA PHE B 176 -13.95 2.93 -55.72
C PHE B 176 -15.21 3.78 -55.83
N SER B 177 -15.28 4.79 -54.98
CA SER B 177 -16.43 5.67 -54.93
C SER B 177 -15.96 7.01 -54.38
N ASP B 178 -15.91 8.03 -55.25
CA ASP B 178 -15.39 9.34 -54.88
C ASP B 178 -13.96 9.20 -54.37
N LYS B 179 -13.80 9.10 -53.05
CA LYS B 179 -12.50 8.89 -52.45
C LYS B 179 -12.28 7.40 -52.23
N ILE B 180 -11.08 6.93 -52.57
CA ILE B 180 -10.77 5.52 -52.40
C ILE B 180 -10.75 5.19 -50.92
N TYR B 181 -11.29 4.03 -50.56
CA TYR B 181 -11.37 3.61 -49.17
C TYR B 181 -10.76 2.24 -49.00
N TYR B 182 -9.73 2.15 -48.17
CA TYR B 182 -9.11 0.89 -47.83
C TYR B 182 -9.70 0.37 -46.52
N PHE B 183 -9.76 -0.96 -46.43
CA PHE B 183 -10.18 -1.66 -45.22
C PHE B 183 -9.35 -2.93 -45.14
N TYR B 184 -8.87 -3.25 -43.94
CA TYR B 184 -7.95 -4.37 -43.76
C TYR B 184 -8.51 -5.35 -42.75
N PHE B 185 -8.90 -6.53 -43.22
CA PHE B 185 -9.33 -7.62 -42.34
C PHE B 185 -9.45 -8.91 -43.14
N LYS B 186 -9.06 -10.01 -42.50
CA LYS B 186 -9.11 -11.33 -43.14
C LYS B 186 -10.53 -11.87 -43.02
N ASN B 187 -11.23 -11.93 -44.15
CA ASN B 187 -12.60 -12.41 -44.18
C ASN B 187 -12.93 -12.75 -45.61
N ASP B 188 -13.29 -14.01 -45.86
CA ASP B 188 -13.56 -14.47 -47.20
C ASP B 188 -15.03 -14.26 -47.50
N TRP B 189 -15.30 -13.59 -48.61
CA TRP B 189 -16.64 -13.35 -49.11
C TRP B 189 -16.65 -13.81 -50.56
N SER B 190 -17.65 -14.61 -50.91
CA SER B 190 -17.69 -15.16 -52.26
C SER B 190 -19.07 -15.15 -52.90
N ARG B 191 -20.14 -14.96 -52.15
CA ARG B 191 -21.48 -14.95 -52.72
C ARG B 191 -22.15 -13.61 -52.42
N VAL B 192 -22.80 -13.07 -53.44
CA VAL B 192 -23.35 -11.72 -53.40
C VAL B 192 -24.80 -11.76 -53.83
N ALA B 193 -25.58 -10.78 -53.36
CA ALA B 193 -26.96 -10.63 -53.76
C ALA B 193 -27.25 -9.16 -53.99
N THR B 194 -28.16 -8.88 -54.91
CA THR B 194 -28.55 -7.52 -55.26
C THR B 194 -30.06 -7.49 -55.35
N LYS B 195 -30.70 -6.72 -54.48
CA LYS B 195 -32.16 -6.65 -54.51
C LYS B 195 -32.66 -6.07 -55.83
N CYS B 196 -31.98 -5.06 -56.34
CA CYS B 196 -32.41 -4.43 -57.60
C CYS B 196 -32.00 -5.30 -58.79
N TYR B 197 -32.68 -6.44 -58.92
CA TYR B 197 -32.42 -7.34 -60.04
C TYR B 197 -33.09 -6.87 -61.33
N ASN B 198 -33.79 -5.74 -61.29
CA ASN B 198 -34.46 -5.20 -62.47
C ASN B 198 -33.39 -4.56 -63.36
N SER B 199 -32.57 -5.44 -63.94
CA SER B 199 -31.49 -5.06 -64.85
C SER B 199 -30.90 -6.35 -65.41
N GLY B 200 -29.88 -6.20 -66.26
CA GLY B 200 -29.22 -7.32 -66.91
C GLY B 200 -27.74 -7.33 -66.61
N GLY B 201 -27.06 -8.28 -67.26
CA GLY B 201 -25.63 -8.41 -67.07
C GLY B 201 -24.85 -7.22 -67.58
N CYS B 202 -25.29 -6.64 -68.71
CA CYS B 202 -24.58 -5.50 -69.28
C CYS B 202 -24.54 -4.32 -68.32
N ALA B 203 -25.55 -4.20 -67.45
CA ALA B 203 -25.53 -3.16 -66.44
C ALA B 203 -24.40 -3.35 -65.43
N MET B 204 -23.95 -4.59 -65.25
CA MET B 204 -22.89 -4.90 -64.31
C MET B 204 -21.57 -5.11 -65.05
N GLN B 205 -20.47 -4.93 -64.32
CA GLN B 205 -19.12 -5.23 -64.81
C GLN B 205 -18.39 -5.96 -63.69
N TYR B 206 -18.26 -7.28 -63.83
CA TYR B 206 -17.65 -8.11 -62.81
C TYR B 206 -16.29 -8.60 -63.30
N VAL B 207 -15.25 -8.35 -62.51
CA VAL B 207 -13.89 -8.77 -62.82
C VAL B 207 -13.37 -9.62 -61.67
N TYR B 208 -12.74 -10.73 -62.02
CA TYR B 208 -12.28 -11.71 -61.05
C TYR B 208 -10.78 -11.97 -61.13
N GLU B 209 -10.08 -11.38 -62.10
CA GLU B 209 -8.69 -11.72 -62.35
C GLU B 209 -7.77 -10.54 -62.08
N PRO B 210 -6.56 -10.79 -61.58
CA PRO B 210 -5.60 -9.70 -61.40
C PRO B 210 -4.79 -9.45 -62.66
N THR B 211 -4.86 -8.24 -63.17
CA THR B 211 -4.07 -7.82 -64.33
C THR B 211 -3.55 -6.42 -64.08
N TYR B 212 -2.48 -6.06 -64.77
CA TYR B 212 -1.73 -4.85 -64.47
C TYR B 212 -1.39 -4.09 -65.74
N TYR B 213 -1.22 -2.77 -65.58
CA TYR B 213 -0.88 -1.84 -66.66
C TYR B 213 0.09 -0.78 -66.15
N MET B 214 0.97 -0.34 -67.04
CA MET B 214 1.82 0.81 -66.76
C MET B 214 1.02 2.08 -66.94
N LEU B 215 0.88 2.86 -65.86
CA LEU B 215 0.20 4.15 -65.92
C LEU B 215 1.22 5.28 -65.88
N ASN B 216 1.19 6.13 -66.89
CA ASN B 216 2.03 7.32 -66.95
C ASN B 216 1.14 8.54 -66.84
N VAL B 217 1.47 9.45 -65.92
CA VAL B 217 0.75 10.71 -65.81
C VAL B 217 1.74 11.84 -65.60
N THR B 218 1.64 12.88 -66.42
CA THR B 218 2.47 14.07 -66.27
C THR B 218 1.70 15.37 -66.42
N SER B 219 0.50 15.36 -67.00
CA SER B 219 -0.25 16.59 -67.23
C SER B 219 -0.85 17.17 -65.96
N ALA B 220 -0.77 16.46 -64.83
CA ALA B 220 -1.39 16.90 -63.58
C ALA B 220 -2.88 17.13 -63.78
N GLY B 221 -3.52 16.23 -64.53
CA GLY B 221 -4.94 16.32 -64.83
C GLY B 221 -5.52 14.93 -64.97
N GLU B 222 -6.83 14.88 -65.20
CA GLU B 222 -7.50 13.60 -65.37
C GLU B 222 -6.98 12.85 -66.58
N ASP B 223 -6.36 13.55 -67.53
CA ASP B 223 -5.84 12.92 -68.74
C ASP B 223 -4.54 12.19 -68.40
N GLY B 224 -4.68 10.94 -67.96
CA GLY B 224 -3.54 10.09 -67.71
C GLY B 224 -2.74 9.93 -68.98
N ILE B 225 -1.42 10.07 -68.93
CA ILE B 225 -0.62 10.06 -70.15
C ILE B 225 -0.72 8.71 -70.85
N SER B 226 -0.60 7.62 -70.10
CA SER B 226 -0.65 6.32 -70.73
C SER B 226 -1.10 5.27 -69.74
N TYR B 227 -1.68 4.20 -70.27
CA TYR B 227 -2.06 3.01 -69.52
C TYR B 227 -1.58 1.79 -70.29
N GLN B 228 -0.33 1.83 -70.69
CA GLN B 228 0.22 0.75 -71.48
C GLN B 228 0.31 -0.51 -70.61
N PRO B 229 0.07 -1.68 -71.19
CA PRO B 229 0.19 -2.91 -70.42
C PRO B 229 1.65 -3.25 -70.12
N CYS B 230 1.94 -3.50 -68.85
CA CYS B 230 3.28 -3.86 -68.45
C CYS B 230 3.54 -5.33 -68.78
N THR B 231 4.82 -5.69 -68.84
CA THR B 231 5.21 -7.01 -69.30
C THR B 231 5.82 -7.87 -68.20
N ALA B 232 6.89 -7.41 -67.55
CA ALA B 232 7.60 -8.24 -66.59
C ALA B 232 8.09 -7.37 -65.44
N ASN B 233 8.31 -8.03 -64.30
CA ASN B 233 8.78 -7.38 -63.07
C ASN B 233 7.84 -6.26 -62.64
N CYS B 234 6.61 -6.30 -63.13
CA CYS B 234 5.64 -5.24 -62.87
C CYS B 234 5.06 -5.35 -61.48
N ILE B 235 4.96 -6.56 -60.92
CA ILE B 235 4.46 -6.72 -59.57
C ILE B 235 5.38 -6.01 -58.59
N GLY B 236 6.68 -6.26 -58.69
CA GLY B 236 7.63 -5.50 -57.88
C GLY B 236 7.66 -4.05 -58.27
N TYR B 237 7.53 -3.75 -59.57
CA TYR B 237 7.49 -2.38 -60.01
C TYR B 237 6.35 -1.64 -59.33
N ALA B 238 5.16 -2.23 -59.36
CA ALA B 238 4.04 -1.67 -58.61
C ALA B 238 4.35 -1.69 -57.13
N ALA B 239 4.98 -2.76 -56.65
CA ALA B 239 5.30 -2.93 -55.24
C ALA B 239 6.30 -1.91 -54.75
N ASN B 240 6.96 -1.20 -55.65
CA ASN B 240 7.96 -0.22 -55.29
C ASN B 240 7.70 1.17 -55.83
N VAL B 241 6.89 1.33 -56.85
CA VAL B 241 6.66 2.65 -57.42
C VAL B 241 5.42 3.25 -56.77
N PHE B 242 5.49 4.55 -56.52
CA PHE B 242 4.42 5.31 -55.90
C PHE B 242 4.64 6.79 -56.23
N ALA B 243 3.90 7.66 -55.55
CA ALA B 243 4.00 9.10 -55.75
C ALA B 243 4.47 9.78 -54.46
N THR B 244 5.22 10.86 -54.61
CA THR B 244 5.73 11.61 -53.46
C THR B 244 4.76 12.72 -53.13
N GLU B 245 3.98 12.54 -52.06
CA GLU B 245 3.04 13.56 -51.64
C GLU B 245 3.77 14.81 -51.13
N PRO B 246 3.15 15.99 -51.27
CA PRO B 246 3.81 17.21 -50.79
C PRO B 246 4.10 17.19 -49.30
N ASN B 247 3.26 16.51 -48.51
CA ASN B 247 3.46 16.43 -47.08
C ASN B 247 4.51 15.41 -46.69
N GLY B 248 5.14 14.73 -47.65
CA GLY B 248 6.12 13.73 -47.32
C GLY B 248 5.54 12.42 -46.87
N HIS B 249 4.27 12.16 -47.18
CA HIS B 249 3.61 10.93 -46.77
C HIS B 249 3.54 9.96 -47.93
N ILE B 250 3.66 8.68 -47.60
CA ILE B 250 3.49 7.63 -48.61
C ILE B 250 2.04 7.62 -49.08
N PRO B 251 1.79 7.36 -50.35
CA PRO B 251 0.42 7.03 -50.74
C PRO B 251 -0.01 5.80 -49.98
N GLU B 252 -1.23 5.85 -49.46
CA GLU B 252 -1.68 4.79 -48.58
C GLU B 252 -1.95 3.51 -49.37
N GLY B 253 -2.05 2.41 -48.63
CA GLY B 253 -2.27 1.12 -49.25
C GLY B 253 -1.04 0.53 -49.90
N PHE B 254 0.14 1.08 -49.66
CA PHE B 254 1.35 0.55 -50.27
C PHE B 254 1.69 -0.82 -49.67
N SER B 255 2.27 -1.68 -50.50
CA SER B 255 2.60 -3.03 -50.06
C SER B 255 3.61 -3.02 -48.93
N PHE B 256 4.62 -2.16 -49.03
CA PHE B 256 5.69 -2.10 -48.03
C PHE B 256 6.35 -3.47 -47.89
N ASN B 257 6.72 -4.05 -49.03
CA ASN B 257 7.28 -5.39 -49.07
C ASN B 257 8.68 -5.47 -48.46
N ASN B 258 9.40 -4.36 -48.37
CA ASN B 258 10.76 -4.34 -47.86
C ASN B 258 10.94 -3.21 -46.87
N TRP B 259 9.97 -3.09 -45.96
CA TRP B 259 9.97 -2.09 -44.90
C TRP B 259 10.19 -2.75 -43.55
N PHE B 260 11.12 -2.21 -42.78
CA PHE B 260 11.41 -2.72 -41.45
C PHE B 260 11.42 -1.57 -40.46
N LEU B 261 11.05 -1.88 -39.23
CA LEU B 261 11.23 -0.91 -38.16
C LEU B 261 12.71 -0.80 -37.85
N LEU B 262 13.13 0.40 -37.46
CA LEU B 262 14.54 0.67 -37.24
C LEU B 262 14.83 0.67 -35.75
N SER B 263 15.81 -0.14 -35.35
CA SER B 263 16.26 -0.22 -33.96
C SER B 263 17.58 -0.97 -33.94
N ASN B 264 18.24 -0.93 -32.80
CA ASN B 264 19.52 -1.61 -32.63
C ASN B 264 19.57 -2.42 -31.35
N ASP B 265 18.41 -2.81 -30.81
CA ASP B 265 18.39 -3.58 -29.57
C ASP B 265 17.07 -4.33 -29.46
N SER B 266 17.15 -5.64 -29.26
CA SER B 266 15.95 -6.48 -29.22
C SER B 266 15.12 -6.30 -30.47
N THR B 267 13.88 -6.77 -30.45
CA THR B 267 12.95 -6.58 -31.57
C THR B 267 11.56 -7.00 -31.12
N LEU B 268 10.61 -6.90 -32.05
CA LEU B 268 9.22 -7.25 -31.81
C LEU B 268 8.74 -8.25 -32.85
N VAL B 269 7.71 -9.00 -32.48
CA VAL B 269 7.07 -9.93 -33.40
C VAL B 269 5.64 -9.51 -33.72
N HIS B 270 4.84 -9.25 -32.70
CA HIS B 270 3.44 -8.94 -32.95
C HIS B 270 2.95 -7.95 -31.91
N GLY B 271 2.37 -6.84 -32.36
CA GLY B 271 1.89 -5.82 -31.46
C GLY B 271 1.87 -4.45 -32.12
N LYS B 272 1.93 -3.42 -31.29
CA LYS B 272 1.89 -2.05 -31.80
C LYS B 272 2.56 -1.10 -30.84
N VAL B 273 3.14 -0.03 -31.40
CA VAL B 273 3.83 0.98 -30.61
C VAL B 273 4.01 2.21 -31.48
N VAL B 274 4.13 3.35 -30.84
CA VAL B 274 4.44 4.62 -31.49
C VAL B 274 5.90 4.96 -31.22
N SER B 275 6.56 5.55 -32.20
CA SER B 275 7.97 5.93 -32.05
C SER B 275 8.31 6.88 -33.20
N ASN B 276 9.53 7.42 -33.16
CA ASN B 276 10.01 8.30 -34.21
C ASN B 276 11.02 7.55 -35.05
N GLN B 277 10.80 7.55 -36.36
CA GLN B 277 11.62 6.85 -37.33
C GLN B 277 11.80 7.74 -38.54
N PRO B 278 12.86 7.53 -39.30
CA PRO B 278 13.03 8.30 -40.54
C PRO B 278 12.08 7.85 -41.61
N LEU B 279 10.83 8.30 -41.54
CA LEU B 279 9.83 7.97 -42.53
C LEU B 279 9.12 9.23 -43.04
N LEU B 280 9.89 10.27 -43.30
CA LEU B 280 9.38 11.49 -43.91
C LEU B 280 10.19 11.72 -45.18
N VAL B 281 9.69 11.18 -46.30
CA VAL B 281 10.48 11.12 -47.51
C VAL B 281 10.83 12.51 -47.98
N ASN B 282 12.08 12.68 -48.42
CA ASN B 282 12.51 13.92 -49.05
C ASN B 282 12.34 13.84 -50.56
N CYS B 283 12.73 12.72 -51.16
CA CYS B 283 12.61 12.48 -52.60
C CYS B 283 12.87 11.00 -52.85
N LEU B 284 12.61 10.57 -54.07
CA LEU B 284 12.85 9.18 -54.42
C LEU B 284 13.31 9.08 -55.86
N LEU B 285 14.25 8.17 -56.10
CA LEU B 285 14.69 7.82 -57.45
C LEU B 285 14.55 6.32 -57.60
N ALA B 286 14.02 5.90 -58.74
CA ALA B 286 13.75 4.49 -59.02
C ALA B 286 14.30 4.10 -60.38
N ILE B 287 14.71 2.84 -60.47
CA ILE B 287 15.31 2.28 -61.69
C ILE B 287 16.42 3.18 -62.20
N PRO B 288 17.49 3.39 -61.43
CA PRO B 288 18.55 4.29 -61.86
C PRO B 288 19.66 3.58 -62.63
N LYS B 289 20.31 4.34 -63.50
CA LYS B 289 21.39 3.83 -64.34
C LYS B 289 22.65 4.69 -64.25
N ILE B 290 22.70 5.62 -63.30
CA ILE B 290 23.73 6.65 -63.30
C ILE B 290 24.78 6.46 -62.21
N TYR B 291 24.52 5.63 -61.20
CA TYR B 291 25.45 5.45 -60.10
C TYR B 291 26.78 4.84 -60.51
N GLY B 292 26.91 4.37 -61.76
CA GLY B 292 28.17 3.82 -62.19
C GLY B 292 29.25 4.85 -62.44
N LEU B 293 28.90 6.14 -62.43
CA LEU B 293 29.89 7.20 -62.65
C LEU B 293 30.47 7.71 -61.35
N GLY B 294 30.53 6.88 -60.32
CA GLY B 294 30.98 7.33 -59.02
C GLY B 294 30.04 8.35 -58.42
N GLN B 295 28.75 8.08 -58.44
CA GLN B 295 27.76 9.04 -57.95
C GLN B 295 28.02 9.41 -56.50
N PHE B 296 28.06 10.72 -56.25
CA PHE B 296 28.45 11.28 -54.97
C PHE B 296 27.26 11.93 -54.27
N PHE B 297 27.11 11.62 -52.99
CA PHE B 297 26.03 12.16 -52.18
C PHE B 297 26.63 12.78 -50.92
N SER B 298 26.09 13.93 -50.53
CA SER B 298 26.54 14.63 -49.33
C SER B 298 25.37 14.92 -48.40
N PHE B 299 25.60 15.71 -47.36
CA PHE B 299 24.58 16.03 -46.36
C PHE B 299 24.09 17.47 -46.41
N ASN B 300 24.49 18.25 -47.41
CA ASN B 300 24.20 19.67 -47.36
C ASN B 300 23.05 20.12 -48.25
N GLN B 301 23.07 19.76 -49.52
CA GLN B 301 22.02 20.17 -50.45
C GLN B 301 21.23 18.96 -50.92
N THR B 302 20.02 19.23 -51.40
CA THR B 302 19.22 18.18 -51.99
C THR B 302 19.97 17.57 -53.17
N ILE B 303 20.03 16.24 -53.21
CA ILE B 303 20.70 15.58 -54.31
C ILE B 303 19.90 15.78 -55.58
N ASP B 304 20.59 15.81 -56.72
CA ASP B 304 19.96 16.08 -58.00
C ASP B 304 19.23 14.85 -58.52
N GLY B 305 18.38 15.07 -59.51
CA GLY B 305 17.59 14.04 -60.15
C GLY B 305 16.16 14.49 -60.33
N VAL B 306 15.29 13.54 -60.69
CA VAL B 306 13.88 13.79 -60.90
C VAL B 306 13.09 12.97 -59.89
N CYS B 307 12.29 13.65 -59.07
CA CYS B 307 11.50 12.99 -58.04
C CYS B 307 10.11 12.68 -58.60
N ASN B 308 9.71 11.42 -58.50
CA ASN B 308 8.44 10.98 -59.05
C ASN B 308 7.32 11.49 -58.13
N GLY B 309 7.00 12.77 -58.29
CA GLY B 309 6.04 13.40 -57.43
C GLY B 309 6.57 14.71 -56.87
N ALA B 310 6.22 15.03 -55.63
CA ALA B 310 6.73 16.24 -55.01
C ALA B 310 8.16 16.00 -54.51
N ALA B 311 8.78 17.09 -54.05
CA ALA B 311 10.14 17.04 -53.54
C ALA B 311 10.28 17.98 -52.35
N VAL B 312 11.31 17.74 -51.55
CA VAL B 312 11.59 18.51 -50.35
C VAL B 312 12.90 19.25 -50.52
N GLN B 313 12.88 20.56 -50.33
CA GLN B 313 14.07 21.39 -50.48
C GLN B 313 14.83 21.43 -49.15
N ARG B 314 15.25 20.24 -48.71
CA ARG B 314 15.91 20.08 -47.44
C ARG B 314 17.15 19.21 -47.57
N ALA B 315 18.12 19.50 -46.72
CA ALA B 315 19.36 18.74 -46.73
C ALA B 315 19.07 17.29 -46.37
N PRO B 316 19.69 16.33 -47.05
CA PRO B 316 19.39 14.93 -46.78
C PRO B 316 19.89 14.50 -45.42
N GLU B 317 19.24 13.49 -44.86
CA GLU B 317 19.62 12.95 -43.56
C GLU B 317 19.90 11.46 -43.59
N ALA B 318 19.14 10.70 -44.37
CA ALA B 318 19.32 9.26 -44.45
C ALA B 318 18.87 8.80 -45.83
N LEU B 319 19.34 7.63 -46.24
CA LEU B 319 19.08 7.14 -47.58
C LEU B 319 18.78 5.65 -47.52
N ARG B 320 17.93 5.19 -48.45
CA ARG B 320 17.43 3.83 -48.47
C ARG B 320 17.58 3.30 -49.88
N PHE B 321 17.71 1.97 -49.99
CA PHE B 321 17.87 1.30 -51.26
C PHE B 321 17.03 0.04 -51.34
N ASN B 322 16.49 -0.22 -52.53
CA ASN B 322 15.83 -1.48 -52.82
C ASN B 322 16.79 -2.32 -53.65
N ILE B 323 16.83 -3.61 -53.36
CA ILE B 323 17.76 -4.53 -53.99
C ILE B 323 17.02 -5.80 -54.39
N ASN B 324 17.39 -6.38 -55.53
CA ASN B 324 16.99 -7.72 -55.89
C ASN B 324 18.12 -8.72 -55.70
N ASP B 325 19.25 -8.46 -56.37
CA ASP B 325 20.38 -9.38 -56.42
C ASP B 325 21.52 -8.83 -55.57
N THR B 326 21.93 -9.60 -54.56
CA THR B 326 23.02 -9.20 -53.70
C THR B 326 24.35 -9.20 -54.45
N SER B 327 24.52 -10.11 -55.41
CA SER B 327 25.78 -10.24 -56.12
C SER B 327 26.13 -8.98 -56.89
N VAL B 328 25.15 -8.11 -57.11
CA VAL B 328 25.39 -6.84 -57.79
C VAL B 328 26.45 -6.04 -57.07
N ILE B 329 26.31 -5.90 -55.75
CA ILE B 329 27.34 -5.24 -54.96
C ILE B 329 28.61 -6.07 -54.93
N LEU B 330 28.46 -7.39 -54.92
CA LEU B 330 29.62 -8.26 -54.82
C LEU B 330 30.42 -8.30 -56.10
N ALA B 331 29.77 -8.06 -57.24
CA ALA B 331 30.47 -8.07 -58.53
C ALA B 331 31.16 -6.74 -58.81
N GLU B 332 30.39 -5.65 -58.87
CA GLU B 332 30.90 -4.34 -59.23
C GLU B 332 30.91 -3.32 -58.10
N GLY B 333 30.15 -3.56 -57.03
CA GLY B 333 30.04 -2.56 -55.97
C GLY B 333 31.35 -2.20 -55.30
N SER B 334 31.66 -0.91 -55.33
CA SER B 334 32.83 -0.32 -54.68
C SER B 334 32.34 0.99 -54.06
N ILE B 335 31.94 0.92 -52.80
CA ILE B 335 31.28 2.01 -52.11
C ILE B 335 32.30 2.83 -51.33
N VAL B 336 32.22 4.15 -51.48
CA VAL B 336 33.19 5.07 -50.89
C VAL B 336 32.48 5.79 -49.77
N LEU B 337 33.09 5.75 -48.58
CA LEU B 337 32.48 6.31 -47.39
C LEU B 337 33.30 7.47 -46.86
N HIS B 338 32.63 8.45 -46.26
CA HIS B 338 33.32 9.69 -45.90
C HIS B 338 32.81 10.12 -44.53
N THR B 339 33.56 9.81 -43.49
CA THR B 339 33.15 10.22 -42.16
C THR B 339 33.35 11.73 -42.01
N ALA B 340 32.97 12.24 -40.85
CA ALA B 340 33.10 13.68 -40.64
C ALA B 340 34.55 14.11 -40.77
N LEU B 341 35.49 13.23 -40.44
CA LEU B 341 36.90 13.53 -40.60
C LEU B 341 37.41 13.25 -42.01
N GLY B 342 36.57 12.70 -42.89
CA GLY B 342 37.02 12.28 -44.20
C GLY B 342 37.69 10.92 -44.28
N THR B 343 37.87 10.22 -43.15
CA THR B 343 38.45 8.89 -43.21
C THR B 343 37.52 7.95 -43.97
N ASN B 344 38.09 7.25 -44.93
CA ASN B 344 37.36 6.80 -46.10
C ASN B 344 37.52 5.30 -46.36
N PHE B 345 36.41 4.67 -46.76
CA PHE B 345 36.19 3.24 -46.62
C PHE B 345 35.51 2.66 -47.83
N SER B 346 35.92 1.46 -48.19
CA SER B 346 35.34 0.72 -49.30
C SER B 346 35.14 -0.73 -48.89
N PHE B 347 34.13 -1.35 -49.48
CA PHE B 347 33.77 -2.72 -49.21
C PHE B 347 34.23 -3.56 -50.38
N VAL B 348 35.12 -4.51 -50.12
CA VAL B 348 35.67 -5.37 -51.14
C VAL B 348 35.18 -6.78 -50.84
N CYS B 349 34.34 -7.29 -51.72
CA CYS B 349 33.69 -8.58 -51.57
C CYS B 349 34.31 -9.51 -52.60
N SER B 350 34.96 -10.57 -52.13
CA SER B 350 35.83 -11.35 -52.99
C SER B 350 35.23 -12.69 -53.38
N ASN B 351 35.88 -13.28 -54.38
CA ASN B 351 35.55 -14.58 -54.96
C ASN B 351 36.68 -15.04 -55.87
N SER B 352 37.41 -16.07 -55.46
CA SER B 352 38.55 -16.58 -56.21
C SER B 352 39.37 -15.43 -56.78
N SER B 353 39.80 -14.55 -55.89
CA SER B 353 40.64 -13.41 -56.24
C SER B 353 40.90 -12.53 -55.02
N ASN B 354 42.06 -12.68 -54.39
CA ASN B 354 42.46 -11.81 -53.29
C ASN B 354 43.93 -11.47 -53.46
N PRO B 355 44.28 -10.71 -54.51
CA PRO B 355 45.69 -10.39 -54.73
C PRO B 355 46.31 -9.67 -53.55
N HIS B 356 45.50 -8.92 -52.82
CA HIS B 356 45.88 -8.21 -51.62
C HIS B 356 45.16 -8.69 -50.39
N LEU B 357 43.91 -9.13 -50.52
CA LEU B 357 43.18 -9.63 -49.38
C LEU B 357 43.74 -10.96 -48.89
N ALA B 358 44.53 -11.65 -49.71
CA ALA B 358 45.17 -12.88 -49.25
C ALA B 358 46.27 -12.54 -48.25
N THR B 359 47.09 -11.55 -48.57
CA THR B 359 48.17 -11.14 -47.68
C THR B 359 47.62 -10.44 -46.44
N PHE B 360 46.44 -9.84 -46.54
CA PHE B 360 45.85 -9.07 -45.45
C PHE B 360 44.80 -9.86 -44.70
N ALA B 361 43.75 -10.31 -45.40
CA ALA B 361 42.58 -10.89 -44.78
C ALA B 361 42.30 -12.29 -45.31
N ILE B 362 43.31 -13.15 -45.28
CA ILE B 362 43.27 -14.59 -45.60
C ILE B 362 43.06 -14.77 -47.10
N PRO B 363 43.65 -15.81 -47.71
CA PRO B 363 43.49 -16.02 -49.16
C PRO B 363 42.05 -16.00 -49.62
N LEU B 364 41.24 -16.97 -49.17
CA LEU B 364 39.81 -16.87 -49.38
C LEU B 364 39.05 -16.92 -48.06
N GLY B 365 39.28 -17.94 -47.25
CA GLY B 365 38.58 -18.10 -45.98
C GLY B 365 37.66 -19.30 -45.96
N ALA B 366 36.92 -19.50 -47.04
CA ALA B 366 36.01 -20.63 -47.15
C ALA B 366 35.74 -20.84 -48.63
N THR B 367 34.68 -21.58 -48.95
CA THR B 367 34.41 -21.98 -50.32
C THR B 367 34.13 -20.74 -51.18
N GLN B 368 33.98 -20.98 -52.49
CA GLN B 368 33.90 -19.88 -53.45
C GLN B 368 32.50 -19.30 -53.54
N VAL B 369 31.47 -20.11 -53.24
CA VAL B 369 30.09 -19.67 -53.45
C VAL B 369 29.79 -18.37 -52.72
N PRO B 370 30.14 -18.20 -51.45
CA PRO B 370 29.85 -16.93 -50.76
C PRO B 370 30.92 -15.89 -51.00
N TYR B 371 30.46 -14.67 -51.27
CA TYR B 371 31.37 -13.55 -51.39
C TYR B 371 31.86 -13.13 -50.02
N TYR B 372 33.10 -12.62 -49.98
CA TYR B 372 33.77 -12.27 -48.73
C TYR B 372 34.08 -10.79 -48.78
N CYS B 373 33.40 -10.03 -47.92
CA CYS B 373 33.50 -8.58 -47.92
C CYS B 373 34.42 -8.13 -46.80
N PHE B 374 35.28 -7.15 -47.09
CA PHE B 374 36.34 -6.71 -46.20
C PHE B 374 36.33 -5.18 -46.19
N PHE B 375 37.00 -4.61 -45.19
CA PHE B 375 37.32 -3.19 -45.25
C PHE B 375 38.50 -2.87 -46.14
N LYS B 376 38.46 -1.66 -46.68
CA LYS B 376 39.64 -0.89 -47.03
C LYS B 376 39.67 0.27 -46.06
N VAL B 377 40.51 0.19 -45.04
CA VAL B 377 40.59 1.25 -44.04
C VAL B 377 41.73 2.15 -44.48
N ASP B 378 41.38 3.30 -45.02
CA ASP B 378 42.35 4.22 -45.61
C ASP B 378 42.22 5.56 -44.90
N THR B 379 43.16 5.87 -44.02
CA THR B 379 43.26 7.22 -43.48
C THR B 379 44.04 8.05 -44.49
N TYR B 380 44.44 9.25 -44.10
CA TYR B 380 45.10 10.15 -45.05
C TYR B 380 46.40 9.56 -45.59
N ASN B 381 47.14 8.82 -44.77
CA ASN B 381 48.33 8.17 -45.29
C ASN B 381 48.29 6.66 -45.13
N SER B 382 47.96 6.14 -43.94
CA SER B 382 47.93 4.70 -43.77
C SER B 382 46.76 4.10 -44.53
N THR B 383 46.99 2.91 -45.09
CA THR B 383 45.99 2.21 -45.89
C THR B 383 46.00 0.75 -45.46
N VAL B 384 44.93 0.30 -44.81
CA VAL B 384 44.86 -1.05 -44.28
C VAL B 384 43.52 -1.68 -44.64
N TYR B 385 43.47 -3.00 -44.57
CA TYR B 385 42.24 -3.76 -44.77
C TYR B 385 41.67 -4.16 -43.43
N LYS B 386 40.44 -4.70 -43.46
CA LYS B 386 39.88 -5.33 -42.25
C LYS B 386 38.66 -6.16 -42.63
N PHE B 387 38.59 -7.36 -42.08
CA PHE B 387 37.51 -8.30 -42.41
C PHE B 387 36.17 -7.74 -42.01
N LEU B 388 35.20 -7.84 -42.92
CA LEU B 388 33.83 -7.49 -42.59
C LEU B 388 33.05 -8.75 -42.24
N ALA B 389 32.86 -9.64 -43.21
CA ALA B 389 31.92 -10.73 -43.02
C ALA B 389 31.91 -11.62 -44.26
N VAL B 390 31.19 -12.72 -44.14
CA VAL B 390 30.84 -13.57 -45.26
C VAL B 390 29.54 -13.06 -45.85
N LEU B 391 29.29 -13.40 -47.10
CA LEU B 391 28.08 -12.92 -47.77
C LEU B 391 26.84 -13.53 -47.11
N PRO B 392 25.91 -12.72 -46.60
CA PRO B 392 24.67 -13.28 -46.11
C PRO B 392 23.84 -13.83 -47.26
N PRO B 393 22.99 -14.83 -47.00
CA PRO B 393 22.25 -15.43 -48.12
C PRO B 393 21.41 -14.43 -48.90
N THR B 394 20.78 -13.47 -48.24
CA THR B 394 19.95 -12.52 -48.98
C THR B 394 19.75 -11.25 -48.17
N VAL B 395 19.79 -10.12 -48.86
CA VAL B 395 19.49 -8.83 -48.28
C VAL B 395 18.52 -8.13 -49.22
N ARG B 396 17.64 -7.32 -48.65
CA ARG B 396 16.60 -6.69 -49.44
C ARG B 396 16.36 -5.22 -49.06
N GLU B 397 17.16 -4.65 -48.16
CA GLU B 397 16.95 -3.29 -47.69
C GLU B 397 18.26 -2.79 -47.08
N ILE B 398 18.73 -1.63 -47.53
CA ILE B 398 19.93 -1.02 -46.98
C ILE B 398 19.63 0.44 -46.68
N VAL B 399 20.12 0.92 -45.53
CA VAL B 399 19.87 2.27 -45.08
C VAL B 399 21.09 2.76 -44.33
N ILE B 400 21.44 4.02 -44.54
CA ILE B 400 22.50 4.68 -43.80
C ILE B 400 21.96 5.94 -43.15
N THR B 401 22.34 6.15 -41.90
CA THR B 401 21.82 7.25 -41.11
C THR B 401 22.64 8.51 -41.36
N LYS B 402 22.43 9.52 -40.53
CA LYS B 402 23.22 10.74 -40.60
C LYS B 402 24.51 10.62 -39.80
N TYR B 403 24.43 10.15 -38.56
CA TYR B 403 25.57 10.12 -37.66
C TYR B 403 26.53 8.99 -37.95
N GLY B 404 26.37 8.31 -39.09
CA GLY B 404 27.30 7.27 -39.48
C GLY B 404 26.97 5.86 -39.03
N ASP B 405 25.75 5.43 -39.30
CA ASP B 405 25.33 4.06 -39.05
C ASP B 405 24.63 3.54 -40.29
N VAL B 406 24.72 2.23 -40.47
CA VAL B 406 24.05 1.55 -41.57
C VAL B 406 23.15 0.49 -40.98
N TYR B 407 21.90 0.50 -41.42
CA TYR B 407 20.94 -0.54 -41.08
C TYR B 407 20.78 -1.48 -42.26
N VAL B 408 20.99 -2.77 -42.00
CA VAL B 408 20.78 -3.83 -42.98
C VAL B 408 19.72 -4.76 -42.42
N ASN B 409 18.64 -4.96 -43.18
CA ASN B 409 17.50 -5.73 -42.71
C ASN B 409 16.95 -5.14 -41.40
N GLY B 410 17.16 -3.84 -41.23
CA GLY B 410 16.63 -3.06 -40.11
C GLY B 410 17.16 -3.35 -38.73
N PHE B 411 18.47 -3.53 -38.57
CA PHE B 411 19.03 -3.62 -37.23
C PHE B 411 20.21 -2.69 -37.03
N GLY B 412 21.02 -2.49 -38.06
CA GLY B 412 22.18 -1.65 -37.86
C GLY B 412 23.28 -2.41 -37.18
N TYR B 413 23.82 -3.40 -37.87
CA TYR B 413 24.77 -4.32 -37.27
C TYR B 413 26.00 -3.60 -36.72
N LEU B 414 26.32 -2.42 -37.25
CA LEU B 414 27.45 -1.65 -36.75
C LEU B 414 27.22 -0.18 -37.04
N HIS B 415 27.82 0.66 -36.19
CA HIS B 415 27.77 2.10 -36.33
C HIS B 415 29.18 2.69 -36.17
N LEU B 416 29.41 3.80 -36.87
CA LEU B 416 30.69 4.48 -36.81
C LEU B 416 30.45 5.97 -36.57
N GLY B 417 31.48 6.79 -36.73
CA GLY B 417 31.32 8.20 -36.48
C GLY B 417 30.48 8.90 -37.54
N LEU B 418 30.28 10.19 -37.31
CA LEU B 418 29.46 11.00 -38.22
C LEU B 418 30.02 11.01 -39.62
N LEU B 419 29.12 10.96 -40.60
CA LEU B 419 29.46 10.94 -42.01
C LEU B 419 28.97 12.24 -42.64
N ASP B 420 29.72 12.73 -43.62
CA ASP B 420 29.35 13.94 -44.31
C ASP B 420 28.96 13.73 -45.77
N ALA B 421 29.54 12.72 -46.42
CA ALA B 421 29.28 12.48 -47.83
C ALA B 421 29.51 11.02 -48.14
N VAL B 422 29.06 10.60 -49.32
CA VAL B 422 29.14 9.21 -49.71
C VAL B 422 29.11 9.13 -51.23
N THR B 423 29.70 8.06 -51.77
CA THR B 423 29.83 7.91 -53.20
C THR B 423 29.69 6.44 -53.59
N ILE B 424 29.03 6.20 -54.72
CA ILE B 424 28.72 4.86 -55.20
C ILE B 424 29.41 4.65 -56.54
N ASN B 425 30.21 3.59 -56.64
CA ASN B 425 31.05 3.35 -57.81
C ASN B 425 30.88 1.93 -58.33
N PHE B 426 30.60 1.81 -59.62
CA PHE B 426 30.59 0.54 -60.35
C PHE B 426 30.61 0.87 -61.85
N THR B 427 30.30 -0.13 -62.68
CA THR B 427 30.25 0.10 -64.13
C THR B 427 29.26 1.22 -64.46
N GLY B 428 29.68 2.13 -65.35
CA GLY B 428 28.97 3.37 -65.58
C GLY B 428 27.49 3.35 -65.90
N HIS B 429 27.09 2.90 -67.09
CA HIS B 429 25.69 2.94 -67.49
C HIS B 429 25.40 1.76 -68.41
N GLY B 430 24.25 1.82 -69.09
CA GLY B 430 23.91 0.84 -70.09
C GLY B 430 23.26 -0.43 -69.58
N THR B 431 24.00 -1.21 -68.80
CA THR B 431 23.55 -2.52 -68.35
C THR B 431 22.84 -2.48 -67.00
N ASP B 432 23.34 -1.70 -66.05
CA ASP B 432 22.79 -1.71 -64.70
C ASP B 432 21.49 -0.91 -64.67
N ASP B 433 20.46 -1.52 -65.28
CA ASP B 433 19.10 -0.99 -65.25
C ASP B 433 18.16 -1.90 -64.48
N ASP B 434 18.17 -3.20 -64.78
CA ASP B 434 17.42 -4.17 -64.01
C ASP B 434 18.28 -5.30 -63.44
N VAL B 435 19.44 -5.57 -64.03
CA VAL B 435 20.34 -6.55 -63.44
C VAL B 435 20.81 -6.07 -62.08
N SER B 436 21.02 -4.77 -61.94
CA SER B 436 21.50 -4.20 -60.68
C SER B 436 20.43 -4.32 -59.61
N GLY B 437 20.89 -4.39 -58.36
CA GLY B 437 19.99 -4.43 -57.23
C GLY B 437 19.65 -3.02 -56.79
N PHE B 438 19.32 -2.15 -57.74
CA PHE B 438 18.97 -0.75 -57.45
C PHE B 438 17.57 -0.52 -58.00
N TRP B 439 16.55 -0.71 -57.17
CA TRP B 439 15.19 -0.49 -57.61
C TRP B 439 14.61 0.84 -57.15
N THR B 440 14.70 1.15 -55.86
CA THR B 440 14.25 2.44 -55.35
C THR B 440 15.27 2.95 -54.36
N ILE B 441 15.73 4.18 -54.58
CA ILE B 441 16.66 4.84 -53.67
C ILE B 441 16.09 6.21 -53.31
N ALA B 442 15.80 6.41 -52.03
CA ALA B 442 15.05 7.57 -51.57
C ALA B 442 15.60 8.09 -50.25
N SER B 443 15.48 9.40 -50.06
CA SER B 443 15.87 10.06 -48.82
C SER B 443 14.63 10.46 -48.02
N THR B 444 14.77 10.40 -46.70
CA THR B 444 13.64 10.59 -45.80
C THR B 444 14.10 11.38 -44.58
N ASN B 445 13.16 11.60 -43.65
CA ASN B 445 13.42 12.33 -42.43
C ASN B 445 12.71 11.66 -41.26
N PHE B 446 13.16 11.95 -40.04
CA PHE B 446 12.49 11.40 -38.88
C PHE B 446 11.08 11.94 -38.75
N VAL B 447 10.20 11.06 -38.27
CA VAL B 447 8.83 11.44 -37.97
C VAL B 447 8.28 10.41 -37.01
N ASP B 448 7.43 10.87 -36.10
CA ASP B 448 6.82 9.98 -35.12
C ASP B 448 5.47 9.51 -35.66
N ALA B 449 5.17 8.25 -35.39
CA ALA B 449 3.95 7.61 -35.88
C ALA B 449 3.76 6.32 -35.10
N LEU B 450 2.55 5.77 -35.17
CA LEU B 450 2.28 4.49 -34.56
C LEU B 450 2.74 3.38 -35.50
N ILE B 451 3.08 2.24 -34.91
CA ILE B 451 3.62 1.12 -35.67
C ILE B 451 2.85 -0.13 -35.28
N GLU B 452 2.53 -0.95 -36.29
CA GLU B 452 2.03 -2.29 -36.10
C GLU B 452 3.04 -3.30 -36.62
N VAL B 453 3.21 -4.39 -35.89
CA VAL B 453 4.06 -5.49 -36.32
C VAL B 453 3.21 -6.75 -36.34
N GLN B 454 3.20 -7.43 -37.48
CA GLN B 454 2.38 -8.62 -37.65
C GLN B 454 3.31 -9.78 -38.00
N GLY B 455 3.88 -10.41 -36.98
CA GLY B 455 4.82 -11.48 -37.22
C GLY B 455 5.88 -11.06 -38.23
N THR B 456 6.68 -10.05 -37.88
CA THR B 456 7.67 -9.48 -38.79
C THR B 456 7.00 -8.97 -40.07
N ALA B 457 5.83 -8.34 -39.90
CA ALA B 457 5.14 -7.67 -41.00
C ALA B 457 4.46 -6.42 -40.45
N ILE B 458 4.89 -5.27 -40.93
CA ILE B 458 4.38 -4.01 -40.44
C ILE B 458 3.31 -3.49 -41.39
N GLN B 459 2.41 -2.67 -40.84
CA GLN B 459 1.29 -2.14 -41.62
C GLN B 459 0.58 -1.11 -40.76
N ARG B 460 -0.36 -0.41 -41.39
CA ARG B 460 -1.28 0.50 -40.70
C ARG B 460 -0.51 1.57 -39.93
N ILE B 461 0.19 2.39 -40.70
CA ILE B 461 1.02 3.45 -40.15
C ILE B 461 0.40 4.78 -40.47
N LEU B 462 0.26 5.63 -39.47
CA LEU B 462 -0.31 6.96 -39.64
C LEU B 462 0.63 7.98 -39.05
N TYR B 463 0.90 9.03 -39.80
CA TYR B 463 1.80 10.07 -39.35
C TYR B 463 1.23 10.78 -38.12
N CYS B 464 2.14 11.23 -37.26
CA CYS B 464 1.79 12.06 -36.10
C CYS B 464 2.09 13.53 -36.37
N ASP B 465 2.04 13.93 -37.63
CA ASP B 465 2.36 15.31 -38.01
C ASP B 465 1.09 16.14 -38.15
N ASP B 466 0.33 16.19 -37.07
CA ASP B 466 -0.89 16.98 -36.99
C ASP B 466 -1.36 17.06 -35.54
N PRO B 467 -1.85 18.23 -35.12
CA PRO B 467 -2.26 18.40 -33.72
C PRO B 467 -3.25 17.36 -33.24
N VAL B 468 -4.36 17.19 -33.94
CA VAL B 468 -5.35 16.22 -33.50
C VAL B 468 -4.86 14.81 -33.79
N SER B 469 -4.06 14.63 -34.83
CA SER B 469 -3.42 13.34 -35.01
C SER B 469 -2.45 13.06 -33.86
N GLN B 470 -1.66 14.06 -33.48
CA GLN B 470 -0.84 13.89 -32.28
C GLN B 470 -1.70 13.58 -31.10
N LEU B 471 -2.94 14.07 -31.11
CA LEU B 471 -3.86 13.67 -30.06
C LEU B 471 -4.10 12.17 -30.17
N LYS B 472 -4.64 11.72 -31.30
CA LYS B 472 -4.84 10.28 -31.47
C LYS B 472 -3.56 9.53 -31.17
N CYS B 473 -2.43 10.11 -31.58
CA CYS B 473 -1.14 9.53 -31.24
C CYS B 473 -0.98 9.44 -29.73
N SER B 474 -1.45 10.45 -29.00
CA SER B 474 -1.34 10.41 -27.56
C SER B 474 -2.12 9.25 -26.99
N GLN B 475 -3.27 8.93 -27.58
CA GLN B 475 -4.05 7.80 -27.11
C GLN B 475 -3.76 6.49 -27.83
N VAL B 476 -2.73 6.44 -28.68
CA VAL B 476 -2.23 5.21 -29.31
C VAL B 476 -3.35 4.26 -29.73
N ALA B 477 -4.50 4.81 -30.11
CA ALA B 477 -5.66 4.02 -30.49
C ALA B 477 -6.00 4.33 -31.93
N PHE B 478 -6.19 3.30 -32.75
CA PHE B 478 -6.55 3.58 -34.13
C PHE B 478 -7.86 4.31 -34.22
N ASP B 479 -8.76 4.07 -33.28
CA ASP B 479 -9.97 4.87 -33.16
C ASP B 479 -10.28 5.08 -31.69
N LEU B 480 -10.96 6.19 -31.40
CA LEU B 480 -11.31 6.54 -30.04
C LEU B 480 -12.79 6.85 -29.95
N ASP B 481 -13.37 6.51 -28.82
CA ASP B 481 -14.77 6.79 -28.54
C ASP B 481 -14.94 8.27 -28.20
N ASP B 482 -16.14 8.79 -28.46
CA ASP B 482 -16.47 10.16 -28.15
C ASP B 482 -16.48 10.36 -26.64
N GLY B 483 -16.30 11.61 -26.21
CA GLY B 483 -16.36 11.90 -24.80
C GLY B 483 -15.48 13.09 -24.44
N PHE B 484 -15.20 13.21 -23.15
CA PHE B 484 -14.45 14.34 -22.60
C PHE B 484 -12.99 13.95 -22.42
N TYR B 485 -12.09 14.82 -22.88
CA TYR B 485 -10.68 14.52 -22.76
C TYR B 485 -9.96 15.81 -22.44
N PRO B 486 -9.05 15.80 -21.50
CA PRO B 486 -8.36 17.03 -21.14
C PRO B 486 -7.15 17.27 -22.03
N PHE B 487 -7.05 18.47 -22.60
CA PHE B 487 -6.02 18.74 -23.58
C PHE B 487 -5.25 19.98 -23.19
N SER B 488 -4.03 20.04 -23.69
CA SER B 488 -3.17 21.18 -23.46
C SER B 488 -3.51 22.30 -24.43
N SER B 489 -3.03 23.50 -24.10
CA SER B 489 -3.17 24.63 -24.99
C SER B 489 -2.11 24.56 -26.10
N ARG B 490 -2.49 25.01 -27.28
CA ARG B 490 -1.56 25.04 -28.40
C ARG B 490 -0.50 26.11 -28.14
N ASN B 491 0.71 25.66 -27.82
CA ASN B 491 1.80 26.57 -27.50
C ASN B 491 2.99 26.30 -28.41
N LEU B 492 2.72 26.17 -29.70
CA LEU B 492 3.75 25.91 -30.69
C LEU B 492 3.74 27.00 -31.77
N LEU B 493 3.56 28.25 -31.35
CA LEU B 493 3.46 29.35 -32.29
C LEU B 493 4.85 29.84 -32.72
N SER B 494 5.65 30.29 -31.75
CA SER B 494 6.95 30.87 -32.05
C SER B 494 8.00 30.32 -31.09
N HIS B 495 9.25 30.33 -31.55
CA HIS B 495 10.38 29.89 -30.75
C HIS B 495 11.51 30.91 -30.67
N GLU B 496 11.46 31.99 -31.45
CA GLU B 496 12.45 33.06 -31.36
C GLU B 496 12.15 33.86 -30.08
N GLN B 497 12.53 33.27 -28.97
CA GLN B 497 12.08 33.75 -27.67
C GLN B 497 12.82 35.01 -27.27
N PRO B 498 12.11 36.08 -26.95
CA PRO B 498 12.76 37.23 -26.31
C PRO B 498 13.32 36.81 -24.96
N ILE B 499 14.43 37.43 -24.60
CA ILE B 499 15.13 37.12 -23.35
C ILE B 499 15.05 38.32 -22.44
N SER B 500 14.68 38.08 -21.19
CA SER B 500 14.66 39.10 -20.14
C SER B 500 15.53 38.62 -19.00
N PHE B 501 16.39 39.51 -18.51
CA PHE B 501 17.34 39.17 -17.46
C PHE B 501 17.26 40.21 -16.36
N VAL B 502 16.90 39.78 -15.16
CA VAL B 502 16.81 40.67 -14.01
C VAL B 502 17.44 39.98 -12.80
N THR B 503 18.26 40.73 -12.07
CA THR B 503 18.90 40.26 -10.86
C THR B 503 18.94 41.44 -9.89
N LEU B 504 19.78 41.35 -8.87
CA LEU B 504 19.93 42.46 -7.95
C LEU B 504 20.45 43.66 -8.74
N PRO B 505 19.73 44.78 -8.74
CA PRO B 505 20.16 45.93 -9.54
C PRO B 505 21.52 46.46 -9.10
N SER B 506 22.33 46.83 -10.08
CA SER B 506 23.68 47.34 -9.84
C SER B 506 24.24 47.80 -11.18
N PHE B 507 25.39 48.46 -11.11
CA PHE B 507 26.06 48.96 -12.29
C PHE B 507 26.79 47.82 -12.98
N ASN B 508 27.62 48.16 -13.97
CA ASN B 508 28.41 47.18 -14.70
C ASN B 508 29.88 47.35 -14.34
N ALA B 509 30.51 46.25 -13.92
CA ALA B 509 31.95 46.21 -13.65
C ALA B 509 32.43 44.87 -14.18
N HIS B 510 32.95 44.88 -15.40
CA HIS B 510 33.31 43.66 -16.09
C HIS B 510 34.80 43.39 -16.04
N SER B 511 35.15 42.11 -15.99
CA SER B 511 36.53 41.67 -16.04
C SER B 511 36.66 40.52 -17.03
N PHE B 512 37.85 40.38 -17.60
CA PHE B 512 38.12 39.36 -18.62
C PHE B 512 39.27 38.49 -18.15
N VAL B 513 38.95 37.37 -17.54
CA VAL B 513 39.96 36.40 -17.11
C VAL B 513 40.24 35.43 -18.26
N ASN B 514 41.52 35.20 -18.52
CA ASN B 514 41.95 34.28 -19.57
C ASN B 514 42.63 33.05 -18.97
N ILE B 515 42.25 31.89 -19.46
CA ILE B 515 42.96 30.63 -19.23
C ILE B 515 43.65 30.21 -20.51
N THR B 516 44.88 29.73 -20.36
CA THR B 516 45.71 29.36 -21.50
C THR B 516 46.25 27.96 -21.30
N VAL B 517 46.27 27.19 -22.38
CA VAL B 517 46.83 25.84 -22.37
C VAL B 517 47.85 25.73 -23.50
N SER B 518 49.01 25.17 -23.22
CA SER B 518 50.09 25.06 -24.19
C SER B 518 50.65 23.64 -24.19
N ALA B 519 50.90 23.13 -25.39
CA ALA B 519 51.43 21.79 -25.54
C ALA B 519 52.34 21.73 -26.76
N SER B 520 53.29 20.79 -26.73
CA SER B 520 54.21 20.61 -27.83
C SER B 520 54.48 19.12 -28.03
N PHE B 521 54.27 18.65 -29.27
CA PHE B 521 54.56 17.27 -29.64
C PHE B 521 55.60 17.11 -30.73
N GLY B 522 55.82 18.13 -31.56
CA GLY B 522 56.62 18.00 -32.77
C GLY B 522 57.99 17.39 -32.60
N GLY B 523 58.53 17.44 -31.40
CA GLY B 523 59.88 16.97 -31.17
C GLY B 523 59.96 15.69 -30.35
N HIS B 524 58.98 15.47 -29.49
CA HIS B 524 59.06 14.37 -28.53
C HIS B 524 58.85 13.05 -29.25
N SER B 525 57.64 12.80 -29.74
CA SER B 525 57.38 11.65 -30.60
C SER B 525 56.38 11.95 -31.70
N GLY B 526 55.92 13.20 -31.82
CA GLY B 526 54.79 13.53 -32.65
C GLY B 526 53.51 13.43 -31.85
N ALA B 527 53.39 12.37 -31.05
CA ALA B 527 52.29 12.22 -30.12
C ALA B 527 52.69 12.56 -28.70
N ASN B 528 53.93 12.28 -28.32
CA ASN B 528 54.36 12.55 -26.96
C ASN B 528 54.56 14.04 -26.76
N LEU B 529 54.51 14.45 -25.50
CA LEU B 529 54.55 15.85 -25.13
C LEU B 529 55.94 16.27 -24.69
N ILE B 530 56.38 17.42 -25.21
CA ILE B 530 57.61 18.01 -24.72
C ILE B 530 57.34 18.79 -23.44
N ALA B 531 56.35 19.67 -23.46
CA ALA B 531 56.06 20.49 -22.30
C ALA B 531 54.60 20.94 -22.33
N SER B 532 53.98 20.97 -21.15
CA SER B 532 52.64 21.49 -20.96
C SER B 532 52.70 22.72 -20.08
N ASP B 533 51.95 23.75 -20.48
CA ASP B 533 51.96 25.02 -19.74
C ASP B 533 50.54 25.57 -19.77
N THR B 534 49.96 25.73 -18.60
CA THR B 534 48.65 26.34 -18.46
C THR B 534 48.74 27.53 -17.52
N THR B 535 48.16 28.65 -17.95
CA THR B 535 48.21 29.89 -17.19
C THR B 535 46.81 30.46 -17.04
N ILE B 536 46.47 30.88 -15.83
CA ILE B 536 45.23 31.57 -15.55
C ILE B 536 45.61 33.03 -15.39
N ASN B 537 45.48 33.81 -16.46
CA ASN B 537 45.92 35.20 -16.46
C ASN B 537 47.40 35.28 -16.08
N GLY B 538 48.19 34.32 -16.56
CA GLY B 538 49.60 34.26 -16.26
C GLY B 538 49.97 33.72 -14.90
N PHE B 539 49.04 33.08 -14.18
CA PHE B 539 49.35 32.53 -12.87
C PHE B 539 48.85 31.10 -12.77
N SER B 540 49.29 30.43 -11.70
CA SER B 540 48.86 29.08 -11.38
C SER B 540 47.59 29.05 -10.55
N SER B 541 47.13 30.21 -10.07
CA SER B 541 45.91 30.29 -9.29
C SER B 541 45.39 31.73 -9.36
N PHE B 542 44.10 31.88 -9.13
CA PHE B 542 43.48 33.20 -9.21
C PHE B 542 42.12 33.18 -8.54
N CYS B 543 41.65 34.36 -8.19
CA CYS B 543 40.34 34.54 -7.58
C CYS B 543 39.58 35.61 -8.34
N VAL B 544 38.26 35.43 -8.42
CA VAL B 544 37.42 36.35 -9.17
C VAL B 544 37.40 37.72 -8.49
N ASP B 545 37.30 38.79 -9.30
CA ASP B 545 37.35 40.15 -8.77
C ASP B 545 36.06 40.93 -8.98
N THR B 546 35.59 41.05 -10.22
CA THR B 546 34.44 41.91 -10.51
C THR B 546 33.15 41.09 -10.51
N ARG B 547 32.04 41.79 -10.30
CA ARG B 547 30.75 41.12 -10.32
C ARG B 547 30.50 40.51 -11.69
N GLN B 548 30.78 41.25 -12.75
CA GLN B 548 30.64 40.75 -14.10
C GLN B 548 32.02 40.37 -14.62
N PHE B 549 32.09 39.23 -15.29
CA PHE B 549 33.36 38.72 -15.79
C PHE B 549 33.12 37.82 -16.98
N THR B 550 34.20 37.52 -17.71
CA THR B 550 34.16 36.58 -18.81
C THR B 550 35.47 35.81 -18.87
N ILE B 551 35.37 34.51 -19.13
CA ILE B 551 36.50 33.61 -19.21
C ILE B 551 36.86 33.37 -20.67
N SER B 552 38.16 33.41 -20.98
CA SER B 552 38.66 33.15 -22.32
C SER B 552 39.71 32.06 -22.26
N LEU B 553 39.50 30.98 -23.00
CA LEU B 553 40.44 29.86 -23.05
C LEU B 553 41.18 29.87 -24.38
N SER B 554 42.50 29.82 -24.30
CA SER B 554 43.36 29.84 -25.46
C SER B 554 44.09 28.51 -25.60
N TYR B 555 44.18 28.03 -26.83
CA TYR B 555 44.80 26.76 -27.16
C TYR B 555 46.16 27.00 -27.80
N ASN B 556 47.10 26.11 -27.51
CA ASN B 556 48.47 26.26 -27.99
C ASN B 556 49.01 24.89 -28.38
N VAL B 557 49.24 24.68 -29.67
CA VAL B 557 49.63 23.37 -30.19
C VAL B 557 50.92 23.52 -30.97
N THR B 558 51.91 22.67 -30.64
CA THR B 558 53.18 22.62 -31.35
C THR B 558 53.43 21.19 -31.80
N ASN B 559 53.34 20.94 -33.11
CA ASN B 559 53.51 19.58 -33.60
C ASN B 559 53.86 19.61 -35.07
N SER B 560 54.44 18.50 -35.54
CA SER B 560 54.76 18.39 -36.96
C SER B 560 53.51 18.24 -37.80
N TYR B 561 52.61 17.34 -37.39
CA TYR B 561 51.36 17.14 -38.13
C TYR B 561 50.48 18.39 -38.08
N GLY B 562 50.36 18.99 -36.90
CA GLY B 562 49.53 20.17 -36.73
C GLY B 562 48.06 19.94 -36.45
N TYR B 563 47.61 18.69 -36.43
CA TYR B 563 46.19 18.38 -36.23
C TYR B 563 46.01 17.61 -34.92
N VAL B 564 45.16 18.14 -34.04
CA VAL B 564 44.90 17.52 -32.75
C VAL B 564 43.41 17.57 -32.45
N SER B 565 42.90 16.50 -31.86
CA SER B 565 41.52 16.43 -31.39
C SER B 565 41.50 16.72 -29.89
N ASN B 566 40.73 17.73 -29.48
CA ASN B 566 40.71 18.19 -28.11
C ASN B 566 39.45 17.70 -27.38
N SER B 567 39.63 17.29 -26.12
CA SER B 567 38.50 16.84 -25.32
C SER B 567 38.74 17.20 -23.86
N GLN B 568 37.65 17.48 -23.16
CA GLN B 568 37.67 17.83 -21.74
C GLN B 568 36.83 16.86 -20.93
N ASP B 569 37.28 16.57 -19.72
CA ASP B 569 36.53 15.77 -18.76
C ASP B 569 36.30 16.59 -17.49
N SER B 570 35.13 16.43 -16.91
CA SER B 570 34.74 17.22 -15.76
C SER B 570 34.21 16.30 -14.66
N ASN B 571 34.52 16.66 -13.42
CA ASN B 571 33.90 16.07 -12.24
C ASN B 571 32.93 17.05 -11.61
N CYS B 572 32.40 17.96 -12.41
CA CYS B 572 31.63 19.08 -11.91
C CYS B 572 30.41 19.27 -12.79
N PRO B 573 29.31 19.74 -12.23
CA PRO B 573 28.10 19.95 -13.04
C PRO B 573 28.16 21.19 -13.94
N PHE B 574 29.34 21.74 -14.18
CA PHE B 574 29.43 22.98 -14.92
C PHE B 574 30.52 22.90 -15.98
N THR B 575 30.32 23.62 -17.09
CA THR B 575 31.30 23.71 -18.15
C THR B 575 31.50 25.17 -18.52
N LEU B 576 32.68 25.46 -19.05
CA LEU B 576 33.00 26.83 -19.43
C LEU B 576 31.99 27.38 -20.42
N GLN B 577 31.53 26.55 -21.35
CA GLN B 577 30.48 26.98 -22.25
C GLN B 577 29.22 27.31 -21.47
N SER B 578 28.83 26.40 -20.57
CA SER B 578 27.58 26.58 -19.85
C SER B 578 27.64 27.79 -18.94
N VAL B 579 28.74 27.91 -18.17
CA VAL B 579 28.83 28.96 -17.19
C VAL B 579 28.81 30.34 -17.83
N ASN B 580 29.23 30.42 -19.09
CA ASN B 580 29.30 31.73 -19.75
C ASN B 580 27.92 32.34 -19.89
N ASP B 581 26.87 31.55 -19.77
CA ASP B 581 25.52 32.00 -20.08
C ASP B 581 24.86 32.61 -18.84
N TYR B 582 25.36 33.78 -18.46
CA TYR B 582 24.77 34.59 -17.41
C TYR B 582 24.59 33.79 -16.11
N LEU B 583 25.64 33.06 -15.73
CA LEU B 583 25.61 32.33 -14.47
C LEU B 583 25.99 33.25 -13.32
N SER B 584 25.01 33.58 -12.50
CA SER B 584 25.24 34.38 -11.30
C SER B 584 25.68 33.50 -10.15
N PHE B 585 26.60 34.03 -9.34
CA PHE B 585 27.23 33.17 -8.35
C PHE B 585 27.88 34.11 -7.33
N SER B 586 28.37 33.55 -6.22
CA SER B 586 28.89 34.41 -5.16
C SER B 586 30.42 34.46 -5.13
N LYS B 587 31.07 33.33 -4.96
CA LYS B 587 32.51 33.31 -4.76
C LYS B 587 33.16 32.23 -5.62
N PHE B 588 34.33 32.56 -6.19
CA PHE B 588 34.96 31.58 -7.07
C PHE B 588 36.46 31.88 -7.17
N CYS B 589 37.25 30.81 -7.12
CA CYS B 589 38.68 30.90 -7.32
C CYS B 589 39.15 29.66 -8.07
N VAL B 590 40.30 29.79 -8.71
CA VAL B 590 40.86 28.75 -9.55
C VAL B 590 42.30 28.52 -9.12
N SER B 591 42.77 27.28 -9.31
CA SER B 591 44.16 26.97 -9.02
C SER B 591 44.59 25.74 -9.81
N THR B 592 45.90 25.62 -9.98
CA THR B 592 46.52 24.45 -10.56
C THR B 592 46.96 23.46 -9.50
N SER B 593 46.71 23.75 -8.23
CA SER B 593 47.11 22.88 -7.13
C SER B 593 45.86 22.34 -6.44
N LEU B 594 45.98 21.14 -5.90
CA LEU B 594 44.85 20.45 -5.30
C LEU B 594 44.27 21.26 -4.15
N LEU B 595 42.94 21.37 -4.12
CA LEU B 595 42.23 22.10 -3.08
C LEU B 595 40.91 21.38 -2.80
N ALA B 596 40.56 21.31 -1.52
CA ALA B 596 39.30 20.68 -1.15
C ALA B 596 38.12 21.52 -1.64
N SER B 597 37.02 20.84 -1.93
CA SER B 597 35.80 21.48 -2.43
C SER B 597 36.06 22.23 -3.73
N ALA B 598 37.02 21.76 -4.50
CA ALA B 598 37.39 22.38 -5.76
C ALA B 598 37.19 21.36 -6.87
N CYS B 599 36.31 21.69 -7.81
CA CYS B 599 36.07 20.80 -8.95
C CYS B 599 37.34 20.62 -9.75
N THR B 600 37.62 19.38 -10.15
CA THR B 600 38.82 19.05 -10.89
C THR B 600 38.45 18.80 -12.34
N ILE B 601 39.13 19.49 -13.26
CA ILE B 601 38.84 19.40 -14.68
C ILE B 601 40.12 19.04 -15.43
N ASP B 602 39.98 18.17 -16.43
CA ASP B 602 41.10 17.69 -17.23
C ASP B 602 40.84 17.96 -18.70
N LEU B 603 41.92 18.17 -19.44
CA LEU B 603 41.86 18.40 -20.88
C LEU B 603 42.63 17.30 -21.59
N PHE B 604 42.15 16.92 -22.78
CA PHE B 604 42.76 15.83 -23.52
C PHE B 604 42.88 16.21 -24.98
N GLY B 605 44.00 15.82 -25.59
CA GLY B 605 44.25 16.09 -26.99
C GLY B 605 44.72 14.89 -27.78
N TYR B 606 44.15 14.69 -28.97
CA TYR B 606 44.52 13.57 -29.84
C TYR B 606 45.27 14.10 -31.05
N PRO B 607 46.59 13.98 -31.10
CA PRO B 607 47.34 14.57 -32.23
C PRO B 607 47.20 13.84 -33.54
N GLU B 608 46.42 12.76 -33.59
CA GLU B 608 46.25 11.89 -34.76
C GLU B 608 47.50 11.12 -35.10
N PHE B 609 48.59 11.28 -34.33
CA PHE B 609 49.76 10.43 -34.49
C PHE B 609 49.46 8.99 -34.12
N GLY B 610 48.38 8.74 -33.38
CA GLY B 610 48.01 7.40 -33.00
C GLY B 610 47.50 7.32 -31.58
N SER B 611 48.00 8.20 -30.71
CA SER B 611 47.61 8.20 -29.31
C SER B 611 47.42 9.62 -28.83
N GLY B 612 46.37 9.83 -28.03
CA GLY B 612 46.09 11.13 -27.44
C GLY B 612 46.70 11.21 -26.05
N VAL B 613 46.55 12.40 -25.44
CA VAL B 613 47.14 12.67 -24.13
C VAL B 613 46.18 13.51 -23.31
N LYS B 614 46.53 13.66 -22.03
CA LYS B 614 45.87 14.58 -21.11
C LYS B 614 46.90 15.57 -20.57
N PHE B 615 46.49 16.81 -20.38
CA PHE B 615 47.42 17.89 -20.06
C PHE B 615 47.54 18.16 -18.57
N THR B 616 46.45 18.56 -17.92
CA THR B 616 46.54 18.93 -16.52
C THR B 616 45.15 18.98 -15.91
N SER B 617 45.12 19.07 -14.59
CA SER B 617 43.89 19.14 -13.82
C SER B 617 43.79 20.50 -13.16
N LEU B 618 42.64 21.14 -13.34
CA LEU B 618 42.38 22.45 -12.76
C LEU B 618 41.35 22.35 -11.64
N TYR B 619 41.55 23.14 -10.60
CA TYR B 619 40.75 23.06 -9.39
C TYR B 619 39.97 24.34 -9.19
N PHE B 620 38.68 24.20 -8.86
CA PHE B 620 37.76 25.32 -8.80
C PHE B 620 36.92 25.24 -7.52
N GLN B 621 37.26 26.03 -6.51
CA GLN B 621 36.43 26.10 -5.32
C GLN B 621 35.46 27.25 -5.43
N PHE B 622 34.20 27.02 -5.04
CA PHE B 622 33.22 28.06 -5.20
C PHE B 622 32.01 27.81 -4.31
N THR B 623 31.27 28.89 -4.05
CA THR B 623 30.04 28.88 -3.26
C THR B 623 29.01 29.79 -3.89
N LYS B 624 27.75 29.37 -3.86
CA LYS B 624 26.71 29.97 -4.67
C LYS B 624 26.21 31.28 -4.08
N GLY B 625 25.77 32.18 -4.95
CA GLY B 625 25.16 33.42 -4.49
C GLY B 625 24.88 34.38 -5.63
N GLU B 626 24.77 35.65 -5.29
CA GLU B 626 24.47 36.69 -6.27
C GLU B 626 25.54 37.77 -6.28
N LEU B 627 26.81 37.35 -6.36
CA LEU B 627 27.89 38.31 -6.46
C LEU B 627 28.51 38.32 -7.86
N ILE B 628 28.98 37.17 -8.33
CA ILE B 628 29.74 37.09 -9.57
C ILE B 628 28.86 36.44 -10.64
N THR B 629 28.81 37.09 -11.81
CA THR B 629 28.06 36.58 -12.94
C THR B 629 28.95 36.44 -14.17
N GLY B 630 28.80 35.33 -14.87
CA GLY B 630 29.58 35.11 -16.08
C GLY B 630 28.77 35.29 -17.34
N THR B 631 29.20 36.22 -18.19
CA THR B 631 28.44 36.63 -19.36
C THR B 631 29.25 36.44 -20.64
N PRO B 632 28.59 36.18 -21.77
CA PRO B 632 29.33 36.05 -23.03
C PRO B 632 30.09 37.33 -23.38
N LYS B 633 29.51 38.49 -23.05
CA LYS B 633 30.10 39.78 -23.36
C LYS B 633 29.61 40.79 -22.35
N PRO B 634 30.34 41.87 -22.14
CA PRO B 634 29.93 42.86 -21.13
C PRO B 634 28.76 43.73 -21.57
N LEU B 635 28.43 44.72 -20.75
CA LEU B 635 27.38 45.68 -21.02
C LEU B 635 28.00 47.08 -21.05
N GLU B 636 27.60 47.88 -22.02
CA GLU B 636 28.24 49.16 -22.31
C GLU B 636 27.60 50.27 -21.48
N GLY B 637 28.33 50.78 -20.48
CA GLY B 637 27.88 51.93 -19.72
C GLY B 637 26.54 51.75 -19.07
N VAL B 638 26.33 50.60 -18.43
CA VAL B 638 25.02 50.23 -17.92
C VAL B 638 25.07 50.25 -16.40
N THR B 639 24.26 51.12 -15.80
CA THR B 639 24.17 51.20 -14.35
C THR B 639 23.14 50.24 -13.78
N ASP B 640 22.36 49.58 -14.63
CA ASP B 640 21.39 48.57 -14.21
C ASP B 640 21.46 47.46 -15.27
N VAL B 641 22.31 46.47 -15.03
CA VAL B 641 22.61 45.45 -16.02
C VAL B 641 21.37 44.63 -16.39
N SER B 642 20.41 44.53 -15.48
CA SER B 642 19.20 43.77 -15.72
C SER B 642 18.40 44.34 -16.89
N PHE B 643 17.96 43.46 -17.79
CA PHE B 643 17.09 43.86 -18.90
C PHE B 643 15.83 43.02 -18.89
N MET B 644 14.71 43.65 -19.24
CA MET B 644 13.41 43.01 -19.06
C MET B 644 12.40 43.63 -20.02
N THR B 645 11.26 42.94 -20.15
CA THR B 645 10.16 43.37 -20.99
C THR B 645 8.90 42.67 -20.48
N LEU B 646 7.76 43.32 -20.67
CA LEU B 646 6.46 42.78 -20.24
C LEU B 646 5.55 42.59 -21.45
N ASP B 647 4.35 42.08 -21.16
CA ASP B 647 3.25 41.92 -22.11
C ASP B 647 3.50 40.78 -23.10
N VAL B 648 4.70 40.19 -23.08
CA VAL B 648 5.00 39.11 -23.99
C VAL B 648 5.67 37.99 -23.22
N CYS B 649 5.55 36.80 -23.77
CA CYS B 649 6.19 35.64 -23.18
C CYS B 649 7.68 35.70 -23.49
N THR B 650 8.51 35.29 -22.53
CA THR B 650 9.95 35.48 -22.71
C THR B 650 10.72 34.42 -21.94
N LYS B 651 11.97 34.25 -22.34
CA LYS B 651 12.87 33.35 -21.63
C LYS B 651 13.65 34.18 -20.61
N TYR B 652 13.51 33.81 -19.35
CA TYR B 652 14.02 34.60 -18.25
C TYR B 652 14.93 33.78 -17.35
N THR B 653 15.76 34.48 -16.59
CA THR B 653 16.50 33.89 -15.48
C THR B 653 16.61 34.95 -14.39
N ILE B 654 15.99 34.68 -13.25
CA ILE B 654 15.83 35.69 -12.21
C ILE B 654 16.38 35.13 -10.92
N TYR B 655 17.44 35.75 -10.41
CA TYR B 655 18.06 35.32 -9.14
C TYR B 655 18.39 33.84 -9.17
N GLY B 656 18.91 33.38 -10.30
CA GLY B 656 19.21 31.98 -10.43
C GLY B 656 17.96 31.15 -10.59
N PHE B 657 16.88 31.73 -11.07
CA PHE B 657 15.66 30.99 -11.33
C PHE B 657 15.22 31.30 -12.75
N LYS B 658 15.41 30.34 -13.65
CA LYS B 658 15.18 30.55 -15.07
C LYS B 658 14.00 29.73 -15.53
N GLY B 659 13.30 30.24 -16.53
CA GLY B 659 12.18 29.52 -17.08
C GLY B 659 11.57 30.30 -18.22
N GLU B 660 10.39 29.87 -18.62
CA GLU B 660 9.68 30.46 -19.74
C GLU B 660 8.30 30.89 -19.25
N GLY B 661 7.94 32.14 -19.51
CA GLY B 661 6.67 32.65 -19.01
C GLY B 661 6.45 34.06 -19.50
N ILE B 662 5.26 34.57 -19.23
CA ILE B 662 4.86 35.92 -19.61
C ILE B 662 4.68 36.71 -18.32
N ILE B 663 5.25 37.91 -18.28
CA ILE B 663 5.37 38.70 -17.07
C ILE B 663 4.46 39.92 -17.14
N THR B 664 4.01 40.35 -15.96
CA THR B 664 3.12 41.50 -15.86
C THR B 664 3.32 42.17 -14.50
N LEU B 665 2.59 43.26 -14.30
CA LEU B 665 2.64 44.09 -13.11
C LEU B 665 1.30 44.07 -12.38
N THR B 666 1.36 44.09 -11.04
CA THR B 666 0.17 44.20 -10.21
C THR B 666 0.43 45.24 -9.13
N ASN B 667 -0.65 45.85 -8.66
CA ASN B 667 -0.55 46.88 -7.64
C ASN B 667 -0.55 46.32 -6.23
N SER B 668 -0.67 45.01 -6.08
CA SER B 668 -0.55 44.41 -4.76
C SER B 668 0.86 44.68 -4.24
N SER B 669 0.96 45.09 -2.97
CA SER B 669 2.25 45.49 -2.43
C SER B 669 2.43 44.94 -1.02
N PHE B 670 3.70 44.81 -0.65
CA PHE B 670 4.06 44.33 0.69
C PHE B 670 5.37 44.99 1.08
N LEU B 671 5.61 45.06 2.38
CA LEU B 671 6.78 45.75 2.89
C LEU B 671 8.02 44.88 2.94
N ALA B 672 7.89 43.57 2.80
CA ALA B 672 9.04 42.69 2.99
C ALA B 672 9.05 41.61 1.91
N GLY B 673 10.23 41.07 1.68
CA GLY B 673 10.38 40.01 0.69
C GLY B 673 10.46 40.56 -0.71
N VAL B 674 11.36 40.02 -1.51
CA VAL B 674 11.50 40.46 -2.90
C VAL B 674 11.00 39.41 -3.88
N TYR B 675 11.13 38.13 -3.56
CA TYR B 675 10.63 37.07 -4.42
C TYR B 675 9.66 36.20 -3.63
N TYR B 676 8.67 35.69 -4.34
CA TYR B 676 7.59 34.90 -3.75
C TYR B 676 7.40 33.65 -4.58
N THR B 677 7.80 32.52 -4.00
CA THR B 677 7.88 31.24 -4.68
C THR B 677 6.66 30.40 -4.39
N SER B 678 6.17 29.70 -5.41
CA SER B 678 5.10 28.76 -5.20
C SER B 678 5.57 27.64 -4.28
N ASP B 679 4.61 27.04 -3.55
CA ASP B 679 4.95 25.95 -2.66
C ASP B 679 5.59 24.80 -3.43
N SER B 680 5.22 24.64 -4.70
CA SER B 680 5.87 23.67 -5.56
C SER B 680 7.27 24.13 -5.94
N GLY B 681 7.58 25.40 -5.77
CA GLY B 681 8.90 25.90 -6.04
C GLY B 681 8.96 26.77 -7.28
N GLN B 682 7.92 27.57 -7.49
CA GLN B 682 7.89 28.49 -8.61
C GLN B 682 7.71 29.90 -8.08
N LEU B 683 8.65 30.76 -8.40
CA LEU B 683 8.59 32.16 -8.02
C LEU B 683 7.53 32.86 -8.86
N LEU B 684 6.34 33.05 -8.30
CA LEU B 684 5.25 33.60 -9.08
C LEU B 684 5.35 35.11 -9.23
N ALA B 685 5.30 35.82 -8.12
CA ALA B 685 5.40 37.26 -8.11
C ALA B 685 6.70 37.68 -7.44
N PHE B 686 7.03 38.95 -7.61
CA PHE B 686 8.26 39.50 -7.05
C PHE B 686 8.18 41.01 -7.12
N LYS B 687 9.15 41.65 -6.49
CA LYS B 687 9.16 43.09 -6.26
C LYS B 687 10.36 43.74 -6.94
N ASN B 688 10.16 44.97 -7.40
CA ASN B 688 11.25 45.75 -7.99
C ASN B 688 12.18 46.21 -6.89
N VAL B 689 13.39 45.67 -6.87
CA VAL B 689 14.32 45.96 -5.80
C VAL B 689 14.52 47.46 -5.67
N THR B 690 14.75 48.12 -6.81
CA THR B 690 15.02 49.55 -6.77
C THR B 690 13.74 50.32 -6.46
N SER B 691 12.64 49.97 -7.11
CA SER B 691 11.43 50.77 -7.05
C SER B 691 10.33 50.19 -6.18
N GLY B 692 10.32 48.88 -5.94
CA GLY B 692 9.24 48.27 -5.20
C GLY B 692 8.07 47.79 -6.04
N ALA B 693 8.09 48.05 -7.35
CA ALA B 693 7.03 47.55 -8.22
C ALA B 693 7.00 46.03 -8.16
N VAL B 694 5.80 45.47 -8.15
CA VAL B 694 5.62 44.04 -7.99
C VAL B 694 5.20 43.45 -9.31
N TYR B 695 6.05 42.59 -9.87
CA TYR B 695 5.76 41.90 -11.12
C TYR B 695 5.57 40.42 -10.86
N SER B 696 4.67 39.80 -11.62
CA SER B 696 4.38 38.38 -11.52
C SER B 696 4.34 37.79 -12.92
N VAL B 697 4.85 36.57 -13.05
CA VAL B 697 4.95 35.88 -14.32
C VAL B 697 4.03 34.68 -14.31
N THR B 698 3.56 34.31 -15.50
CA THR B 698 2.68 33.17 -15.66
C THR B 698 3.15 32.33 -16.83
N PRO B 699 2.97 31.02 -16.77
CA PRO B 699 3.42 30.15 -17.86
C PRO B 699 2.63 30.37 -19.13
N CYS B 700 3.32 30.24 -20.26
CA CYS B 700 2.73 30.36 -21.59
C CYS B 700 2.28 29.01 -22.10
N SER B 701 1.51 28.31 -21.27
CA SER B 701 0.96 27.01 -21.63
C SER B 701 -0.25 26.76 -20.75
N PHE B 702 -1.31 26.23 -21.34
CA PHE B 702 -2.55 26.07 -20.61
C PHE B 702 -3.17 24.75 -21.02
N SER B 703 -4.41 24.54 -20.60
CA SER B 703 -5.08 23.28 -20.87
C SER B 703 -6.53 23.54 -21.19
N GLU B 704 -7.24 22.47 -21.54
CA GLU B 704 -8.64 22.59 -21.92
C GLU B 704 -9.27 21.21 -21.96
N GLN B 705 -10.59 21.20 -22.05
CA GLN B 705 -11.40 19.99 -22.11
C GLN B 705 -12.13 20.00 -23.44
N ALA B 706 -12.01 18.93 -24.19
CA ALA B 706 -12.47 18.91 -25.57
C ALA B 706 -13.54 17.84 -25.76
N ALA B 707 -14.45 18.13 -26.68
CA ALA B 707 -15.54 17.22 -27.00
C ALA B 707 -15.23 16.56 -28.34
N TYR B 708 -14.75 15.32 -28.26
CA TYR B 708 -14.56 14.50 -29.43
C TYR B 708 -15.93 14.01 -29.88
N VAL B 709 -16.34 14.42 -31.07
CA VAL B 709 -17.68 14.13 -31.57
C VAL B 709 -17.57 13.26 -32.81
N ASP B 710 -18.43 12.26 -32.89
CA ASP B 710 -18.38 11.31 -33.99
C ASP B 710 -16.95 10.84 -34.13
N ASP B 711 -16.22 11.45 -35.06
CA ASP B 711 -14.83 11.13 -35.26
C ASP B 711 -13.96 12.38 -35.19
N ASP B 712 -14.40 13.41 -34.49
CA ASP B 712 -13.62 14.63 -34.44
C ASP B 712 -13.97 15.44 -33.22
N ILE B 713 -13.15 16.45 -32.97
CA ILE B 713 -13.47 17.46 -31.98
C ILE B 713 -14.45 18.45 -32.59
N VAL B 714 -15.40 18.89 -31.79
CA VAL B 714 -16.35 19.88 -32.28
C VAL B 714 -16.40 21.03 -31.28
N GLY B 715 -16.61 20.70 -30.01
CA GLY B 715 -16.79 21.68 -28.97
C GLY B 715 -15.53 21.84 -28.14
N VAL B 716 -15.31 23.07 -27.69
CA VAL B 716 -14.14 23.42 -26.89
C VAL B 716 -14.60 24.32 -25.75
N ILE B 717 -14.10 24.04 -24.55
CA ILE B 717 -14.32 24.87 -23.39
C ILE B 717 -12.98 25.20 -22.74
N SER B 718 -12.75 26.48 -22.49
CA SER B 718 -11.49 26.94 -21.91
C SER B 718 -11.74 28.24 -21.17
N SER B 719 -10.64 28.93 -20.84
CA SER B 719 -10.70 30.20 -20.15
C SER B 719 -10.35 31.38 -21.04
N LEU B 720 -9.75 31.13 -22.19
CA LEU B 720 -9.34 32.21 -23.08
C LEU B 720 -10.46 32.54 -24.06
N SER B 721 -10.39 33.74 -24.62
CA SER B 721 -11.47 34.27 -25.41
C SER B 721 -11.36 33.96 -26.89
N SER B 722 -10.38 33.16 -27.31
CA SER B 722 -10.18 32.86 -28.71
C SER B 722 -9.96 31.37 -28.93
N SER B 723 -10.22 30.94 -30.15
CA SER B 723 -10.03 29.55 -30.55
C SER B 723 -10.03 29.48 -32.06
N THR B 724 -9.64 28.30 -32.59
CA THR B 724 -9.70 28.09 -34.02
C THR B 724 -11.13 28.17 -34.53
N PHE B 725 -12.05 27.62 -33.77
CA PHE B 725 -13.45 27.64 -34.18
C PHE B 725 -13.98 29.06 -34.20
N ASN B 726 -14.82 29.34 -35.18
CA ASN B 726 -15.32 30.70 -35.37
C ASN B 726 -16.35 31.07 -34.32
N SER B 727 -17.29 30.18 -34.04
CA SER B 727 -18.34 30.49 -33.09
C SER B 727 -17.79 30.40 -31.68
N THR B 728 -18.20 31.33 -30.82
CA THR B 728 -17.62 31.41 -29.49
C THR B 728 -18.65 32.02 -28.55
N ARG B 729 -18.59 31.60 -27.28
CA ARG B 729 -19.49 32.14 -26.28
C ARG B 729 -18.83 32.06 -24.92
N GLU B 730 -19.35 32.86 -24.00
CA GLU B 730 -18.87 32.94 -22.64
C GLU B 730 -20.01 32.61 -21.69
N LEU B 731 -19.79 31.64 -20.82
CA LEU B 731 -20.72 31.28 -19.77
C LEU B 731 -20.00 31.38 -18.44
N PRO B 732 -20.73 31.60 -17.34
CA PRO B 732 -20.07 31.90 -16.07
C PRO B 732 -18.98 30.92 -15.70
N GLY B 733 -17.75 31.42 -15.70
CA GLY B 733 -16.58 30.66 -15.30
C GLY B 733 -15.87 29.91 -16.40
N PHE B 734 -16.31 30.04 -17.65
CA PHE B 734 -15.63 29.32 -18.73
C PHE B 734 -15.99 29.90 -20.09
N PHE B 735 -15.08 29.72 -21.04
CA PHE B 735 -15.29 30.07 -22.44
C PHE B 735 -15.56 28.81 -23.22
N TYR B 736 -16.56 28.84 -24.08
CA TYR B 736 -16.88 27.73 -24.94
C TYR B 736 -16.53 28.10 -26.38
N HIS B 737 -16.15 27.10 -27.16
CA HIS B 737 -15.70 27.34 -28.52
C HIS B 737 -16.22 26.26 -29.45
N SER B 738 -16.71 26.66 -30.62
CA SER B 738 -17.21 25.74 -31.64
C SER B 738 -17.45 26.51 -32.93
N ASN B 739 -18.01 25.85 -33.93
CA ASN B 739 -18.50 26.51 -35.13
C ASN B 739 -19.99 26.33 -35.29
N ASP B 740 -20.68 25.86 -34.26
CA ASP B 740 -22.13 25.69 -34.24
C ASP B 740 -22.68 26.65 -33.20
N GLY B 741 -23.36 27.70 -33.66
CA GLY B 741 -23.79 28.77 -32.79
C GLY B 741 -25.22 28.72 -32.33
N SER B 742 -25.81 27.54 -32.26
CA SER B 742 -27.19 27.39 -31.82
C SER B 742 -27.24 26.83 -30.40
N ASN B 743 -28.47 26.52 -29.95
CA ASN B 743 -28.70 25.73 -28.75
C ASN B 743 -28.89 24.26 -29.08
N CYS B 744 -28.35 23.40 -28.22
CA CYS B 744 -28.58 21.97 -28.39
C CYS B 744 -30.02 21.62 -28.08
N THR B 745 -30.51 20.60 -28.77
CA THR B 745 -31.80 20.00 -28.46
C THR B 745 -31.74 18.49 -28.32
N GLU B 746 -30.71 17.83 -28.85
CA GLU B 746 -30.53 16.39 -28.70
C GLU B 746 -29.10 16.14 -28.24
N PRO B 747 -28.84 16.28 -26.96
CA PRO B 747 -27.46 16.19 -26.47
C PRO B 747 -26.91 14.78 -26.54
N VAL B 748 -26.00 14.55 -27.48
CA VAL B 748 -25.43 13.22 -27.61
C VAL B 748 -24.48 12.93 -26.44
N LEU B 749 -23.70 13.92 -26.04
CA LEU B 749 -22.79 13.80 -24.91
C LEU B 749 -23.22 14.78 -23.85
N VAL B 750 -23.41 14.28 -22.64
CA VAL B 750 -24.03 15.03 -21.56
C VAL B 750 -23.19 14.97 -20.30
N TYR B 751 -23.14 16.08 -19.58
CA TYR B 751 -22.67 16.07 -18.21
C TYR B 751 -23.54 17.00 -17.39
N SER B 752 -24.04 16.49 -16.27
CA SER B 752 -24.90 17.28 -15.40
C SER B 752 -26.05 17.80 -16.26
N ASN B 753 -26.58 18.97 -15.94
CA ASN B 753 -27.58 19.54 -16.83
C ASN B 753 -27.01 20.05 -18.10
N ILE B 754 -25.77 19.74 -18.48
CA ILE B 754 -25.21 20.21 -19.74
C ILE B 754 -25.14 19.04 -20.70
N GLY B 755 -25.36 19.35 -21.98
CA GLY B 755 -25.28 18.37 -23.05
C GLY B 755 -24.99 19.06 -24.36
N VAL B 756 -24.53 18.26 -25.32
CA VAL B 756 -24.13 18.79 -26.61
C VAL B 756 -24.68 17.91 -27.74
N CYS B 757 -25.22 18.56 -28.77
CA CYS B 757 -25.73 17.87 -29.94
C CYS B 757 -24.60 17.46 -30.88
N LYS B 758 -24.98 16.91 -32.04
CA LYS B 758 -23.98 16.52 -33.04
C LYS B 758 -23.26 17.74 -33.60
N SER B 759 -24.00 18.78 -33.98
CA SER B 759 -23.38 19.93 -34.60
C SER B 759 -22.45 20.65 -33.64
N GLY B 760 -22.72 20.56 -32.34
CA GLY B 760 -21.86 21.16 -31.33
C GLY B 760 -22.55 22.13 -30.41
N SER B 761 -23.82 22.45 -30.64
CA SER B 761 -24.53 23.34 -29.74
C SER B 761 -24.66 22.71 -28.37
N ILE B 762 -24.84 23.56 -27.37
CA ILE B 762 -24.90 23.16 -25.98
C ILE B 762 -26.34 23.34 -25.50
N GLY B 763 -26.68 22.65 -24.42
CA GLY B 763 -28.02 22.78 -23.86
C GLY B 763 -28.07 22.44 -22.39
N TYR B 764 -29.10 22.95 -21.73
CA TYR B 764 -29.35 22.71 -20.32
C TYR B 764 -30.32 21.55 -20.17
N VAL B 765 -29.77 20.39 -19.83
CA VAL B 765 -30.57 19.20 -19.66
C VAL B 765 -31.54 19.39 -18.49
N PRO B 766 -32.83 19.25 -18.70
CA PRO B 766 -33.78 19.38 -17.59
C PRO B 766 -33.69 18.16 -16.68
N SER B 767 -34.14 18.35 -15.44
CA SER B 767 -34.13 17.27 -14.48
C SER B 767 -35.12 16.18 -14.86
N GLN B 768 -34.87 14.97 -14.36
CA GLN B 768 -35.70 13.82 -14.67
C GLN B 768 -36.82 13.70 -13.66
N SER B 769 -38.04 13.51 -14.17
CA SER B 769 -39.22 13.41 -13.32
C SER B 769 -39.31 12.00 -12.75
N GLY B 770 -40.44 11.69 -12.10
CA GLY B 770 -40.65 10.40 -11.49
C GLY B 770 -41.96 9.78 -11.94
N GLN B 771 -42.18 8.56 -11.49
CA GLN B 771 -43.40 7.82 -11.79
C GLN B 771 -44.52 8.30 -10.86
N VAL B 772 -45.68 7.66 -10.91
CA VAL B 772 -46.86 8.12 -10.19
C VAL B 772 -47.20 7.16 -9.06
N LYS B 773 -47.25 7.70 -7.84
CA LYS B 773 -47.63 6.91 -6.68
C LYS B 773 -48.14 7.86 -5.60
N ILE B 774 -49.14 7.39 -4.85
CA ILE B 774 -49.81 8.19 -3.85
C ILE B 774 -49.83 7.43 -2.52
N ALA B 775 -49.76 8.18 -1.43
CA ALA B 775 -49.82 7.63 -0.10
C ALA B 775 -51.25 7.22 0.26
N PRO B 776 -51.40 6.27 1.18
CA PRO B 776 -52.74 5.85 1.60
C PRO B 776 -53.51 6.99 2.24
N THR B 777 -54.82 6.96 2.06
CA THR B 777 -55.71 8.01 2.53
C THR B 777 -56.81 7.41 3.40
N VAL B 778 -57.66 8.29 3.94
CA VAL B 778 -58.77 7.86 4.78
C VAL B 778 -60.11 8.43 4.34
N THR B 779 -60.14 9.49 3.55
CA THR B 779 -61.40 10.13 3.17
C THR B 779 -61.15 11.00 1.95
N GLY B 780 -62.15 11.80 1.58
CA GLY B 780 -62.05 12.64 0.41
C GLY B 780 -62.22 11.89 -0.89
N ASN B 781 -61.11 11.71 -1.61
CA ASN B 781 -61.16 11.02 -2.90
C ASN B 781 -59.97 10.09 -3.02
N ILE B 782 -59.96 9.30 -4.09
CA ILE B 782 -58.86 8.39 -4.37
C ILE B 782 -58.76 8.13 -5.87
N SER B 783 -57.53 8.06 -6.36
CA SER B 783 -57.23 7.72 -7.75
C SER B 783 -56.71 6.29 -7.72
N ILE B 784 -57.63 5.34 -7.73
CA ILE B 784 -57.27 3.93 -7.55
C ILE B 784 -56.53 3.44 -8.79
N PRO B 785 -55.39 2.78 -8.63
CA PRO B 785 -54.64 2.32 -9.79
C PRO B 785 -55.34 1.19 -10.53
N THR B 786 -54.99 1.07 -11.80
CA THR B 786 -55.61 0.15 -12.73
C THR B 786 -54.80 0.20 -14.02
N ASN B 787 -55.16 -0.67 -14.95
CA ASN B 787 -54.52 -0.72 -16.27
C ASN B 787 -53.02 -0.98 -16.13
N PHE B 788 -52.70 -2.12 -15.56
CA PHE B 788 -51.30 -2.45 -15.30
C PHE B 788 -50.67 -3.09 -16.52
N SER B 789 -49.50 -2.59 -16.89
CA SER B 789 -48.77 -3.04 -18.06
C SER B 789 -47.40 -3.56 -17.65
N MET B 790 -46.88 -4.47 -18.45
CA MET B 790 -45.75 -5.25 -18.03
C MET B 790 -44.48 -4.40 -18.16
N SER B 791 -43.42 -4.80 -17.44
CA SER B 791 -42.19 -4.03 -17.47
C SER B 791 -41.06 -4.85 -16.85
N ILE B 792 -39.90 -4.83 -17.51
CA ILE B 792 -38.75 -5.60 -17.08
C ILE B 792 -37.52 -4.71 -17.00
N ARG B 793 -36.80 -4.80 -15.89
CA ARG B 793 -35.56 -4.09 -15.63
C ARG B 793 -34.40 -5.08 -15.56
N THR B 794 -33.19 -4.54 -15.51
CA THR B 794 -31.98 -5.33 -15.61
C THR B 794 -31.08 -5.17 -14.39
N GLU B 795 -30.28 -6.19 -14.13
CA GLU B 795 -29.29 -6.17 -13.05
C GLU B 795 -28.20 -7.19 -13.34
N TYR B 796 -27.04 -6.97 -12.72
CA TYR B 796 -25.94 -7.91 -12.81
C TYR B 796 -25.17 -7.90 -11.49
N LEU B 797 -24.54 -9.03 -11.19
CA LEU B 797 -23.71 -9.18 -10.01
C LEU B 797 -22.56 -10.10 -10.37
N GLN B 798 -21.45 -9.97 -9.65
CA GLN B 798 -20.29 -10.82 -9.86
C GLN B 798 -20.31 -11.98 -8.89
N LEU B 799 -19.37 -12.91 -9.09
CA LEU B 799 -19.34 -14.11 -8.25
C LEU B 799 -18.05 -14.26 -7.46
N TYR B 800 -16.89 -14.15 -8.10
CA TYR B 800 -15.63 -14.39 -7.44
C TYR B 800 -14.51 -13.81 -8.30
N ASN B 801 -13.27 -14.16 -7.98
CA ASN B 801 -12.11 -13.64 -8.68
C ASN B 801 -11.23 -14.78 -9.16
N THR B 802 -10.51 -14.52 -10.23
CA THR B 802 -9.61 -15.49 -10.82
C THR B 802 -8.49 -15.86 -9.85
N PRO B 803 -8.31 -17.14 -9.53
CA PRO B 803 -7.23 -17.55 -8.62
C PRO B 803 -5.93 -17.83 -9.33
N VAL B 804 -4.83 -17.33 -8.75
CA VAL B 804 -3.50 -17.52 -9.31
C VAL B 804 -2.56 -17.94 -8.19
N SER B 805 -1.45 -18.58 -8.57
CA SER B 805 -0.48 -19.04 -7.59
C SER B 805 0.90 -19.02 -8.22
N VAL B 806 1.89 -18.67 -7.40
CA VAL B 806 3.29 -18.60 -7.80
C VAL B 806 4.16 -19.07 -6.64
N ASP B 807 5.26 -19.75 -6.95
CA ASP B 807 6.21 -20.15 -5.92
C ASP B 807 7.29 -19.08 -5.84
N CYS B 808 7.44 -18.51 -4.64
CA CYS B 808 8.32 -17.36 -4.47
C CYS B 808 9.78 -17.74 -4.75
N ALA B 809 10.26 -18.79 -4.09
CA ALA B 809 11.68 -19.10 -4.14
C ALA B 809 12.11 -19.44 -5.56
N THR B 810 11.43 -20.40 -6.18
CA THR B 810 11.84 -20.83 -7.49
C THR B 810 11.75 -19.70 -8.49
N TYR B 811 10.71 -18.86 -8.35
CA TYR B 811 10.61 -17.69 -9.21
C TYR B 811 11.82 -16.78 -9.00
N VAL B 812 12.11 -16.44 -7.76
CA VAL B 812 13.25 -15.59 -7.52
C VAL B 812 14.54 -16.37 -7.76
N CYS B 813 14.58 -17.64 -7.34
CA CYS B 813 15.74 -18.47 -7.58
C CYS B 813 15.48 -19.22 -8.88
N ASN B 814 15.76 -18.55 -9.98
CA ASN B 814 15.49 -19.08 -11.30
C ASN B 814 16.66 -19.94 -11.79
N GLY B 815 16.98 -20.94 -10.99
CA GLY B 815 17.99 -21.90 -11.36
C GLY B 815 19.14 -22.02 -10.38
N ASN B 816 19.59 -20.91 -9.82
CA ASN B 816 20.71 -20.95 -8.90
C ASN B 816 20.29 -21.63 -7.60
N SER B 817 21.21 -22.38 -7.02
CA SER B 817 20.99 -23.02 -5.74
C SER B 817 21.48 -22.11 -4.62
N ARG B 818 22.72 -21.64 -4.74
CA ARG B 818 23.42 -20.94 -3.68
C ARG B 818 22.61 -19.78 -3.12
N CYS B 819 21.79 -19.16 -3.97
CA CYS B 819 21.00 -18.02 -3.54
C CYS B 819 20.02 -18.38 -2.43
N LYS B 820 19.39 -19.55 -2.54
CA LYS B 820 18.37 -19.91 -1.57
C LYS B 820 18.93 -20.05 -0.18
N GLN B 821 20.12 -20.65 -0.05
CA GLN B 821 20.73 -20.75 1.27
C GLN B 821 21.04 -19.37 1.80
N LEU B 822 21.50 -18.47 0.94
CA LEU B 822 21.78 -17.12 1.38
C LEU B 822 20.52 -16.44 1.88
N LEU B 823 19.42 -16.63 1.18
CA LEU B 823 18.18 -15.97 1.55
C LEU B 823 17.42 -16.72 2.63
N THR B 824 17.89 -17.89 3.04
CA THR B 824 17.24 -18.64 4.11
C THR B 824 16.93 -17.73 5.29
N GLN B 825 17.84 -16.80 5.57
CA GLN B 825 17.70 -15.91 6.71
C GLN B 825 16.40 -15.13 6.66
N TYR B 826 15.93 -14.79 5.46
CA TYR B 826 14.75 -13.94 5.35
C TYR B 826 13.75 -14.73 4.53
N THR B 827 12.90 -15.50 5.20
CA THR B 827 11.97 -16.32 4.45
C THR B 827 10.55 -16.36 4.99
N ALA B 828 10.32 -15.93 6.23
CA ALA B 828 9.00 -16.08 6.84
C ALA B 828 7.90 -15.43 6.02
N ALA B 829 8.20 -14.33 5.33
CA ALA B 829 7.19 -13.68 4.52
C ALA B 829 6.66 -14.59 3.41
N CYS B 830 7.56 -15.36 2.78
CA CYS B 830 7.09 -16.28 1.74
C CYS B 830 6.09 -17.29 2.30
N LYS B 831 6.52 -18.10 3.27
CA LYS B 831 5.61 -19.07 3.88
C LYS B 831 4.26 -18.43 4.18
N THR B 832 4.30 -17.18 4.62
CA THR B 832 3.08 -16.46 4.94
C THR B 832 2.21 -16.25 3.70
N ILE B 833 2.82 -15.81 2.60
CA ILE B 833 2.02 -15.35 1.46
C ILE B 833 1.32 -16.50 0.75
N GLU B 834 2.02 -17.61 0.52
CA GLU B 834 1.39 -18.73 -0.15
C GLU B 834 0.32 -19.37 0.74
N SER B 835 0.56 -19.37 2.04
CA SER B 835 -0.47 -19.81 2.95
C SER B 835 -1.73 -18.98 2.78
N ALA B 836 -1.59 -17.67 2.64
CA ALA B 836 -2.75 -16.82 2.47
C ALA B 836 -3.49 -17.21 1.20
N LEU B 837 -2.77 -17.33 0.09
CA LEU B 837 -3.46 -17.69 -1.14
C LEU B 837 -4.02 -19.09 -1.04
N GLN B 838 -3.27 -19.99 -0.38
CA GLN B 838 -3.75 -21.37 -0.24
C GLN B 838 -5.00 -21.41 0.63
N LEU B 839 -4.97 -20.76 1.78
CA LEU B 839 -6.15 -20.75 2.63
C LEU B 839 -7.31 -20.06 1.92
N SER B 840 -6.99 -19.02 1.17
CA SER B 840 -8.02 -18.36 0.37
C SER B 840 -8.68 -19.37 -0.56
N ALA B 841 -7.93 -19.81 -1.57
CA ALA B 841 -8.48 -20.70 -2.58
C ALA B 841 -9.42 -21.74 -2.00
N ARG B 842 -8.97 -22.44 -0.97
CA ARG B 842 -9.82 -23.46 -0.38
C ARG B 842 -11.07 -22.87 0.25
N LEU B 843 -10.96 -21.71 0.89
CA LEU B 843 -12.14 -21.21 1.62
C LEU B 843 -13.26 -20.77 0.68
N GLU B 844 -12.96 -19.94 -0.32
CA GLU B 844 -14.01 -19.56 -1.25
C GLU B 844 -14.49 -20.74 -2.08
N SER B 845 -13.60 -21.67 -2.43
CA SER B 845 -14.03 -22.85 -3.17
C SER B 845 -15.16 -23.58 -2.46
N VAL B 846 -14.96 -23.91 -1.20
CA VAL B 846 -15.95 -24.72 -0.50
C VAL B 846 -17.25 -23.94 -0.30
N GLU B 847 -17.18 -22.65 -0.02
CA GLU B 847 -18.40 -21.90 0.28
C GLU B 847 -19.26 -21.72 -0.96
N VAL B 848 -18.65 -21.51 -2.13
CA VAL B 848 -19.48 -21.39 -3.31
C VAL B 848 -20.09 -22.75 -3.63
N ASN B 849 -19.33 -23.81 -3.39
CA ASN B 849 -19.88 -25.15 -3.54
C ASN B 849 -21.01 -25.33 -2.55
N SER B 850 -20.82 -24.81 -1.33
CA SER B 850 -21.89 -24.85 -0.36
C SER B 850 -23.07 -24.03 -0.85
N MET B 851 -22.80 -22.87 -1.44
CA MET B 851 -23.87 -22.05 -1.97
C MET B 851 -24.66 -22.80 -3.02
N LEU B 852 -23.97 -23.41 -3.97
CA LEU B 852 -24.65 -24.10 -5.05
C LEU B 852 -25.29 -25.40 -4.55
N THR B 853 -26.43 -25.74 -5.16
CA THR B 853 -27.17 -26.96 -4.90
C THR B 853 -27.71 -27.46 -6.22
N ILE B 854 -28.43 -28.58 -6.19
CA ILE B 854 -28.98 -29.17 -7.40
C ILE B 854 -30.42 -29.60 -7.17
N SER B 855 -31.14 -29.77 -8.27
CA SER B 855 -32.47 -30.37 -8.25
C SER B 855 -32.67 -31.07 -9.58
N GLU B 856 -32.43 -32.39 -9.58
CA GLU B 856 -32.43 -33.15 -10.82
C GLU B 856 -33.81 -33.22 -11.44
N GLU B 857 -34.86 -33.31 -10.62
CA GLU B 857 -36.20 -33.52 -11.16
C GLU B 857 -36.64 -32.34 -12.01
N ALA B 858 -36.38 -31.12 -11.54
CA ALA B 858 -36.74 -29.93 -12.31
C ALA B 858 -35.98 -29.90 -13.61
N LEU B 859 -34.70 -30.27 -13.58
CA LEU B 859 -33.91 -30.27 -14.80
C LEU B 859 -34.56 -31.13 -15.86
N GLN B 860 -35.07 -32.28 -15.46
CA GLN B 860 -35.84 -33.11 -16.38
C GLN B 860 -37.08 -32.38 -16.84
N LEU B 861 -37.74 -31.68 -15.92
CA LEU B 861 -38.96 -30.97 -16.25
C LEU B 861 -38.71 -29.54 -16.70
N ALA B 862 -37.46 -29.13 -16.80
CA ALA B 862 -37.11 -27.84 -17.36
C ALA B 862 -36.87 -27.89 -18.86
N THR B 863 -37.02 -29.06 -19.48
CA THR B 863 -36.73 -29.21 -20.88
C THR B 863 -37.81 -28.57 -21.75
N ILE B 864 -37.49 -28.43 -23.04
CA ILE B 864 -38.42 -27.81 -23.98
C ILE B 864 -39.67 -28.67 -24.11
N SER B 865 -39.48 -29.98 -24.19
CA SER B 865 -40.63 -30.89 -24.26
C SER B 865 -41.46 -30.76 -22.99
N SER B 866 -40.81 -30.72 -21.83
CA SER B 866 -41.53 -30.52 -20.59
C SER B 866 -42.13 -29.13 -20.49
N PHE B 867 -41.65 -28.19 -21.30
CA PHE B 867 -42.22 -26.85 -21.34
C PHE B 867 -43.63 -26.93 -21.89
N ASN B 868 -44.62 -26.66 -21.03
CA ASN B 868 -46.02 -26.69 -21.45
C ASN B 868 -46.32 -25.31 -22.02
N GLY B 869 -46.15 -25.17 -23.33
CA GLY B 869 -46.35 -23.90 -23.99
C GLY B 869 -47.73 -23.34 -23.74
N ASP B 870 -47.78 -22.25 -22.98
CA ASP B 870 -49.03 -21.60 -22.61
C ASP B 870 -48.86 -20.10 -22.90
N GLY B 871 -49.13 -19.72 -24.14
CA GLY B 871 -49.11 -18.31 -24.50
C GLY B 871 -47.74 -17.69 -24.55
N TYR B 872 -47.02 -17.73 -23.44
CA TYR B 872 -45.72 -17.07 -23.34
C TYR B 872 -44.64 -17.87 -24.05
N ASN B 873 -43.53 -17.18 -24.33
CA ASN B 873 -42.52 -17.70 -25.25
C ASN B 873 -41.33 -18.36 -24.56
N PHE B 874 -40.54 -17.60 -23.82
CA PHE B 874 -39.36 -18.08 -23.12
C PHE B 874 -38.47 -18.95 -24.00
N THR B 875 -38.62 -18.87 -25.32
CA THR B 875 -37.97 -19.85 -26.17
C THR B 875 -36.49 -19.57 -26.30
N ASN B 876 -36.15 -18.36 -26.74
CA ASN B 876 -34.74 -18.02 -26.95
C ASN B 876 -33.95 -18.09 -25.67
N VAL B 877 -34.56 -17.73 -24.54
CA VAL B 877 -33.86 -17.85 -23.27
C VAL B 877 -33.68 -19.31 -22.90
N LEU B 878 -34.64 -20.16 -23.23
CA LEU B 878 -34.46 -21.58 -22.97
C LEU B 878 -33.32 -22.13 -23.81
N GLY B 879 -32.50 -23.00 -23.19
CA GLY B 879 -31.46 -23.69 -23.91
C GLY B 879 -31.94 -25.03 -24.45
N VAL B 880 -31.12 -25.61 -25.33
CA VAL B 880 -31.46 -26.86 -26.00
C VAL B 880 -30.66 -27.99 -25.38
N SER B 881 -31.37 -28.94 -24.79
CA SER B 881 -30.79 -30.11 -24.16
C SER B 881 -30.90 -31.30 -25.10
N VAL B 882 -30.60 -32.49 -24.56
CA VAL B 882 -30.74 -33.77 -25.27
C VAL B 882 -29.74 -33.82 -26.42
N TYR B 883 -28.46 -33.73 -26.09
CA TYR B 883 -27.40 -33.87 -27.07
C TYR B 883 -26.43 -34.96 -26.63
N ASP B 884 -25.96 -35.76 -27.58
CA ASP B 884 -25.00 -36.82 -27.28
C ASP B 884 -23.69 -36.48 -27.98
N PRO B 885 -22.71 -35.95 -27.26
CA PRO B 885 -21.41 -35.65 -27.89
C PRO B 885 -20.52 -36.87 -27.94
N ALA B 886 -19.24 -36.65 -28.25
CA ALA B 886 -18.26 -37.73 -28.20
C ALA B 886 -18.36 -38.48 -26.87
N ARG B 887 -18.77 -37.78 -25.81
CA ARG B 887 -19.05 -38.46 -24.55
C ARG B 887 -20.19 -39.46 -24.73
N GLY B 888 -21.21 -39.08 -25.51
CA GLY B 888 -22.36 -39.93 -25.74
C GLY B 888 -23.49 -39.77 -24.77
N ARG B 889 -23.35 -38.94 -23.74
CA ARG B 889 -24.40 -38.73 -22.77
C ARG B 889 -25.25 -37.52 -23.11
N VAL B 890 -26.49 -37.53 -22.64
CA VAL B 890 -27.42 -36.44 -22.91
C VAL B 890 -26.93 -35.17 -22.21
N VAL B 891 -26.84 -34.09 -22.98
CA VAL B 891 -26.31 -32.82 -22.47
C VAL B 891 -27.20 -31.67 -22.97
N GLN B 892 -26.82 -30.46 -22.59
CA GLN B 892 -27.58 -29.23 -22.76
C GLN B 892 -26.71 -28.19 -23.44
N LYS B 893 -27.32 -27.41 -24.34
CA LYS B 893 -26.57 -26.47 -25.16
C LYS B 893 -27.12 -25.05 -25.00
N ARG B 894 -26.24 -24.09 -25.29
CA ARG B 894 -26.49 -22.69 -24.97
C ARG B 894 -27.79 -22.19 -25.59
N SER B 895 -28.39 -21.20 -24.93
CA SER B 895 -29.58 -20.56 -25.44
C SER B 895 -29.17 -19.31 -26.24
N PHE B 896 -30.14 -18.44 -26.51
CA PHE B 896 -29.91 -17.32 -27.41
C PHE B 896 -29.13 -16.20 -26.75
N ILE B 897 -29.70 -15.60 -25.72
CA ILE B 897 -29.19 -14.32 -25.23
C ILE B 897 -27.80 -14.51 -24.61
N GLU B 898 -27.64 -15.48 -23.74
CA GLU B 898 -26.39 -15.58 -23.00
C GLU B 898 -25.24 -15.91 -23.93
N ASP B 899 -25.46 -16.78 -24.91
CA ASP B 899 -24.41 -17.05 -25.87
C ASP B 899 -24.18 -15.83 -26.76
N LEU B 900 -25.25 -15.10 -27.06
CA LEU B 900 -25.12 -13.88 -27.85
C LEU B 900 -24.28 -12.84 -27.13
N LEU B 901 -24.47 -12.70 -25.82
CA LEU B 901 -23.59 -11.82 -25.08
C LEU B 901 -22.21 -12.43 -24.89
N PHE B 902 -22.11 -13.76 -24.77
CA PHE B 902 -20.80 -14.40 -24.77
C PHE B 902 -20.02 -14.03 -26.02
N ASN B 903 -20.44 -14.51 -27.19
CA ASN B 903 -19.62 -14.30 -28.37
C ASN B 903 -19.46 -12.82 -28.68
N LYS B 904 -20.30 -11.96 -28.11
CA LYS B 904 -20.06 -10.54 -28.24
C LYS B 904 -18.87 -10.15 -27.39
N VAL B 905 -18.84 -10.66 -26.15
CA VAL B 905 -17.79 -10.29 -25.21
C VAL B 905 -16.65 -11.29 -25.18
N VAL B 906 -16.79 -12.45 -25.80
CA VAL B 906 -15.84 -13.54 -25.63
C VAL B 906 -15.07 -13.69 -26.93
N THR B 907 -13.81 -13.27 -26.91
CA THR B 907 -12.93 -13.54 -28.03
C THR B 907 -12.50 -15.00 -28.01
N ASN B 908 -12.74 -15.70 -29.10
CA ASN B 908 -12.42 -17.12 -29.17
C ASN B 908 -10.91 -17.31 -29.03
N GLY B 909 -10.52 -18.35 -28.29
CA GLY B 909 -9.11 -18.61 -28.07
C GLY B 909 -8.51 -17.97 -26.84
N LEU B 910 -9.28 -17.22 -26.06
CA LEU B 910 -8.76 -16.63 -24.83
C LEU B 910 -8.52 -17.72 -23.79
N GLY B 911 -8.03 -17.29 -22.63
CA GLY B 911 -7.71 -18.18 -21.53
C GLY B 911 -8.89 -18.72 -20.77
N THR B 912 -10.11 -18.37 -21.19
CA THR B 912 -11.31 -18.86 -20.52
C THR B 912 -11.35 -20.38 -20.52
N VAL B 913 -11.11 -21.00 -21.67
CA VAL B 913 -10.97 -22.44 -21.70
C VAL B 913 -9.69 -22.84 -21.00
N ASP B 914 -9.73 -23.94 -20.26
CA ASP B 914 -8.57 -24.38 -19.49
C ASP B 914 -7.37 -24.59 -20.41
N GLU B 915 -6.23 -24.05 -20.00
CA GLU B 915 -5.05 -24.13 -20.85
C GLU B 915 -4.45 -25.51 -20.75
N ASP B 916 -4.18 -26.11 -21.90
CA ASP B 916 -3.57 -27.42 -21.96
C ASP B 916 -2.07 -27.15 -21.92
N TYR B 917 -1.48 -27.29 -20.73
CA TYR B 917 -0.07 -27.07 -20.55
C TYR B 917 0.78 -27.99 -21.42
N LYS B 918 0.17 -28.96 -22.07
CA LYS B 918 0.92 -29.88 -22.91
C LYS B 918 1.59 -29.15 -24.06
N ARG B 919 0.88 -28.21 -24.68
CA ARG B 919 1.47 -27.49 -25.81
C ARG B 919 2.64 -26.63 -25.36
N CYS B 920 2.53 -26.00 -24.19
CA CYS B 920 3.68 -25.28 -23.63
C CYS B 920 4.83 -26.24 -23.37
N SER B 921 4.54 -27.36 -22.70
CA SER B 921 5.57 -28.35 -22.44
C SER B 921 6.13 -28.88 -23.75
N ASN B 922 5.27 -29.09 -24.74
CA ASN B 922 5.76 -29.50 -26.04
C ASN B 922 6.67 -28.44 -26.62
N GLY B 923 6.28 -27.18 -26.53
CA GLY B 923 7.07 -26.15 -27.16
C GLY B 923 7.15 -26.42 -28.65
N ARG B 924 8.37 -26.37 -29.19
CA ARG B 924 8.61 -26.64 -30.60
C ARG B 924 7.76 -25.74 -31.48
N SER B 925 7.59 -24.49 -31.06
CA SER B 925 6.77 -23.53 -31.77
C SER B 925 7.02 -22.15 -31.18
N VAL B 926 6.26 -21.18 -31.65
CA VAL B 926 6.29 -19.83 -31.09
C VAL B 926 5.50 -19.87 -29.80
N ALA B 927 6.20 -19.79 -28.67
CA ALA B 927 5.53 -19.82 -27.39
C ALA B 927 4.71 -18.57 -27.17
N ASP B 928 3.58 -18.74 -26.50
CA ASP B 928 2.71 -17.63 -26.15
C ASP B 928 3.05 -17.14 -24.75
N LEU B 929 2.16 -16.31 -24.20
CA LEU B 929 2.42 -15.76 -22.87
C LEU B 929 2.47 -16.87 -21.83
N VAL B 930 1.45 -17.73 -21.80
CA VAL B 930 1.27 -18.62 -20.67
C VAL B 930 2.47 -19.52 -20.46
N CYS B 931 3.15 -19.90 -21.53
CA CYS B 931 4.41 -20.62 -21.35
C CYS B 931 5.40 -19.76 -20.59
N ALA B 932 5.44 -18.47 -20.92
CA ALA B 932 6.35 -17.56 -20.25
C ALA B 932 5.92 -17.39 -18.79
N GLN B 933 4.63 -17.14 -18.56
CA GLN B 933 4.21 -17.00 -17.17
C GLN B 933 4.42 -18.30 -16.41
N TYR B 934 4.27 -19.45 -17.06
CA TYR B 934 4.69 -20.66 -16.37
C TYR B 934 6.19 -20.64 -16.17
N TYR B 935 6.92 -20.20 -17.19
CA TYR B 935 8.33 -19.92 -16.98
C TYR B 935 8.51 -18.83 -15.96
N SER B 936 7.52 -17.96 -15.81
CA SER B 936 7.51 -17.00 -14.72
C SER B 936 6.94 -17.60 -13.46
N GLY B 937 6.62 -18.89 -13.47
CA GLY B 937 6.05 -19.52 -12.30
C GLY B 937 4.61 -19.18 -12.05
N VAL B 938 3.88 -18.74 -13.06
CA VAL B 938 2.50 -18.30 -12.89
C VAL B 938 1.55 -19.39 -13.36
N MET B 939 0.57 -19.70 -12.51
CA MET B 939 -0.48 -20.66 -12.84
C MET B 939 -1.80 -20.12 -12.34
N VAL B 940 -2.72 -19.86 -13.27
CA VAL B 940 -4.08 -19.44 -12.91
C VAL B 940 -4.93 -20.70 -12.84
N LEU B 941 -5.39 -21.04 -11.65
CA LEU B 941 -6.20 -22.24 -11.54
C LEU B 941 -7.61 -21.95 -12.03
N PRO B 942 -8.17 -22.79 -12.89
CA PRO B 942 -9.54 -22.57 -13.37
C PRO B 942 -10.53 -22.57 -12.22
N GLY B 943 -11.59 -21.79 -12.39
CA GLY B 943 -12.61 -21.66 -11.37
C GLY B 943 -13.12 -23.00 -10.89
N VAL B 944 -13.31 -23.12 -9.57
CA VAL B 944 -13.81 -24.35 -8.98
C VAL B 944 -15.10 -24.82 -9.63
N VAL B 945 -15.87 -23.90 -10.18
CA VAL B 945 -17.05 -24.22 -10.98
C VAL B 945 -16.90 -23.60 -12.36
N ASP B 946 -17.73 -24.08 -13.28
CA ASP B 946 -17.69 -23.61 -14.67
C ASP B 946 -19.08 -23.20 -15.13
N ALA B 947 -19.14 -22.72 -16.37
CA ALA B 947 -20.37 -22.17 -16.92
C ALA B 947 -21.45 -23.24 -17.03
N GLU B 948 -21.09 -24.44 -17.48
CA GLU B 948 -22.11 -25.45 -17.66
C GLU B 948 -22.74 -25.80 -16.34
N LYS B 949 -21.95 -25.77 -15.26
CA LYS B 949 -22.54 -25.89 -13.95
C LYS B 949 -23.46 -24.72 -13.69
N LEU B 950 -23.05 -23.53 -14.13
CA LEU B 950 -23.90 -22.36 -14.00
C LEU B 950 -25.16 -22.54 -14.82
N HIS B 951 -25.04 -23.15 -16.01
CA HIS B 951 -26.21 -23.34 -16.83
C HIS B 951 -27.21 -24.22 -16.12
N MET B 952 -26.74 -25.36 -15.60
CA MET B 952 -27.66 -26.23 -14.90
C MET B 952 -28.15 -25.58 -13.61
N TYR B 953 -27.29 -24.82 -12.95
CA TYR B 953 -27.74 -24.14 -11.75
C TYR B 953 -28.86 -23.19 -12.10
N SER B 954 -28.62 -22.32 -13.09
CA SER B 954 -29.68 -21.43 -13.52
C SER B 954 -30.87 -22.22 -14.02
N ALA B 955 -30.61 -23.27 -14.80
CA ALA B 955 -31.70 -24.07 -15.33
C ALA B 955 -32.52 -24.70 -14.22
N SER B 956 -31.83 -25.29 -13.25
CA SER B 956 -32.56 -25.90 -12.15
C SER B 956 -33.32 -24.83 -11.38
N LEU B 957 -32.65 -23.71 -11.11
CA LEU B 957 -33.31 -22.64 -10.37
C LEU B 957 -34.52 -22.12 -11.12
N ILE B 958 -34.38 -21.90 -12.42
CA ILE B 958 -35.48 -21.42 -13.22
C ILE B 958 -36.55 -22.49 -13.39
N GLY B 959 -36.17 -23.76 -13.39
CA GLY B 959 -37.16 -24.80 -13.45
C GLY B 959 -38.06 -24.85 -12.21
N GLY B 960 -37.49 -24.56 -11.05
CA GLY B 960 -38.17 -24.72 -9.78
C GLY B 960 -39.62 -24.33 -9.61
N MET B 961 -39.93 -23.04 -9.75
CA MET B 961 -41.29 -22.57 -9.48
C MET B 961 -42.32 -23.14 -10.45
N VAL B 962 -41.91 -23.46 -11.67
CA VAL B 962 -42.87 -23.95 -12.65
C VAL B 962 -43.46 -25.29 -12.24
N LEU B 963 -42.83 -25.99 -11.30
CA LEU B 963 -43.35 -27.26 -10.86
C LEU B 963 -44.57 -27.11 -9.96
N GLY B 964 -45.33 -28.19 -9.86
CA GLY B 964 -46.44 -28.27 -8.94
C GLY B 964 -46.16 -29.14 -7.74
N GLY B 965 -46.61 -30.40 -7.77
CA GLY B 965 -46.34 -31.35 -6.71
C GLY B 965 -45.41 -32.47 -7.16
N PHE B 966 -45.05 -33.31 -6.19
CA PHE B 966 -44.21 -34.47 -6.49
C PHE B 966 -44.92 -35.37 -7.48
N THR B 967 -44.27 -35.62 -8.61
CA THR B 967 -44.87 -36.38 -9.72
C THR B 967 -46.18 -35.74 -10.16
N ALA B 968 -46.14 -34.42 -10.37
CA ALA B 968 -47.32 -33.69 -10.81
C ALA B 968 -47.80 -34.25 -12.15
N ALA B 969 -49.12 -34.35 -12.30
CA ALA B 969 -49.69 -34.90 -13.53
C ALA B 969 -49.34 -34.05 -14.75
N ALA B 970 -49.45 -32.73 -14.63
CA ALA B 970 -49.11 -31.84 -15.73
C ALA B 970 -48.50 -30.56 -15.18
N ALA B 971 -47.64 -29.94 -15.99
CA ALA B 971 -47.06 -28.67 -15.61
C ALA B 971 -48.16 -27.60 -15.57
N LEU B 972 -47.99 -26.65 -14.66
CA LEU B 972 -48.98 -25.60 -14.49
C LEU B 972 -49.09 -24.73 -15.74
N PRO B 973 -50.31 -24.40 -16.17
CA PRO B 973 -50.45 -23.30 -17.13
C PRO B 973 -49.89 -22.05 -16.48
N PHE B 974 -49.18 -21.24 -17.27
CA PHE B 974 -48.46 -20.11 -16.69
C PHE B 974 -49.39 -19.16 -15.96
N SER B 975 -50.55 -18.89 -16.55
CA SER B 975 -51.52 -17.99 -15.92
C SER B 975 -51.94 -18.49 -14.55
N TYR B 976 -51.87 -19.80 -14.32
CA TYR B 976 -52.19 -20.34 -13.01
C TYR B 976 -51.24 -19.77 -11.96
N ALA B 977 -49.94 -19.89 -12.21
CA ALA B 977 -48.98 -19.31 -11.28
C ALA B 977 -49.10 -17.80 -11.26
N VAL B 978 -49.38 -17.22 -12.42
CA VAL B 978 -49.62 -15.77 -12.48
C VAL B 978 -50.76 -15.41 -11.54
N GLN B 979 -51.95 -15.96 -11.80
CA GLN B 979 -53.10 -15.59 -11.01
C GLN B 979 -52.90 -15.93 -9.54
N ALA B 980 -52.11 -16.95 -9.26
CA ALA B 980 -51.76 -17.23 -7.87
C ALA B 980 -51.12 -16.01 -7.25
N ARG B 981 -50.17 -15.41 -7.94
CA ARG B 981 -49.53 -14.21 -7.41
C ARG B 981 -50.53 -13.06 -7.30
N LEU B 982 -51.39 -12.88 -8.30
CA LEU B 982 -52.38 -11.82 -8.23
C LEU B 982 -53.27 -11.96 -7.02
N ASN B 983 -53.75 -13.18 -6.77
CA ASN B 983 -54.56 -13.39 -5.57
C ASN B 983 -53.74 -13.16 -4.33
N TYR B 984 -52.48 -13.58 -4.35
CA TYR B 984 -51.62 -13.36 -3.19
C TYR B 984 -51.45 -11.87 -2.96
N LEU B 985 -51.48 -11.09 -4.04
CA LEU B 985 -51.29 -9.66 -3.93
C LEU B 985 -52.61 -8.90 -3.84
N ALA B 986 -53.70 -9.48 -4.33
CA ALA B 986 -54.97 -8.75 -4.33
C ALA B 986 -56.11 -9.70 -4.70
N LEU B 987 -57.26 -9.49 -4.07
CA LEU B 987 -58.42 -10.35 -4.27
C LEU B 987 -59.07 -9.92 -5.59
N GLN B 988 -58.88 -10.72 -6.64
CA GLN B 988 -59.48 -10.40 -7.92
C GLN B 988 -60.99 -10.69 -7.91
N THR B 989 -61.69 -10.06 -8.86
CA THR B 989 -63.13 -10.21 -8.98
C THR B 989 -63.60 -10.60 -10.39
N ASP B 990 -62.78 -10.42 -11.42
CA ASP B 990 -63.18 -10.63 -12.80
C ASP B 990 -62.30 -11.72 -13.43
N VAL B 991 -62.91 -12.52 -14.30
CA VAL B 991 -62.22 -13.63 -14.94
C VAL B 991 -62.43 -13.58 -16.45
N LEU B 992 -62.57 -12.37 -17.01
CA LEU B 992 -62.81 -12.25 -18.44
C LEU B 992 -61.76 -12.96 -19.27
N GLN B 993 -60.53 -13.03 -18.76
CA GLN B 993 -59.42 -13.80 -19.34
C GLN B 993 -58.92 -13.16 -20.63
N ARG B 994 -59.63 -12.17 -21.14
CA ARG B 994 -59.10 -11.37 -22.24
C ARG B 994 -58.00 -10.47 -21.72
N ASN B 995 -58.15 -10.00 -20.49
CA ASN B 995 -57.12 -9.22 -19.85
C ASN B 995 -55.84 -10.03 -19.67
N GLN B 996 -55.97 -11.31 -19.33
CA GLN B 996 -54.79 -12.17 -19.24
C GLN B 996 -54.08 -12.24 -20.57
N GLN B 997 -54.83 -12.36 -21.66
CA GLN B 997 -54.24 -12.41 -22.99
C GLN B 997 -53.54 -11.11 -23.33
N LEU B 998 -54.14 -9.98 -22.98
CA LEU B 998 -53.50 -8.70 -23.24
C LEU B 998 -52.18 -8.58 -22.50
N LEU B 999 -52.15 -9.04 -21.25
CA LEU B 999 -50.88 -9.05 -20.55
C LEU B 999 -49.89 -9.99 -21.24
N ALA B 1000 -50.38 -11.09 -21.79
CA ALA B 1000 -49.50 -12.02 -22.47
C ALA B 1000 -48.91 -11.41 -23.72
N GLU B 1001 -49.74 -10.76 -24.54
CA GLU B 1001 -49.24 -10.18 -25.77
C GLU B 1001 -48.36 -8.98 -25.49
N SER B 1002 -48.68 -8.22 -24.44
CA SER B 1002 -47.79 -7.13 -24.03
C SER B 1002 -46.46 -7.69 -23.55
N PHE B 1003 -46.49 -8.85 -22.91
CA PHE B 1003 -45.24 -9.51 -22.52
C PHE B 1003 -44.40 -9.86 -23.73
N ASN B 1004 -45.02 -10.41 -24.77
CA ASN B 1004 -44.24 -10.72 -25.96
C ASN B 1004 -43.65 -9.46 -26.58
N SER B 1005 -44.45 -8.38 -26.65
CA SER B 1005 -43.92 -7.13 -27.16
C SER B 1005 -42.79 -6.59 -26.29
N ALA B 1006 -42.96 -6.64 -24.98
CA ALA B 1006 -41.91 -6.16 -24.09
C ALA B 1006 -40.64 -6.99 -24.21
N ILE B 1007 -40.80 -8.31 -24.31
CA ILE B 1007 -39.64 -9.17 -24.48
C ILE B 1007 -38.95 -8.89 -25.80
N GLY B 1008 -39.73 -8.65 -26.85
CA GLY B 1008 -39.13 -8.26 -28.11
C GLY B 1008 -38.36 -6.97 -27.99
N ASN B 1009 -38.93 -5.99 -27.29
CA ASN B 1009 -38.19 -4.76 -27.06
C ASN B 1009 -36.92 -5.08 -26.30
N ILE B 1010 -37.03 -5.91 -25.28
CA ILE B 1010 -35.88 -6.30 -24.50
C ILE B 1010 -34.89 -7.05 -25.38
N THR B 1011 -35.42 -7.96 -26.20
CA THR B 1011 -34.55 -8.70 -27.11
C THR B 1011 -33.92 -7.73 -28.07
N SER B 1012 -34.71 -6.80 -28.59
CA SER B 1012 -34.19 -5.79 -29.49
C SER B 1012 -33.13 -4.96 -28.78
N ALA B 1013 -33.42 -4.54 -27.55
CA ALA B 1013 -32.47 -3.74 -26.81
C ALA B 1013 -31.26 -4.52 -26.35
N PHE B 1014 -31.39 -5.84 -26.21
CA PHE B 1014 -30.25 -6.63 -25.76
C PHE B 1014 -29.09 -6.59 -26.74
N GLU B 1015 -29.37 -6.38 -28.02
CA GLU B 1015 -28.33 -6.37 -29.02
C GLU B 1015 -28.33 -5.08 -29.83
N SER B 1016 -27.13 -4.65 -30.21
CA SER B 1016 -26.91 -3.43 -31.01
C SER B 1016 -27.46 -2.18 -30.32
N VAL B 1017 -26.86 -1.87 -29.17
CA VAL B 1017 -27.28 -0.68 -28.44
C VAL B 1017 -27.00 0.57 -29.26
N LYS B 1018 -25.85 0.62 -29.94
CA LYS B 1018 -25.53 1.82 -30.73
C LYS B 1018 -26.53 2.04 -31.85
N GLU B 1019 -27.28 1.01 -32.24
CA GLU B 1019 -28.30 1.19 -33.26
C GLU B 1019 -29.39 2.14 -32.78
N ALA B 1020 -29.83 1.98 -31.54
CA ALA B 1020 -30.93 2.79 -31.01
C ALA B 1020 -30.63 3.26 -29.60
N SER B 1021 -29.39 3.66 -29.34
CA SER B 1021 -29.02 4.18 -28.03
C SER B 1021 -29.57 5.60 -27.84
N SER B 1022 -30.20 5.83 -26.69
CA SER B 1022 -30.69 7.14 -26.33
C SER B 1022 -30.28 7.44 -24.90
N GLN B 1023 -30.41 8.72 -24.52
CA GLN B 1023 -30.00 9.13 -23.18
C GLN B 1023 -30.78 8.36 -22.12
N THR B 1024 -32.09 8.24 -22.30
CA THR B 1024 -32.89 7.47 -21.36
C THR B 1024 -32.55 5.99 -21.43
N SER B 1025 -32.25 5.49 -22.63
CA SER B 1025 -31.95 4.07 -22.80
C SER B 1025 -30.74 3.64 -21.99
N ARG B 1026 -29.83 4.57 -21.68
CA ARG B 1026 -28.67 4.26 -20.87
C ARG B 1026 -28.87 4.65 -19.41
N GLY B 1027 -30.11 4.57 -18.95
CA GLY B 1027 -30.46 4.91 -17.59
C GLY B 1027 -30.36 3.74 -16.64
N LEU B 1028 -31.23 3.76 -15.63
CA LEU B 1028 -31.21 2.74 -14.59
C LEU B 1028 -31.82 1.43 -15.07
N ASN B 1029 -31.20 0.33 -14.64
CA ASN B 1029 -31.68 -1.03 -14.88
C ASN B 1029 -32.02 -1.26 -16.35
N THR B 1030 -31.16 -0.73 -17.21
CA THR B 1030 -31.30 -0.96 -18.64
C THR B 1030 -30.33 -2.06 -19.05
N VAL B 1031 -30.45 -2.50 -20.30
CA VAL B 1031 -29.44 -3.40 -20.82
C VAL B 1031 -28.12 -2.67 -20.95
N ALA B 1032 -28.16 -1.41 -21.39
CA ALA B 1032 -26.93 -0.63 -21.45
C ALA B 1032 -26.36 -0.46 -20.06
N HIS B 1033 -27.22 -0.19 -19.08
CA HIS B 1033 -26.79 -0.23 -17.69
C HIS B 1033 -26.00 -1.52 -17.45
N ALA B 1034 -26.63 -2.66 -17.72
CA ALA B 1034 -26.00 -3.94 -17.41
C ALA B 1034 -24.82 -4.23 -18.33
N LEU B 1035 -25.01 -4.07 -19.64
CA LEU B 1035 -23.99 -4.54 -20.57
C LEU B 1035 -22.71 -3.76 -20.41
N THR B 1036 -22.79 -2.54 -19.93
CA THR B 1036 -21.58 -1.81 -19.66
C THR B 1036 -20.78 -2.48 -18.56
N LYS B 1037 -21.27 -2.40 -17.33
CA LYS B 1037 -20.46 -2.80 -16.19
C LYS B 1037 -19.99 -4.25 -16.27
N VAL B 1038 -20.74 -5.11 -16.94
CA VAL B 1038 -20.22 -6.45 -17.16
C VAL B 1038 -18.94 -6.41 -18.00
N GLN B 1039 -18.91 -5.57 -19.03
CA GLN B 1039 -17.74 -5.57 -19.90
C GLN B 1039 -16.52 -4.85 -19.31
N GLU B 1040 -16.68 -3.77 -18.56
CA GLU B 1040 -15.49 -3.20 -17.92
C GLU B 1040 -14.84 -4.15 -16.92
N VAL B 1041 -15.64 -4.89 -16.16
CA VAL B 1041 -15.02 -5.76 -15.16
C VAL B 1041 -14.26 -6.91 -15.81
N VAL B 1042 -14.74 -7.42 -16.94
CA VAL B 1042 -13.99 -8.50 -17.57
C VAL B 1042 -12.68 -7.95 -18.12
N ASN B 1043 -12.71 -6.73 -18.63
CA ASN B 1043 -11.47 -6.08 -18.99
C ASN B 1043 -10.65 -5.85 -17.73
N SER B 1044 -11.33 -5.49 -16.63
CA SER B 1044 -10.64 -5.16 -15.40
C SER B 1044 -9.94 -6.38 -14.81
N GLN B 1045 -10.65 -7.51 -14.76
CA GLN B 1045 -10.06 -8.70 -14.15
C GLN B 1045 -8.83 -9.16 -14.90
N GLY B 1046 -8.74 -8.84 -16.19
CA GLY B 1046 -7.56 -9.13 -16.96
C GLY B 1046 -6.43 -8.14 -16.75
N ALA B 1047 -6.14 -7.85 -15.48
CA ALA B 1047 -5.11 -6.88 -15.13
C ALA B 1047 -4.64 -7.18 -13.72
N ALA B 1048 -3.91 -6.22 -13.13
CA ALA B 1048 -3.39 -6.24 -11.78
C ALA B 1048 -2.20 -7.17 -11.60
N LEU B 1049 -1.79 -7.89 -12.64
CA LEU B 1049 -0.63 -8.75 -12.52
C LEU B 1049 0.42 -8.52 -13.59
N THR B 1050 0.05 -7.91 -14.72
CA THR B 1050 1.02 -7.65 -15.77
C THR B 1050 2.13 -6.74 -15.27
N GLN B 1051 1.77 -5.65 -14.61
CA GLN B 1051 2.77 -4.73 -14.09
C GLN B 1051 3.65 -5.42 -13.07
N LEU B 1052 3.11 -6.41 -12.36
CA LEU B 1052 3.94 -7.19 -11.46
C LEU B 1052 5.02 -7.90 -12.24
N THR B 1053 4.64 -8.47 -13.39
CA THR B 1053 5.63 -9.04 -14.28
C THR B 1053 6.54 -7.96 -14.81
N VAL B 1054 5.98 -6.82 -15.17
CA VAL B 1054 6.79 -5.77 -15.78
C VAL B 1054 7.84 -5.28 -14.81
N GLN B 1055 7.45 -5.04 -13.55
CA GLN B 1055 8.37 -4.39 -12.64
C GLN B 1055 9.58 -5.26 -12.35
N LEU B 1056 9.37 -6.57 -12.28
CA LEU B 1056 10.45 -7.47 -11.88
C LEU B 1056 11.61 -7.44 -12.86
N GLN B 1057 11.33 -7.26 -14.15
CA GLN B 1057 12.43 -7.20 -15.10
C GLN B 1057 13.26 -5.94 -14.95
N HIS B 1058 12.73 -4.95 -14.25
CA HIS B 1058 13.48 -3.73 -14.02
C HIS B 1058 14.69 -4.00 -13.13
N ASN B 1059 15.80 -3.35 -13.45
CA ASN B 1059 17.02 -3.46 -12.67
C ASN B 1059 17.02 -2.31 -11.68
N PHE B 1060 16.96 -2.63 -10.41
CA PHE B 1060 16.85 -1.63 -9.37
C PHE B 1060 18.23 -1.38 -8.80
N GLN B 1061 18.95 -0.44 -9.42
CA GLN B 1061 20.23 0.03 -8.93
C GLN B 1061 21.24 -1.09 -8.77
N ALA B 1062 21.19 -2.07 -9.66
CA ALA B 1062 22.14 -3.16 -9.69
C ALA B 1062 22.79 -3.22 -11.07
N ILE B 1063 23.72 -4.14 -11.25
CA ILE B 1063 24.43 -4.23 -12.52
C ILE B 1063 23.47 -4.59 -13.65
N SER B 1064 22.63 -5.60 -13.44
CA SER B 1064 21.64 -5.96 -14.44
C SER B 1064 20.52 -6.74 -13.79
N SER B 1065 19.39 -6.80 -14.49
CA SER B 1065 18.22 -7.50 -13.95
C SER B 1065 18.49 -8.99 -13.80
N SER B 1066 19.13 -9.61 -14.78
CA SER B 1066 19.47 -11.02 -14.65
C SER B 1066 20.42 -11.22 -13.49
N ILE B 1067 20.28 -12.36 -12.83
CA ILE B 1067 21.05 -12.64 -11.63
C ILE B 1067 22.25 -13.51 -11.95
N ASP B 1068 22.03 -14.61 -12.68
CA ASP B 1068 23.10 -15.59 -12.87
C ASP B 1068 24.29 -14.98 -13.59
N ASP B 1069 24.01 -14.06 -14.49
CA ASP B 1069 25.08 -13.45 -15.27
C ASP B 1069 26.09 -12.80 -14.35
N ILE B 1070 25.66 -11.77 -13.62
CA ILE B 1070 26.59 -11.12 -12.72
C ILE B 1070 27.00 -12.09 -11.63
N TYR B 1071 26.07 -12.95 -11.21
CA TYR B 1071 26.35 -13.90 -10.14
C TYR B 1071 27.57 -14.73 -10.48
N SER B 1072 27.85 -14.90 -11.76
CA SER B 1072 28.96 -15.72 -12.22
C SER B 1072 30.16 -14.90 -12.66
N ARG B 1073 30.23 -13.62 -12.28
CA ARG B 1073 31.34 -12.78 -12.72
C ARG B 1073 32.29 -12.40 -11.60
N LEU B 1074 31.79 -11.81 -10.53
CA LEU B 1074 32.63 -11.21 -9.51
C LEU B 1074 32.68 -12.08 -8.26
N ASP B 1075 33.27 -11.54 -7.20
CA ASP B 1075 33.25 -12.20 -5.91
C ASP B 1075 31.82 -12.30 -5.41
N ILE B 1076 31.64 -13.09 -4.35
CA ILE B 1076 30.29 -13.26 -3.85
C ILE B 1076 29.78 -11.98 -3.21
N LEU B 1077 30.68 -11.17 -2.67
CA LEU B 1077 30.29 -10.11 -1.76
C LEU B 1077 29.45 -9.01 -2.38
N SER B 1078 30.00 -8.26 -3.34
CA SER B 1078 29.23 -7.17 -3.92
C SER B 1078 27.98 -7.71 -4.60
N ALA B 1079 28.05 -8.94 -5.09
CA ALA B 1079 26.86 -9.60 -5.62
C ALA B 1079 25.80 -9.73 -4.55
N ASP B 1080 26.21 -10.08 -3.33
CA ASP B 1080 25.26 -10.24 -2.25
C ASP B 1080 24.52 -8.95 -1.97
N VAL B 1081 25.22 -7.82 -2.00
CA VAL B 1081 24.55 -6.57 -1.73
C VAL B 1081 23.46 -6.33 -2.77
N GLN B 1082 23.82 -6.52 -4.04
CA GLN B 1082 22.87 -6.24 -5.11
C GLN B 1082 21.75 -7.25 -5.15
N VAL B 1083 22.06 -8.53 -4.96
CA VAL B 1083 20.99 -9.52 -4.94
C VAL B 1083 20.05 -9.28 -3.77
N ASP B 1084 20.57 -8.81 -2.65
CA ASP B 1084 19.72 -8.51 -1.52
C ASP B 1084 18.70 -7.43 -1.85
N ARG B 1085 19.15 -6.35 -2.48
CA ARG B 1085 18.21 -5.29 -2.80
C ARG B 1085 17.13 -5.76 -3.79
N LEU B 1086 17.50 -6.56 -4.78
CA LEU B 1086 16.50 -7.05 -5.71
C LEU B 1086 15.48 -7.95 -5.02
N ILE B 1087 15.95 -8.86 -4.17
CA ILE B 1087 15.02 -9.77 -3.53
C ILE B 1087 14.12 -9.02 -2.57
N THR B 1088 14.67 -8.02 -1.89
CA THR B 1088 13.84 -7.18 -1.05
C THR B 1088 12.77 -6.51 -1.88
N GLY B 1089 13.16 -5.98 -3.03
CA GLY B 1089 12.19 -5.35 -3.89
C GLY B 1089 11.09 -6.30 -4.32
N ARG B 1090 11.47 -7.50 -4.74
CA ARG B 1090 10.44 -8.41 -5.25
C ARG B 1090 9.55 -8.94 -4.14
N LEU B 1091 10.09 -9.17 -2.95
CA LEU B 1091 9.22 -9.60 -1.88
C LEU B 1091 8.25 -8.50 -1.47
N SER B 1092 8.73 -7.26 -1.46
CA SER B 1092 7.85 -6.14 -1.18
C SER B 1092 6.74 -6.03 -2.21
N ALA B 1093 7.08 -6.22 -3.48
CA ALA B 1093 6.07 -6.12 -4.54
C ALA B 1093 4.96 -7.14 -4.36
N LEU B 1094 5.33 -8.39 -4.10
CA LEU B 1094 4.29 -9.40 -3.96
C LEU B 1094 3.46 -9.21 -2.71
N ASN B 1095 4.06 -8.68 -1.63
CA ASN B 1095 3.26 -8.41 -0.45
C ASN B 1095 2.20 -7.35 -0.75
N ALA B 1096 2.61 -6.28 -1.42
CA ALA B 1096 1.63 -5.28 -1.83
C ALA B 1096 0.61 -5.90 -2.78
N PHE B 1097 1.08 -6.74 -3.69
CA PHE B 1097 0.19 -7.43 -4.61
C PHE B 1097 -0.85 -8.23 -3.86
N VAL B 1098 -0.42 -8.98 -2.85
CA VAL B 1098 -1.34 -9.77 -2.05
C VAL B 1098 -2.36 -8.87 -1.37
N ALA B 1099 -1.94 -7.70 -0.91
CA ALA B 1099 -2.85 -6.79 -0.24
C ALA B 1099 -4.00 -6.36 -1.13
N GLN B 1100 -3.71 -5.92 -2.35
CA GLN B 1100 -4.80 -5.51 -3.22
C GLN B 1100 -5.69 -6.68 -3.58
N THR B 1101 -5.09 -7.85 -3.81
CA THR B 1101 -5.88 -9.03 -4.14
C THR B 1101 -6.82 -9.41 -3.00
N LEU B 1102 -6.32 -9.40 -1.78
CA LEU B 1102 -7.18 -9.72 -0.66
C LEU B 1102 -8.21 -8.63 -0.46
N THR B 1103 -7.89 -7.41 -0.84
CA THR B 1103 -8.88 -6.35 -0.83
C THR B 1103 -10.06 -6.73 -1.72
N LYS B 1104 -9.78 -7.17 -2.95
CA LYS B 1104 -10.87 -7.65 -3.79
C LYS B 1104 -11.60 -8.80 -3.13
N TYR B 1105 -10.86 -9.67 -2.46
CA TYR B 1105 -11.47 -10.85 -1.85
C TYR B 1105 -12.46 -10.46 -0.75
N THR B 1106 -12.09 -9.53 0.12
CA THR B 1106 -13.03 -9.14 1.16
C THR B 1106 -14.26 -8.46 0.58
N GLU B 1107 -14.06 -7.55 -0.36
CA GLU B 1107 -15.21 -6.85 -0.93
C GLU B 1107 -16.11 -7.80 -1.69
N VAL B 1108 -15.52 -8.75 -2.42
CA VAL B 1108 -16.38 -9.68 -3.14
C VAL B 1108 -17.03 -10.63 -2.16
N GLN B 1109 -16.39 -10.88 -1.02
CA GLN B 1109 -17.03 -11.69 0.00
C GLN B 1109 -18.26 -10.99 0.53
N ALA B 1110 -18.16 -9.69 0.81
CA ALA B 1110 -19.36 -8.95 1.19
C ALA B 1110 -20.38 -8.96 0.07
N SER B 1111 -19.92 -8.77 -1.16
CA SER B 1111 -20.84 -8.75 -2.30
C SER B 1111 -21.56 -10.08 -2.47
N ARG B 1112 -20.85 -11.18 -2.26
CA ARG B 1112 -21.50 -12.47 -2.44
C ARG B 1112 -22.43 -12.79 -1.30
N LYS B 1113 -22.14 -12.29 -0.10
CA LYS B 1113 -23.14 -12.33 0.95
C LYS B 1113 -24.40 -11.63 0.46
N LEU B 1114 -24.22 -10.46 -0.11
CA LEU B 1114 -25.36 -9.72 -0.66
C LEU B 1114 -26.04 -10.50 -1.77
N ALA B 1115 -25.25 -11.17 -2.61
CA ALA B 1115 -25.81 -11.90 -3.74
C ALA B 1115 -26.67 -13.07 -3.31
N GLN B 1116 -26.21 -13.84 -2.33
CA GLN B 1116 -27.00 -14.96 -1.83
C GLN B 1116 -28.26 -14.45 -1.16
N GLN B 1117 -28.17 -13.26 -0.56
CA GLN B 1117 -29.37 -12.61 -0.08
C GLN B 1117 -30.39 -12.49 -1.21
N LYS B 1118 -29.97 -11.95 -2.35
CA LYS B 1118 -30.89 -11.77 -3.46
C LYS B 1118 -31.52 -13.08 -3.89
N VAL B 1119 -30.71 -14.13 -4.01
CA VAL B 1119 -31.27 -15.38 -4.51
C VAL B 1119 -32.29 -15.94 -3.52
N ASN B 1120 -32.05 -15.75 -2.22
CA ASN B 1120 -33.03 -16.19 -1.25
C ASN B 1120 -34.33 -15.42 -1.39
N GLU B 1121 -34.24 -14.10 -1.52
CA GLU B 1121 -35.47 -13.30 -1.48
C GLU B 1121 -36.24 -13.34 -2.80
N CYS B 1122 -35.73 -12.69 -3.82
CA CYS B 1122 -36.57 -12.39 -4.97
C CYS B 1122 -36.54 -13.50 -5.98
N VAL B 1123 -35.47 -14.28 -6.00
CA VAL B 1123 -35.47 -15.47 -6.84
C VAL B 1123 -36.44 -16.49 -6.29
N LYS B 1124 -36.28 -16.85 -5.03
CA LYS B 1124 -37.09 -17.92 -4.48
C LYS B 1124 -38.52 -17.44 -4.28
N SER B 1125 -38.68 -16.31 -3.59
CA SER B 1125 -40.00 -15.81 -3.26
C SER B 1125 -40.12 -14.37 -3.74
N GLN B 1126 -41.09 -13.65 -3.19
CA GLN B 1126 -41.42 -12.30 -3.57
C GLN B 1126 -41.25 -11.37 -2.37
N SER B 1127 -40.71 -10.19 -2.62
CA SER B 1127 -40.53 -9.20 -1.56
C SER B 1127 -41.88 -8.62 -1.12
N GLN B 1128 -42.01 -8.39 0.18
CA GLN B 1128 -43.24 -7.84 0.77
C GLN B 1128 -43.23 -6.33 0.85
N ARG B 1129 -42.14 -5.69 0.45
CA ARG B 1129 -42.00 -4.24 0.50
C ARG B 1129 -41.88 -3.71 -0.91
N TYR B 1130 -42.66 -2.67 -1.21
CA TYR B 1130 -42.78 -2.20 -2.58
C TYR B 1130 -41.45 -1.63 -3.06
N GLY B 1131 -41.17 -1.86 -4.34
CA GLY B 1131 -39.99 -1.25 -4.95
C GLY B 1131 -38.70 -1.63 -4.29
N PHE B 1132 -38.55 -2.90 -3.91
CA PHE B 1132 -37.38 -3.36 -3.19
C PHE B 1132 -36.35 -3.97 -4.13
N CYS B 1133 -36.73 -5.00 -4.86
CA CYS B 1133 -35.87 -5.56 -5.88
C CYS B 1133 -36.08 -4.77 -7.16
N GLY B 1134 -35.03 -4.10 -7.62
CA GLY B 1134 -35.12 -3.23 -8.78
C GLY B 1134 -35.54 -1.84 -8.38
N GLY B 1135 -36.54 -1.73 -7.53
CA GLY B 1135 -36.96 -0.43 -7.04
C GLY B 1135 -38.18 0.09 -7.77
N ASP B 1136 -39.01 0.83 -7.05
CA ASP B 1136 -40.21 1.51 -7.57
C ASP B 1136 -40.98 0.64 -8.55
N GLY B 1137 -41.41 -0.53 -8.07
CA GLY B 1137 -42.14 -1.47 -8.89
C GLY B 1137 -42.97 -2.40 -8.05
N GLU B 1138 -44.07 -2.88 -8.63
CA GLU B 1138 -44.89 -3.90 -8.00
C GLU B 1138 -44.35 -5.27 -8.42
N HIS B 1139 -43.51 -5.84 -7.56
CA HIS B 1139 -42.81 -7.07 -7.87
C HIS B 1139 -43.77 -8.13 -8.38
N ILE B 1140 -43.41 -8.74 -9.51
CA ILE B 1140 -44.22 -9.81 -10.06
C ILE B 1140 -43.36 -11.05 -9.97
N PHE B 1141 -42.27 -11.05 -10.70
CA PHE B 1141 -41.25 -12.08 -10.56
C PHE B 1141 -40.02 -11.54 -11.30
N SER B 1142 -38.99 -12.36 -11.38
CA SER B 1142 -37.79 -11.96 -12.07
C SER B 1142 -37.11 -13.21 -12.60
N LEU B 1143 -36.30 -13.03 -13.64
CA LEU B 1143 -35.59 -14.15 -14.21
C LEU B 1143 -34.10 -13.83 -14.20
N VAL B 1144 -33.31 -14.89 -14.31
CA VAL B 1144 -31.87 -14.81 -14.21
C VAL B 1144 -31.23 -15.61 -15.31
N GLN B 1145 -30.05 -15.16 -15.72
CA GLN B 1145 -29.20 -15.93 -16.59
C GLN B 1145 -27.77 -15.74 -16.11
N ALA B 1146 -26.91 -16.68 -16.49
CA ALA B 1146 -25.54 -16.65 -16.04
C ALA B 1146 -24.73 -15.67 -16.89
N ALA B 1147 -23.51 -15.42 -16.45
CA ALA B 1147 -22.62 -14.48 -17.09
C ALA B 1147 -21.20 -14.82 -16.67
N PRO B 1148 -20.21 -14.44 -17.48
CA PRO B 1148 -18.82 -14.67 -17.06
C PRO B 1148 -18.54 -14.06 -15.70
N GLN B 1149 -18.28 -14.93 -14.73
CA GLN B 1149 -17.90 -14.53 -13.38
C GLN B 1149 -18.99 -13.71 -12.70
N GLY B 1150 -20.24 -13.95 -13.05
CA GLY B 1150 -21.31 -13.19 -12.42
C GLY B 1150 -22.67 -13.63 -12.89
N LEU B 1151 -23.70 -13.01 -12.31
CA LEU B 1151 -25.09 -13.28 -12.67
C LEU B 1151 -25.82 -12.03 -13.11
N LEU B 1152 -26.61 -12.17 -14.16
CA LEU B 1152 -27.44 -11.11 -14.70
C LEU B 1152 -28.89 -11.35 -14.31
N PHE B 1153 -29.60 -10.28 -13.98
CA PHE B 1153 -30.99 -10.38 -13.58
C PHE B 1153 -31.88 -9.59 -14.52
N LEU B 1154 -33.00 -10.19 -14.90
CA LEU B 1154 -34.11 -9.46 -15.50
C LEU B 1154 -35.29 -9.51 -14.53
N HIS B 1155 -35.94 -8.37 -14.36
CA HIS B 1155 -36.94 -8.20 -13.29
C HIS B 1155 -38.29 -7.87 -13.91
N THR B 1156 -39.26 -8.76 -13.76
CA THR B 1156 -40.55 -8.60 -14.42
C THR B 1156 -41.51 -7.90 -13.45
N VAL B 1157 -42.03 -6.75 -13.85
CA VAL B 1157 -42.89 -5.94 -13.01
C VAL B 1157 -44.02 -5.32 -13.83
N LEU B 1158 -45.21 -5.28 -13.26
CA LEU B 1158 -46.31 -4.57 -13.89
C LEU B 1158 -46.20 -3.08 -13.63
N VAL B 1159 -47.01 -2.32 -14.35
CA VAL B 1159 -47.05 -0.88 -14.14
C VAL B 1159 -48.40 -0.38 -14.62
N PRO B 1160 -49.14 0.34 -13.79
CA PRO B 1160 -50.44 0.84 -14.18
C PRO B 1160 -50.33 1.97 -15.19
N SER B 1161 -51.37 2.09 -16.01
CA SER B 1161 -51.45 3.16 -17.00
C SER B 1161 -52.60 4.10 -16.72
N ASP B 1162 -53.46 3.78 -15.75
CA ASP B 1162 -54.59 4.62 -15.39
C ASP B 1162 -54.85 4.49 -13.90
N PHE B 1163 -55.66 5.43 -13.40
CA PHE B 1163 -56.03 5.52 -12.00
C PHE B 1163 -57.51 5.87 -11.95
N VAL B 1164 -58.22 5.29 -11.00
CA VAL B 1164 -59.67 5.47 -10.91
C VAL B 1164 -59.99 6.48 -9.82
N ASP B 1165 -60.61 7.59 -10.22
CA ASP B 1165 -61.03 8.65 -9.32
C ASP B 1165 -62.47 8.38 -8.87
N VAL B 1166 -62.66 8.08 -7.60
CA VAL B 1166 -63.98 7.77 -7.05
C VAL B 1166 -64.18 8.47 -5.72
N ILE B 1167 -65.44 8.51 -5.29
CA ILE B 1167 -65.78 9.15 -4.03
C ILE B 1167 -65.33 8.25 -2.89
N ALA B 1168 -64.96 8.86 -1.77
CA ALA B 1168 -64.51 8.15 -0.59
C ALA B 1168 -65.54 8.27 0.53
N ILE B 1169 -65.79 7.15 1.21
CA ILE B 1169 -66.73 7.08 2.31
C ILE B 1169 -65.94 6.75 3.56
N ALA B 1170 -66.08 7.57 4.60
CA ALA B 1170 -65.34 7.34 5.83
C ALA B 1170 -65.95 6.20 6.65
N GLY B 1171 -67.21 6.32 7.02
CA GLY B 1171 -67.84 5.29 7.81
C GLY B 1171 -69.31 5.58 7.98
N LEU B 1172 -69.99 4.66 8.67
CA LEU B 1172 -71.41 4.77 8.91
C LEU B 1172 -71.71 4.78 10.40
N CYS B 1173 -72.67 5.61 10.79
CA CYS B 1173 -73.25 5.58 12.12
C CYS B 1173 -74.74 5.31 11.99
N VAL B 1174 -75.23 4.33 12.73
CA VAL B 1174 -76.64 3.95 12.69
C VAL B 1174 -77.18 4.06 14.11
N ASN B 1175 -78.42 4.52 14.21
CA ASN B 1175 -79.10 4.74 15.48
C ASN B 1175 -78.39 5.78 16.32
N ASP B 1176 -77.41 6.47 15.73
CA ASP B 1176 -76.55 7.44 16.39
C ASP B 1176 -75.81 6.84 17.56
N GLU B 1177 -75.80 5.52 17.68
CA GLU B 1177 -75.12 4.85 18.76
C GLU B 1177 -74.23 3.75 18.21
N ILE B 1178 -74.63 3.14 17.10
CA ILE B 1178 -73.90 2.05 16.51
C ILE B 1178 -73.21 2.52 15.23
N ALA B 1179 -71.96 2.11 15.06
CA ALA B 1179 -71.16 2.44 13.89
C ALA B 1179 -70.47 1.19 13.37
N LEU B 1180 -70.42 1.05 12.05
CA LEU B 1180 -69.76 -0.07 11.39
C LEU B 1180 -68.70 0.46 10.44
N THR B 1181 -67.49 -0.05 10.55
CA THR B 1181 -66.41 0.37 9.65
C THR B 1181 -65.59 -0.86 9.29
N LEU B 1182 -64.38 -0.61 8.80
CA LEU B 1182 -63.49 -1.59 8.22
C LEU B 1182 -62.44 -2.09 9.20
N ARG B 1183 -61.94 -3.28 8.91
CA ARG B 1183 -60.91 -3.94 9.70
C ARG B 1183 -59.60 -4.06 8.93
N GLU B 1184 -59.62 -4.64 7.73
CA GLU B 1184 -58.40 -4.84 6.96
C GLU B 1184 -58.12 -3.58 6.14
N PRO B 1185 -57.10 -2.80 6.49
CA PRO B 1185 -56.91 -1.49 5.82
C PRO B 1185 -56.69 -1.57 4.32
N GLY B 1186 -56.09 -2.64 3.81
CA GLY B 1186 -55.83 -2.73 2.39
C GLY B 1186 -57.08 -2.60 1.53
N LEU B 1187 -58.15 -3.26 1.92
CA LEU B 1187 -59.41 -3.05 1.21
C LEU B 1187 -59.90 -1.64 1.51
N VAL B 1188 -60.80 -1.16 0.66
CA VAL B 1188 -61.36 0.16 0.88
C VAL B 1188 -62.73 0.23 0.22
N LEU B 1189 -63.68 0.82 0.94
CA LEU B 1189 -65.03 1.02 0.44
C LEU B 1189 -65.12 2.36 -0.25
N PHE B 1190 -65.71 2.37 -1.44
CA PHE B 1190 -65.86 3.58 -2.21
C PHE B 1190 -67.26 3.65 -2.80
N THR B 1191 -67.68 4.86 -3.09
CA THR B 1191 -68.94 5.08 -3.80
C THR B 1191 -68.56 5.43 -5.23
N HIS B 1192 -68.55 4.42 -6.10
CA HIS B 1192 -68.42 4.69 -7.52
C HIS B 1192 -69.71 5.32 -8.03
N GLU B 1193 -69.58 6.16 -9.05
CA GLU B 1193 -70.70 6.97 -9.52
C GLU B 1193 -71.15 7.93 -8.42
N LEU B 1194 -72.16 8.73 -8.69
CA LEU B 1194 -72.63 9.73 -7.75
C LEU B 1194 -74.13 9.60 -7.52
N GLN B 1195 -74.61 10.32 -6.50
CA GLN B 1195 -76.01 10.37 -6.12
C GLN B 1195 -76.87 11.16 -7.11
N ASN B 1196 -76.29 11.62 -8.21
CA ASN B 1196 -77.03 12.37 -9.22
C ASN B 1196 -78.15 11.54 -9.84
N HIS B 1197 -78.07 10.22 -9.74
CA HIS B 1197 -79.09 9.34 -10.32
C HIS B 1197 -79.69 8.35 -9.33
N THR B 1198 -79.64 8.67 -8.03
CA THR B 1198 -80.25 7.84 -6.98
C THR B 1198 -79.76 6.40 -7.05
N ALA B 1199 -78.44 6.25 -7.21
CA ALA B 1199 -77.81 4.93 -7.22
C ALA B 1199 -76.38 5.14 -6.73
N THR B 1200 -76.15 4.90 -5.46
CA THR B 1200 -74.83 4.97 -4.87
C THR B 1200 -74.34 3.55 -4.63
N GLU B 1201 -73.34 3.13 -5.39
CA GLU B 1201 -72.87 1.75 -5.36
C GLU B 1201 -71.70 1.67 -4.39
N TYR B 1202 -71.91 0.99 -3.28
CA TYR B 1202 -70.87 0.86 -2.27
C TYR B 1202 -70.09 -0.42 -2.54
N PHE B 1203 -68.84 -0.29 -2.95
CA PHE B 1203 -68.00 -1.44 -3.23
C PHE B 1203 -66.68 -1.29 -2.48
N VAL B 1204 -66.12 -2.43 -2.12
CA VAL B 1204 -64.82 -2.49 -1.46
C VAL B 1204 -63.79 -3.05 -2.43
N SER B 1205 -62.65 -2.38 -2.53
CA SER B 1205 -61.57 -2.81 -3.38
C SER B 1205 -60.26 -2.66 -2.61
N SER B 1206 -59.27 -3.46 -2.99
CA SER B 1206 -57.94 -3.29 -2.41
C SER B 1206 -57.39 -1.93 -2.77
N ARG B 1207 -56.80 -1.26 -1.79
CA ARG B 1207 -56.16 0.02 -2.07
C ARG B 1207 -55.03 -0.15 -3.07
N ARG B 1208 -54.41 -1.32 -3.10
CA ARG B 1208 -53.35 -1.57 -4.06
C ARG B 1208 -53.88 -1.84 -5.45
N MET B 1209 -55.08 -2.41 -5.56
CA MET B 1209 -55.60 -2.85 -6.85
C MET B 1209 -57.10 -2.65 -6.86
N PHE B 1210 -57.60 -1.91 -7.84
CA PHE B 1210 -59.04 -1.67 -7.99
C PHE B 1210 -59.76 -2.95 -8.37
N GLU B 1211 -60.44 -3.55 -7.40
CA GLU B 1211 -61.23 -4.77 -7.61
C GLU B 1211 -62.58 -4.58 -6.93
N PRO B 1212 -63.52 -3.89 -7.59
CA PRO B 1212 -64.79 -3.58 -6.93
C PRO B 1212 -65.60 -4.82 -6.63
N ARG B 1213 -66.27 -4.80 -5.48
CA ARG B 1213 -67.14 -5.89 -5.07
C ARG B 1213 -67.91 -5.45 -3.83
N LYS B 1214 -69.13 -5.94 -3.70
CA LYS B 1214 -69.92 -5.59 -2.53
C LYS B 1214 -69.33 -6.24 -1.30
N PRO B 1215 -69.09 -5.49 -0.23
CA PRO B 1215 -68.47 -6.07 0.96
C PRO B 1215 -69.38 -7.05 1.67
N THR B 1216 -68.75 -7.91 2.46
CA THR B 1216 -69.45 -8.91 3.27
C THR B 1216 -69.55 -8.43 4.71
N VAL B 1217 -70.67 -8.78 5.36
CA VAL B 1217 -70.94 -8.28 6.70
C VAL B 1217 -69.93 -8.78 7.71
N SER B 1218 -69.44 -10.01 7.56
CA SER B 1218 -68.49 -10.54 8.52
C SER B 1218 -67.19 -9.75 8.55
N ASP B 1219 -66.95 -8.92 7.54
CA ASP B 1219 -65.66 -8.27 7.36
C ASP B 1219 -65.60 -6.85 7.90
N PHE B 1220 -66.71 -6.30 8.40
CA PHE B 1220 -66.67 -4.98 8.99
C PHE B 1220 -66.37 -5.05 10.48
N VAL B 1221 -66.35 -3.88 11.10
CA VAL B 1221 -66.15 -3.77 12.55
C VAL B 1221 -67.21 -2.83 13.11
N GLN B 1222 -67.72 -3.17 14.27
CA GLN B 1222 -68.71 -2.38 14.98
C GLN B 1222 -67.99 -1.46 15.97
N ILE B 1223 -68.49 -0.23 16.09
CA ILE B 1223 -67.85 0.78 16.92
C ILE B 1223 -68.91 1.45 17.78
N GLU B 1224 -68.52 1.80 19.01
CA GLU B 1224 -69.41 2.48 19.93
C GLU B 1224 -69.33 3.99 19.83
N SER B 1225 -68.23 4.51 19.30
CA SER B 1225 -67.97 5.94 19.24
C SER B 1225 -68.26 6.47 17.83
N CYS B 1226 -68.99 7.58 17.76
CA CYS B 1226 -69.35 8.18 16.48
C CYS B 1226 -68.75 9.57 16.38
N VAL B 1227 -68.37 9.95 15.16
CA VAL B 1227 -67.87 11.29 14.87
C VAL B 1227 -68.60 11.79 13.63
N VAL B 1228 -68.41 13.08 13.35
CA VAL B 1228 -69.10 13.73 12.24
C VAL B 1228 -68.75 13.06 10.92
N THR B 1229 -67.58 12.42 10.84
CA THR B 1229 -67.12 11.83 9.58
C THR B 1229 -67.93 10.62 9.16
N TYR B 1230 -68.78 10.08 10.01
CA TYR B 1230 -69.49 8.85 9.67
C TYR B 1230 -70.84 9.19 9.03
N VAL B 1231 -71.26 8.33 8.11
CA VAL B 1231 -72.52 8.54 7.40
C VAL B 1231 -73.68 8.08 8.26
N ASN B 1232 -74.71 8.91 8.34
CA ASN B 1232 -75.85 8.66 9.18
C ASN B 1232 -76.92 7.90 8.40
N LEU B 1233 -77.59 6.98 9.08
CA LEU B 1233 -78.65 6.19 8.49
C LEU B 1233 -79.41 5.51 9.62
N THR B 1234 -80.58 4.98 9.30
CA THR B 1234 -81.31 4.20 10.28
C THR B 1234 -81.19 2.72 9.94
N ARG B 1235 -81.61 1.90 10.90
CA ARG B 1235 -81.40 0.45 10.84
C ARG B 1235 -82.09 -0.17 9.64
N ASP B 1236 -83.08 0.52 9.08
CA ASP B 1236 -83.91 -0.05 8.02
C ASP B 1236 -83.07 -0.44 6.81
N GLN B 1237 -82.13 0.40 6.42
CA GLN B 1237 -81.37 0.20 5.20
C GLN B 1237 -80.11 -0.63 5.39
N LEU B 1238 -79.79 -1.03 6.62
CA LEU B 1238 -78.62 -1.88 6.82
C LEU B 1238 -78.71 -3.15 5.99
N PRO B 1239 -79.82 -3.90 5.99
CA PRO B 1239 -79.93 -4.98 5.00
C PRO B 1239 -80.02 -4.45 3.59
N ASP B 1240 -80.61 -3.26 3.41
CA ASP B 1240 -80.74 -2.70 2.08
C ASP B 1240 -79.38 -2.31 1.50
N VAL B 1241 -78.58 -1.57 2.28
CA VAL B 1241 -77.28 -1.16 1.78
C VAL B 1241 -76.38 -2.37 1.55
N ILE B 1242 -76.41 -3.32 2.47
CA ILE B 1242 -75.65 -4.56 2.36
C ILE B 1242 -76.63 -5.72 2.50
N PRO B 1243 -76.96 -6.38 1.38
CA PRO B 1243 -77.87 -7.54 1.47
C PRO B 1243 -77.29 -8.66 2.32
N ASP B 1244 -75.97 -8.68 2.50
CA ASP B 1244 -75.36 -9.71 3.35
C ASP B 1244 -75.83 -9.60 4.78
N TYR B 1245 -76.31 -8.44 5.21
CA TYR B 1245 -76.77 -8.27 6.58
C TYR B 1245 -78.12 -8.93 6.77
N ILE B 1246 -78.30 -9.58 7.92
CA ILE B 1246 -79.54 -10.26 8.25
C ILE B 1246 -80.07 -9.65 9.54
N ASP B 1247 -81.31 -9.17 9.50
CA ASP B 1247 -81.96 -8.55 10.65
C ASP B 1247 -82.78 -9.62 11.35
N VAL B 1248 -82.22 -10.17 12.43
CA VAL B 1248 -82.91 -11.20 13.18
C VAL B 1248 -84.15 -10.65 13.87
N ASN B 1249 -84.14 -9.37 14.24
CA ASN B 1249 -85.25 -8.79 14.99
C ASN B 1249 -86.57 -8.86 14.24
N LYS B 1250 -86.66 -8.15 13.12
CA LYS B 1250 -87.93 -8.09 12.40
C LYS B 1250 -88.36 -9.46 11.89
N THR B 1251 -87.41 -10.25 11.39
CA THR B 1251 -87.74 -11.58 10.88
C THR B 1251 -88.41 -12.42 11.96
N ARG B 1252 -87.79 -12.49 13.14
CA ARG B 1252 -88.33 -13.31 14.22
C ARG B 1252 -89.70 -12.80 14.65
N ASP B 1253 -89.84 -11.47 14.80
CA ASP B 1253 -91.12 -10.92 15.21
C ASP B 1253 -92.20 -11.20 14.18
N GLU B 1254 -91.87 -11.06 12.90
CA GLU B 1254 -92.83 -11.28 11.84
C GLU B 1254 -92.89 -12.75 11.46
N ASN C 31 -7.12 58.28 41.33
CA ASN C 31 -8.06 57.77 40.36
C ASN C 31 -7.33 57.00 39.27
N PHE C 32 -6.61 57.74 38.42
CA PHE C 32 -5.82 57.09 37.38
C PHE C 32 -4.73 56.21 37.97
N ARG C 33 -4.30 56.50 39.20
CA ARG C 33 -3.31 55.67 39.85
C ARG C 33 -3.81 54.24 40.01
N ARG C 34 -5.02 54.09 40.55
CA ARG C 34 -5.57 52.75 40.71
C ARG C 34 -5.96 52.14 39.37
N PHE C 35 -6.33 52.97 38.39
CA PHE C 35 -6.72 52.46 37.08
C PHE C 35 -5.56 51.72 36.40
N PHE C 36 -4.36 52.28 36.48
CA PHE C 36 -3.22 51.75 35.75
C PHE C 36 -2.27 50.94 36.60
N SER C 37 -2.45 50.93 37.92
CA SER C 37 -1.58 50.15 38.80
C SER C 37 -1.83 48.66 38.67
N LYS C 38 -2.98 48.27 38.13
CA LYS C 38 -3.30 46.85 38.02
C LYS C 38 -2.32 46.12 37.12
N PHE C 39 -1.93 46.74 36.01
CA PHE C 39 -0.97 46.14 35.11
C PHE C 39 0.37 45.94 35.79
N ASN C 40 0.99 44.79 35.55
CA ASN C 40 2.25 44.43 36.18
C ASN C 40 3.40 44.68 35.22
N VAL C 41 4.52 45.17 35.77
CA VAL C 41 5.66 45.58 34.97
C VAL C 41 6.88 45.61 35.87
N GLN C 42 8.06 45.49 35.28
CA GLN C 42 9.29 45.61 36.04
C GLN C 42 9.46 47.04 36.54
N ALA C 43 10.20 47.17 37.64
CA ALA C 43 10.30 48.45 38.34
C ALA C 43 10.85 49.60 37.48
N PRO C 44 11.99 49.48 36.80
CA PRO C 44 12.49 50.64 36.03
C PRO C 44 11.87 50.73 34.65
N ALA C 45 10.71 51.39 34.54
CA ALA C 45 10.01 51.47 33.27
C ALA C 45 9.51 52.89 33.02
N VAL C 46 9.66 53.34 31.77
CA VAL C 46 9.01 54.54 31.29
C VAL C 46 8.63 54.33 29.84
N VAL C 47 7.33 54.35 29.55
CA VAL C 47 6.80 54.05 28.22
C VAL C 47 5.68 55.03 27.91
N VAL C 48 5.58 55.41 26.63
CA VAL C 48 4.49 56.24 26.15
C VAL C 48 3.31 55.35 25.80
N LEU C 49 2.14 55.68 26.34
CA LEU C 49 0.93 54.93 26.08
C LEU C 49 -0.12 55.81 25.42
N GLY C 50 -0.74 55.30 24.36
CA GLY C 50 -1.79 56.01 23.66
C GLY C 50 -3.09 55.22 23.77
N GLY C 51 -4.20 55.94 23.80
CA GLY C 51 -5.49 55.29 23.93
C GLY C 51 -6.56 56.27 24.36
N TYR C 52 -7.79 55.76 24.38
CA TYR C 52 -8.96 56.56 24.74
C TYR C 52 -9.05 56.69 26.26
N LEU C 53 -8.12 57.44 26.82
CA LEU C 53 -8.08 57.60 28.27
C LEU C 53 -9.18 58.55 28.75
N PRO C 54 -9.75 58.27 29.93
CA PRO C 54 -10.82 59.13 30.45
C PRO C 54 -10.31 60.51 30.82
N ILE C 55 -11.20 61.50 30.68
CA ILE C 55 -10.91 62.87 31.06
C ILE C 55 -11.92 63.41 32.05
N GLY C 56 -13.20 63.09 31.86
CA GLY C 56 -14.23 63.55 32.77
C GLY C 56 -15.27 62.46 32.97
N GLU C 57 -16.05 62.62 34.05
CA GLU C 57 -17.08 61.64 34.35
C GLU C 57 -18.15 61.63 33.25
N ASN C 58 -18.60 62.81 32.84
CA ASN C 58 -19.61 62.93 31.81
C ASN C 58 -19.23 64.02 30.83
N GLN C 59 -17.99 64.00 30.37
CA GLN C 59 -17.53 64.92 29.34
C GLN C 59 -18.28 64.52 28.08
N GLY C 60 -19.28 65.31 27.71
CA GLY C 60 -20.17 64.91 26.63
C GLY C 60 -19.47 64.87 25.29
N VAL C 61 -20.00 64.01 24.41
CA VAL C 61 -19.47 63.87 23.06
C VAL C 61 -19.83 65.11 22.24
N ASN C 62 -19.02 65.37 21.22
CA ASN C 62 -19.22 66.52 20.34
C ASN C 62 -20.05 66.20 19.12
N SER C 63 -20.50 64.95 18.96
CA SER C 63 -21.34 64.57 17.83
C SER C 63 -22.32 63.51 18.29
N THR C 64 -23.01 62.90 17.33
CA THR C 64 -24.02 61.86 17.56
C THR C 64 -23.80 60.69 16.63
N TRP C 65 -22.55 60.21 16.55
CA TRP C 65 -22.17 59.15 15.63
C TRP C 65 -21.60 57.96 16.40
N TYR C 66 -21.89 56.76 15.90
CA TYR C 66 -21.46 55.53 16.55
C TYR C 66 -20.49 54.70 15.73
N CYS C 67 -20.26 55.04 14.47
CA CYS C 67 -19.32 54.32 13.62
C CYS C 67 -18.04 55.13 13.46
N ALA C 68 -17.06 54.52 12.80
CA ALA C 68 -15.75 55.13 12.62
C ALA C 68 -15.43 55.23 11.13
N GLY C 69 -14.85 56.36 10.74
CA GLY C 69 -14.47 56.59 9.35
C GLY C 69 -13.23 57.45 9.21
N GLN C 70 -13.29 58.44 8.32
CA GLN C 70 -12.18 59.37 8.15
C GLN C 70 -12.10 60.30 9.36
N HIS C 71 -10.89 60.46 9.89
CA HIS C 71 -10.65 61.22 11.11
C HIS C 71 -11.61 60.78 12.22
N PRO C 72 -11.58 59.50 12.59
CA PRO C 72 -12.61 59.02 13.54
C PRO C 72 -12.30 59.45 14.97
N THR C 73 -13.02 60.46 15.44
CA THR C 73 -12.93 60.87 16.84
C THR C 73 -14.25 60.68 17.56
N ALA C 74 -15.32 61.32 17.09
CA ALA C 74 -16.62 61.21 17.73
C ALA C 74 -17.38 60.01 17.15
N SER C 75 -16.78 58.84 17.33
CA SER C 75 -17.31 57.59 16.86
C SER C 75 -18.18 56.91 17.90
N GLY C 76 -18.74 57.68 18.82
CA GLY C 76 -19.58 57.12 19.87
C GLY C 76 -18.76 56.86 21.12
N VAL C 77 -18.73 55.61 21.55
CA VAL C 77 -18.00 55.21 22.74
C VAL C 77 -16.94 54.22 22.29
N HIS C 78 -15.74 54.74 22.00
CA HIS C 78 -14.61 53.84 21.78
C HIS C 78 -14.28 53.08 23.05
N GLY C 79 -14.31 53.77 24.19
CA GLY C 79 -14.07 53.14 25.46
C GLY C 79 -15.00 53.68 26.53
N ILE C 80 -15.74 52.77 27.16
CA ILE C 80 -16.66 53.10 28.24
C ILE C 80 -16.03 52.62 29.53
N PHE C 81 -16.30 53.34 30.61
CA PHE C 81 -15.78 52.92 31.90
C PHE C 81 -16.80 53.28 32.96
N VAL C 82 -17.28 52.28 33.68
CA VAL C 82 -18.31 52.45 34.69
C VAL C 82 -17.93 51.67 35.93
N SER C 83 -18.13 52.28 37.09
CA SER C 83 -17.92 51.61 38.37
C SER C 83 -19.04 51.91 39.36
N HIS C 84 -20.03 52.69 38.97
CA HIS C 84 -21.10 53.13 39.84
C HIS C 84 -22.43 52.65 39.29
N ILE C 85 -23.39 52.53 40.19
CA ILE C 85 -24.73 52.06 39.86
C ILE C 85 -25.69 52.66 40.87
N ARG C 86 -26.89 53.02 40.40
CA ARG C 86 -27.89 53.61 41.28
C ARG C 86 -28.81 52.56 41.88
N GLY C 87 -28.95 51.41 41.23
CA GLY C 87 -29.77 50.33 41.76
C GLY C 87 -28.93 49.32 42.52
N GLY C 88 -27.82 48.91 41.92
CA GLY C 88 -26.93 47.94 42.53
C GLY C 88 -27.26 46.49 42.21
N HIS C 89 -28.30 46.25 41.41
CA HIS C 89 -28.71 44.89 41.11
C HIS C 89 -27.65 44.13 40.32
N GLY C 90 -27.05 44.78 39.35
CA GLY C 90 -26.10 44.10 38.49
C GLY C 90 -25.83 44.91 37.24
N PHE C 91 -24.93 44.37 36.42
CA PHE C 91 -24.50 45.02 35.19
C PHE C 91 -24.80 44.09 34.03
N GLU C 92 -25.60 44.58 33.09
CA GLU C 92 -25.86 43.90 31.83
C GLU C 92 -25.33 44.78 30.72
N ILE C 93 -24.48 44.22 29.86
CA ILE C 93 -23.84 44.98 28.80
C ILE C 93 -23.98 44.20 27.50
N GLY C 94 -24.30 44.92 26.43
CA GLY C 94 -24.40 44.33 25.12
C GLY C 94 -23.76 45.23 24.08
N ILE C 95 -22.77 44.71 23.36
CA ILE C 95 -22.06 45.45 22.33
C ILE C 95 -22.23 44.74 21.01
N SER C 96 -22.56 45.49 19.97
CA SER C 96 -22.73 44.97 18.62
C SER C 96 -22.37 46.07 17.64
N GLN C 97 -22.76 45.91 16.39
CA GLN C 97 -22.57 46.90 15.34
C GLN C 97 -23.90 47.22 14.70
N GLU C 98 -24.25 48.50 14.64
CA GLU C 98 -25.51 48.88 14.01
C GLU C 98 -25.54 48.65 12.49
N PRO C 99 -24.39 48.65 11.75
CA PRO C 99 -24.47 48.31 10.32
C PRO C 99 -25.04 46.92 10.04
N PHE C 100 -25.33 46.14 11.08
CA PHE C 100 -26.04 44.87 10.97
C PHE C 100 -25.28 43.89 10.06
N ASP C 101 -24.15 43.42 10.57
CA ASP C 101 -23.51 42.29 9.93
C ASP C 101 -23.80 41.07 10.80
N PRO C 102 -24.98 40.46 10.64
CA PRO C 102 -25.42 39.44 11.61
C PRO C 102 -24.56 38.19 11.64
N SER C 103 -23.80 37.90 10.59
CA SER C 103 -22.94 36.74 10.58
C SER C 103 -21.73 36.89 11.50
N GLY C 104 -21.52 38.08 12.07
CA GLY C 104 -20.42 38.34 12.96
C GLY C 104 -20.62 37.80 14.36
N TYR C 105 -20.17 38.54 15.37
CA TYR C 105 -20.19 38.09 16.75
C TYR C 105 -20.76 39.18 17.65
N GLN C 106 -21.39 38.77 18.74
CA GLN C 106 -21.92 39.70 19.72
C GLN C 106 -21.37 39.38 21.11
N LEU C 107 -21.51 40.35 22.01
CA LEU C 107 -20.96 40.22 23.35
C LEU C 107 -21.95 40.70 24.40
N TYR C 108 -22.16 39.85 25.41
CA TYR C 108 -22.90 40.20 26.61
C TYR C 108 -22.04 39.99 27.83
N LEU C 109 -22.24 40.86 28.82
CA LEU C 109 -21.57 40.76 30.10
C LEU C 109 -22.64 40.84 31.15
N HIS C 110 -22.66 39.86 32.04
CA HIS C 110 -23.62 39.81 33.13
C HIS C 110 -22.82 39.79 34.44
N LYS C 111 -22.78 40.93 35.11
CA LYS C 111 -21.95 41.12 36.29
C LYS C 111 -22.84 41.24 37.51
N ALA C 112 -22.52 40.49 38.55
CA ALA C 112 -23.32 40.47 39.77
C ALA C 112 -22.76 41.54 40.70
N THR C 113 -23.45 42.68 40.75
CA THR C 113 -23.00 43.82 41.54
C THR C 113 -23.35 43.53 43.01
N ASN C 114 -22.54 42.66 43.62
CA ASN C 114 -22.65 42.36 45.04
C ASN C 114 -21.39 42.70 45.79
N GLY C 115 -20.24 42.16 45.39
CA GLY C 115 -18.98 42.39 46.09
C GLY C 115 -17.81 42.26 45.16
N ASN C 116 -16.72 41.68 45.66
CA ASN C 116 -15.49 41.55 44.88
C ASN C 116 -15.35 40.15 44.27
N THR C 117 -15.36 39.12 45.10
CA THR C 117 -15.39 37.76 44.55
C THR C 117 -16.70 37.52 43.81
N ASN C 118 -17.80 38.08 44.31
CA ASN C 118 -19.08 37.99 43.62
C ASN C 118 -19.13 38.85 42.37
N ALA C 119 -18.17 39.76 42.21
CA ALA C 119 -18.14 40.63 41.04
C ALA C 119 -17.88 39.86 39.76
N THR C 120 -17.51 38.59 39.88
CA THR C 120 -17.30 37.72 38.72
C THR C 120 -18.45 37.85 37.75
N ALA C 121 -18.13 38.24 36.53
CA ALA C 121 -19.11 38.55 35.50
C ALA C 121 -19.08 37.45 34.45
N ARG C 122 -20.26 37.04 34.00
CA ARG C 122 -20.34 36.06 32.93
C ARG C 122 -20.14 36.79 31.61
N LEU C 123 -19.03 36.50 30.95
CA LEU C 123 -18.68 37.12 29.69
C LEU C 123 -18.86 36.11 28.56
N ARG C 124 -19.59 36.53 27.54
CA ARG C 124 -19.92 35.64 26.42
C ARG C 124 -19.66 36.40 25.13
N ILE C 125 -18.65 35.95 24.38
CA ILE C 125 -18.45 36.42 23.02
C ILE C 125 -18.97 35.32 22.11
N CYS C 126 -20.17 35.52 21.58
CA CYS C 126 -20.75 34.63 20.61
C CYS C 126 -21.77 35.42 19.80
N GLN C 127 -22.00 34.98 18.57
CA GLN C 127 -23.09 35.56 17.80
C GLN C 127 -24.36 35.38 18.62
N PHE C 128 -25.03 36.47 18.92
CA PHE C 128 -26.11 36.23 19.87
C PHE C 128 -27.48 36.24 19.22
N PRO C 129 -28.36 35.36 19.71
CA PRO C 129 -29.76 35.42 19.28
C PRO C 129 -30.45 36.65 19.84
N SER C 130 -29.93 37.81 19.50
CA SER C 130 -30.39 39.07 20.04
C SER C 130 -31.19 39.83 18.99
N ILE C 131 -31.66 40.98 19.39
CA ILE C 131 -32.46 41.86 18.55
C ILE C 131 -31.84 43.25 18.67
N LYS C 132 -32.02 44.08 17.64
CA LYS C 132 -31.56 45.46 17.75
C LYS C 132 -32.17 46.10 18.98
N THR C 133 -33.45 45.84 19.24
CA THR C 133 -34.02 46.15 20.54
C THR C 133 -33.40 45.22 21.58
N LEU C 134 -33.10 45.77 22.76
CA LEU C 134 -32.34 45.03 23.77
C LEU C 134 -33.26 44.03 24.46
N GLY C 135 -33.65 43.01 23.71
CA GLY C 135 -34.48 41.96 24.24
C GLY C 135 -35.35 41.30 23.18
N PRO C 136 -36.15 40.31 23.60
CA PRO C 136 -37.06 39.58 22.69
C PRO C 136 -38.43 40.24 22.48
N THR C 137 -38.46 41.24 21.59
CA THR C 137 -39.71 41.92 21.29
C THR C 137 -39.90 42.15 19.79
N ALA C 138 -39.10 41.51 18.94
CA ALA C 138 -39.17 41.70 17.49
C ALA C 138 -38.55 40.47 16.83
N ASN C 139 -38.25 40.58 15.54
CA ASN C 139 -37.58 39.48 14.86
C ASN C 139 -36.15 39.33 15.40
N ASN C 140 -35.70 38.08 15.50
CA ASN C 140 -34.42 37.77 16.11
C ASN C 140 -33.36 37.53 15.05
N ASP C 141 -32.12 37.87 15.38
CA ASP C 141 -30.98 37.56 14.52
C ASP C 141 -30.44 36.20 14.92
N VAL C 142 -30.48 35.26 13.99
CA VAL C 142 -30.23 33.84 14.25
C VAL C 142 -29.07 33.32 13.41
N THR C 143 -28.05 34.16 13.19
CA THR C 143 -26.91 33.83 12.34
C THR C 143 -25.78 33.18 13.12
N ILE C 144 -26.16 32.29 14.03
CA ILE C 144 -25.35 31.86 15.16
C ILE C 144 -24.78 30.49 14.82
N GLY C 145 -24.52 30.27 13.53
CA GLY C 145 -23.92 29.03 13.06
C GLY C 145 -22.78 28.57 13.94
N ARG C 146 -21.86 29.47 14.23
CA ARG C 146 -20.76 29.15 15.12
C ARG C 146 -21.25 29.11 16.56
N ASN C 147 -20.70 28.18 17.34
CA ASN C 147 -21.11 28.05 18.74
C ASN C 147 -20.77 29.33 19.48
N CYS C 148 -19.48 29.61 19.65
CA CYS C 148 -19.05 30.78 20.41
C CYS C 148 -17.61 31.09 20.06
N LEU C 149 -17.21 32.30 20.45
CA LEU C 149 -15.81 32.70 20.41
C LEU C 149 -15.19 32.79 21.79
N PHE C 150 -16.01 32.93 22.82
CA PHE C 150 -15.58 32.98 24.21
C PHE C 150 -16.80 32.85 25.09
N ASN C 151 -16.68 32.07 26.15
CA ASN C 151 -17.78 31.89 27.10
C ASN C 151 -17.14 31.52 28.44
N LYS C 152 -16.94 32.51 29.29
CA LYS C 152 -16.34 32.29 30.60
C LYS C 152 -16.80 33.36 31.56
N ALA C 153 -16.62 33.09 32.85
CA ALA C 153 -16.89 34.05 33.91
C ALA C 153 -15.58 34.61 34.43
N ILE C 154 -15.46 35.93 34.41
CA ILE C 154 -14.22 36.61 34.81
C ILE C 154 -14.47 37.34 36.11
N PRO C 155 -13.65 37.11 37.14
CA PRO C 155 -13.81 37.87 38.40
C PRO C 155 -13.48 39.33 38.21
N ALA C 156 -14.15 40.17 38.99
CA ALA C 156 -13.88 41.60 39.01
C ALA C 156 -13.79 42.06 40.45
N HIS C 157 -13.72 43.38 40.67
CA HIS C 157 -13.63 43.90 42.02
C HIS C 157 -14.28 45.28 42.06
N MET C 158 -14.57 45.75 43.27
CA MET C 158 -15.23 47.03 43.48
C MET C 158 -14.33 47.98 44.27
N SER C 159 -14.19 49.19 43.75
CA SER C 159 -13.63 50.32 44.50
C SER C 159 -14.20 51.59 43.90
N GLU C 160 -14.20 52.67 44.70
CA GLU C 160 -14.68 53.94 44.19
C GLU C 160 -13.83 54.42 43.02
N HIS C 161 -12.52 54.22 43.09
CA HIS C 161 -11.60 54.64 42.05
C HIS C 161 -11.03 53.45 41.29
N SER C 162 -11.84 52.42 41.08
CA SER C 162 -11.47 51.27 40.27
C SER C 162 -12.66 50.99 39.37
N VAL C 163 -12.57 51.42 38.12
CA VAL C 163 -13.66 51.29 37.18
C VAL C 163 -13.47 50.02 36.37
N VAL C 164 -14.56 49.53 35.78
CA VAL C 164 -14.52 48.42 34.85
C VAL C 164 -15.06 48.91 33.52
N GLY C 165 -14.35 48.61 32.44
CA GLY C 165 -14.73 49.15 31.15
C GLY C 165 -14.15 48.35 30.01
N ILE C 166 -14.55 48.74 28.81
CA ILE C 166 -14.16 48.06 27.58
C ILE C 166 -13.81 49.08 26.52
N THR C 167 -12.78 48.78 25.73
CA THR C 167 -12.39 49.59 24.60
C THR C 167 -12.13 48.68 23.41
N TRP C 168 -12.32 49.24 22.22
CA TRP C 168 -12.04 48.54 20.97
C TRP C 168 -11.24 49.45 20.05
N ASP C 169 -10.28 48.85 19.34
CA ASP C 169 -9.46 49.61 18.39
C ASP C 169 -8.96 48.63 17.33
N ASN C 170 -9.60 48.66 16.16
CA ASN C 170 -9.26 47.77 15.04
C ASN C 170 -9.46 46.35 15.55
N ASP C 171 -8.52 45.43 15.31
CA ASP C 171 -8.66 44.07 15.79
C ASP C 171 -8.28 43.93 17.26
N ARG C 172 -8.06 45.05 17.94
CA ARG C 172 -7.65 45.05 19.34
C ARG C 172 -8.85 45.33 20.23
N VAL C 173 -9.02 44.51 21.26
CA VAL C 173 -10.05 44.68 22.26
C VAL C 173 -9.41 44.62 23.64
N THR C 174 -9.54 45.70 24.41
CA THR C 174 -8.87 45.80 25.69
C THR C 174 -9.89 46.05 26.79
N VAL C 175 -9.75 45.30 27.89
CA VAL C 175 -10.68 45.36 29.01
C VAL C 175 -9.95 45.87 30.24
N PHE C 176 -10.42 46.97 30.81
CA PHE C 176 -9.96 47.39 32.13
C PHE C 176 -10.86 46.72 33.16
N SER C 177 -10.43 45.54 33.60
CA SER C 177 -11.12 44.82 34.66
C SER C 177 -10.11 43.81 35.21
N ASP C 178 -9.70 43.99 36.46
CA ASP C 178 -8.58 43.22 37.00
C ASP C 178 -7.39 43.39 36.08
N LYS C 179 -6.99 42.33 35.39
CA LYS C 179 -5.94 42.40 34.40
C LYS C 179 -6.50 42.79 33.04
N ILE C 180 -5.66 43.43 32.23
CA ILE C 180 -6.06 43.78 30.87
C ILE C 180 -6.41 42.52 30.11
N TYR C 181 -7.46 42.58 29.30
CA TYR C 181 -7.79 41.46 28.43
C TYR C 181 -7.77 41.94 26.99
N TYR C 182 -6.81 41.41 26.22
CA TYR C 182 -6.57 41.77 24.84
C TYR C 182 -6.88 40.55 23.97
N PHE C 183 -7.72 40.75 22.96
CA PHE C 183 -8.13 39.67 22.09
C PHE C 183 -8.15 40.15 20.65
N TYR C 184 -7.90 39.22 19.73
CA TYR C 184 -7.74 39.56 18.33
C TYR C 184 -8.81 38.86 17.50
N PHE C 185 -9.53 39.63 16.69
CA PHE C 185 -10.55 39.13 15.79
C PHE C 185 -10.82 40.20 14.75
N LYS C 186 -11.39 39.78 13.64
CA LYS C 186 -11.66 40.65 12.49
C LYS C 186 -13.16 40.84 12.33
N ASN C 187 -13.66 41.98 12.81
CA ASN C 187 -15.08 42.33 12.70
C ASN C 187 -15.23 43.80 13.08
N ASP C 188 -16.47 44.27 13.09
CA ASP C 188 -16.78 45.65 13.46
C ASP C 188 -17.82 45.69 14.56
N TRP C 189 -17.60 46.57 15.53
CA TRP C 189 -18.51 46.77 16.67
C TRP C 189 -18.71 48.26 16.84
N SER C 190 -19.95 48.72 16.71
CA SER C 190 -20.21 50.16 16.66
C SER C 190 -21.34 50.63 17.55
N ARG C 191 -22.27 49.77 17.95
CA ARG C 191 -23.40 50.17 18.79
C ARG C 191 -23.27 49.51 20.15
N VAL C 192 -23.25 50.33 21.19
CA VAL C 192 -23.18 49.86 22.56
C VAL C 192 -24.49 50.20 23.25
N ALA C 193 -24.90 49.33 24.16
CA ALA C 193 -26.14 49.50 24.91
C ALA C 193 -26.07 48.59 26.12
N THR C 194 -26.98 48.82 27.06
CA THR C 194 -27.03 48.04 28.29
C THR C 194 -28.48 47.84 28.69
N LYS C 195 -28.79 46.61 29.12
CA LYS C 195 -30.13 46.41 29.66
C LYS C 195 -30.26 47.01 31.05
N CYS C 196 -29.16 47.46 31.66
CA CYS C 196 -29.22 48.15 32.93
C CYS C 196 -28.67 49.57 32.75
N TYR C 197 -29.58 50.53 32.57
CA TYR C 197 -29.24 51.95 32.48
C TYR C 197 -29.46 52.68 33.79
N ASN C 198 -29.58 51.96 34.90
CA ASN C 198 -29.84 52.59 36.20
C ASN C 198 -28.56 53.25 36.74
N SER C 199 -28.09 54.25 36.01
CA SER C 199 -26.92 55.00 36.39
C SER C 199 -26.98 56.37 35.71
N GLY C 200 -26.29 57.33 36.32
CA GLY C 200 -26.24 58.66 35.76
C GLY C 200 -25.28 58.76 34.60
N GLY C 201 -25.31 59.90 33.93
CA GLY C 201 -24.37 60.14 32.84
C GLY C 201 -22.94 60.12 33.34
N CYS C 202 -22.69 60.75 34.50
CA CYS C 202 -21.35 60.74 35.07
C CYS C 202 -20.98 59.37 35.61
N ALA C 203 -21.97 58.49 35.84
CA ALA C 203 -21.70 57.18 36.40
C ALA C 203 -20.88 56.31 35.45
N MET C 204 -20.89 56.60 34.15
CA MET C 204 -20.07 55.90 33.18
C MET C 204 -19.28 56.94 32.38
N GLN C 205 -18.03 56.63 32.08
CA GLN C 205 -17.17 57.51 31.30
C GLN C 205 -17.03 56.89 29.92
N TYR C 206 -17.47 57.62 28.89
CA TYR C 206 -17.37 57.17 27.52
C TYR C 206 -16.35 58.01 26.79
N VAL C 207 -15.30 57.35 26.29
CA VAL C 207 -14.21 58.03 25.60
C VAL C 207 -14.23 57.61 24.14
N TYR C 208 -13.85 58.53 23.27
CA TYR C 208 -13.89 58.30 21.84
C TYR C 208 -12.65 58.79 21.10
N GLU C 209 -11.71 59.45 21.77
CA GLU C 209 -10.51 59.96 21.14
C GLU C 209 -9.26 59.35 21.77
N PRO C 210 -8.38 58.74 20.98
CA PRO C 210 -7.20 58.11 21.57
C PRO C 210 -6.15 59.13 21.95
N THR C 211 -6.04 59.41 23.24
CA THR C 211 -5.07 60.38 23.74
C THR C 211 -3.79 59.65 24.13
N TYR C 212 -2.70 60.40 24.19
CA TYR C 212 -1.37 59.84 24.38
C TYR C 212 -0.76 60.36 25.67
N TYR C 213 -0.22 59.44 26.47
CA TYR C 213 0.39 59.77 27.75
C TYR C 213 1.64 58.92 27.95
N MET C 214 2.73 59.55 28.35
CA MET C 214 3.94 58.83 28.68
C MET C 214 3.89 58.40 30.14
N LEU C 215 3.92 57.09 30.37
CA LEU C 215 3.82 56.53 31.72
C LEU C 215 5.20 56.12 32.20
N ASN C 216 5.61 56.65 33.36
CA ASN C 216 6.91 56.39 33.95
C ASN C 216 6.71 55.77 35.32
N VAL C 217 7.29 54.60 35.54
CA VAL C 217 7.29 53.99 36.87
C VAL C 217 8.70 53.52 37.18
N THR C 218 9.19 53.90 38.35
CA THR C 218 10.43 53.35 38.89
C THR C 218 10.31 53.08 40.38
N SER C 219 9.15 53.31 40.98
CA SER C 219 9.01 53.20 42.43
C SER C 219 8.98 51.76 42.92
N ALA C 220 8.94 50.78 42.02
CA ALA C 220 8.83 49.37 42.39
C ALA C 220 7.58 49.12 43.21
N GLY C 221 6.52 49.89 42.94
CA GLY C 221 5.27 49.74 43.66
C GLY C 221 4.11 50.02 42.73
N GLU C 222 2.91 50.01 43.32
CA GLU C 222 1.70 50.24 42.52
C GLU C 222 1.69 51.64 41.93
N ASP C 223 2.41 52.58 42.52
CA ASP C 223 2.40 53.97 42.09
C ASP C 223 3.55 54.21 41.13
N GLY C 224 3.21 54.65 39.92
CA GLY C 224 4.21 55.04 38.95
C GLY C 224 4.71 56.43 39.23
N ILE C 225 5.79 56.80 38.56
CA ILE C 225 6.37 58.13 38.76
C ILE C 225 5.39 59.19 38.30
N SER C 226 4.79 59.01 37.13
CA SER C 226 3.86 59.99 36.59
C SER C 226 3.10 59.34 35.46
N TYR C 227 1.99 59.97 35.10
CA TYR C 227 1.23 59.62 33.92
C TYR C 227 1.12 60.82 33.00
N GLN C 228 2.24 61.53 32.87
CA GLN C 228 2.26 62.81 32.19
C GLN C 228 1.88 62.63 30.73
N PRO C 229 1.14 63.57 30.15
CA PRO C 229 0.78 63.47 28.73
C PRO C 229 2.02 63.48 27.86
N CYS C 230 1.94 62.74 26.75
CA CYS C 230 3.04 62.68 25.79
C CYS C 230 2.74 63.58 24.62
N THR C 231 3.76 64.29 24.14
CA THR C 231 3.64 65.27 23.07
C THR C 231 4.31 64.83 21.78
N ALA C 232 5.58 64.47 21.83
CA ALA C 232 6.35 64.15 20.63
C ALA C 232 7.05 62.81 20.82
N ASN C 233 7.37 62.18 19.70
CA ASN C 233 7.99 60.85 19.64
C ASN C 233 7.12 59.81 20.33
N CYS C 234 5.85 60.14 20.54
CA CYS C 234 4.96 59.24 21.29
C CYS C 234 4.74 57.95 20.54
N ILE C 235 4.47 58.05 19.24
CA ILE C 235 4.21 56.85 18.44
C ILE C 235 5.46 55.99 18.36
N GLY C 236 6.61 56.61 18.10
CA GLY C 236 7.83 55.83 18.06
C GLY C 236 8.16 55.21 19.40
N TYR C 237 8.06 56.01 20.47
CA TYR C 237 8.36 55.48 21.79
C TYR C 237 7.39 54.37 22.16
N ALA C 238 6.10 54.56 21.87
CA ALA C 238 5.14 53.49 22.13
C ALA C 238 5.42 52.27 21.28
N ALA C 239 5.74 52.48 20.00
CA ALA C 239 5.91 51.37 19.08
C ALA C 239 7.22 50.63 19.28
N ASN C 240 8.15 51.20 20.03
CA ASN C 240 9.46 50.60 20.20
C ASN C 240 9.82 50.29 21.64
N VAL C 241 9.34 51.04 22.60
CA VAL C 241 9.73 50.87 24.00
C VAL C 241 8.76 49.91 24.68
N PHE C 242 9.32 48.95 25.40
CA PHE C 242 8.57 47.93 26.12
C PHE C 242 9.35 47.62 27.40
N ALA C 243 8.88 46.62 28.14
CA ALA C 243 9.47 46.25 29.42
C ALA C 243 10.10 44.88 29.32
N THR C 244 11.35 44.77 29.75
CA THR C 244 12.05 43.49 29.76
C THR C 244 11.57 42.67 30.94
N GLU C 245 11.02 41.48 30.67
CA GLU C 245 10.49 40.62 31.70
C GLU C 245 11.62 39.90 32.45
N PRO C 246 11.36 39.46 33.68
CA PRO C 246 12.37 38.64 34.38
C PRO C 246 12.73 37.40 33.60
N ASN C 247 11.75 36.80 32.92
CA ASN C 247 12.00 35.65 32.07
C ASN C 247 12.43 36.05 30.67
N GLY C 248 12.53 37.35 30.39
CA GLY C 248 12.94 37.78 29.08
C GLY C 248 11.91 37.55 28.00
N HIS C 249 10.64 37.42 28.38
CA HIS C 249 9.60 37.20 27.38
C HIS C 249 9.05 38.51 26.88
N ILE C 250 8.30 38.43 25.79
CA ILE C 250 7.72 39.61 25.17
C ILE C 250 6.41 40.00 25.85
N PRO C 251 6.29 41.22 26.36
CA PRO C 251 4.97 41.69 26.80
C PRO C 251 4.03 41.77 25.61
N GLU C 252 2.75 41.52 25.88
CA GLU C 252 1.74 41.49 24.83
C GLU C 252 1.46 42.88 24.29
N GLY C 253 0.63 42.92 23.25
CA GLY C 253 0.20 44.15 22.62
C GLY C 253 1.22 44.85 21.78
N PHE C 254 2.48 44.42 21.82
CA PHE C 254 3.52 45.10 21.05
C PHE C 254 3.31 44.79 19.56
N SER C 255 3.52 45.80 18.72
CA SER C 255 3.20 45.63 17.30
C SER C 255 4.23 44.79 16.56
N PHE C 256 5.51 44.94 16.91
CA PHE C 256 6.61 44.35 16.15
C PHE C 256 6.55 44.81 14.69
N ASN C 257 6.33 46.12 14.53
CA ASN C 257 6.12 46.71 13.21
C ASN C 257 7.31 46.46 12.29
N ASN C 258 8.52 46.58 12.82
CA ASN C 258 9.72 46.42 12.04
C ASN C 258 10.42 45.09 12.34
N TRP C 259 9.64 44.11 12.76
CA TRP C 259 10.14 42.80 13.13
C TRP C 259 9.75 41.81 12.06
N PHE C 260 10.71 40.98 11.63
CA PHE C 260 10.48 40.09 10.50
C PHE C 260 11.10 38.74 10.77
N LEU C 261 10.48 37.72 10.21
CA LEU C 261 10.94 36.36 10.39
C LEU C 261 12.36 36.20 9.88
N LEU C 262 13.21 35.59 10.69
CA LEU C 262 14.57 35.31 10.27
C LEU C 262 14.55 34.18 9.25
N SER C 263 14.79 34.51 7.99
CA SER C 263 14.81 33.52 6.92
C SER C 263 16.02 33.76 6.03
N ASN C 264 16.76 32.70 5.73
CA ASN C 264 17.89 32.86 4.83
C ASN C 264 17.47 32.88 3.37
N ASP C 265 16.23 32.48 3.09
CA ASP C 265 15.68 32.53 1.73
C ASP C 265 14.16 32.38 1.83
N SER C 266 13.50 32.45 0.67
CA SER C 266 12.06 32.25 0.54
C SER C 266 11.25 33.34 1.24
N THR C 267 9.95 33.37 0.97
CA THR C 267 9.04 34.35 1.56
C THR C 267 7.66 33.74 1.79
N LEU C 268 7.08 34.02 2.95
CA LEU C 268 5.76 33.51 3.33
C LEU C 268 4.85 34.68 3.66
N VAL C 269 3.79 34.84 2.88
CA VAL C 269 2.83 35.91 3.15
C VAL C 269 2.01 35.59 4.39
N HIS C 270 1.63 34.33 4.55
CA HIS C 270 0.79 33.93 5.67
C HIS C 270 1.02 32.46 5.99
N GLY C 271 0.77 32.12 7.24
CA GLY C 271 0.90 30.76 7.71
C GLY C 271 1.34 30.74 9.16
N LYS C 272 1.64 29.54 9.65
CA LYS C 272 2.13 29.35 11.01
C LYS C 272 3.26 28.33 11.02
N VAL C 273 4.20 28.51 11.95
CA VAL C 273 5.37 27.65 12.00
C VAL C 273 6.06 27.83 13.35
N VAL C 274 6.77 26.80 13.77
CA VAL C 274 7.68 26.84 14.92
C VAL C 274 9.10 26.79 14.38
N SER C 275 9.98 27.58 14.98
CA SER C 275 11.37 27.59 14.53
C SER C 275 12.22 28.28 15.58
N ASN C 276 13.53 28.33 15.31
CA ASN C 276 14.48 29.00 16.18
C ASN C 276 14.73 30.40 15.68
N GLN C 277 14.58 31.37 16.57
CA GLN C 277 14.67 32.77 16.20
C GLN C 277 15.38 33.53 17.31
N PRO C 278 16.11 34.59 16.96
CA PRO C 278 16.85 35.36 17.96
C PRO C 278 15.93 36.37 18.65
N LEU C 279 15.14 35.84 19.57
CA LEU C 279 14.15 36.64 20.28
C LEU C 279 14.38 36.71 21.77
N LEU C 280 15.11 35.76 22.37
CA LEU C 280 15.43 35.89 23.77
C LEU C 280 16.32 37.11 23.97
N VAL C 281 16.15 37.77 25.11
CA VAL C 281 16.80 39.03 25.38
C VAL C 281 17.63 38.92 26.65
N ASN C 282 18.82 39.54 26.61
CA ASN C 282 19.68 39.65 27.78
C ASN C 282 19.64 41.06 28.39
N CYS C 283 19.53 42.09 27.56
CA CYS C 283 19.40 43.46 28.01
C CYS C 283 18.68 44.29 26.96
N LEU C 284 18.21 45.46 27.37
CA LEU C 284 17.46 46.34 26.49
C LEU C 284 17.94 47.76 26.65
N LEU C 285 18.06 48.47 25.52
CA LEU C 285 18.43 49.87 25.51
C LEU C 285 17.58 50.61 24.49
N ALA C 286 17.34 51.89 24.76
CA ALA C 286 16.53 52.70 23.87
C ALA C 286 17.00 54.13 23.91
N ILE C 287 16.81 54.83 22.80
CA ILE C 287 17.22 56.23 22.65
C ILE C 287 18.66 56.38 23.12
N PRO C 288 19.64 55.76 22.47
CA PRO C 288 21.02 55.86 22.93
C PRO C 288 21.54 57.28 22.79
N LYS C 289 22.51 57.62 23.64
CA LYS C 289 23.14 58.93 23.58
C LYS C 289 24.65 58.90 23.78
N ILE C 290 25.26 57.72 23.78
CA ILE C 290 26.68 57.59 24.11
C ILE C 290 27.51 56.97 23.00
N TYR C 291 26.88 56.37 21.98
CA TYR C 291 27.65 55.67 20.95
C TYR C 291 28.53 56.62 20.17
N GLY C 292 28.20 57.91 20.11
CA GLY C 292 29.02 58.85 19.36
C GLY C 292 30.43 59.01 19.90
N LEU C 293 30.69 58.52 21.11
CA LEU C 293 32.00 58.63 21.76
C LEU C 293 32.81 57.34 21.62
N GLY C 294 32.68 56.65 20.50
CA GLY C 294 33.40 55.40 20.28
C GLY C 294 32.96 54.26 21.17
N GLN C 295 31.66 54.09 21.34
CA GLN C 295 31.16 53.02 22.20
C GLN C 295 31.44 51.64 21.59
N PHE C 296 31.86 50.72 22.45
CA PHE C 296 32.30 49.39 22.05
C PHE C 296 31.37 48.33 22.64
N PHE C 297 31.14 47.26 21.88
CA PHE C 297 30.33 46.15 22.35
C PHE C 297 31.01 44.84 22.00
N SER C 298 30.83 43.85 22.85
CA SER C 298 31.41 42.53 22.63
C SER C 298 30.40 41.44 22.96
N PHE C 299 30.54 40.31 22.26
CA PHE C 299 29.68 39.16 22.54
C PHE C 299 29.93 38.60 23.92
N ASN C 300 31.12 38.80 24.46
CA ASN C 300 31.42 38.31 25.80
C ASN C 300 30.66 39.09 26.86
N GLN C 301 30.93 40.39 26.95
CA GLN C 301 30.43 41.19 28.05
C GLN C 301 28.94 41.42 27.90
N THR C 302 28.21 41.25 29.00
CA THR C 302 26.82 41.68 28.99
C THR C 302 26.80 43.18 28.81
N ILE C 303 25.98 43.65 27.87
CA ILE C 303 25.99 45.06 27.51
C ILE C 303 25.47 45.91 28.67
N ASP C 304 26.22 46.96 29.01
CA ASP C 304 25.86 47.87 30.08
C ASP C 304 24.92 48.94 29.56
N GLY C 305 24.25 49.61 30.50
CA GLY C 305 23.31 50.67 30.21
C GLY C 305 22.04 50.44 30.97
N VAL C 306 21.01 51.22 30.63
CA VAL C 306 19.72 51.09 31.30
C VAL C 306 18.98 49.92 30.67
N CYS C 307 19.14 48.73 31.23
CA CYS C 307 18.45 47.55 30.73
C CYS C 307 16.98 47.72 31.12
N ASN C 308 16.27 48.47 30.28
CA ASN C 308 14.87 48.81 30.54
C ASN C 308 14.04 47.55 30.76
N GLY C 309 13.55 47.38 31.99
CA GLY C 309 12.88 46.16 32.38
C GLY C 309 13.76 45.33 33.31
N ALA C 310 13.72 44.02 33.16
CA ALA C 310 14.56 43.15 33.99
C ALA C 310 15.97 43.07 33.42
N ALA C 311 16.86 42.44 34.20
CA ALA C 311 18.25 42.26 33.84
C ALA C 311 18.60 40.78 33.78
N VAL C 312 19.32 40.38 32.74
CA VAL C 312 19.75 39.01 32.54
C VAL C 312 21.28 38.98 32.48
N GLN C 313 21.88 38.16 33.32
CA GLN C 313 23.34 38.05 33.34
C GLN C 313 23.82 37.02 32.34
N ARG C 314 23.41 37.18 31.09
CA ARG C 314 23.75 36.27 30.02
C ARG C 314 24.51 37.02 28.95
N ALA C 315 25.59 36.42 28.47
CA ALA C 315 26.36 37.04 27.41
C ALA C 315 25.50 37.16 26.16
N PRO C 316 25.57 38.28 25.45
CA PRO C 316 24.72 38.47 24.27
C PRO C 316 25.03 37.47 23.17
N GLU C 317 23.98 37.09 22.44
CA GLU C 317 24.11 36.23 21.27
C GLU C 317 23.85 36.95 19.96
N ALA C 318 23.16 38.09 20.00
CA ALA C 318 22.93 38.92 18.83
C ALA C 318 22.40 40.25 19.31
N LEU C 319 22.36 41.22 18.40
CA LEU C 319 21.95 42.58 18.72
C LEU C 319 21.03 43.09 17.64
N ARG C 320 19.88 43.60 18.04
CA ARG C 320 18.86 44.10 17.12
C ARG C 320 18.82 45.61 17.25
N PHE C 321 18.62 46.29 16.12
CA PHE C 321 18.69 47.74 16.08
C PHE C 321 17.45 48.29 15.41
N ASN C 322 16.87 49.32 16.03
CA ASN C 322 15.79 50.07 15.42
C ASN C 322 16.35 51.20 14.58
N ILE C 323 15.57 51.62 13.59
CA ILE C 323 16.02 52.65 12.66
C ILE C 323 14.95 53.72 12.55
N ASN C 324 15.38 54.98 12.66
CA ASN C 324 14.51 56.14 12.50
C ASN C 324 14.94 57.00 11.33
N ASP C 325 16.22 57.32 11.26
CA ASP C 325 16.76 58.15 10.18
C ASP C 325 18.16 57.65 9.88
N THR C 326 18.34 57.04 8.70
CA THR C 326 19.64 56.51 8.35
C THR C 326 20.67 57.59 8.07
N SER C 327 20.24 58.83 7.91
CA SER C 327 21.18 59.91 7.59
C SER C 327 22.29 60.00 8.61
N VAL C 328 21.97 59.80 9.90
CA VAL C 328 23.00 59.79 10.91
C VAL C 328 23.97 58.65 10.65
N ILE C 329 23.44 57.48 10.31
CA ILE C 329 24.30 56.35 9.97
C ILE C 329 25.06 56.66 8.69
N LEU C 330 24.36 57.21 7.70
CA LEU C 330 25.01 57.54 6.43
C LEU C 330 26.10 58.59 6.64
N ALA C 331 25.82 59.57 7.49
CA ALA C 331 26.77 60.67 7.68
C ALA C 331 27.98 60.19 8.49
N GLU C 332 27.76 59.81 9.75
CA GLU C 332 28.85 59.52 10.65
C GLU C 332 28.77 58.11 11.23
N GLY C 333 27.91 57.25 10.69
CA GLY C 333 27.87 55.88 11.13
C GLY C 333 29.16 55.18 10.76
N SER C 334 30.00 54.92 11.77
CA SER C 334 31.31 54.28 11.57
C SER C 334 31.18 52.84 12.04
N ILE C 335 30.90 51.95 11.11
CA ILE C 335 30.66 50.54 11.40
C ILE C 335 31.84 49.73 10.89
N VAL C 336 32.57 49.11 11.81
CA VAL C 336 33.72 48.29 11.50
C VAL C 336 33.61 47.00 12.29
N LEU C 337 33.79 45.88 11.61
CA LEU C 337 33.65 44.57 12.22
C LEU C 337 35.00 43.86 12.19
N HIS C 338 35.18 42.95 13.13
CA HIS C 338 36.47 42.31 13.32
C HIS C 338 36.32 40.79 13.27
N THR C 339 37.31 40.14 12.69
CA THR C 339 37.31 38.69 12.52
C THR C 339 38.20 38.04 13.58
N ALA C 340 38.12 36.71 13.63
CA ALA C 340 38.94 35.95 14.56
C ALA C 340 40.41 35.98 14.17
N LEU C 341 40.73 36.40 12.95
CA LEU C 341 42.10 36.55 12.49
C LEU C 341 42.56 37.99 12.55
N GLY C 342 41.76 38.89 13.12
CA GLY C 342 42.11 40.29 13.18
C GLY C 342 41.71 41.11 11.98
N THR C 343 41.31 40.46 10.89
CA THR C 343 40.87 41.20 9.71
C THR C 343 39.62 42.01 10.04
N ASN C 344 39.58 43.23 9.52
CA ASN C 344 38.48 44.14 9.78
C ASN C 344 37.85 44.61 8.48
N PHE C 345 36.59 45.01 8.58
CA PHE C 345 35.83 45.52 7.45
C PHE C 345 35.02 46.71 7.92
N SER C 346 35.18 47.83 7.22
CA SER C 346 34.63 49.12 7.60
C SER C 346 33.53 49.50 6.63
N PHE C 347 32.35 49.77 7.17
CA PHE C 347 31.20 50.13 6.36
C PHE C 347 31.29 51.60 5.97
N VAL C 348 31.61 51.84 4.71
CA VAL C 348 31.89 53.19 4.22
C VAL C 348 30.89 53.49 3.12
N CYS C 349 30.16 54.59 3.28
CA CYS C 349 29.23 55.10 2.29
C CYS C 349 29.79 56.32 1.57
N SER C 350 29.13 56.68 0.48
CA SER C 350 29.52 57.86 -0.28
C SER C 350 28.40 58.20 -1.26
N ASN C 351 28.40 59.46 -1.67
CA ASN C 351 27.38 60.03 -2.57
C ASN C 351 28.00 61.07 -3.51
N SER C 352 28.47 60.61 -4.66
CA SER C 352 29.27 61.42 -5.59
C SER C 352 30.40 62.17 -4.89
N SER C 353 30.78 61.75 -3.68
CA SER C 353 31.79 62.44 -2.89
C SER C 353 32.83 61.42 -2.44
N ASN C 354 33.83 61.18 -3.28
CA ASN C 354 34.77 60.07 -3.11
C ASN C 354 36.20 60.60 -3.22
N PRO C 355 36.82 60.98 -2.10
CA PRO C 355 38.22 61.40 -2.16
C PRO C 355 39.14 60.38 -2.81
N HIS C 356 38.94 59.09 -2.54
CA HIS C 356 39.70 58.06 -3.23
C HIS C 356 38.85 56.86 -3.68
N LEU C 357 37.62 56.70 -3.19
CA LEU C 357 36.79 55.61 -3.71
C LEU C 357 36.51 55.82 -5.19
N ALA C 358 36.53 57.07 -5.65
CA ALA C 358 36.39 57.34 -7.07
C ALA C 358 37.53 56.69 -7.83
N THR C 359 38.74 56.83 -7.29
CA THR C 359 39.91 56.17 -7.89
C THR C 359 39.79 54.66 -7.78
N PHE C 360 39.25 54.15 -6.68
CA PHE C 360 39.20 52.71 -6.46
C PHE C 360 38.35 52.02 -7.51
N ALA C 361 37.10 52.44 -7.67
CA ALA C 361 36.23 51.89 -8.71
C ALA C 361 35.10 52.88 -8.98
N ILE C 362 35.24 53.65 -10.06
CA ILE C 362 34.19 54.56 -10.55
C ILE C 362 33.96 55.68 -9.53
N PRO C 363 33.62 56.90 -9.98
CA PRO C 363 33.37 57.98 -9.03
C PRO C 363 32.36 57.64 -7.94
N LEU C 364 31.10 57.43 -8.31
CA LEU C 364 30.16 56.81 -7.37
C LEU C 364 29.49 55.62 -8.01
N GLY C 365 28.99 55.79 -9.24
CA GLY C 365 28.06 54.90 -9.87
C GLY C 365 26.63 55.42 -9.87
N ALA C 366 26.37 56.49 -9.13
CA ALA C 366 25.07 57.14 -9.09
C ALA C 366 25.28 58.56 -8.57
N THR C 367 24.20 59.26 -8.32
CA THR C 367 24.29 60.63 -7.81
C THR C 367 24.20 60.61 -6.29
N GLN C 368 24.03 61.79 -5.69
CA GLN C 368 24.14 61.93 -4.25
C GLN C 368 23.02 61.19 -3.51
N VAL C 369 21.78 61.32 -3.98
CA VAL C 369 20.65 60.70 -3.26
C VAL C 369 20.88 59.20 -3.12
N PRO C 370 21.30 58.46 -4.15
CA PRO C 370 21.80 57.11 -3.90
C PRO C 370 23.14 57.17 -3.18
N TYR C 371 23.39 56.18 -2.33
CA TYR C 371 24.64 56.12 -1.59
C TYR C 371 25.34 54.81 -1.89
N TYR C 372 26.35 54.87 -2.75
CA TYR C 372 27.19 53.71 -2.97
C TYR C 372 28.05 53.50 -1.75
N CYS C 373 28.07 52.28 -1.21
CA CYS C 373 28.77 52.02 0.03
C CYS C 373 29.57 50.72 -0.07
N PHE C 374 30.83 50.77 0.34
CA PHE C 374 31.72 49.62 0.26
C PHE C 374 32.13 49.20 1.67
N PHE C 375 32.77 48.05 1.73
CA PHE C 375 33.70 47.69 2.78
C PHE C 375 35.12 47.89 2.29
N LYS C 376 35.87 48.71 3.00
CA LYS C 376 37.31 48.67 2.89
C LYS C 376 37.79 47.41 3.61
N VAL C 377 38.49 46.56 2.89
CA VAL C 377 38.98 45.34 3.52
C VAL C 377 40.25 45.78 4.20
N ASP C 378 40.08 46.32 5.40
CA ASP C 378 41.17 46.89 6.17
C ASP C 378 41.71 45.81 7.09
N THR C 379 42.92 45.37 6.83
CA THR C 379 43.59 44.39 7.66
C THR C 379 45.04 44.83 7.82
N TYR C 380 45.85 43.97 8.39
CA TYR C 380 47.23 44.32 8.70
C TYR C 380 48.13 44.29 7.48
N ASN C 381 47.66 43.77 6.35
CA ASN C 381 48.51 43.65 5.18
C ASN C 381 47.95 44.34 3.95
N SER C 382 46.67 44.13 3.63
CA SER C 382 46.10 44.65 2.40
C SER C 382 44.87 45.50 2.70
N THR C 383 44.54 46.36 1.73
CA THR C 383 43.38 47.24 1.84
C THR C 383 42.75 47.39 0.47
N VAL C 384 41.49 46.97 0.35
CA VAL C 384 40.73 47.07 -0.89
C VAL C 384 39.28 47.37 -0.53
N TYR C 385 38.53 47.83 -1.53
CA TYR C 385 37.14 48.19 -1.37
C TYR C 385 36.27 47.21 -2.15
N LYS C 386 35.32 46.59 -1.46
CA LYS C 386 34.39 45.66 -2.08
C LYS C 386 33.02 46.34 -2.14
N PHE C 387 32.50 46.47 -3.35
CA PHE C 387 31.20 47.11 -3.51
C PHE C 387 30.13 46.21 -2.91
N LEU C 388 29.28 46.79 -2.07
CA LEU C 388 28.21 46.06 -1.44
C LEU C 388 26.87 46.33 -2.14
N ALA C 389 26.44 47.59 -2.12
CA ALA C 389 25.10 47.97 -2.54
C ALA C 389 24.91 49.48 -2.43
N VAL C 390 23.75 49.96 -2.83
CA VAL C 390 23.38 51.35 -2.71
C VAL C 390 22.27 51.45 -1.67
N LEU C 391 22.05 52.66 -1.17
CA LEU C 391 21.03 52.89 -0.17
C LEU C 391 19.66 52.52 -0.74
N PRO C 392 18.94 51.58 -0.15
CA PRO C 392 17.63 51.22 -0.67
C PRO C 392 16.61 52.27 -0.29
N PRO C 393 15.41 52.23 -0.87
CA PRO C 393 14.41 53.23 -0.50
C PRO C 393 14.08 53.24 0.98
N THR C 394 14.08 52.09 1.63
CA THR C 394 13.77 52.03 3.04
C THR C 394 14.65 51.01 3.75
N VAL C 395 15.13 51.39 4.93
CA VAL C 395 15.86 50.51 5.83
C VAL C 395 15.18 50.63 7.19
N ARG C 396 14.88 49.49 7.81
CA ARG C 396 13.95 49.49 8.93
C ARG C 396 14.54 48.99 10.23
N GLU C 397 15.29 47.89 10.23
CA GLU C 397 15.96 47.41 11.43
C GLU C 397 17.24 46.69 11.07
N ILE C 398 18.13 46.55 12.06
CA ILE C 398 19.39 45.85 11.88
C ILE C 398 19.52 44.77 12.94
N VAL C 399 20.20 43.69 12.59
CA VAL C 399 20.60 42.68 13.56
C VAL C 399 21.87 42.01 13.06
N ILE C 400 22.80 41.80 13.97
CA ILE C 400 24.08 41.17 13.68
C ILE C 400 24.19 39.92 14.53
N THR C 401 24.58 38.82 13.90
CA THR C 401 24.68 37.54 14.57
C THR C 401 26.14 37.16 14.73
N LYS C 402 26.43 36.36 15.76
CA LYS C 402 27.80 35.92 15.99
C LYS C 402 28.33 35.08 14.84
N TYR C 403 27.43 34.43 14.10
CA TYR C 403 27.87 33.46 13.11
C TYR C 403 28.61 34.13 11.96
N GLY C 404 28.19 35.34 11.60
CA GLY C 404 28.88 36.10 10.58
C GLY C 404 27.97 36.65 9.51
N ASP C 405 26.66 36.59 9.73
CA ASP C 405 25.70 37.18 8.81
C ASP C 405 24.91 38.24 9.56
N VAL C 406 24.79 39.40 8.93
CA VAL C 406 24.00 40.50 9.47
C VAL C 406 22.70 40.55 8.71
N TYR C 407 21.59 40.51 9.44
CA TYR C 407 20.30 40.55 8.80
C TYR C 407 19.77 41.97 8.91
N VAL C 408 19.57 42.61 7.78
CA VAL C 408 19.06 43.97 7.71
C VAL C 408 17.70 43.94 7.04
N ASN C 409 16.68 44.43 7.73
CA ASN C 409 15.31 44.41 7.23
C ASN C 409 14.80 42.99 6.95
N GLY C 410 15.53 41.98 7.41
CA GLY C 410 15.10 40.59 7.31
C GLY C 410 15.40 39.86 6.01
N PHE C 411 16.64 39.94 5.53
CA PHE C 411 17.01 39.23 4.31
C PHE C 411 18.34 38.48 4.37
N GLY C 412 19.25 38.81 5.27
CA GLY C 412 20.49 38.07 5.34
C GLY C 412 21.30 38.19 4.07
N TYR C 413 21.84 39.38 3.86
CA TYR C 413 22.50 39.70 2.60
C TYR C 413 23.78 38.89 2.41
N LEU C 414 24.59 38.75 3.45
CA LEU C 414 25.86 38.05 3.33
C LEU C 414 26.30 37.51 4.67
N HIS C 415 26.86 36.31 4.65
CA HIS C 415 27.41 35.68 5.83
C HIS C 415 28.92 35.81 5.83
N LEU C 416 29.50 35.65 7.01
CA LEU C 416 30.93 35.70 7.20
C LEU C 416 31.29 34.72 8.30
N GLY C 417 32.53 34.78 8.77
CA GLY C 417 32.94 33.93 9.86
C GLY C 417 32.42 34.42 11.18
N LEU C 418 32.67 33.63 12.22
CA LEU C 418 32.17 33.96 13.55
C LEU C 418 32.69 35.32 13.97
N LEU C 419 31.81 36.14 14.51
CA LEU C 419 32.17 37.50 14.92
C LEU C 419 32.68 37.54 16.34
N ASP C 420 33.45 38.60 16.62
CA ASP C 420 33.99 38.85 17.94
C ASP C 420 33.36 40.07 18.60
N ALA C 421 33.40 41.23 17.93
CA ALA C 421 32.95 42.47 18.56
C ALA C 421 32.80 43.55 17.51
N VAL C 422 32.46 44.76 17.96
CA VAL C 422 32.22 45.91 17.09
C VAL C 422 32.33 47.17 17.93
N THR C 423 32.63 48.29 17.28
CA THR C 423 32.66 49.60 17.90
C THR C 423 31.96 50.58 16.97
N ILE C 424 31.34 51.60 17.56
CA ILE C 424 30.55 52.58 16.82
C ILE C 424 30.82 53.97 17.37
N ASN C 425 30.82 54.96 16.47
CA ASN C 425 30.98 56.35 16.87
C ASN C 425 30.53 57.26 15.74
N PHE C 426 29.58 58.14 16.02
CA PHE C 426 29.26 59.18 15.05
C PHE C 426 30.01 60.45 15.40
N THR C 427 29.64 61.06 16.52
CA THR C 427 30.29 62.16 17.20
C THR C 427 29.39 62.49 18.38
N GLY C 428 29.84 63.41 19.23
CA GLY C 428 29.01 64.00 20.26
C GLY C 428 28.35 65.26 19.76
N HIS C 429 28.29 65.42 18.44
CA HIS C 429 27.83 66.66 17.81
C HIS C 429 26.30 66.71 17.86
N GLY C 430 25.79 67.07 19.04
CA GLY C 430 24.39 67.42 19.20
C GLY C 430 23.45 66.31 18.79
N THR C 431 22.81 66.50 17.64
CA THR C 431 21.74 65.64 17.15
C THR C 431 22.17 64.21 16.84
N ASP C 432 23.45 63.87 17.04
CA ASP C 432 23.88 62.50 16.76
C ASP C 432 23.12 61.48 17.60
N ASP C 433 22.57 61.90 18.74
CA ASP C 433 21.67 61.08 19.52
C ASP C 433 20.25 61.63 19.55
N ASP C 434 20.05 62.86 19.08
CA ASP C 434 18.71 63.45 19.05
C ASP C 434 17.90 62.89 17.88
N VAL C 435 18.50 62.86 16.69
CA VAL C 435 17.86 62.25 15.53
C VAL C 435 18.43 60.86 15.26
N SER C 436 19.01 60.23 16.28
CA SER C 436 19.55 58.90 16.16
C SER C 436 18.46 57.92 15.73
N GLY C 437 18.81 57.04 14.79
CA GLY C 437 17.83 56.09 14.30
C GLY C 437 17.43 55.04 15.30
N PHE C 438 18.25 54.80 16.32
CA PHE C 438 17.99 53.75 17.30
C PHE C 438 16.92 54.21 18.28
N TRP C 439 15.67 53.92 17.95
CA TRP C 439 14.62 54.02 18.95
C TRP C 439 14.90 53.07 20.09
N THR C 440 15.31 51.85 19.77
CA THR C 440 15.56 50.82 20.75
C THR C 440 16.66 49.91 20.23
N ILE C 441 17.37 49.26 21.16
CA ILE C 441 18.41 48.28 20.85
C ILE C 441 18.31 47.14 21.85
N ALA C 442 18.36 45.90 21.38
CA ALA C 442 18.14 44.73 22.22
C ALA C 442 19.20 43.66 21.96
N SER C 443 19.74 43.11 23.05
CA SER C 443 20.69 41.99 22.99
C SER C 443 19.91 40.70 22.76
N THR C 444 19.63 40.41 21.50
CA THR C 444 18.79 39.27 21.16
C THR C 444 19.54 37.96 21.28
N ASN C 445 18.78 36.89 21.54
CA ASN C 445 19.30 35.53 21.64
C ASN C 445 18.27 34.58 21.03
N PHE C 446 18.75 33.45 20.50
CA PHE C 446 17.91 32.55 19.73
C PHE C 446 17.19 31.53 20.61
N VAL C 447 15.90 31.35 20.33
CA VAL C 447 15.02 30.40 21.04
C VAL C 447 14.00 29.86 20.05
N ASP C 448 13.21 28.88 20.51
CA ASP C 448 12.18 28.23 19.71
C ASP C 448 10.79 28.68 20.15
N ALA C 449 9.89 28.87 19.19
CA ALA C 449 8.54 29.34 19.46
C ALA C 449 7.68 29.13 18.23
N LEU C 450 6.37 29.21 18.42
CA LEU C 450 5.42 29.18 17.31
C LEU C 450 5.22 30.57 16.75
N ILE C 451 5.06 30.63 15.43
CA ILE C 451 4.93 31.90 14.72
C ILE C 451 3.64 31.87 13.91
N GLU C 452 2.93 33.00 13.91
CA GLU C 452 1.78 33.21 13.05
C GLU C 452 2.03 34.43 12.17
N VAL C 453 1.96 34.24 10.86
CA VAL C 453 2.12 35.29 9.88
C VAL C 453 0.85 35.37 9.07
N GLN C 454 0.36 36.60 8.86
CA GLN C 454 -0.88 36.84 8.13
C GLN C 454 -0.68 38.01 7.19
N GLY C 455 -0.72 37.74 5.89
CA GLY C 455 -0.58 38.80 4.90
C GLY C 455 0.70 39.59 5.06
N THR C 456 1.81 38.89 5.26
CA THR C 456 3.10 39.51 5.53
C THR C 456 3.04 40.38 6.79
N ALA C 457 2.17 40.00 7.72
CA ALA C 457 2.17 40.57 9.06
C ALA C 457 2.32 39.45 10.05
N ILE C 458 2.94 39.74 11.19
CA ILE C 458 3.31 38.72 12.16
C ILE C 458 2.70 39.08 13.49
N GLN C 459 2.03 38.11 14.12
CA GLN C 459 1.41 38.34 15.41
C GLN C 459 1.17 36.99 16.07
N ARG C 460 0.91 37.04 17.38
CA ARG C 460 0.56 35.86 18.17
C ARG C 460 1.66 34.80 18.09
N ILE C 461 2.80 35.18 18.65
CA ILE C 461 4.00 34.35 18.71
C ILE C 461 4.10 33.77 20.11
N LEU C 462 4.13 32.45 20.19
CA LEU C 462 4.11 31.75 21.46
C LEU C 462 5.28 30.78 21.55
N TYR C 463 5.85 30.68 22.75
CA TYR C 463 7.02 29.85 23.04
C TYR C 463 6.59 28.40 23.22
N CYS C 464 7.55 27.54 23.63
CA CYS C 464 7.29 26.12 23.86
C CYS C 464 7.95 25.59 25.13
N ASP C 465 8.28 26.47 26.09
CA ASP C 465 8.99 26.02 27.29
C ASP C 465 8.06 25.42 28.33
N ASP C 466 7.26 24.45 27.92
CA ASP C 466 6.27 23.79 28.76
C ASP C 466 5.80 22.54 28.04
N PRO C 467 5.79 21.40 28.73
CA PRO C 467 5.21 20.20 28.10
C PRO C 467 3.81 20.47 27.59
N VAL C 468 3.04 21.29 28.32
CA VAL C 468 1.77 21.75 27.80
C VAL C 468 1.98 22.59 26.55
N SER C 469 2.89 23.56 26.64
CA SER C 469 3.17 24.40 25.48
C SER C 469 3.88 23.63 24.38
N GLN C 470 4.75 22.69 24.73
CA GLN C 470 5.44 21.92 23.69
C GLN C 470 4.43 21.17 22.83
N LEU C 471 3.44 20.54 23.46
CA LEU C 471 2.39 19.91 22.68
C LEU C 471 1.57 20.95 21.94
N LYS C 472 1.32 22.09 22.57
CA LYS C 472 0.55 23.13 21.90
C LYS C 472 1.23 23.52 20.60
N CYS C 473 2.53 23.80 20.65
CA CYS C 473 3.20 24.05 19.38
C CYS C 473 3.41 22.76 18.61
N SER C 474 3.43 21.62 19.30
CA SER C 474 3.40 20.35 18.59
C SER C 474 2.06 20.13 17.92
N GLN C 475 1.06 20.93 18.27
CA GLN C 475 -0.23 20.90 17.60
C GLN C 475 -0.56 22.19 16.89
N VAL C 476 0.35 23.17 16.91
CA VAL C 476 0.23 24.47 16.26
C VAL C 476 -1.16 25.08 16.43
N ALA C 477 -1.76 24.86 17.60
CA ALA C 477 -3.05 25.45 17.92
C ALA C 477 -2.96 26.17 19.25
N PHE C 478 -3.48 27.40 19.30
CA PHE C 478 -3.53 28.12 20.56
C PHE C 478 -4.37 27.36 21.56
N ASP C 479 -5.51 26.85 21.13
CA ASP C 479 -6.39 26.04 21.94
C ASP C 479 -6.43 24.61 21.44
N LEU C 480 -6.19 23.66 22.34
CA LEU C 480 -6.22 22.27 21.99
C LEU C 480 -7.58 21.71 22.35
N ASP C 481 -7.74 20.39 22.25
CA ASP C 481 -8.99 19.74 22.61
C ASP C 481 -8.75 18.86 23.82
N ASP C 482 -9.64 18.95 24.80
CA ASP C 482 -9.52 18.13 25.99
C ASP C 482 -9.59 16.66 25.61
N GLY C 483 -8.77 15.85 26.24
CA GLY C 483 -8.74 14.44 25.97
C GLY C 483 -7.40 13.85 26.32
N PHE C 484 -7.24 12.58 25.94
CA PHE C 484 -6.03 11.85 26.23
C PHE C 484 -4.98 12.15 25.17
N TYR C 485 -3.75 12.38 25.62
CA TYR C 485 -2.67 12.56 24.71
C TYR C 485 -1.45 11.96 25.37
N PRO C 486 -0.71 11.12 24.66
CA PRO C 486 0.44 10.45 25.26
C PRO C 486 1.65 11.35 25.23
N PHE C 487 2.40 11.34 26.32
CA PHE C 487 3.61 12.12 26.41
C PHE C 487 4.68 11.32 27.13
N SER C 488 5.92 11.59 26.78
CA SER C 488 7.06 10.87 27.33
C SER C 488 7.36 11.39 28.72
N SER C 489 8.50 10.97 29.26
CA SER C 489 8.99 11.49 30.53
C SER C 489 10.05 12.54 30.21
N ARG C 490 9.80 13.78 30.61
CA ARG C 490 10.78 14.84 30.40
C ARG C 490 11.95 14.59 31.35
N ASN C 491 13.12 14.33 30.78
CA ASN C 491 14.29 13.94 31.57
C ASN C 491 15.48 14.79 31.20
N LEU C 492 15.28 16.10 31.15
CA LEU C 492 16.35 17.05 30.96
C LEU C 492 16.84 17.62 32.29
N LEU C 493 16.55 16.91 33.38
CA LEU C 493 16.88 17.41 34.72
C LEU C 493 18.38 17.55 34.93
N SER C 494 19.17 16.59 34.46
CA SER C 494 20.61 16.56 34.72
C SER C 494 21.36 16.53 33.40
N HIS C 495 22.36 17.41 33.27
CA HIS C 495 23.24 17.40 32.11
C HIS C 495 24.55 16.70 32.38
N GLU C 496 25.02 16.73 33.62
CA GLU C 496 26.22 16.00 34.00
C GLU C 496 25.98 14.50 33.94
N GLN C 497 26.95 13.78 33.40
CA GLN C 497 26.73 12.37 33.18
C GLN C 497 27.98 11.52 33.36
N PRO C 498 28.03 10.67 34.39
CA PRO C 498 29.13 9.72 34.49
C PRO C 498 29.08 8.76 33.30
N ILE C 499 30.26 8.30 32.92
CA ILE C 499 30.41 7.41 31.77
C ILE C 499 30.66 5.99 32.28
N SER C 500 29.90 5.04 31.77
CA SER C 500 30.13 3.64 32.07
C SER C 500 30.77 2.97 30.85
N PHE C 501 31.64 2.00 31.12
CA PHE C 501 32.47 1.39 30.10
C PHE C 501 32.71 -0.08 30.39
N VAL C 502 32.21 -0.95 29.51
CA VAL C 502 32.39 -2.39 29.66
C VAL C 502 32.92 -2.97 28.38
N THR C 503 34.00 -3.76 28.49
CA THR C 503 34.57 -4.47 27.36
C THR C 503 35.12 -5.79 27.86
N LEU C 504 35.89 -6.46 27.00
CA LEU C 504 36.45 -7.75 27.34
C LEU C 504 37.43 -7.62 28.52
N PRO C 505 37.39 -8.52 29.49
CA PRO C 505 38.26 -8.40 30.65
C PRO C 505 39.72 -8.51 30.26
N SER C 506 40.54 -7.61 30.79
CA SER C 506 41.98 -7.63 30.52
C SER C 506 42.65 -6.58 31.40
N PHE C 507 43.97 -6.63 31.43
CA PHE C 507 44.77 -5.63 32.09
C PHE C 507 44.98 -4.45 31.13
N ASN C 508 45.85 -3.54 31.50
CA ASN C 508 46.16 -2.37 30.70
C ASN C 508 47.45 -2.60 29.91
N ALA C 509 47.39 -2.37 28.61
CA ALA C 509 48.55 -2.47 27.73
C ALA C 509 48.43 -1.29 26.76
N HIS C 510 49.15 -0.22 27.05
CA HIS C 510 48.98 1.04 26.34
C HIS C 510 50.22 1.40 25.53
N SER C 511 49.98 2.00 24.37
CA SER C 511 51.03 2.51 23.49
C SER C 511 50.68 3.91 23.01
N PHE C 512 51.72 4.63 22.58
CA PHE C 512 51.59 5.99 22.07
C PHE C 512 52.14 6.06 20.66
N VAL C 513 51.33 6.53 19.73
CA VAL C 513 51.73 6.72 18.35
C VAL C 513 51.60 8.19 18.00
N ASN C 514 52.54 8.70 17.20
CA ASN C 514 52.83 10.12 17.18
C ASN C 514 52.97 10.62 15.74
N ILE C 515 51.91 11.18 15.19
CA ILE C 515 51.99 11.85 13.90
C ILE C 515 52.53 13.26 14.07
N THR C 516 53.54 13.59 13.27
CA THR C 516 54.25 14.84 13.35
C THR C 516 54.48 15.40 11.95
N VAL C 517 54.33 16.72 11.80
CA VAL C 517 54.60 17.40 10.54
C VAL C 517 55.57 18.55 10.80
N SER C 518 56.54 18.71 9.91
CA SER C 518 57.56 19.75 10.02
C SER C 518 57.68 20.50 8.70
N ALA C 519 57.68 21.83 8.75
CA ALA C 519 57.69 22.63 7.54
C ALA C 519 58.18 24.05 7.84
N SER C 520 58.52 24.78 6.77
CA SER C 520 58.95 26.16 6.89
C SER C 520 58.51 26.96 5.67
N PHE C 521 58.05 28.20 5.91
CA PHE C 521 57.63 29.10 4.83
C PHE C 521 58.50 30.34 4.67
N GLY C 522 59.32 30.69 5.65
CA GLY C 522 59.98 31.97 5.60
C GLY C 522 61.10 32.09 4.60
N GLY C 523 61.39 31.03 3.85
CA GLY C 523 62.52 31.05 2.94
C GLY C 523 62.18 30.75 1.48
N HIS C 524 61.08 30.04 1.23
CA HIS C 524 60.77 29.57 -0.11
C HIS C 524 60.31 30.70 -1.04
N SER C 525 59.17 31.30 -0.77
CA SER C 525 58.73 32.47 -1.51
C SER C 525 58.00 33.47 -0.63
N GLY C 526 57.93 33.23 0.66
CA GLY C 526 57.05 33.98 1.55
C GLY C 526 55.67 33.34 1.58
N ALA C 527 55.09 33.13 0.40
CA ALA C 527 53.76 32.53 0.30
C ALA C 527 53.80 31.07 -0.12
N ASN C 528 54.87 30.34 0.23
CA ASN C 528 54.98 28.95 -0.20
C ASN C 528 55.78 28.15 0.81
N LEU C 529 56.09 26.92 0.44
CA LEU C 529 56.77 25.94 1.27
C LEU C 529 58.04 25.44 0.61
N ILE C 530 59.09 25.33 1.41
CA ILE C 530 60.28 24.61 0.98
C ILE C 530 59.99 23.12 0.88
N ALA C 531 59.63 22.52 2.01
CA ALA C 531 59.30 21.10 2.08
C ALA C 531 58.71 20.80 3.45
N SER C 532 57.78 19.85 3.47
CA SER C 532 57.15 19.38 4.71
C SER C 532 57.33 17.87 4.82
N ASP C 533 57.60 17.40 6.03
CA ASP C 533 57.80 15.99 6.28
C ASP C 533 56.91 15.55 7.42
N THR C 534 56.32 14.36 7.28
CA THR C 534 55.47 13.79 8.32
C THR C 534 55.98 12.42 8.75
N THR C 535 55.84 12.13 10.03
CA THR C 535 56.35 10.90 10.61
C THR C 535 55.39 10.39 11.67
N ILE C 536 55.48 9.08 11.93
CA ILE C 536 54.71 8.43 12.97
C ILE C 536 55.72 7.62 13.77
N ASN C 537 56.17 8.18 14.91
CA ASN C 537 57.20 7.54 15.72
C ASN C 537 58.43 7.25 14.87
N GLY C 538 58.74 8.17 13.95
CA GLY C 538 59.86 8.00 13.07
C GLY C 538 59.68 6.99 11.95
N PHE C 539 58.45 6.71 11.53
CA PHE C 539 58.25 5.75 10.46
C PHE C 539 57.03 6.11 9.63
N SER C 540 57.00 5.55 8.43
CA SER C 540 55.95 5.81 7.45
C SER C 540 54.89 4.71 7.41
N SER C 541 54.95 3.73 8.31
CA SER C 541 53.94 2.69 8.35
C SER C 541 53.87 2.15 9.78
N PHE C 542 52.70 1.65 10.17
CA PHE C 542 52.57 1.18 11.53
C PHE C 542 51.42 0.19 11.64
N CYS C 543 51.48 -0.62 12.70
CA CYS C 543 50.42 -1.57 13.04
C CYS C 543 50.42 -1.64 14.57
N VAL C 544 49.43 -1.00 15.19
CA VAL C 544 49.33 -0.95 16.64
C VAL C 544 49.17 -2.37 17.19
N ASP C 545 49.73 -2.60 18.39
CA ASP C 545 49.70 -3.93 18.97
C ASP C 545 49.17 -3.97 20.41
N THR C 546 49.40 -2.91 21.19
CA THR C 546 49.00 -2.94 22.59
C THR C 546 47.48 -2.88 22.71
N ARG C 547 46.96 -3.38 23.84
CA ARG C 547 45.52 -3.48 24.02
C ARG C 547 44.84 -2.11 23.96
N GLN C 548 45.55 -1.05 24.32
CA GLN C 548 45.02 0.29 24.23
C GLN C 548 46.13 1.19 23.68
N PHE C 549 45.73 2.29 23.06
CA PHE C 549 46.73 3.19 22.50
C PHE C 549 46.17 4.60 22.42
N THR C 550 47.07 5.56 22.24
CA THR C 550 46.73 6.97 22.09
C THR C 550 47.57 7.56 20.97
N ILE C 551 46.92 8.35 20.11
CA ILE C 551 47.55 9.05 19.01
C ILE C 551 47.87 10.48 19.42
N SER C 552 49.06 10.94 19.04
CA SER C 552 49.47 12.31 19.29
C SER C 552 49.74 12.99 17.96
N LEU C 553 49.01 14.06 17.69
CA LEU C 553 49.16 14.85 16.48
C LEU C 553 49.96 16.12 16.78
N SER C 554 51.01 16.35 16.01
CA SER C 554 51.90 17.48 16.24
C SER C 554 52.23 18.19 14.94
N TYR C 555 52.21 19.52 14.99
CA TYR C 555 52.56 20.37 13.87
C TYR C 555 53.87 21.08 14.18
N ASN C 556 54.65 21.34 13.15
CA ASN C 556 55.83 22.18 13.34
C ASN C 556 56.08 22.93 12.03
N VAL C 557 55.54 24.13 11.95
CA VAL C 557 55.59 24.91 10.71
C VAL C 557 56.23 26.26 10.99
N THR C 558 57.09 26.68 10.08
CA THR C 558 57.77 27.97 10.14
C THR C 558 57.29 28.86 9.01
N ASN C 559 57.03 30.13 9.33
CA ASN C 559 56.58 31.07 8.32
C ASN C 559 56.96 32.49 8.72
N SER C 560 56.98 33.38 7.71
CA SER C 560 57.28 34.77 7.98
C SER C 560 56.09 35.52 8.56
N TYR C 561 54.87 35.12 8.18
CA TYR C 561 53.67 35.81 8.62
C TYR C 561 53.30 35.51 10.06
N GLY C 562 53.94 34.53 10.70
CA GLY C 562 53.80 34.29 12.11
C GLY C 562 52.87 33.17 12.49
N TYR C 563 51.95 32.77 11.61
CA TYR C 563 51.05 31.69 11.95
C TYR C 563 50.56 31.01 10.68
N VAL C 564 50.18 29.74 10.81
CA VAL C 564 49.65 28.95 9.71
C VAL C 564 48.38 28.26 10.20
N SER C 565 47.30 28.44 9.46
CA SER C 565 46.05 27.74 9.75
C SER C 565 46.13 26.31 9.26
N ASN C 566 45.51 25.40 10.01
CA ASN C 566 45.59 23.98 9.71
C ASN C 566 44.20 23.38 9.56
N SER C 567 44.06 22.51 8.57
CA SER C 567 42.79 21.83 8.32
C SER C 567 43.09 20.44 7.76
N GLN C 568 42.17 19.52 8.03
CA GLN C 568 42.29 18.14 7.59
C GLN C 568 41.03 17.71 6.86
N ASP C 569 41.18 16.77 5.94
CA ASP C 569 40.04 16.30 5.16
C ASP C 569 40.24 14.85 4.77
N SER C 570 39.12 14.13 4.72
CA SER C 570 39.12 12.72 4.37
C SER C 570 37.70 12.34 3.99
N ASN C 571 37.52 11.05 3.72
CA ASN C 571 36.20 10.47 3.53
C ASN C 571 36.00 9.24 4.41
N CYS C 572 36.88 9.03 5.37
CA CYS C 572 36.82 7.89 6.27
C CYS C 572 35.75 8.12 7.33
N PRO C 573 35.09 7.05 7.78
CA PRO C 573 34.02 7.20 8.77
C PRO C 573 34.52 7.49 10.16
N PHE C 574 35.78 7.91 10.31
CA PHE C 574 36.30 8.20 11.62
C PHE C 574 37.21 9.41 11.54
N THR C 575 37.34 10.13 12.65
CA THR C 575 38.17 11.33 12.67
C THR C 575 39.44 11.09 13.46
N LEU C 576 40.28 12.12 13.44
CA LEU C 576 41.57 12.05 14.13
C LEU C 576 41.38 11.95 15.64
N GLN C 577 40.41 12.67 16.17
CA GLN C 577 40.19 12.73 17.61
C GLN C 577 39.12 11.76 18.07
N SER C 578 38.21 11.36 17.19
CA SER C 578 37.16 10.43 17.59
C SER C 578 37.77 9.12 18.07
N VAL C 579 38.97 8.81 17.60
CA VAL C 579 39.62 7.56 17.99
C VAL C 579 39.77 7.49 19.49
N ASN C 580 39.89 8.65 20.14
CA ASN C 580 40.07 8.66 21.58
C ASN C 580 38.84 8.16 22.31
N ASP C 581 37.71 8.01 21.62
CA ASP C 581 36.50 7.62 22.34
C ASP C 581 36.48 6.11 22.56
N TYR C 582 37.60 5.59 23.03
CA TYR C 582 37.70 4.19 23.42
C TYR C 582 37.28 3.24 22.30
N LEU C 583 37.43 3.67 21.06
CA LEU C 583 37.09 2.81 19.93
C LEU C 583 38.06 1.65 19.82
N SER C 584 37.55 0.43 19.86
CA SER C 584 38.38 -0.76 19.84
C SER C 584 38.22 -1.49 18.52
N PHE C 585 39.29 -2.16 18.10
CA PHE C 585 39.35 -2.81 16.80
C PHE C 585 39.98 -4.18 16.95
N SER C 586 39.82 -4.98 15.89
CA SER C 586 40.58 -6.21 15.75
C SER C 586 41.77 -6.03 14.82
N LYS C 587 41.69 -5.14 13.85
CA LYS C 587 42.83 -4.81 13.02
C LYS C 587 42.89 -3.30 12.85
N PHE C 588 44.11 -2.78 12.79
CA PHE C 588 44.33 -1.36 12.51
C PHE C 588 45.78 -1.18 12.11
N CYS C 589 46.01 -0.59 10.94
CA CYS C 589 47.36 -0.34 10.49
C CYS C 589 47.37 0.95 9.69
N VAL C 590 48.54 1.59 9.65
CA VAL C 590 48.69 2.89 9.03
C VAL C 590 49.93 2.90 8.14
N SER C 591 49.90 3.76 7.12
CA SER C 591 51.05 3.98 6.26
C SER C 591 50.91 5.33 5.57
N THR C 592 52.03 5.82 5.05
CA THR C 592 52.06 7.08 4.32
C THR C 592 51.91 6.87 2.82
N SER C 593 51.72 5.64 2.38
CA SER C 593 51.57 5.31 0.97
C SER C 593 50.29 4.52 0.80
N LEU C 594 49.75 4.55 -0.41
CA LEU C 594 48.48 3.91 -0.67
C LEU C 594 48.62 2.39 -0.67
N LEU C 595 47.73 1.72 0.06
CA LEU C 595 47.68 0.27 0.11
C LEU C 595 46.26 -0.19 -0.18
N ALA C 596 46.04 -1.50 -0.09
CA ALA C 596 44.76 -2.10 -0.46
C ALA C 596 43.66 -1.63 0.48
N SER C 597 42.75 -0.82 -0.04
CA SER C 597 41.55 -0.35 0.67
C SER C 597 41.92 0.40 1.96
N ALA C 598 42.55 1.55 1.75
CA ALA C 598 43.06 2.37 2.84
C ALA C 598 42.32 3.70 2.91
N CYS C 599 41.87 4.06 4.11
CA CYS C 599 41.36 5.40 4.37
C CYS C 599 42.45 6.45 4.14
N THR C 600 42.08 7.54 3.48
CA THR C 600 43.03 8.59 3.14
C THR C 600 42.65 9.90 3.83
N ILE C 601 43.63 10.50 4.49
CA ILE C 601 43.50 11.81 5.14
C ILE C 601 44.53 12.76 4.53
N ASP C 602 44.09 13.99 4.27
CA ASP C 602 45.01 15.00 3.76
C ASP C 602 44.94 16.23 4.65
N LEU C 603 46.00 17.03 4.60
CA LEU C 603 46.15 18.20 5.44
C LEU C 603 46.36 19.43 4.58
N PHE C 604 45.75 20.54 4.98
CA PHE C 604 45.88 21.79 4.26
C PHE C 604 46.36 22.88 5.20
N GLY C 605 47.23 23.74 4.71
CA GLY C 605 47.82 24.80 5.52
C GLY C 605 47.68 26.15 4.86
N TYR C 606 47.55 27.17 5.71
CA TYR C 606 47.36 28.54 5.26
C TYR C 606 48.38 29.46 5.90
N PRO C 607 49.34 29.98 5.14
CA PRO C 607 50.42 30.78 5.73
C PRO C 607 50.03 32.24 5.95
N GLU C 608 48.73 32.53 5.97
CA GLU C 608 48.16 33.86 6.11
C GLU C 608 48.45 34.76 4.91
N PHE C 609 48.98 34.20 3.83
CA PHE C 609 49.14 34.95 2.59
C PHE C 609 47.89 34.94 1.74
N GLY C 610 46.81 34.33 2.23
CA GLY C 610 45.62 34.16 1.41
C GLY C 610 45.58 32.88 0.63
N SER C 611 46.40 31.89 0.97
CA SER C 611 46.50 30.65 0.21
C SER C 611 46.40 29.45 1.14
N GLY C 612 46.03 28.32 0.54
CA GLY C 612 45.95 27.04 1.22
C GLY C 612 46.47 25.91 0.38
N VAL C 613 47.43 25.15 0.92
CA VAL C 613 48.08 24.08 0.18
C VAL C 613 48.02 22.80 0.99
N LYS C 614 48.14 21.68 0.29
CA LYS C 614 48.05 20.36 0.91
C LYS C 614 49.43 19.79 1.19
N PHE C 615 49.51 18.99 2.25
CA PHE C 615 50.77 18.40 2.68
C PHE C 615 51.01 17.01 2.11
N THR C 616 50.15 16.06 2.44
CA THR C 616 50.34 14.67 2.03
C THR C 616 49.08 13.89 2.37
N SER C 617 49.15 12.57 2.17
CA SER C 617 48.04 11.66 2.45
C SER C 617 48.52 10.51 3.33
N LEU C 618 47.68 10.12 4.28
CA LEU C 618 47.94 9.00 5.16
C LEU C 618 46.90 7.93 4.96
N TYR C 619 47.32 6.67 5.09
CA TYR C 619 46.50 5.54 4.70
C TYR C 619 46.38 4.56 5.86
N PHE C 620 45.19 3.96 5.98
CA PHE C 620 44.88 3.14 7.14
C PHE C 620 44.19 1.85 6.72
N GLN C 621 44.53 0.76 7.39
CA GLN C 621 43.76 -0.47 7.32
C GLN C 621 43.18 -0.74 8.69
N PHE C 622 41.96 -1.27 8.75
CA PHE C 622 41.39 -1.55 10.07
C PHE C 622 40.18 -2.45 9.93
N THR C 623 39.84 -3.09 11.05
CA THR C 623 38.63 -3.88 11.17
C THR C 623 38.12 -3.77 12.60
N LYS C 624 36.80 -3.78 12.74
CA LYS C 624 36.18 -3.74 14.05
C LYS C 624 36.68 -4.91 14.88
N GLY C 625 36.65 -4.75 16.20
CA GLY C 625 37.11 -5.81 17.07
C GLY C 625 37.41 -5.28 18.45
N GLU C 626 38.02 -6.16 19.25
CA GLU C 626 38.26 -5.87 20.66
C GLU C 626 39.72 -5.69 21.03
N LEU C 627 40.65 -6.22 20.24
CA LEU C 627 42.03 -6.35 20.72
C LEU C 627 42.61 -5.02 21.16
N ILE C 628 42.48 -4.00 20.31
CA ILE C 628 43.16 -2.73 20.51
C ILE C 628 42.14 -1.60 20.51
N THR C 629 42.28 -0.68 21.45
CA THR C 629 41.34 0.42 21.61
C THR C 629 42.10 1.73 21.72
N GLY C 630 41.41 2.81 21.36
CA GLY C 630 41.99 4.14 21.37
C GLY C 630 41.50 4.97 22.53
N THR C 631 42.38 5.25 23.47
CA THR C 631 42.00 5.99 24.64
C THR C 631 42.54 7.42 24.57
N PRO C 632 41.87 8.38 25.23
CA PRO C 632 42.41 9.74 25.27
C PRO C 632 43.44 9.90 26.36
N LYS C 633 43.54 8.95 27.27
CA LYS C 633 44.48 8.97 28.36
C LYS C 633 44.58 7.53 28.89
N PRO C 634 45.78 7.01 29.07
CA PRO C 634 45.92 5.61 29.49
C PRO C 634 45.27 5.38 30.84
N LEU C 635 44.67 4.21 31.01
CA LEU C 635 44.05 3.86 32.27
C LEU C 635 45.06 3.06 33.09
N GLU C 636 45.34 3.53 34.30
CA GLU C 636 46.29 2.91 35.20
C GLU C 636 45.61 2.56 36.51
N GLY C 637 46.35 1.86 37.36
CA GLY C 637 45.82 1.39 38.63
C GLY C 637 44.66 0.44 38.48
N VAL C 638 44.60 -0.31 37.39
CA VAL C 638 43.46 -1.15 37.05
C VAL C 638 43.99 -2.47 36.51
N THR C 639 43.40 -3.58 36.95
CA THR C 639 43.73 -4.88 36.39
C THR C 639 42.67 -5.41 35.43
N ASP C 640 41.42 -5.02 35.62
CA ASP C 640 40.35 -5.33 34.68
C ASP C 640 39.82 -4.00 34.18
N VAL C 641 40.10 -3.70 32.91
CA VAL C 641 39.97 -2.34 32.40
C VAL C 641 38.55 -1.82 32.50
N SER C 642 37.55 -2.68 32.32
CA SER C 642 36.17 -2.23 32.34
C SER C 642 35.81 -1.61 33.68
N PHE C 643 35.21 -0.42 33.63
CA PHE C 643 34.70 0.26 34.82
C PHE C 643 33.25 0.63 34.57
N MET C 644 32.40 0.36 35.56
CA MET C 644 30.97 0.49 35.38
C MET C 644 30.35 1.14 36.60
N THR C 645 29.17 1.71 36.38
CA THR C 645 28.31 2.20 37.44
C THR C 645 27.03 1.39 37.42
N LEU C 646 26.39 1.24 38.58
CA LEU C 646 25.29 0.30 38.70
C LEU C 646 24.01 0.98 39.13
N ASP C 647 22.91 0.60 38.48
CA ASP C 647 21.56 1.01 38.87
C ASP C 647 21.41 2.52 38.89
N VAL C 648 22.12 3.22 38.02
CA VAL C 648 22.02 4.67 37.90
C VAL C 648 21.99 5.05 36.44
N CYS C 649 21.44 6.23 36.17
CA CYS C 649 21.38 6.74 34.81
C CYS C 649 22.77 7.28 34.45
N THR C 650 23.43 6.61 33.51
CA THR C 650 24.82 6.91 33.19
C THR C 650 25.08 6.71 31.71
N LYS C 651 26.24 7.17 31.26
CA LYS C 651 26.66 7.06 29.87
C LYS C 651 27.36 5.74 29.62
N TYR C 652 26.62 4.78 29.09
CA TYR C 652 27.19 3.45 28.85
C TYR C 652 27.93 3.41 27.52
N THR C 653 29.06 2.71 27.52
CA THR C 653 29.88 2.54 26.33
C THR C 653 30.30 1.07 26.33
N ILE C 654 29.58 0.23 25.57
CA ILE C 654 29.70 -1.21 25.72
C ILE C 654 29.89 -1.85 24.34
N TYR C 655 31.08 -2.40 24.09
CA TYR C 655 31.32 -3.25 22.92
C TYR C 655 30.80 -2.61 21.64
N GLY C 656 31.09 -1.33 21.48
CA GLY C 656 30.60 -0.64 20.32
C GLY C 656 29.12 -0.39 20.41
N PHE C 657 28.57 -0.39 21.61
CA PHE C 657 27.18 0.00 21.82
C PHE C 657 27.20 1.03 22.92
N LYS C 658 26.81 2.24 22.58
CA LYS C 658 27.04 3.39 23.42
C LYS C 658 25.71 4.07 23.69
N GLY C 659 25.62 4.79 24.80
CA GLY C 659 24.42 5.54 25.05
C GLY C 659 24.25 5.84 26.53
N GLU C 660 23.00 6.13 26.87
CA GLU C 660 22.58 6.55 28.19
C GLU C 660 21.52 5.59 28.68
N GLY C 661 21.61 5.18 29.94
CA GLY C 661 20.61 4.26 30.46
C GLY C 661 20.91 3.90 31.90
N ILE C 662 20.05 3.03 32.43
CA ILE C 662 20.21 2.54 33.79
C ILE C 662 20.34 1.02 33.72
N ILE C 663 21.36 0.51 34.33
CA ILE C 663 21.66 -0.92 34.31
C ILE C 663 21.06 -1.58 35.52
N THR C 664 20.70 -2.85 35.38
CA THR C 664 20.08 -3.59 36.45
C THR C 664 20.62 -5.01 36.45
N LEU C 665 20.64 -5.61 37.63
CA LEU C 665 21.09 -6.99 37.78
C LEU C 665 19.97 -7.98 37.49
N THR C 666 20.36 -9.12 36.94
CA THR C 666 19.45 -10.23 36.69
C THR C 666 20.18 -11.52 37.00
N ASN C 667 19.42 -12.58 37.30
CA ASN C 667 20.03 -13.81 37.78
C ASN C 667 19.89 -14.95 36.77
N SER C 668 19.79 -14.64 35.49
CA SER C 668 19.59 -15.66 34.49
C SER C 668 20.85 -16.52 34.36
N SER C 669 20.74 -17.59 33.57
CA SER C 669 21.84 -18.52 33.46
C SER C 669 21.86 -19.16 32.08
N PHE C 670 22.99 -19.07 31.41
CA PHE C 670 23.19 -19.67 30.11
C PHE C 670 24.66 -19.99 29.96
N LEU C 671 24.99 -21.24 29.66
CA LEU C 671 26.40 -21.64 29.56
C LEU C 671 27.09 -21.03 28.35
N ALA C 672 26.34 -20.43 27.43
CA ALA C 672 26.93 -19.82 26.27
C ALA C 672 26.22 -18.49 26.01
N GLY C 673 26.80 -17.70 25.13
CA GLY C 673 26.26 -16.39 24.81
C GLY C 673 26.61 -15.36 25.86
N VAL C 674 26.91 -14.16 25.42
CA VAL C 674 27.36 -13.11 26.32
C VAL C 674 26.51 -11.85 26.24
N TYR C 675 25.83 -11.62 25.12
CA TYR C 675 24.99 -10.47 24.90
C TYR C 675 23.68 -10.90 24.28
N TYR C 676 22.63 -10.15 24.58
CA TYR C 676 21.31 -10.47 24.09
C TYR C 676 20.58 -9.18 23.75
N THR C 677 20.03 -9.11 22.56
CA THR C 677 19.50 -7.89 22.00
C THR C 677 17.99 -7.94 21.83
N SER C 678 17.45 -6.83 21.33
CA SER C 678 16.04 -6.68 21.05
C SER C 678 15.78 -6.88 19.57
N ASP C 679 14.48 -6.93 19.22
CA ASP C 679 14.10 -7.06 17.83
C ASP C 679 14.65 -5.91 17.00
N SER C 680 14.60 -4.70 17.54
CA SER C 680 15.10 -3.53 16.84
C SER C 680 16.61 -3.55 16.69
N GLY C 681 17.29 -4.35 17.51
CA GLY C 681 18.73 -4.41 17.48
C GLY C 681 19.39 -3.86 18.72
N GLN C 682 18.66 -3.22 19.61
CA GLN C 682 19.28 -2.74 20.83
C GLN C 682 19.41 -3.87 21.84
N LEU C 683 20.42 -3.77 22.68
CA LEU C 683 20.79 -4.82 23.63
C LEU C 683 20.26 -4.46 25.01
N LEU C 684 19.46 -5.34 25.57
CA LEU C 684 18.94 -5.13 26.92
C LEU C 684 19.77 -5.90 27.95
N ALA C 685 19.69 -7.22 27.92
CA ALA C 685 20.34 -8.05 28.92
C ALA C 685 21.61 -8.70 28.36
N PHE C 686 22.57 -8.92 29.25
CA PHE C 686 23.85 -9.50 28.89
C PHE C 686 24.48 -10.04 30.15
N LYS C 687 25.54 -10.82 29.96
CA LYS C 687 26.31 -11.47 31.00
C LYS C 687 27.79 -11.15 30.80
N ASN C 688 28.59 -11.27 31.86
CA ASN C 688 30.02 -11.17 31.63
C ASN C 688 30.67 -12.50 32.00
N VAL C 689 31.85 -12.75 31.44
CA VAL C 689 32.39 -14.11 31.46
C VAL C 689 32.79 -14.51 32.87
N THR C 690 33.77 -13.80 33.44
CA THR C 690 34.51 -14.36 34.56
C THR C 690 33.59 -14.65 35.74
N SER C 691 32.52 -13.88 35.88
CA SER C 691 31.61 -14.05 36.99
C SER C 691 30.21 -14.44 36.56
N GLY C 692 29.95 -14.54 35.26
CA GLY C 692 28.58 -14.80 34.85
C GLY C 692 27.61 -13.71 35.24
N ALA C 693 28.09 -12.52 35.56
CA ALA C 693 27.21 -11.44 35.99
C ALA C 693 26.32 -11.00 34.83
N VAL C 694 25.02 -11.16 35.00
CA VAL C 694 24.03 -10.84 33.99
C VAL C 694 23.39 -9.51 34.35
N TYR C 695 23.37 -8.60 33.38
CA TYR C 695 22.81 -7.27 33.60
C TYR C 695 21.84 -6.87 32.51
N SER C 696 20.81 -6.14 32.91
CA SER C 696 19.82 -5.57 32.02
C SER C 696 19.80 -4.06 32.19
N VAL C 697 19.84 -3.35 31.09
CA VAL C 697 19.84 -1.90 31.09
C VAL C 697 18.44 -1.40 30.77
N THR C 698 18.18 -0.17 31.16
CA THR C 698 16.89 0.46 30.91
C THR C 698 17.12 1.89 30.46
N PRO C 699 16.23 2.42 29.62
CA PRO C 699 16.41 3.79 29.15
C PRO C 699 16.14 4.77 30.28
N CYS C 700 16.76 5.94 30.17
CA CYS C 700 16.41 6.98 31.12
C CYS C 700 15.27 7.83 30.56
N SER C 701 14.21 7.18 30.08
CA SER C 701 13.08 7.89 29.52
C SER C 701 11.96 6.90 29.26
N PHE C 702 10.73 7.32 29.53
CA PHE C 702 9.55 6.50 29.29
C PHE C 702 8.37 7.39 28.97
N SER C 703 7.33 6.79 28.42
CA SER C 703 6.15 7.54 28.03
C SER C 703 5.07 7.50 29.11
N GLU C 704 4.01 8.24 28.87
CA GLU C 704 2.87 8.29 29.77
C GLU C 704 1.72 8.95 29.04
N GLN C 705 0.55 8.90 29.65
CA GLN C 705 -0.69 9.40 29.06
C GLN C 705 -1.28 10.42 30.01
N ALA C 706 -1.31 11.67 29.58
CA ALA C 706 -1.82 12.78 30.36
C ALA C 706 -3.06 13.35 29.71
N ALA C 707 -3.96 13.86 30.52
CA ALA C 707 -5.27 14.33 30.07
C ALA C 707 -5.31 15.85 30.10
N TYR C 708 -5.71 16.42 28.96
CA TYR C 708 -5.90 17.86 28.83
C TYR C 708 -7.29 18.20 29.33
N VAL C 709 -7.36 19.14 30.26
CA VAL C 709 -8.60 19.54 30.90
C VAL C 709 -8.83 21.03 30.65
N ASP C 710 -10.04 21.37 30.23
CA ASP C 710 -10.41 22.76 30.00
C ASP C 710 -9.31 23.46 29.24
N ASP C 711 -8.36 24.00 29.98
CA ASP C 711 -7.18 24.63 29.43
C ASP C 711 -5.95 24.23 30.22
N ASP C 712 -5.93 23.01 30.77
CA ASP C 712 -4.79 22.58 31.57
C ASP C 712 -4.77 21.07 31.67
N ILE C 713 -3.75 20.57 32.38
CA ILE C 713 -3.58 19.15 32.68
C ILE C 713 -3.88 18.96 34.15
N VAL C 714 -4.74 18.01 34.46
CA VAL C 714 -5.09 17.74 35.85
C VAL C 714 -4.82 16.29 36.17
N GLY C 715 -4.87 15.44 35.17
CA GLY C 715 -4.66 14.00 35.36
C GLY C 715 -3.53 13.46 34.50
N VAL C 716 -2.75 12.57 35.11
CA VAL C 716 -1.61 11.95 34.45
C VAL C 716 -1.65 10.46 34.74
N ILE C 717 -1.26 9.66 33.75
CA ILE C 717 -1.27 8.21 33.85
C ILE C 717 0.12 7.71 33.51
N SER C 718 0.76 7.04 34.47
CA SER C 718 2.12 6.58 34.28
C SER C 718 2.29 5.24 34.99
N SER C 719 3.54 4.79 35.08
CA SER C 719 3.90 3.53 35.71
C SER C 719 4.67 3.71 37.00
N LEU C 720 5.16 4.91 37.28
CA LEU C 720 5.95 5.17 38.48
C LEU C 720 5.07 5.85 39.52
N SER C 721 5.25 5.45 40.76
CA SER C 721 4.44 6.01 41.84
C SER C 721 4.72 7.49 42.01
N SER C 722 5.99 7.88 41.92
CA SER C 722 6.35 9.28 42.14
C SER C 722 5.77 10.16 41.05
N SER C 723 5.29 11.33 41.46
CA SER C 723 4.74 12.30 40.53
C SER C 723 4.74 13.67 41.20
N THR C 724 4.63 14.70 40.38
CA THR C 724 4.53 16.06 40.90
C THR C 724 3.18 16.32 41.55
N PHE C 725 2.19 15.48 41.27
CA PHE C 725 0.85 15.67 41.79
C PHE C 725 0.78 15.34 43.27
N ASN C 726 -0.28 15.83 43.91
CA ASN C 726 -0.53 15.47 45.30
C ASN C 726 -0.66 13.96 45.46
N SER C 727 -1.54 13.36 44.65
CA SER C 727 -1.97 11.99 44.86
C SER C 727 -1.69 11.15 43.62
N THR C 728 -1.43 9.87 43.85
CA THR C 728 -1.22 8.90 42.79
C THR C 728 -1.85 7.59 43.24
N ARG C 729 -2.91 7.17 42.56
CA ARG C 729 -3.59 5.95 42.94
C ARG C 729 -3.27 4.86 41.92
N GLU C 730 -2.86 3.70 42.42
CA GLU C 730 -2.50 2.58 41.57
C GLU C 730 -3.78 1.89 41.14
N LEU C 731 -4.22 2.19 39.96
CA LEU C 731 -5.36 1.50 39.40
C LEU C 731 -4.88 0.30 38.59
N PRO C 732 -5.73 -0.72 38.41
CA PRO C 732 -5.29 -1.90 37.66
C PRO C 732 -4.70 -1.54 36.31
N GLY C 733 -3.41 -1.79 36.17
CA GLY C 733 -2.70 -1.61 34.93
C GLY C 733 -1.91 -0.32 34.80
N PHE C 734 -2.01 0.60 35.76
CA PHE C 734 -1.40 1.91 35.59
C PHE C 734 -1.47 2.70 36.91
N PHE C 735 -0.74 3.81 36.93
CA PHE C 735 -0.80 4.80 38.00
C PHE C 735 -1.57 6.01 37.51
N TYR C 736 -2.52 6.47 38.32
CA TYR C 736 -3.27 7.66 37.99
C TYR C 736 -2.75 8.80 38.85
N HIS C 737 -2.38 9.90 38.22
CA HIS C 737 -1.75 11.02 38.90
C HIS C 737 -2.65 12.24 38.82
N SER C 738 -2.93 12.84 39.99
CA SER C 738 -3.73 14.04 40.09
C SER C 738 -3.65 14.57 41.50
N ASN C 739 -4.07 15.82 41.67
CA ASN C 739 -4.19 16.44 42.97
C ASN C 739 -5.59 16.27 43.56
N ASP C 740 -6.49 15.64 42.81
CA ASP C 740 -7.87 15.42 43.21
C ASP C 740 -8.06 13.91 43.37
N GLY C 741 -8.09 13.46 44.63
CA GLY C 741 -8.25 12.05 44.91
C GLY C 741 -9.68 11.67 45.26
N SER C 742 -10.64 12.53 44.91
CA SER C 742 -12.03 12.28 45.28
C SER C 742 -12.64 11.26 44.32
N ASN C 743 -13.95 11.06 44.45
CA ASN C 743 -14.67 10.12 43.60
C ASN C 743 -15.37 10.85 42.46
N CYS C 744 -15.23 10.33 41.25
CA CYS C 744 -15.93 10.87 40.10
C CYS C 744 -17.39 10.46 40.12
N THR C 745 -18.28 11.42 39.88
CA THR C 745 -19.72 11.20 39.91
C THR C 745 -20.40 11.54 38.60
N GLU C 746 -20.01 12.64 37.95
CA GLU C 746 -20.57 13.07 36.67
C GLU C 746 -19.41 13.16 35.69
N PRO C 747 -18.97 12.02 35.15
CA PRO C 747 -17.78 12.02 34.30
C PRO C 747 -17.94 12.91 33.09
N VAL C 748 -16.87 13.60 32.75
CA VAL C 748 -16.85 14.49 31.61
C VAL C 748 -16.09 13.89 30.44
N LEU C 749 -15.09 13.05 30.71
CA LEU C 749 -14.30 12.37 29.69
C LEU C 749 -14.25 10.91 30.06
N VAL C 750 -14.76 10.06 29.18
CA VAL C 750 -14.95 8.65 29.45
C VAL C 750 -14.17 7.83 28.43
N TYR C 751 -13.41 6.86 28.91
CA TYR C 751 -12.76 5.89 28.07
C TYR C 751 -12.96 4.49 28.65
N SER C 752 -13.34 3.56 27.79
CA SER C 752 -13.65 2.20 28.22
C SER C 752 -14.68 2.30 29.34
N ASN C 753 -14.62 1.40 30.31
CA ASN C 753 -15.52 1.46 31.45
C ASN C 753 -15.10 2.51 32.45
N ILE C 754 -14.25 3.44 32.06
CA ILE C 754 -13.69 4.42 32.97
C ILE C 754 -14.00 5.81 32.47
N GLY C 755 -14.14 6.74 33.42
CA GLY C 755 -14.45 8.12 33.11
C GLY C 755 -13.87 9.05 34.15
N VAL C 756 -13.71 10.31 33.75
CA VAL C 756 -13.15 11.34 34.61
C VAL C 756 -14.09 12.53 34.62
N CYS C 757 -14.32 13.09 35.81
CA CYS C 757 -15.15 14.26 35.99
C CYS C 757 -14.34 15.54 35.76
N LYS C 758 -15.00 16.69 35.92
CA LYS C 758 -14.32 17.96 35.73
C LYS C 758 -13.24 18.18 36.76
N SER C 759 -13.50 17.82 38.02
CA SER C 759 -12.51 18.02 39.07
C SER C 759 -11.26 17.16 38.85
N GLY C 760 -11.33 16.17 37.96
CA GLY C 760 -10.23 15.29 37.71
C GLY C 760 -10.37 13.91 38.33
N SER C 761 -11.33 13.74 39.23
CA SER C 761 -11.55 12.43 39.83
C SER C 761 -11.94 11.41 38.77
N ILE C 762 -11.48 10.19 38.97
CA ILE C 762 -11.67 9.10 38.03
C ILE C 762 -12.65 8.10 38.64
N GLY C 763 -13.28 7.31 37.78
CA GLY C 763 -14.27 6.36 38.28
C GLY C 763 -14.60 5.28 37.29
N TYR C 764 -15.28 4.25 37.80
CA TYR C 764 -15.81 3.17 36.98
C TYR C 764 -17.24 3.49 36.58
N VAL C 765 -17.50 3.53 35.28
CA VAL C 765 -18.83 3.87 34.78
C VAL C 765 -19.72 2.64 34.79
N PRO C 766 -20.85 2.67 35.49
CA PRO C 766 -21.80 1.56 35.39
C PRO C 766 -22.44 1.54 34.02
N SER C 767 -22.87 0.36 33.61
CA SER C 767 -23.47 0.19 32.30
C SER C 767 -24.80 0.93 32.22
N GLN C 768 -25.03 1.61 31.10
CA GLN C 768 -26.25 2.36 30.89
C GLN C 768 -27.46 1.43 30.76
N SER C 769 -28.57 1.85 31.37
CA SER C 769 -29.80 1.08 31.28
C SER C 769 -30.28 1.03 29.85
N GLY C 770 -30.69 -0.17 29.41
CA GLY C 770 -31.15 -0.38 28.05
C GLY C 770 -32.66 -0.28 27.93
N GLN C 771 -33.10 -0.24 26.67
CA GLN C 771 -34.53 -0.22 26.40
C GLN C 771 -35.17 -1.54 26.78
N VAL C 772 -36.41 -1.47 27.23
CA VAL C 772 -37.13 -2.64 27.72
C VAL C 772 -38.18 -3.05 26.70
N LYS C 773 -38.17 -4.33 26.35
CA LYS C 773 -39.14 -4.90 25.42
C LYS C 773 -39.80 -6.08 26.11
N ILE C 774 -41.10 -6.22 25.90
CA ILE C 774 -41.90 -7.26 26.56
C ILE C 774 -42.20 -8.36 25.57
N ALA C 775 -41.78 -9.57 25.89
CA ALA C 775 -42.03 -10.72 25.04
C ALA C 775 -43.48 -11.16 25.15
N PRO C 776 -44.01 -11.79 24.10
CA PRO C 776 -45.39 -12.28 24.15
C PRO C 776 -45.56 -13.45 25.10
N THR C 777 -46.80 -13.65 25.55
CA THR C 777 -47.12 -14.67 26.54
C THR C 777 -48.35 -15.46 26.11
N VAL C 778 -48.42 -16.71 26.55
CA VAL C 778 -49.55 -17.56 26.18
C VAL C 778 -50.82 -17.13 26.90
N THR C 779 -50.72 -16.87 28.20
CA THR C 779 -51.87 -16.52 29.02
C THR C 779 -51.35 -15.95 30.33
N GLY C 780 -52.26 -15.68 31.26
CA GLY C 780 -51.88 -15.13 32.55
C GLY C 780 -51.96 -13.62 32.61
N ASN C 781 -50.82 -12.97 32.43
CA ASN C 781 -50.73 -11.53 32.58
C ASN C 781 -49.81 -10.90 31.53
N ILE C 782 -49.99 -9.60 31.33
CA ILE C 782 -49.19 -8.86 30.36
C ILE C 782 -49.24 -7.38 30.72
N SER C 783 -48.14 -6.67 30.47
CA SER C 783 -48.03 -5.24 30.73
C SER C 783 -48.08 -4.52 29.38
N ILE C 784 -49.30 -4.31 28.89
CA ILE C 784 -49.48 -3.69 27.57
C ILE C 784 -49.12 -2.21 27.65
N PRO C 785 -48.29 -1.71 26.74
CA PRO C 785 -47.96 -0.29 26.76
C PRO C 785 -49.12 0.59 26.37
N THR C 786 -49.05 1.84 26.84
CA THR C 786 -50.07 2.85 26.59
C THR C 786 -49.43 4.21 26.84
N ASN C 787 -50.14 5.27 26.44
CA ASN C 787 -49.78 6.63 26.79
C ASN C 787 -48.42 7.00 26.21
N PHE C 788 -48.35 6.98 24.89
CA PHE C 788 -47.08 7.04 24.23
C PHE C 788 -46.59 8.47 24.09
N SER C 789 -45.33 8.61 23.65
CA SER C 789 -44.73 9.91 23.47
C SER C 789 -43.92 9.91 22.18
N MET C 790 -43.15 10.99 21.99
CA MET C 790 -42.30 11.19 20.83
C MET C 790 -40.82 11.07 21.17
N SER C 791 -40.05 10.62 20.18
CA SER C 791 -38.59 10.70 20.22
C SER C 791 -38.12 10.69 18.78
N ILE C 792 -37.21 11.60 18.46
CA ILE C 792 -36.67 11.71 17.12
C ILE C 792 -35.18 11.43 17.18
N ARG C 793 -34.72 10.54 16.31
CA ARG C 793 -33.34 10.08 16.30
C ARG C 793 -32.66 10.57 15.04
N THR C 794 -31.34 10.62 15.10
CA THR C 794 -30.54 11.27 14.07
C THR C 794 -29.88 10.25 13.15
N GLU C 795 -29.75 10.62 11.88
CA GLU C 795 -29.07 9.81 10.88
C GLU C 795 -28.62 10.68 9.73
N TYR C 796 -27.45 10.37 9.20
CA TYR C 796 -26.85 11.05 8.05
C TYR C 796 -26.15 10.03 7.18
N LEU C 797 -25.90 10.41 5.93
CA LEU C 797 -25.02 9.63 5.07
C LEU C 797 -24.60 10.51 3.90
N GLN C 798 -23.31 10.48 3.60
CA GLN C 798 -22.74 11.19 2.46
C GLN C 798 -22.80 10.31 1.22
N LEU C 799 -23.32 10.85 0.12
CA LEU C 799 -23.65 10.01 -1.02
C LEU C 799 -22.57 9.98 -2.10
N TYR C 800 -22.20 11.13 -2.66
CA TYR C 800 -21.37 11.14 -3.86
C TYR C 800 -20.08 11.90 -3.60
N ASN C 801 -19.04 11.57 -4.34
CA ASN C 801 -17.77 12.25 -4.20
C ASN C 801 -17.41 12.95 -5.50
N THR C 802 -16.89 14.16 -5.39
CA THR C 802 -16.49 14.88 -6.58
C THR C 802 -15.28 14.23 -7.23
N PRO C 803 -15.27 14.14 -8.56
CA PRO C 803 -14.11 13.59 -9.28
C PRO C 803 -13.08 14.68 -9.53
N VAL C 804 -11.92 14.25 -10.00
CA VAL C 804 -10.83 15.15 -10.33
C VAL C 804 -10.13 14.65 -11.57
N SER C 805 -9.45 15.56 -12.26
CA SER C 805 -8.76 15.20 -13.48
C SER C 805 -7.37 15.83 -13.49
N VAL C 806 -6.44 15.11 -14.12
CA VAL C 806 -5.04 15.50 -14.22
C VAL C 806 -4.52 15.08 -15.59
N ASP C 807 -3.64 15.91 -16.17
CA ASP C 807 -2.88 15.50 -17.35
C ASP C 807 -1.47 15.20 -16.85
N CYS C 808 -1.09 13.93 -16.93
CA CYS C 808 0.21 13.53 -16.43
C CYS C 808 1.31 14.30 -17.14
N ALA C 809 1.18 14.44 -18.45
CA ALA C 809 2.21 15.12 -19.21
C ALA C 809 2.40 16.53 -18.70
N THR C 810 1.32 17.30 -18.63
CA THR C 810 1.46 18.66 -18.15
C THR C 810 1.95 18.66 -16.71
N TYR C 811 1.42 17.75 -15.90
CA TYR C 811 1.81 17.72 -14.52
C TYR C 811 3.28 17.39 -14.38
N VAL C 812 3.82 16.67 -15.36
CA VAL C 812 5.22 16.26 -15.31
C VAL C 812 6.06 17.05 -16.29
N CYS C 813 5.47 17.59 -17.34
CA CYS C 813 6.17 18.37 -18.34
C CYS C 813 5.66 19.79 -18.23
N ASN C 814 6.51 20.68 -17.75
CA ASN C 814 6.14 22.09 -17.62
C ASN C 814 6.60 22.89 -18.83
N GLY C 815 6.18 22.44 -20.00
CA GLY C 815 6.40 23.16 -21.24
C GLY C 815 7.51 22.63 -22.12
N ASN C 816 8.32 21.68 -21.65
CA ASN C 816 9.39 21.19 -22.49
C ASN C 816 8.82 20.43 -23.69
N SER C 817 9.58 20.44 -24.77
CA SER C 817 9.26 19.73 -26.00
C SER C 817 10.03 18.42 -26.09
N ARG C 818 11.30 18.46 -25.76
CA ARG C 818 12.15 17.29 -25.80
C ARG C 818 11.67 16.24 -24.83
N CYS C 819 11.01 16.66 -23.75
CA CYS C 819 10.58 15.73 -22.73
C CYS C 819 9.64 14.69 -23.30
N LYS C 820 8.60 15.15 -24.01
CA LYS C 820 7.59 14.22 -24.48
C LYS C 820 8.18 13.22 -25.45
N GLN C 821 9.01 13.68 -26.37
CA GLN C 821 9.59 12.77 -27.33
C GLN C 821 10.57 11.81 -26.67
N LEU C 822 11.24 12.25 -25.61
CA LEU C 822 12.05 11.32 -24.85
C LEU C 822 11.18 10.33 -24.11
N LEU C 823 10.12 10.81 -23.46
CA LEU C 823 9.31 9.97 -22.60
C LEU C 823 8.36 9.09 -23.38
N THR C 824 8.36 9.19 -24.71
CA THR C 824 7.55 8.31 -25.53
C THR C 824 7.72 6.85 -25.16
N GLN C 825 8.86 6.52 -24.53
CA GLN C 825 9.15 5.13 -24.18
C GLN C 825 8.02 4.47 -23.38
N TYR C 826 7.47 5.17 -22.38
CA TYR C 826 6.44 4.57 -21.53
C TYR C 826 5.37 5.60 -21.21
N THR C 827 4.13 5.32 -21.59
CA THR C 827 3.02 6.23 -21.28
C THR C 827 1.75 5.53 -20.82
N ALA C 828 1.68 4.21 -20.88
CA ALA C 828 0.43 3.50 -20.66
C ALA C 828 -0.19 3.79 -19.30
N ALA C 829 0.61 4.15 -18.29
CA ALA C 829 0.01 4.49 -17.00
C ALA C 829 -0.93 5.67 -17.14
N CYS C 830 -0.52 6.67 -17.92
CA CYS C 830 -1.40 7.80 -18.19
C CYS C 830 -2.71 7.32 -18.80
N LYS C 831 -2.65 6.24 -19.57
CA LYS C 831 -3.84 5.72 -20.21
C LYS C 831 -4.79 5.14 -19.19
N THR C 832 -4.25 4.32 -18.30
CA THR C 832 -5.06 3.65 -17.29
C THR C 832 -5.80 4.66 -16.42
N ILE C 833 -5.11 5.71 -16.00
CA ILE C 833 -5.72 6.69 -15.11
C ILE C 833 -6.82 7.45 -15.83
N GLU C 834 -6.57 7.89 -17.05
CA GLU C 834 -7.54 8.71 -17.77
C GLU C 834 -8.82 7.93 -18.01
N SER C 835 -8.70 6.73 -18.57
CA SER C 835 -9.89 5.94 -18.84
C SER C 835 -10.64 5.67 -17.55
N ALA C 836 -9.91 5.29 -16.49
CA ALA C 836 -10.56 4.97 -15.24
C ALA C 836 -11.31 6.17 -14.68
N LEU C 837 -10.65 7.33 -14.64
CA LEU C 837 -11.32 8.50 -14.10
C LEU C 837 -12.49 8.90 -14.97
N GLN C 838 -12.33 8.83 -16.29
CA GLN C 838 -13.41 9.21 -17.18
C GLN C 838 -14.62 8.29 -17.01
N LEU C 839 -14.38 6.98 -17.01
CA LEU C 839 -15.51 6.07 -16.85
C LEU C 839 -16.13 6.24 -15.47
N SER C 840 -15.29 6.45 -14.46
CA SER C 840 -15.82 6.66 -13.12
C SER C 840 -16.68 7.90 -13.08
N ALA C 841 -16.18 9.00 -13.64
CA ALA C 841 -16.95 10.24 -13.65
C ALA C 841 -18.29 10.05 -14.35
N ARG C 842 -18.26 9.47 -15.53
CA ARG C 842 -19.50 9.28 -16.29
C ARG C 842 -20.49 8.40 -15.55
N LEU C 843 -20.01 7.32 -14.93
CA LEU C 843 -20.92 6.39 -14.29
C LEU C 843 -21.67 7.03 -13.13
N GLU C 844 -20.97 7.75 -12.24
CA GLU C 844 -21.68 8.30 -11.09
C GLU C 844 -22.78 9.25 -11.52
N SER C 845 -22.53 10.05 -12.55
CA SER C 845 -23.55 10.92 -13.10
C SER C 845 -24.82 10.14 -13.39
N VAL C 846 -24.69 8.95 -13.97
CA VAL C 846 -25.87 8.17 -14.31
C VAL C 846 -26.73 7.89 -13.08
N GLU C 847 -26.14 7.34 -12.03
CA GLU C 847 -27.01 6.93 -10.92
C GLU C 847 -27.47 8.12 -10.10
N VAL C 848 -26.71 9.21 -10.06
CA VAL C 848 -27.20 10.35 -9.32
C VAL C 848 -28.43 10.90 -10.03
N ASN C 849 -28.45 10.84 -11.36
CA ASN C 849 -29.70 11.10 -12.05
C ASN C 849 -30.72 10.02 -11.73
N SER C 850 -30.25 8.78 -11.56
CA SER C 850 -31.16 7.66 -11.33
C SER C 850 -31.92 7.86 -10.04
N MET C 851 -31.22 8.12 -8.94
CA MET C 851 -31.92 8.25 -7.69
C MET C 851 -32.60 9.60 -7.55
N LEU C 852 -32.53 10.43 -8.58
CA LEU C 852 -33.13 11.75 -8.57
C LEU C 852 -34.31 11.76 -9.53
N THR C 853 -35.51 11.62 -8.97
CA THR C 853 -36.75 11.74 -9.73
C THR C 853 -37.57 12.83 -9.07
N ILE C 854 -38.12 13.72 -9.88
CA ILE C 854 -38.81 14.88 -9.34
C ILE C 854 -40.30 14.76 -9.60
N SER C 855 -41.07 15.49 -8.80
CA SER C 855 -42.52 15.60 -8.95
C SER C 855 -42.87 17.08 -8.85
N GLU C 856 -43.34 17.65 -9.95
CA GLU C 856 -43.64 19.08 -9.97
C GLU C 856 -44.74 19.42 -8.99
N GLU C 857 -45.78 18.57 -8.92
CA GLU C 857 -46.95 18.87 -8.11
C GLU C 857 -46.58 19.19 -6.67
N ALA C 858 -45.67 18.40 -6.09
CA ALA C 858 -45.29 18.61 -4.70
C ALA C 858 -44.71 19.99 -4.47
N LEU C 859 -43.82 20.43 -5.36
CA LEU C 859 -43.09 21.67 -5.10
C LEU C 859 -44.02 22.87 -5.13
N GLN C 860 -45.04 22.85 -5.99
CA GLN C 860 -46.04 23.90 -5.89
C GLN C 860 -46.78 23.82 -4.58
N LEU C 861 -47.04 22.59 -4.13
CA LEU C 861 -47.73 22.37 -2.87
C LEU C 861 -46.79 22.41 -1.68
N ALA C 862 -45.51 22.64 -1.89
CA ALA C 862 -44.53 22.66 -0.82
C ALA C 862 -44.37 24.01 -0.14
N THR C 863 -44.93 25.07 -0.68
CA THR C 863 -44.70 26.39 -0.13
C THR C 863 -45.34 26.51 1.26
N ILE C 864 -45.05 27.63 1.93
CA ILE C 864 -45.59 27.88 3.25
C ILE C 864 -47.11 27.93 3.18
N SER C 865 -47.63 28.74 2.26
CA SER C 865 -49.08 28.86 2.12
C SER C 865 -49.68 27.54 1.67
N SER C 866 -49.04 26.88 0.71
CA SER C 866 -49.55 25.60 0.23
C SER C 866 -49.55 24.58 1.36
N PHE C 867 -48.53 24.60 2.20
CA PHE C 867 -48.55 23.79 3.40
C PHE C 867 -49.77 24.17 4.21
N ASN C 868 -50.62 23.20 4.53
CA ASN C 868 -51.83 23.45 5.28
C ASN C 868 -51.55 23.34 6.77
N GLY C 869 -51.82 24.41 7.50
CA GLY C 869 -51.65 24.38 8.93
C GLY C 869 -52.68 23.48 9.58
N ASP C 870 -52.25 22.32 10.07
CA ASP C 870 -53.14 21.34 10.67
C ASP C 870 -52.49 20.93 11.99
N GLY C 871 -52.75 21.71 13.04
CA GLY C 871 -52.25 21.43 14.37
C GLY C 871 -50.74 21.49 14.52
N TYR C 872 -49.98 21.71 13.45
CA TYR C 872 -48.53 21.75 13.52
C TYR C 872 -48.00 22.81 12.57
N ASN C 873 -46.76 23.24 12.83
CA ASN C 873 -46.13 24.32 12.07
C ASN C 873 -45.10 23.82 11.05
N PHE C 874 -44.09 23.08 11.50
CA PHE C 874 -42.97 22.69 10.63
C PHE C 874 -42.33 23.90 9.98
N THR C 875 -42.35 25.04 10.67
CA THR C 875 -41.89 26.29 10.05
C THR C 875 -40.42 26.22 9.71
N ASN C 876 -39.59 25.84 10.69
CA ASN C 876 -38.15 25.74 10.45
C ASN C 876 -37.88 24.67 9.40
N VAL C 877 -38.70 23.63 9.38
CA VAL C 877 -38.58 22.60 8.36
C VAL C 877 -38.84 23.20 7.00
N LEU C 878 -39.85 24.06 6.90
CA LEU C 878 -40.20 24.66 5.62
C LEU C 878 -39.21 25.78 5.28
N GLY C 879 -39.12 26.08 3.99
CA GLY C 879 -38.29 27.14 3.47
C GLY C 879 -39.10 28.35 3.03
N VAL C 880 -38.48 29.18 2.20
CA VAL C 880 -39.12 30.40 1.71
C VAL C 880 -39.09 30.37 0.19
N SER C 881 -40.20 30.77 -0.42
CA SER C 881 -40.45 30.60 -1.84
C SER C 881 -40.62 31.95 -2.53
N VAL C 882 -41.04 31.89 -3.79
CA VAL C 882 -41.44 33.03 -4.63
C VAL C 882 -40.40 34.15 -4.54
N TYR C 883 -39.14 33.80 -4.77
CA TYR C 883 -38.10 34.82 -4.78
C TYR C 883 -38.00 35.54 -6.12
N ASP C 884 -37.40 36.72 -6.07
CA ASP C 884 -37.18 37.58 -7.23
C ASP C 884 -35.71 38.00 -7.25
N PRO C 885 -34.83 37.09 -7.65
CA PRO C 885 -33.40 37.41 -7.69
C PRO C 885 -33.04 38.19 -8.93
N ALA C 886 -31.73 38.37 -9.16
CA ALA C 886 -31.28 39.04 -10.36
C ALA C 886 -31.78 38.32 -11.62
N ARG C 887 -31.98 37.00 -11.53
CA ARG C 887 -32.56 36.25 -12.63
C ARG C 887 -33.99 36.66 -12.91
N GLY C 888 -34.70 37.20 -11.91
CA GLY C 888 -36.05 37.68 -12.14
C GLY C 888 -37.08 36.60 -12.31
N ARG C 889 -36.83 35.40 -11.80
CA ARG C 889 -37.77 34.31 -11.86
C ARG C 889 -37.97 33.71 -10.47
N VAL C 890 -39.17 33.15 -10.26
CA VAL C 890 -39.54 32.63 -8.95
C VAL C 890 -38.67 31.45 -8.57
N VAL C 891 -38.08 31.52 -7.38
CA VAL C 891 -37.27 30.45 -6.82
C VAL C 891 -37.56 30.38 -5.31
N GLN C 892 -37.11 29.29 -4.70
CA GLN C 892 -37.37 29.01 -3.29
C GLN C 892 -36.06 28.73 -2.58
N LYS C 893 -35.75 29.50 -1.55
CA LYS C 893 -34.47 29.34 -0.88
C LYS C 893 -34.52 28.21 0.13
N ARG C 894 -33.39 28.03 0.82
CA ARG C 894 -33.22 26.98 1.81
C ARG C 894 -34.16 27.16 2.98
N SER C 895 -34.45 26.07 3.68
CA SER C 895 -35.23 26.16 4.90
C SER C 895 -34.31 26.59 6.03
N PHE C 896 -34.77 26.44 7.27
CA PHE C 896 -34.01 26.97 8.39
C PHE C 896 -32.74 26.16 8.65
N ILE C 897 -32.89 24.87 8.91
CA ILE C 897 -31.80 24.10 9.51
C ILE C 897 -30.64 23.93 8.56
N GLU C 898 -30.91 23.54 7.30
CA GLU C 898 -29.79 23.20 6.43
C GLU C 898 -28.91 24.40 6.15
N ASP C 899 -29.51 25.57 5.92
CA ASP C 899 -28.69 26.74 5.67
C ASP C 899 -27.89 27.09 6.92
N LEU C 900 -28.51 26.93 8.10
CA LEU C 900 -27.80 27.14 9.35
C LEU C 900 -26.63 26.18 9.48
N LEU C 901 -26.87 24.90 9.21
CA LEU C 901 -25.76 23.97 9.30
C LEU C 901 -24.77 24.20 8.17
N PHE C 902 -25.23 24.57 6.98
CA PHE C 902 -24.31 24.88 5.89
C PHE C 902 -23.33 25.97 6.31
N ASN C 903 -23.84 27.10 6.78
CA ASN C 903 -22.97 28.22 7.11
C ASN C 903 -22.06 27.87 8.27
N LYS C 904 -22.57 27.11 9.25
CA LYS C 904 -21.76 26.82 10.42
C LYS C 904 -20.63 25.88 10.09
N VAL C 905 -20.86 24.89 9.25
CA VAL C 905 -19.81 23.91 8.98
C VAL C 905 -18.94 24.36 7.81
N VAL C 906 -19.53 25.01 6.81
CA VAL C 906 -18.81 25.43 5.62
C VAL C 906 -18.92 26.94 5.51
N THR C 907 -17.79 27.58 5.26
CA THR C 907 -17.72 29.02 5.04
C THR C 907 -17.49 29.27 3.55
N ASN C 908 -18.10 30.32 3.03
CA ASN C 908 -17.94 30.63 1.61
C ASN C 908 -16.46 30.91 1.32
N GLY C 909 -16.00 30.48 0.15
CA GLY C 909 -14.60 30.53 -0.18
C GLY C 909 -13.83 29.25 0.08
N LEU C 910 -14.47 28.25 0.66
CA LEU C 910 -13.85 26.94 0.86
C LEU C 910 -13.83 26.20 -0.48
N GLY C 911 -13.41 24.93 -0.46
CA GLY C 911 -13.40 24.14 -1.68
C GLY C 911 -14.78 23.89 -2.24
N THR C 912 -15.81 24.01 -1.41
CA THR C 912 -17.18 23.79 -1.87
C THR C 912 -17.63 24.84 -2.88
N VAL C 913 -17.28 26.10 -2.66
CA VAL C 913 -17.78 27.18 -3.52
C VAL C 913 -17.16 27.09 -4.91
N ASP C 914 -17.95 27.44 -5.91
CA ASP C 914 -17.50 27.49 -7.29
C ASP C 914 -16.47 28.59 -7.50
N GLU C 915 -15.68 28.44 -8.56
CA GLU C 915 -14.56 29.34 -8.82
C GLU C 915 -14.57 29.80 -10.27
N ASP C 916 -14.11 31.02 -10.49
CA ASP C 916 -14.01 31.58 -11.83
C ASP C 916 -12.57 31.50 -12.28
N TYR C 917 -12.34 30.87 -13.41
CA TYR C 917 -10.99 30.61 -13.89
C TYR C 917 -10.45 31.74 -14.74
N LYS C 918 -11.27 32.77 -15.00
CA LYS C 918 -10.84 33.85 -15.86
C LYS C 918 -9.74 34.67 -15.22
N ARG C 919 -9.82 34.87 -13.90
CA ARG C 919 -8.85 35.71 -13.22
C ARG C 919 -7.45 35.13 -13.30
N CYS C 920 -7.34 33.80 -13.19
CA CYS C 920 -6.03 33.16 -13.31
C CYS C 920 -5.42 33.46 -14.67
N SER C 921 -6.23 33.38 -15.72
CA SER C 921 -5.74 33.76 -17.05
C SER C 921 -5.29 35.21 -17.05
N ASN C 922 -6.11 36.08 -16.47
CA ASN C 922 -5.70 37.48 -16.34
C ASN C 922 -4.51 37.60 -15.39
N GLY C 923 -4.54 36.87 -14.29
CA GLY C 923 -3.55 37.08 -13.25
C GLY C 923 -3.87 38.38 -12.52
N ARG C 924 -3.07 39.40 -12.79
CA ARG C 924 -3.34 40.77 -12.36
C ARG C 924 -3.20 40.97 -10.85
N SER C 925 -3.02 39.88 -10.09
CA SER C 925 -2.95 40.00 -8.65
C SER C 925 -2.24 38.78 -8.08
N VAL C 926 -2.06 38.77 -6.76
CA VAL C 926 -1.48 37.61 -6.10
C VAL C 926 -2.38 36.40 -6.33
N ALA C 927 -1.76 35.24 -6.43
CA ALA C 927 -2.49 34.00 -6.68
C ALA C 927 -2.37 33.08 -5.49
N ASP C 928 -3.50 32.51 -5.09
CA ASP C 928 -3.53 31.50 -4.04
C ASP C 928 -3.24 30.15 -4.69
N LEU C 929 -3.56 29.06 -3.99
CA LEU C 929 -3.28 27.75 -4.55
C LEU C 929 -4.09 27.52 -5.82
N VAL C 930 -5.37 27.88 -5.82
CA VAL C 930 -6.31 27.30 -6.77
C VAL C 930 -5.81 27.43 -8.21
N CYS C 931 -5.28 28.59 -8.59
CA CYS C 931 -4.71 28.68 -9.93
C CYS C 931 -3.47 27.80 -10.05
N ALA C 932 -2.73 27.65 -8.95
CA ALA C 932 -1.47 26.93 -9.00
C ALA C 932 -1.70 25.48 -9.37
N GLN C 933 -2.58 24.79 -8.64
CA GLN C 933 -2.77 23.40 -9.03
C GLN C 933 -3.39 23.31 -10.40
N TYR C 934 -4.15 24.33 -10.82
CA TYR C 934 -4.50 24.37 -12.24
C TYR C 934 -3.24 24.42 -13.07
N TYR C 935 -2.28 25.25 -12.65
CA TYR C 935 -0.99 25.24 -13.33
C TYR C 935 -0.34 23.88 -13.19
N SER C 936 -0.58 23.19 -12.08
CA SER C 936 -0.06 21.84 -11.97
C SER C 936 -0.75 20.89 -12.92
N GLY C 937 -1.91 21.27 -13.44
CA GLY C 937 -2.62 20.45 -14.39
C GLY C 937 -3.70 19.60 -13.79
N VAL C 938 -3.99 19.74 -12.52
CA VAL C 938 -5.07 18.98 -11.91
C VAL C 938 -6.36 19.78 -11.96
N MET C 939 -7.47 19.06 -12.08
CA MET C 939 -8.77 19.71 -12.22
C MET C 939 -9.84 18.85 -11.57
N VAL C 940 -10.42 19.36 -10.49
CA VAL C 940 -11.63 18.75 -9.92
C VAL C 940 -12.82 19.29 -10.69
N LEU C 941 -13.63 18.40 -11.23
CA LEU C 941 -14.78 18.84 -11.99
C LEU C 941 -15.78 19.50 -11.03
N PRO C 942 -16.34 20.64 -11.40
CA PRO C 942 -17.34 21.29 -10.54
C PRO C 942 -18.48 20.37 -10.14
N GLY C 943 -19.14 20.69 -9.02
CA GLY C 943 -20.12 19.84 -8.38
C GLY C 943 -21.24 19.36 -9.25
N VAL C 944 -21.38 18.03 -9.33
CA VAL C 944 -22.44 17.42 -10.11
C VAL C 944 -23.80 17.77 -9.55
N VAL C 945 -23.93 17.82 -8.23
CA VAL C 945 -25.20 18.12 -7.61
C VAL C 945 -25.20 19.55 -7.08
N ASP C 946 -26.41 20.09 -6.91
CA ASP C 946 -26.60 21.44 -6.43
C ASP C 946 -27.52 21.44 -5.22
N ALA C 947 -27.26 22.38 -4.30
CA ALA C 947 -28.10 22.49 -3.11
C ALA C 947 -29.53 22.81 -3.49
N GLU C 948 -29.70 23.71 -4.46
CA GLU C 948 -31.03 24.03 -4.94
C GLU C 948 -31.67 22.80 -5.57
N LYS C 949 -30.87 22.01 -6.30
CA LYS C 949 -31.41 20.78 -6.83
C LYS C 949 -31.84 19.89 -5.68
N LEU C 950 -30.99 19.79 -4.68
CA LEU C 950 -31.37 19.03 -3.50
C LEU C 950 -32.52 19.69 -2.78
N HIS C 951 -32.56 21.03 -2.80
CA HIS C 951 -33.64 21.71 -2.13
C HIS C 951 -34.97 21.32 -2.74
N MET C 952 -35.04 21.38 -4.07
CA MET C 952 -36.29 21.01 -4.70
C MET C 952 -36.51 19.51 -4.62
N TYR C 953 -35.43 18.72 -4.67
CA TYR C 953 -35.57 17.28 -4.50
C TYR C 953 -36.14 16.95 -3.15
N SER C 954 -35.54 17.51 -2.09
CA SER C 954 -36.07 17.28 -0.76
C SER C 954 -37.48 17.80 -0.68
N ALA C 955 -37.70 18.98 -1.26
CA ALA C 955 -39.04 19.56 -1.25
C ALA C 955 -40.02 18.61 -1.91
N SER C 956 -39.68 18.11 -3.09
CA SER C 956 -40.62 17.23 -3.78
C SER C 956 -40.82 15.96 -2.99
N LEU C 957 -39.73 15.34 -2.55
CA LEU C 957 -39.87 14.08 -1.85
C LEU C 957 -40.54 14.27 -0.50
N ILE C 958 -40.26 15.39 0.18
CA ILE C 958 -40.93 15.68 1.43
C ILE C 958 -42.39 16.03 1.19
N GLY C 959 -42.64 16.88 0.20
CA GLY C 959 -44.00 17.31 -0.07
C GLY C 959 -44.92 16.22 -0.56
N GLY C 960 -44.35 15.13 -1.07
CA GLY C 960 -45.19 14.04 -1.54
C GLY C 960 -46.14 13.50 -0.50
N MET C 961 -45.81 13.63 0.78
CA MET C 961 -46.62 13.00 1.81
C MET C 961 -47.99 13.64 1.95
N VAL C 962 -48.10 14.96 1.76
CA VAL C 962 -49.42 15.57 1.80
C VAL C 962 -50.24 15.16 0.59
N LEU C 963 -49.57 14.82 -0.52
CA LEU C 963 -50.26 14.53 -1.76
C LEU C 963 -51.20 13.34 -1.66
N GLY C 964 -52.43 13.54 -2.12
CA GLY C 964 -53.40 12.48 -2.23
C GLY C 964 -53.80 12.27 -3.68
N GLY C 965 -55.09 12.37 -3.97
CA GLY C 965 -55.54 12.29 -5.34
C GLY C 965 -55.14 13.50 -6.16
N PHE C 966 -55.14 13.32 -7.48
CA PHE C 966 -54.81 14.43 -8.36
C PHE C 966 -55.88 15.50 -8.28
N THR C 967 -55.49 16.73 -8.64
CA THR C 967 -56.38 17.89 -8.59
C THR C 967 -56.93 18.11 -7.18
N ALA C 968 -56.17 17.73 -6.17
CA ALA C 968 -56.59 17.98 -4.80
C ALA C 968 -56.74 19.48 -4.57
N ALA C 969 -57.85 19.87 -3.95
CA ALA C 969 -58.10 21.29 -3.71
C ALA C 969 -57.02 21.90 -2.83
N ALA C 970 -56.61 21.18 -1.79
CA ALA C 970 -55.57 21.64 -0.89
C ALA C 970 -54.95 20.43 -0.23
N ALA C 971 -53.79 20.65 0.40
CA ALA C 971 -53.13 19.57 1.13
C ALA C 971 -54.05 19.07 2.23
N LEU C 972 -54.18 17.75 2.31
CA LEU C 972 -55.05 17.16 3.31
C LEU C 972 -54.48 17.41 4.71
N PRO C 973 -55.34 17.44 5.73
CA PRO C 973 -54.84 17.69 7.08
C PRO C 973 -53.78 16.68 7.47
N PHE C 974 -52.71 17.18 8.09
CA PHE C 974 -51.61 16.32 8.47
C PHE C 974 -52.02 15.34 9.56
N SER C 975 -52.83 15.79 10.52
CA SER C 975 -53.34 14.88 11.53
C SER C 975 -54.16 13.77 10.92
N TYR C 976 -54.83 14.05 9.80
CA TYR C 976 -55.55 13.00 9.10
C TYR C 976 -54.58 11.92 8.65
N ALA C 977 -53.43 12.33 8.13
CA ALA C 977 -52.39 11.35 7.83
C ALA C 977 -51.87 10.71 9.09
N VAL C 978 -51.80 11.49 10.18
CA VAL C 978 -51.31 10.94 11.44
C VAL C 978 -52.20 9.79 11.89
N GLN C 979 -53.51 10.03 11.93
CA GLN C 979 -54.40 8.96 12.32
C GLN C 979 -54.47 7.87 11.27
N ALA C 980 -54.17 8.21 10.01
CA ALA C 980 -54.13 7.18 8.98
C ALA C 980 -53.11 6.11 9.32
N ARG C 981 -51.88 6.52 9.61
CA ARG C 981 -50.88 5.54 10.00
C ARG C 981 -51.25 4.91 11.34
N LEU C 982 -51.84 5.71 12.22
CA LEU C 982 -52.24 5.22 13.53
C LEU C 982 -53.26 4.11 13.42
N ASN C 983 -54.23 4.26 12.53
CA ASN C 983 -55.19 3.19 12.36
C ASN C 983 -54.65 2.01 11.55
N TYR C 984 -53.71 2.24 10.62
CA TYR C 984 -53.13 1.11 9.90
C TYR C 984 -52.41 0.15 10.82
N LEU C 985 -51.58 0.67 11.71
CA LEU C 985 -50.81 -0.20 12.59
C LEU C 985 -51.73 -1.04 13.46
N ALA C 986 -52.88 -0.49 13.82
CA ALA C 986 -53.91 -1.24 14.54
C ALA C 986 -55.12 -0.33 14.64
N LEU C 987 -56.27 -0.96 14.85
CA LEU C 987 -57.50 -0.20 15.00
C LEU C 987 -57.51 0.50 16.35
N GLN C 988 -58.08 1.70 16.39
CA GLN C 988 -58.24 2.42 17.64
C GLN C 988 -59.66 2.92 17.75
N THR C 989 -60.33 2.56 18.83
CA THR C 989 -61.66 3.07 19.11
C THR C 989 -61.62 4.47 19.70
N ASP C 990 -60.43 4.92 20.13
CA ASP C 990 -60.30 6.21 20.78
C ASP C 990 -60.39 7.30 19.74
N VAL C 991 -61.51 8.02 19.74
CA VAL C 991 -61.72 9.11 18.80
C VAL C 991 -61.97 10.38 19.60
N LEU C 992 -61.34 10.49 20.77
CA LEU C 992 -61.54 11.67 21.59
C LEU C 992 -60.96 12.93 20.98
N GLN C 993 -60.14 12.78 19.93
CA GLN C 993 -59.48 13.84 19.17
C GLN C 993 -58.45 14.60 19.98
N ARG C 994 -58.31 14.30 21.27
CA ARG C 994 -57.37 15.00 22.14
C ARG C 994 -56.05 14.27 22.32
N ASN C 995 -56.08 12.95 22.27
CA ASN C 995 -54.87 12.17 22.53
C ASN C 995 -53.78 12.50 21.51
N GLN C 996 -54.15 12.54 20.23
CA GLN C 996 -53.20 12.96 19.21
C GLN C 996 -52.77 14.40 19.42
N GLN C 997 -53.65 15.24 19.99
CA GLN C 997 -53.23 16.57 20.38
C GLN C 997 -52.21 16.51 21.50
N LEU C 998 -52.41 15.65 22.49
CA LEU C 998 -51.45 15.52 23.57
C LEU C 998 -50.08 15.15 23.01
N LEU C 999 -50.04 14.23 22.06
CA LEU C 999 -48.79 13.90 21.39
C LEU C 999 -48.25 15.07 20.60
N ALA C 1000 -49.10 16.04 20.24
CA ALA C 1000 -48.67 17.15 19.38
C ALA C 1000 -47.70 18.07 20.12
N GLU C 1001 -48.04 18.49 21.34
CA GLU C 1001 -47.10 19.36 22.04
C GLU C 1001 -45.86 18.59 22.43
N SER C 1002 -46.00 17.28 22.60
CA SER C 1002 -44.80 16.46 22.78
C SER C 1002 -43.92 16.60 21.55
N PHE C 1003 -44.53 16.52 20.37
CA PHE C 1003 -43.76 16.73 19.16
C PHE C 1003 -43.19 18.13 19.11
N ASN C 1004 -44.01 19.12 19.46
CA ASN C 1004 -43.55 20.50 19.44
C ASN C 1004 -42.44 20.75 20.46
N SER C 1005 -42.59 20.17 21.65
CA SER C 1005 -41.54 20.32 22.66
C SER C 1005 -40.27 19.63 22.22
N ALA C 1006 -40.40 18.48 21.58
CA ALA C 1006 -39.26 17.79 21.00
C ALA C 1006 -38.58 18.63 19.93
N ILE C 1007 -39.37 19.30 19.09
CA ILE C 1007 -38.80 20.18 18.09
C ILE C 1007 -37.98 21.28 18.75
N GLY C 1008 -38.46 21.82 19.87
CA GLY C 1008 -37.68 22.85 20.55
C GLY C 1008 -36.34 22.35 21.01
N ASN C 1009 -36.31 21.21 21.70
CA ASN C 1009 -35.03 20.64 22.09
C ASN C 1009 -34.18 20.29 20.89
N ILE C 1010 -34.78 19.74 19.83
CA ILE C 1010 -33.97 19.40 18.67
C ILE C 1010 -33.43 20.67 18.03
N THR C 1011 -34.27 21.69 17.91
CA THR C 1011 -33.82 22.95 17.40
C THR C 1011 -32.72 23.52 18.28
N SER C 1012 -32.93 23.45 19.59
CA SER C 1012 -31.93 23.92 20.54
C SER C 1012 -30.64 23.13 20.42
N ALA C 1013 -30.74 21.81 20.28
CA ALA C 1013 -29.55 20.98 20.25
C ALA C 1013 -28.74 21.19 18.98
N PHE C 1014 -29.36 21.69 17.92
CA PHE C 1014 -28.61 22.00 16.72
C PHE C 1014 -27.47 22.97 16.99
N GLU C 1015 -27.71 23.99 17.79
CA GLU C 1015 -26.72 25.02 18.08
C GLU C 1015 -26.09 24.83 19.45
N SER C 1016 -24.76 24.96 19.51
CA SER C 1016 -24.00 24.93 20.75
C SER C 1016 -24.20 23.62 21.51
N VAL C 1017 -23.70 22.55 20.90
CA VAL C 1017 -23.86 21.22 21.45
C VAL C 1017 -23.15 21.06 22.80
N LYS C 1018 -22.06 21.80 23.00
CA LYS C 1018 -21.21 21.62 24.17
C LYS C 1018 -21.64 22.45 25.39
N GLU C 1019 -22.90 22.89 25.48
CA GLU C 1019 -23.32 23.64 26.64
C GLU C 1019 -23.43 22.75 27.88
N ALA C 1020 -24.37 21.80 27.84
CA ALA C 1020 -24.60 20.87 28.94
C ALA C 1020 -24.79 19.47 28.40
N SER C 1021 -23.93 19.08 27.46
CA SER C 1021 -24.05 17.81 26.78
C SER C 1021 -23.86 16.64 27.73
N SER C 1022 -24.57 15.55 27.45
CA SER C 1022 -24.44 14.31 28.20
C SER C 1022 -24.24 13.17 27.21
N GLN C 1023 -23.60 12.10 27.69
CA GLN C 1023 -23.39 10.95 26.82
C GLN C 1023 -24.72 10.37 26.40
N THR C 1024 -25.67 10.29 27.33
CA THR C 1024 -27.01 9.82 26.97
C THR C 1024 -27.63 10.71 25.90
N SER C 1025 -27.17 11.96 25.79
CA SER C 1025 -27.57 12.83 24.71
C SER C 1025 -26.49 12.93 23.63
N ARG C 1026 -25.41 12.14 23.76
CA ARG C 1026 -24.34 12.12 22.78
C ARG C 1026 -24.09 10.75 22.18
N GLY C 1027 -24.87 9.75 22.55
CA GLY C 1027 -24.71 8.42 22.00
C GLY C 1027 -25.18 8.29 20.56
N LEU C 1028 -25.56 7.07 20.17
CA LEU C 1028 -26.11 6.87 18.85
C LEU C 1028 -27.43 7.61 18.70
N ASN C 1029 -27.74 7.96 17.46
CA ASN C 1029 -29.00 8.62 17.13
C ASN C 1029 -29.08 9.98 17.81
N THR C 1030 -27.93 10.57 18.07
CA THR C 1030 -27.86 11.87 18.71
C THR C 1030 -27.23 12.87 17.75
N VAL C 1031 -27.61 14.13 17.91
CA VAL C 1031 -27.05 15.16 17.05
C VAL C 1031 -25.54 15.20 17.20
N ALA C 1032 -25.06 14.97 18.42
CA ALA C 1032 -23.61 14.94 18.64
C ALA C 1032 -22.98 13.84 17.83
N HIS C 1033 -23.59 12.65 17.85
CA HIS C 1033 -23.09 11.59 16.99
C HIS C 1033 -23.24 11.98 15.54
N ALA C 1034 -24.36 12.65 15.22
CA ALA C 1034 -24.59 13.12 13.87
C ALA C 1034 -23.56 14.16 13.46
N LEU C 1035 -23.31 15.13 14.33
CA LEU C 1035 -22.32 16.15 14.00
C LEU C 1035 -20.93 15.55 13.97
N THR C 1036 -20.71 14.52 14.77
CA THR C 1036 -19.45 13.80 14.67
C THR C 1036 -19.29 13.26 13.27
N LYS C 1037 -20.33 12.60 12.76
CA LYS C 1037 -20.25 12.01 11.44
C LYS C 1037 -20.04 13.08 10.38
N VAL C 1038 -20.83 14.15 10.44
CA VAL C 1038 -20.69 15.20 9.43
C VAL C 1038 -19.32 15.85 9.54
N GLN C 1039 -18.84 16.07 10.75
CA GLN C 1039 -17.54 16.70 10.90
C GLN C 1039 -16.44 15.81 10.33
N GLU C 1040 -16.46 14.53 10.64
CA GLU C 1040 -15.38 13.68 10.15
C GLU C 1040 -15.41 13.54 8.64
N VAL C 1041 -16.60 13.50 8.04
CA VAL C 1041 -16.65 13.34 6.60
C VAL C 1041 -16.17 14.61 5.90
N VAL C 1042 -16.52 15.79 6.44
CA VAL C 1042 -16.06 17.00 5.78
C VAL C 1042 -14.55 17.14 5.92
N ASN C 1043 -14.02 16.76 7.07
CA ASN C 1043 -12.57 16.72 7.20
C ASN C 1043 -11.97 15.67 6.29
N SER C 1044 -12.66 14.53 6.14
CA SER C 1044 -12.19 13.47 5.26
C SER C 1044 -12.08 13.93 3.82
N GLN C 1045 -13.12 14.59 3.32
CA GLN C 1045 -13.09 15.06 1.94
C GLN C 1045 -12.08 16.18 1.77
N GLY C 1046 -11.88 16.97 2.81
CA GLY C 1046 -10.83 17.97 2.78
C GLY C 1046 -9.46 17.37 2.99
N ALA C 1047 -9.04 16.53 2.06
CA ALA C 1047 -7.76 15.83 2.17
C ALA C 1047 -7.46 15.18 0.82
N ALA C 1048 -6.39 14.39 0.79
CA ALA C 1048 -5.98 13.60 -0.37
C ALA C 1048 -5.61 14.46 -1.57
N LEU C 1049 -5.20 15.70 -1.35
CA LEU C 1049 -4.73 16.49 -2.48
C LEU C 1049 -3.42 17.19 -2.16
N THR C 1050 -3.24 17.56 -0.90
CA THR C 1050 -2.04 18.26 -0.49
C THR C 1050 -0.81 17.39 -0.66
N GLN C 1051 -0.92 16.12 -0.30
CA GLN C 1051 0.23 15.24 -0.40
C GLN C 1051 0.69 15.15 -1.84
N LEU C 1052 -0.24 15.29 -2.78
CA LEU C 1052 0.10 15.30 -4.19
C LEU C 1052 1.09 16.40 -4.51
N THR C 1053 0.81 17.60 -3.99
CA THR C 1053 1.76 18.70 -4.08
C THR C 1053 3.07 18.37 -3.41
N VAL C 1054 3.02 17.59 -2.33
CA VAL C 1054 4.22 17.27 -1.58
C VAL C 1054 5.19 16.47 -2.42
N GLN C 1055 4.70 15.40 -3.05
CA GLN C 1055 5.60 14.54 -3.81
C GLN C 1055 6.23 15.29 -4.97
N LEU C 1056 5.44 16.05 -5.72
CA LEU C 1056 5.97 16.77 -6.86
C LEU C 1056 7.02 17.79 -6.44
N GLN C 1057 6.93 18.28 -5.21
CA GLN C 1057 7.92 19.23 -4.72
C GLN C 1057 9.30 18.61 -4.62
N HIS C 1058 9.37 17.33 -4.32
CA HIS C 1058 10.65 16.72 -3.99
C HIS C 1058 11.58 16.60 -5.18
N ASN C 1059 12.87 16.58 -4.88
CA ASN C 1059 13.91 16.15 -5.80
C ASN C 1059 14.39 14.82 -5.24
N PHE C 1060 14.26 13.76 -6.03
CA PHE C 1060 14.64 12.43 -5.60
C PHE C 1060 15.81 11.96 -6.45
N GLN C 1061 16.97 11.82 -5.82
CA GLN C 1061 18.13 11.22 -6.46
C GLN C 1061 18.47 11.94 -7.76
N ALA C 1062 18.55 13.27 -7.68
CA ALA C 1062 18.86 14.07 -8.84
C ALA C 1062 19.51 15.36 -8.40
N ILE C 1063 20.15 16.03 -9.36
CA ILE C 1063 20.89 17.26 -9.04
C ILE C 1063 19.94 18.34 -8.56
N SER C 1064 18.84 18.54 -9.28
CA SER C 1064 17.89 19.56 -8.88
C SER C 1064 16.54 19.22 -9.47
N SER C 1065 15.49 19.70 -8.81
CA SER C 1065 14.15 19.49 -9.33
C SER C 1065 13.88 20.29 -10.60
N SER C 1066 14.72 21.26 -10.93
CA SER C 1066 14.54 22.06 -12.14
C SER C 1066 15.14 21.31 -13.32
N ILE C 1067 14.27 20.71 -14.13
CA ILE C 1067 14.74 19.92 -15.26
C ILE C 1067 15.53 20.78 -16.24
N ASP C 1068 15.03 21.99 -16.50
CA ASP C 1068 15.71 22.88 -17.44
C ASP C 1068 17.07 23.29 -16.95
N ASP C 1069 17.25 23.41 -15.64
CA ASP C 1069 18.54 23.82 -15.12
C ASP C 1069 19.61 22.84 -15.55
N ILE C 1070 19.44 21.58 -15.19
CA ILE C 1070 20.38 20.58 -15.62
C ILE C 1070 20.36 20.51 -17.13
N TYR C 1071 19.16 20.66 -17.71
CA TYR C 1071 19.05 20.63 -19.15
C TYR C 1071 19.99 21.67 -19.74
N SER C 1072 19.96 22.88 -19.18
CA SER C 1072 20.88 23.90 -19.62
C SER C 1072 22.28 23.64 -19.08
N ARG C 1073 22.40 22.96 -17.95
CA ARG C 1073 23.69 22.81 -17.29
C ARG C 1073 24.39 21.50 -17.62
N LEU C 1074 23.81 20.67 -18.47
CA LEU C 1074 24.37 19.35 -18.69
C LEU C 1074 24.00 18.83 -20.07
N ASP C 1075 24.69 17.76 -20.47
CA ASP C 1075 24.42 17.11 -21.74
C ASP C 1075 23.14 16.29 -21.57
N ILE C 1076 22.87 15.42 -22.52
CA ILE C 1076 21.56 14.80 -22.60
C ILE C 1076 21.46 13.56 -21.73
N LEU C 1077 22.42 12.65 -21.86
CA LEU C 1077 22.27 11.29 -21.36
C LEU C 1077 22.13 11.20 -19.84
N SER C 1078 22.91 11.96 -19.09
CA SER C 1078 22.84 11.81 -17.63
C SER C 1078 21.51 12.30 -17.10
N ALA C 1079 21.08 13.48 -17.57
CA ALA C 1079 19.79 14.03 -17.17
C ALA C 1079 18.67 13.09 -17.54
N ASP C 1080 18.82 12.38 -18.64
CA ASP C 1080 17.83 11.41 -19.06
C ASP C 1080 17.65 10.34 -17.99
N VAL C 1081 18.75 9.89 -17.39
CA VAL C 1081 18.64 8.89 -16.34
C VAL C 1081 17.84 9.43 -15.18
N GLN C 1082 18.19 10.64 -14.74
CA GLN C 1082 17.52 11.23 -13.59
C GLN C 1082 16.05 11.52 -13.88
N VAL C 1083 15.73 12.04 -15.07
CA VAL C 1083 14.33 12.31 -15.34
C VAL C 1083 13.54 11.03 -15.40
N ASP C 1084 14.15 9.94 -15.85
CA ASP C 1084 13.46 8.66 -15.83
C ASP C 1084 13.13 8.31 -14.39
N ARG C 1085 14.11 8.46 -13.51
CA ARG C 1085 13.86 8.25 -12.09
C ARG C 1085 12.69 9.12 -11.68
N LEU C 1086 12.78 10.39 -12.02
CA LEU C 1086 11.81 11.37 -11.56
C LEU C 1086 10.42 11.06 -12.08
N ILE C 1087 10.31 10.78 -13.38
CA ILE C 1087 9.00 10.47 -13.93
C ILE C 1087 8.45 9.19 -13.32
N THR C 1088 9.32 8.20 -13.13
CA THR C 1088 8.90 6.97 -12.48
C THR C 1088 8.40 7.25 -11.07
N GLY C 1089 9.10 8.11 -10.35
CA GLY C 1089 8.66 8.45 -9.01
C GLY C 1089 7.28 9.07 -8.99
N ARG C 1090 7.04 10.08 -9.84
CA ARG C 1090 5.72 10.70 -9.85
C ARG C 1090 4.65 9.72 -10.30
N LEU C 1091 4.93 8.92 -11.32
CA LEU C 1091 3.90 8.02 -11.82
C LEU C 1091 3.55 6.96 -10.78
N SER C 1092 4.55 6.41 -10.11
CA SER C 1092 4.29 5.43 -9.08
C SER C 1092 3.45 6.00 -7.94
N ALA C 1093 3.75 7.22 -7.52
CA ALA C 1093 2.95 7.83 -6.45
C ALA C 1093 1.49 7.97 -6.87
N LEU C 1094 1.26 8.44 -8.10
CA LEU C 1094 -0.11 8.68 -8.53
C LEU C 1094 -0.86 7.39 -8.84
N ASN C 1095 -0.15 6.34 -9.25
CA ASN C 1095 -0.84 5.05 -9.37
C ASN C 1095 -1.35 4.60 -8.01
N ALA C 1096 -0.54 4.73 -6.97
CA ALA C 1096 -1.04 4.40 -5.66
C ALA C 1096 -2.22 5.30 -5.31
N PHE C 1097 -2.10 6.58 -5.64
CA PHE C 1097 -3.16 7.53 -5.36
C PHE C 1097 -4.45 7.21 -6.10
N VAL C 1098 -4.34 6.93 -7.39
CA VAL C 1098 -5.58 6.69 -8.12
C VAL C 1098 -6.24 5.40 -7.64
N ALA C 1099 -5.44 4.40 -7.27
CA ALA C 1099 -6.00 3.15 -6.76
C ALA C 1099 -6.76 3.36 -5.46
N GLN C 1100 -6.18 4.09 -4.52
CA GLN C 1100 -6.87 4.30 -3.26
C GLN C 1100 -8.12 5.14 -3.46
N THR C 1101 -8.05 6.13 -4.34
CA THR C 1101 -9.24 6.94 -4.60
C THR C 1101 -10.37 6.11 -5.20
N LEU C 1102 -10.05 5.25 -6.16
CA LEU C 1102 -11.08 4.39 -6.73
C LEU C 1102 -11.54 3.36 -5.72
N THR C 1103 -10.68 3.03 -4.77
CA THR C 1103 -11.09 2.17 -3.67
C THR C 1103 -12.16 2.84 -2.83
N LYS C 1104 -11.93 4.10 -2.45
CA LYS C 1104 -13.02 4.83 -1.80
C LYS C 1104 -14.24 4.83 -2.69
N TYR C 1105 -14.01 4.95 -4.00
CA TYR C 1105 -15.12 4.99 -4.95
C TYR C 1105 -15.92 3.71 -4.91
N THR C 1106 -15.24 2.58 -4.92
CA THR C 1106 -15.94 1.31 -4.88
C THR C 1106 -16.73 1.15 -3.58
N GLU C 1107 -16.09 1.43 -2.45
CA GLU C 1107 -16.79 1.22 -1.18
C GLU C 1107 -17.96 2.18 -1.03
N VAL C 1108 -17.81 3.40 -1.53
CA VAL C 1108 -18.91 4.35 -1.41
C VAL C 1108 -20.02 4.01 -2.38
N GLN C 1109 -19.71 3.40 -3.52
CA GLN C 1109 -20.77 2.93 -4.38
C GLN C 1109 -21.65 1.94 -3.63
N ALA C 1110 -21.04 0.98 -2.94
CA ALA C 1110 -21.83 0.05 -2.15
C ALA C 1110 -22.60 0.79 -1.07
N SER C 1111 -21.90 1.67 -0.35
CA SER C 1111 -22.53 2.42 0.74
C SER C 1111 -23.64 3.31 0.20
N ARG C 1112 -23.40 3.93 -0.95
CA ARG C 1112 -24.42 4.76 -1.57
C ARG C 1112 -25.65 3.94 -1.94
N LYS C 1113 -25.43 2.73 -2.45
CA LYS C 1113 -26.54 1.84 -2.73
C LYS C 1113 -27.38 1.60 -1.48
N LEU C 1114 -26.75 1.19 -0.38
CA LEU C 1114 -27.47 0.89 0.85
C LEU C 1114 -28.34 2.05 1.32
N ALA C 1115 -27.77 3.25 1.40
CA ALA C 1115 -28.55 4.41 1.80
C ALA C 1115 -29.73 4.65 0.88
N GLN C 1116 -29.60 4.28 -0.38
CA GLN C 1116 -30.70 4.46 -1.33
C GLN C 1116 -31.92 3.68 -0.91
N GLN C 1117 -31.76 2.41 -0.56
CA GLN C 1117 -32.90 1.66 -0.02
C GLN C 1117 -33.47 2.35 1.20
N LYS C 1118 -32.61 2.68 2.18
CA LYS C 1118 -33.06 3.26 3.43
C LYS C 1118 -34.15 4.30 3.22
N VAL C 1119 -33.92 5.24 2.32
CA VAL C 1119 -34.96 6.24 2.06
C VAL C 1119 -36.20 5.55 1.49
N ASN C 1120 -36.01 4.66 0.52
CA ASN C 1120 -37.17 4.03 -0.10
C ASN C 1120 -38.06 3.41 0.96
N GLU C 1121 -37.56 2.40 1.66
CA GLU C 1121 -38.39 1.81 2.69
C GLU C 1121 -38.81 2.88 3.70
N CYS C 1122 -37.88 3.34 4.53
CA CYS C 1122 -38.28 4.06 5.72
C CYS C 1122 -39.11 5.28 5.36
N VAL C 1123 -38.78 5.93 4.24
CA VAL C 1123 -39.47 7.15 3.88
C VAL C 1123 -40.60 6.87 2.90
N LYS C 1124 -40.24 6.34 1.74
CA LYS C 1124 -41.21 6.22 0.67
C LYS C 1124 -42.33 5.29 1.10
N SER C 1125 -42.00 4.32 1.95
CA SER C 1125 -43.01 3.40 2.43
C SER C 1125 -43.00 3.33 3.95
N GLN C 1126 -43.77 2.39 4.50
CA GLN C 1126 -43.94 2.23 5.94
C GLN C 1126 -43.38 0.88 6.33
N SER C 1127 -42.37 0.87 7.19
CA SER C 1127 -41.71 -0.37 7.55
C SER C 1127 -42.47 -1.09 8.65
N GLN C 1128 -42.55 -2.41 8.52
CA GLN C 1128 -43.12 -3.25 9.55
C GLN C 1128 -42.04 -3.86 10.42
N ARG C 1129 -40.78 -3.56 10.14
CA ARG C 1129 -39.69 -4.08 10.93
C ARG C 1129 -39.62 -3.38 12.27
N TYR C 1130 -39.15 -4.10 13.27
CA TYR C 1130 -39.04 -3.56 14.63
C TYR C 1130 -37.63 -3.00 14.75
N GLY C 1131 -37.49 -1.69 14.58
CA GLY C 1131 -36.21 -1.04 14.75
C GLY C 1131 -35.32 -0.99 13.54
N PHE C 1132 -35.82 -1.35 12.36
CA PHE C 1132 -34.98 -1.26 11.16
C PHE C 1132 -34.52 0.17 10.93
N CYS C 1133 -35.46 1.12 10.96
CA CYS C 1133 -35.13 2.53 10.79
C CYS C 1133 -34.68 3.04 12.14
N GLY C 1134 -33.37 3.02 12.37
CA GLY C 1134 -32.82 3.49 13.62
C GLY C 1134 -32.67 2.40 14.66
N GLY C 1135 -33.78 1.94 15.22
CA GLY C 1135 -33.76 0.86 16.19
C GLY C 1135 -34.64 1.09 17.41
N ASP C 1136 -35.09 -0.02 18.00
CA ASP C 1136 -35.79 -0.05 19.29
C ASP C 1136 -36.87 1.04 19.41
N GLY C 1137 -37.85 0.95 18.52
CA GLY C 1137 -38.97 1.87 18.57
C GLY C 1137 -39.99 1.52 17.51
N GLU C 1138 -41.11 2.24 17.55
CA GLU C 1138 -42.16 2.09 16.54
C GLU C 1138 -42.23 3.35 15.71
N HIS C 1139 -41.84 3.21 14.44
CA HIS C 1139 -41.66 4.34 13.55
C HIS C 1139 -42.99 5.02 13.23
N ILE C 1140 -42.94 6.33 13.10
CA ILE C 1140 -44.08 7.11 12.63
C ILE C 1140 -43.80 7.67 11.25
N PHE C 1141 -42.73 8.44 11.12
CA PHE C 1141 -42.21 8.89 9.85
C PHE C 1141 -40.85 9.49 10.17
N SER C 1142 -40.20 10.02 9.16
CA SER C 1142 -38.90 10.61 9.39
C SER C 1142 -38.73 11.79 8.44
N LEU C 1143 -38.29 12.92 8.97
CA LEU C 1143 -38.02 14.05 8.12
C LEU C 1143 -36.60 13.89 7.60
N VAL C 1144 -36.47 13.86 6.30
CA VAL C 1144 -35.22 13.59 5.64
C VAL C 1144 -34.74 14.88 5.04
N GLN C 1145 -33.50 15.24 5.34
CA GLN C 1145 -32.96 16.44 4.76
C GLN C 1145 -31.57 16.13 4.27
N ALA C 1146 -30.88 17.17 3.86
CA ALA C 1146 -29.60 17.07 3.21
C ALA C 1146 -28.60 17.93 3.96
N ALA C 1147 -27.36 17.73 3.57
CA ALA C 1147 -26.22 18.45 4.10
C ALA C 1147 -25.19 18.41 3.01
N PRO C 1148 -24.10 19.19 3.11
CA PRO C 1148 -23.17 19.24 1.99
C PRO C 1148 -22.76 17.85 1.53
N GLN C 1149 -23.22 17.54 0.32
CA GLN C 1149 -22.89 16.32 -0.41
C GLN C 1149 -23.47 15.06 0.25
N GLY C 1150 -24.52 15.18 1.05
CA GLY C 1150 -25.13 14.02 1.66
C GLY C 1150 -26.56 14.27 2.09
N LEU C 1151 -27.22 13.18 2.51
CA LEU C 1151 -28.60 13.19 3.00
C LEU C 1151 -28.70 12.57 4.39
N LEU C 1152 -29.65 13.09 5.16
CA LEU C 1152 -29.77 12.82 6.59
C LEU C 1152 -31.19 12.42 6.96
N PHE C 1153 -31.31 11.64 8.04
CA PHE C 1153 -32.59 11.18 8.53
C PHE C 1153 -32.82 11.66 9.96
N LEU C 1154 -34.03 12.11 10.24
CA LEU C 1154 -34.53 12.36 11.59
C LEU C 1154 -35.79 11.52 11.78
N HIS C 1155 -35.69 10.48 12.59
CA HIS C 1155 -36.74 9.48 12.70
C HIS C 1155 -37.75 9.88 13.77
N THR C 1156 -38.95 10.28 13.34
CA THR C 1156 -40.03 10.55 14.28
C THR C 1156 -40.65 9.21 14.70
N VAL C 1157 -40.53 8.89 15.98
CA VAL C 1157 -40.89 7.58 16.50
C VAL C 1157 -41.74 7.71 17.75
N LEU C 1158 -42.77 6.89 17.84
CA LEU C 1158 -43.62 6.85 19.01
C LEU C 1158 -42.84 6.23 20.17
N VAL C 1159 -43.20 6.60 21.40
CA VAL C 1159 -42.43 6.12 22.55
C VAL C 1159 -43.34 5.63 23.65
N PRO C 1160 -43.11 4.42 24.17
CA PRO C 1160 -43.96 3.92 25.25
C PRO C 1160 -43.51 4.43 26.61
N SER C 1161 -44.48 4.76 27.41
CA SER C 1161 -44.26 5.35 28.72
C SER C 1161 -44.96 4.59 29.84
N ASP C 1162 -46.17 4.11 29.60
CA ASP C 1162 -46.96 3.39 30.59
C ASP C 1162 -47.22 1.96 30.13
N PHE C 1163 -47.59 1.12 31.09
CA PHE C 1163 -47.77 -0.31 30.86
C PHE C 1163 -49.05 -0.73 31.55
N VAL C 1164 -50.01 -1.22 30.77
CA VAL C 1164 -51.28 -1.70 31.31
C VAL C 1164 -51.15 -3.15 31.72
N ASP C 1165 -51.42 -3.41 33.00
CA ASP C 1165 -51.37 -4.76 33.57
C ASP C 1165 -52.77 -5.34 33.52
N VAL C 1166 -52.95 -6.39 32.73
CA VAL C 1166 -54.26 -6.99 32.53
C VAL C 1166 -54.13 -8.50 32.67
N ILE C 1167 -55.28 -9.14 32.83
CA ILE C 1167 -55.34 -10.57 33.07
C ILE C 1167 -55.58 -11.25 31.73
N ALA C 1168 -54.84 -12.31 31.46
CA ALA C 1168 -54.98 -13.03 30.21
C ALA C 1168 -55.78 -14.31 30.40
N ILE C 1169 -56.50 -14.69 29.36
CA ILE C 1169 -57.32 -15.89 29.36
C ILE C 1169 -56.69 -16.89 28.42
N ALA C 1170 -56.58 -18.15 28.86
CA ALA C 1170 -56.01 -19.17 28.00
C ALA C 1170 -56.95 -19.49 26.84
N GLY C 1171 -58.22 -19.73 27.14
CA GLY C 1171 -59.16 -20.07 26.09
C GLY C 1171 -60.50 -20.50 26.65
N LEU C 1172 -61.42 -20.79 25.72
CA LEU C 1172 -62.77 -21.16 26.05
C LEU C 1172 -63.12 -22.54 25.51
N CYS C 1173 -63.86 -23.31 26.30
CA CYS C 1173 -64.51 -24.54 25.88
C CYS C 1173 -65.92 -24.53 26.42
N VAL C 1174 -66.88 -24.95 25.60
CA VAL C 1174 -68.29 -24.95 25.97
C VAL C 1174 -68.87 -26.33 25.67
N ASN C 1175 -69.73 -26.79 26.57
CA ASN C 1175 -70.40 -28.09 26.46
C ASN C 1175 -69.42 -29.23 26.35
N ASP C 1176 -68.15 -28.99 26.70
CA ASP C 1176 -67.08 -29.98 26.55
C ASP C 1176 -67.06 -30.55 25.13
N GLU C 1177 -67.58 -29.79 24.19
CA GLU C 1177 -67.69 -30.17 22.79
C GLU C 1177 -67.10 -29.14 21.86
N ILE C 1178 -67.28 -27.86 22.16
CA ILE C 1178 -66.86 -26.77 21.29
C ILE C 1178 -65.76 -25.99 22.00
N ALA C 1179 -64.63 -25.84 21.33
CA ALA C 1179 -63.49 -25.09 21.86
C ALA C 1179 -63.41 -23.78 21.10
N LEU C 1180 -63.80 -22.70 21.76
CA LEU C 1180 -63.77 -21.38 21.14
C LEU C 1180 -62.37 -20.82 21.26
N THR C 1181 -61.74 -20.55 20.13
CA THR C 1181 -60.31 -20.24 20.12
C THR C 1181 -60.01 -19.08 19.19
N LEU C 1182 -58.82 -18.52 19.39
CA LEU C 1182 -58.33 -17.37 18.64
C LEU C 1182 -57.94 -17.75 17.22
N ARG C 1183 -57.98 -16.76 16.33
CA ARG C 1183 -57.58 -16.93 14.95
C ARG C 1183 -56.34 -16.11 14.61
N GLU C 1184 -56.38 -14.80 14.83
CA GLU C 1184 -55.25 -13.94 14.47
C GLU C 1184 -54.35 -13.73 15.68
N PRO C 1185 -53.10 -14.17 15.64
CA PRO C 1185 -52.25 -14.12 16.85
C PRO C 1185 -52.03 -12.71 17.40
N GLY C 1186 -52.03 -11.69 16.55
CA GLY C 1186 -51.78 -10.34 17.03
C GLY C 1186 -52.76 -9.91 18.10
N LEU C 1187 -54.04 -10.19 17.88
CA LEU C 1187 -55.04 -9.89 18.88
C LEU C 1187 -54.94 -10.89 20.02
N VAL C 1188 -55.64 -10.60 21.11
CA VAL C 1188 -55.69 -11.53 22.24
C VAL C 1188 -56.95 -11.24 23.04
N LEU C 1189 -57.58 -12.30 23.52
CA LEU C 1189 -58.69 -12.18 24.44
C LEU C 1189 -58.19 -11.98 25.86
N PHE C 1190 -59.05 -11.42 26.69
CA PHE C 1190 -58.68 -11.15 28.07
C PHE C 1190 -59.92 -10.77 28.84
N THR C 1191 -59.74 -10.63 30.14
CA THR C 1191 -60.82 -10.28 31.06
C THR C 1191 -60.31 -9.19 31.98
N HIS C 1192 -60.77 -7.96 31.75
CA HIS C 1192 -60.47 -6.88 32.68
C HIS C 1192 -61.18 -7.13 34.00
N GLU C 1193 -60.46 -6.90 35.11
CA GLU C 1193 -60.96 -7.18 36.44
C GLU C 1193 -61.15 -8.67 36.66
N LEU C 1194 -61.71 -9.06 37.81
CA LEU C 1194 -61.90 -10.48 38.13
C LEU C 1194 -63.32 -10.77 38.58
N GLN C 1195 -63.55 -12.00 39.07
CA GLN C 1195 -64.87 -12.44 39.53
C GLN C 1195 -65.15 -12.07 40.98
N ASN C 1196 -64.47 -11.05 41.51
CA ASN C 1196 -64.64 -10.69 42.92
C ASN C 1196 -66.07 -10.28 43.21
N HIS C 1197 -66.69 -9.50 42.31
CA HIS C 1197 -68.06 -9.01 42.49
C HIS C 1197 -68.92 -9.35 41.28
N THR C 1198 -68.69 -10.51 40.66
CA THR C 1198 -69.45 -10.97 39.50
C THR C 1198 -69.42 -9.93 38.38
N ALA C 1199 -68.21 -9.54 37.98
CA ALA C 1199 -68.02 -8.58 36.90
C ALA C 1199 -66.70 -8.94 36.20
N THR C 1200 -66.80 -9.75 35.17
CA THR C 1200 -65.64 -10.20 34.38
C THR C 1200 -65.78 -9.64 32.97
N GLU C 1201 -64.94 -8.66 32.64
CA GLU C 1201 -65.11 -7.90 31.40
C GLU C 1201 -64.28 -8.54 30.31
N TYR C 1202 -64.93 -9.39 29.51
CA TYR C 1202 -64.23 -10.12 28.45
C TYR C 1202 -64.10 -9.22 27.24
N PHE C 1203 -62.87 -8.81 26.93
CA PHE C 1203 -62.56 -8.06 25.73
C PHE C 1203 -61.46 -8.75 24.94
N VAL C 1204 -61.17 -8.16 23.78
CA VAL C 1204 -60.07 -8.59 22.93
C VAL C 1204 -59.35 -7.33 22.47
N SER C 1205 -58.02 -7.42 22.40
CA SER C 1205 -57.20 -6.32 21.91
C SER C 1205 -55.87 -6.88 21.44
N SER C 1206 -55.12 -6.03 20.75
CA SER C 1206 -53.78 -6.42 20.35
C SER C 1206 -52.92 -6.64 21.58
N ARG C 1207 -51.99 -7.58 21.46
CA ARG C 1207 -51.02 -7.77 22.52
C ARG C 1207 -50.12 -6.54 22.63
N ARG C 1208 -49.71 -5.98 21.50
CA ARG C 1208 -48.75 -4.89 21.52
C ARG C 1208 -49.39 -3.59 22.01
N MET C 1209 -50.62 -3.32 21.59
CA MET C 1209 -51.28 -2.08 21.93
C MET C 1209 -52.53 -2.31 22.77
N PHE C 1210 -52.85 -1.30 23.58
CA PHE C 1210 -53.93 -1.38 24.55
C PHE C 1210 -55.16 -0.64 24.03
N GLU C 1211 -56.02 -1.38 23.32
CA GLU C 1211 -57.29 -0.86 22.81
C GLU C 1211 -58.40 -1.84 23.12
N PRO C 1212 -58.83 -1.91 24.38
CA PRO C 1212 -59.86 -2.86 24.77
C PRO C 1212 -61.18 -2.59 24.04
N ARG C 1213 -61.89 -3.68 23.75
CA ARG C 1213 -63.15 -3.59 23.04
C ARG C 1213 -63.84 -4.95 23.12
N LYS C 1214 -65.16 -4.93 22.98
CA LYS C 1214 -65.90 -6.17 23.06
C LYS C 1214 -65.66 -7.04 21.82
N PRO C 1215 -65.53 -8.35 21.99
CA PRO C 1215 -65.32 -9.24 20.84
C PRO C 1215 -66.60 -9.67 20.16
N THR C 1216 -66.47 -10.49 19.12
CA THR C 1216 -67.58 -11.07 18.39
C THR C 1216 -67.28 -12.53 18.11
N VAL C 1217 -68.34 -13.33 17.96
CA VAL C 1217 -68.16 -14.76 17.73
C VAL C 1217 -67.40 -14.99 16.44
N SER C 1218 -67.75 -14.26 15.38
CA SER C 1218 -67.09 -14.44 14.10
C SER C 1218 -65.60 -14.12 14.18
N ASP C 1219 -65.19 -13.38 15.21
CA ASP C 1219 -63.79 -13.06 15.40
C ASP C 1219 -62.98 -14.26 15.86
N PHE C 1220 -63.63 -15.35 16.23
CA PHE C 1220 -62.95 -16.49 16.83
C PHE C 1220 -63.09 -17.71 15.94
N VAL C 1221 -62.53 -18.81 16.40
CA VAL C 1221 -62.62 -20.08 15.68
C VAL C 1221 -63.01 -21.17 16.67
N GLN C 1222 -63.46 -22.29 16.12
CA GLN C 1222 -63.97 -23.41 16.89
C GLN C 1222 -63.08 -24.62 16.70
N ILE C 1223 -62.87 -25.36 17.79
CA ILE C 1223 -62.11 -26.60 17.75
C ILE C 1223 -62.94 -27.70 18.41
N GLU C 1224 -62.74 -28.93 17.96
CA GLU C 1224 -63.46 -30.09 18.48
C GLU C 1224 -62.72 -30.79 19.60
N SER C 1225 -61.58 -30.27 20.03
CA SER C 1225 -60.79 -30.87 21.09
C SER C 1225 -60.55 -29.83 22.16
N CYS C 1226 -60.48 -30.28 23.40
CA CYS C 1226 -60.37 -29.37 24.53
C CYS C 1226 -59.27 -29.83 25.47
N VAL C 1227 -58.66 -28.86 26.16
CA VAL C 1227 -57.67 -29.13 27.19
C VAL C 1227 -58.01 -28.29 28.41
N VAL C 1228 -57.35 -28.62 29.52
CA VAL C 1228 -57.64 -28.01 30.81
C VAL C 1228 -57.51 -26.50 30.75
N THR C 1229 -56.75 -25.98 29.79
CA THR C 1229 -56.53 -24.54 29.70
C THR C 1229 -57.78 -23.76 29.35
N TYR C 1230 -58.84 -24.42 28.94
CA TYR C 1230 -60.03 -23.72 28.51
C TYR C 1230 -61.02 -23.56 29.65
N VAL C 1231 -61.60 -22.37 29.74
CA VAL C 1231 -62.62 -22.10 30.74
C VAL C 1231 -63.93 -22.75 30.32
N ASN C 1232 -64.64 -23.31 31.28
CA ASN C 1232 -65.86 -24.04 31.03
C ASN C 1232 -67.05 -23.11 31.11
N LEU C 1233 -67.90 -23.17 30.09
CA LEU C 1233 -69.09 -22.33 30.05
C LEU C 1233 -70.28 -23.14 29.57
N THR C 1234 -71.46 -22.57 29.75
CA THR C 1234 -72.69 -23.20 29.29
C THR C 1234 -73.26 -22.45 28.10
N ARG C 1235 -74.27 -23.05 27.48
CA ARG C 1235 -74.89 -22.45 26.31
C ARG C 1235 -75.56 -21.13 26.67
N ASP C 1236 -76.20 -21.06 27.84
CA ASP C 1236 -76.79 -19.82 28.28
C ASP C 1236 -75.75 -18.73 28.43
N GLN C 1237 -74.53 -19.11 28.81
CA GLN C 1237 -73.46 -18.13 28.96
C GLN C 1237 -72.88 -17.70 27.63
N LEU C 1238 -73.17 -18.42 26.55
CA LEU C 1238 -72.66 -18.02 25.25
C LEU C 1238 -73.14 -16.64 24.85
N PRO C 1239 -74.45 -16.31 24.93
CA PRO C 1239 -74.83 -14.92 24.70
C PRO C 1239 -74.25 -13.97 25.74
N ASP C 1240 -74.05 -14.44 26.97
CA ASP C 1240 -73.55 -13.55 28.01
C ASP C 1240 -72.13 -13.08 27.71
N VAL C 1241 -71.23 -14.01 27.43
CA VAL C 1241 -69.85 -13.62 27.14
C VAL C 1241 -69.78 -12.87 25.82
N ILE C 1242 -70.52 -13.34 24.82
CA ILE C 1242 -70.58 -12.63 23.55
C ILE C 1242 -72.04 -12.35 23.23
N PRO C 1243 -72.53 -11.13 23.49
CA PRO C 1243 -73.90 -10.81 23.09
C PRO C 1243 -74.12 -10.98 21.61
N ASP C 1244 -73.05 -10.84 20.83
CA ASP C 1244 -73.14 -11.06 19.39
C ASP C 1244 -73.50 -12.50 19.06
N TYR C 1245 -73.32 -13.42 20.00
CA TYR C 1245 -73.69 -14.80 19.74
C TYR C 1245 -75.20 -14.91 19.58
N ILE C 1246 -75.62 -15.69 18.59
CA ILE C 1246 -77.03 -15.91 18.31
C ILE C 1246 -77.27 -17.40 18.19
N ASP C 1247 -78.26 -17.90 18.91
CA ASP C 1247 -78.68 -19.29 18.79
C ASP C 1247 -79.84 -19.40 17.79
N VAL C 1248 -79.97 -20.58 17.21
CA VAL C 1248 -80.98 -20.84 16.19
C VAL C 1248 -81.99 -21.89 16.63
N ASN C 1249 -81.53 -22.98 17.25
CA ASN C 1249 -82.44 -24.05 17.61
C ASN C 1249 -83.35 -23.66 18.77
N LYS C 1250 -82.76 -23.20 19.86
CA LYS C 1250 -83.54 -22.84 21.04
C LYS C 1250 -84.40 -21.62 20.77
N THR C 1251 -83.87 -20.66 20.02
CA THR C 1251 -84.65 -19.47 19.70
C THR C 1251 -85.89 -19.82 18.88
N ARG C 1252 -85.77 -20.77 17.96
CA ARG C 1252 -86.95 -21.20 17.23
C ARG C 1252 -87.95 -21.86 18.18
N ASP C 1253 -87.45 -22.60 19.17
CA ASP C 1253 -88.32 -23.27 20.13
C ASP C 1253 -89.17 -22.28 20.91
N GLU C 1254 -88.78 -21.02 20.95
CA GLU C 1254 -89.56 -19.98 21.62
C GLU C 1254 -90.95 -19.87 21.02
C1 NAG D . 30.81 -15.53 10.73
C2 NAG D . 29.99 -16.69 10.18
C3 NAG D . 30.89 -17.70 9.48
C4 NAG D . 31.77 -17.02 8.45
C5 NAG D . 32.53 -15.87 9.09
C6 NAG D . 33.32 -15.07 8.09
C7 NAG D . 27.92 -17.06 11.46
C8 NAG D . 27.28 -16.07 10.54
N2 NAG D . 29.22 -17.32 11.23
O3 NAG D . 30.08 -18.69 8.85
O4 NAG D . 32.70 -17.96 7.92
O5 NAG D . 31.59 -14.95 9.69
O6 NAG D . 32.70 -15.07 6.81
O7 NAG D . 27.30 -17.60 12.37
C1 NAG D . 32.36 -18.20 6.54
C2 NAG D . 33.67 -18.35 5.79
C3 NAG D . 33.40 -18.65 4.33
C4 NAG D . 32.45 -19.82 4.17
C5 NAG D . 31.21 -19.63 5.04
C6 NAG D . 30.34 -20.87 5.06
C7 NAG D . 35.73 -17.20 6.40
C8 NAG D . 36.45 -15.89 6.47
N2 NAG D . 34.49 -17.17 5.93
O3 NAG D . 34.63 -18.94 3.68
O4 NAG D . 32.01 -19.87 2.82
O5 NAG D . 31.59 -19.38 6.40
O6 NAG D . 31.10 -22.02 4.77
O7 NAG D . 36.27 -18.24 6.75
C1 BMA D . 32.69 -20.91 2.10
C2 BMA D . 31.59 -21.78 1.50
C3 BMA D . 32.13 -22.79 0.50
C4 BMA D . 33.30 -22.24 -0.38
C5 BMA D . 34.26 -21.36 0.43
C6 BMA D . 35.28 -20.65 -0.45
O2 BMA D . 30.69 -20.97 0.76
O3 BMA D . 31.04 -23.24 -0.31
O4 BMA D . 34.05 -23.30 -0.94
O5 BMA D . 33.52 -20.38 1.11
O6 BMA D . 34.83 -20.68 -1.79
C1 MAN D . 31.34 -24.50 -0.94
C2 MAN D . 30.01 -25.16 -1.39
C3 MAN D . 30.21 -26.65 -1.59
C4 MAN D . 31.69 -26.97 -1.84
C5 MAN D . 32.48 -26.61 -0.57
C6 MAN D . 33.98 -26.53 -0.81
O2 MAN D . 29.61 -24.66 -2.66
O3 MAN D . 29.41 -27.15 -2.65
O4 MAN D . 31.84 -28.34 -2.13
O5 MAN D . 32.05 -25.34 -0.04
O6 MAN D . 34.21 -25.56 -1.82
C1 MAN D . 35.85 -21.20 -2.66
C2 MAN D . 36.17 -20.12 -3.70
C3 MAN D . 35.00 -19.97 -4.68
C4 MAN D . 34.58 -21.32 -5.24
C5 MAN D . 34.24 -22.27 -4.09
C6 MAN D . 33.87 -23.66 -4.55
O2 MAN D . 37.28 -20.50 -4.52
O3 MAN D . 35.30 -19.06 -5.74
O4 MAN D . 33.45 -21.18 -6.07
O5 MAN D . 35.40 -22.40 -3.24
O6 MAN D . 33.29 -24.34 -3.46
C1 NAG E . 51.86 -14.47 -26.16
C2 NAG E . 52.80 -14.66 -27.37
C3 NAG E . 54.03 -15.47 -27.00
C4 NAG E . 53.62 -16.82 -26.43
C5 NAG E . 52.72 -16.64 -25.21
C6 NAG E . 53.43 -16.10 -23.99
C7 NAG E . 51.98 -14.65 -29.68
C8 NAG E . 52.59 -13.29 -29.78
N2 NAG E . 52.11 -15.26 -28.49
O3 NAG E . 54.86 -14.74 -26.11
O4 NAG E . 52.79 -17.46 -27.39
O5 NAG E . 51.61 -15.76 -25.48
O6 NAG E . 54.84 -16.26 -24.08
O7 NAG E . 51.38 -15.17 -30.60
C1 NAG E . 53.41 -18.43 -28.24
C2 NAG E . 52.96 -19.81 -27.78
C3 NAG E . 53.40 -20.90 -28.77
C4 NAG E . 52.92 -20.54 -30.17
C5 NAG E . 53.48 -19.17 -30.54
C6 NAG E . 53.02 -18.69 -31.89
C7 NAG E . 52.71 -20.60 -25.47
C8 NAG E . 51.26 -20.83 -25.81
N2 NAG E . 53.47 -20.11 -26.45
O3 NAG E . 52.84 -22.14 -28.37
O4 NAG E . 53.25 -21.51 -31.16
O5 NAG E . 53.01 -18.21 -29.59
O6 NAG E . 52.88 -17.28 -31.93
O7 NAG E . 53.16 -20.84 -24.36
C1 BMA E . 54.51 -22.20 -31.00
C2 BMA E . 54.18 -23.70 -30.81
C3 BMA E . 55.45 -24.55 -30.89
C4 BMA E . 56.26 -24.20 -32.14
C5 BMA E . 56.57 -22.70 -32.14
C6 BMA E . 57.38 -22.27 -33.34
O2 BMA E . 53.33 -24.16 -31.85
O3 BMA E . 55.15 -25.94 -30.87
O4 BMA E . 57.47 -24.94 -32.16
O5 BMA E . 55.33 -21.99 -32.15
O6 BMA E . 56.61 -22.52 -34.51
C1 NAG F . 63.30 -10.23 -13.69
C2 NAG F . 63.88 -10.69 -15.02
C3 NAG F . 64.00 -9.51 -15.97
C4 NAG F . 64.91 -8.44 -15.38
C5 NAG F . 64.47 -8.02 -13.98
C6 NAG F . 63.32 -7.05 -13.97
C7 NAG F . 65.28 -12.65 -14.59
C8 NAG F . 66.68 -13.16 -14.40
N2 NAG F . 65.17 -11.34 -14.83
O3 NAG F . 62.71 -8.99 -16.26
O4 NAG F . 66.25 -8.96 -15.32
O5 NAG F . 64.10 -9.14 -13.14
O6 NAG F . 63.45 -6.10 -12.92
O7 NAG F . 64.30 -13.38 -14.53
C1 NAG F . 67.16 -8.33 -16.26
C2 NAG F . 66.97 -8.95 -17.66
C3 NAG F . 67.95 -8.30 -18.65
C4 NAG F . 67.79 -6.79 -18.62
C5 NAG F . 67.93 -6.26 -17.19
C6 NAG F . 67.68 -4.77 -17.09
C7 NAG F . 66.25 -11.25 -18.11
C8 NAG F . 66.59 -12.70 -18.00
N2 NAG F . 67.15 -10.39 -17.63
O3 NAG F . 67.68 -8.79 -19.96
O4 NAG F . 68.75 -6.15 -19.47
O5 NAG F . 66.98 -6.90 -16.33
O6 NAG F . 67.70 -4.15 -18.37
O7 NAG F . 65.19 -10.86 -18.62
C1 BMA F . 70.08 -6.70 -19.37
C2 BMA F . 70.83 -6.43 -20.69
C3 BMA F . 72.26 -7.00 -20.61
C4 BMA F . 72.97 -6.73 -19.24
C5 BMA F . 72.05 -6.83 -18.01
C6 BMA F . 72.66 -6.19 -16.77
O2 BMA F . 70.96 -5.03 -20.90
O3 BMA F . 73.11 -6.63 -21.76
O4 BMA F . 74.03 -7.67 -19.10
O5 BMA F . 70.81 -6.15 -18.30
O6 BMA F . 73.70 -7.03 -16.23
C1 MAN F . 74.08 -5.59 -21.43
C2 MAN F . 74.34 -4.70 -22.69
C3 MAN F . 75.31 -5.38 -23.67
C4 MAN F . 76.54 -5.96 -22.96
C5 MAN F . 76.08 -6.90 -21.85
C6 MAN F . 77.23 -7.51 -21.08
O2 MAN F . 74.98 -3.47 -22.33
O3 MAN F . 75.72 -4.48 -24.70
O4 MAN F . 77.33 -6.68 -23.88
O5 MAN F . 75.32 -6.14 -20.92
O6 MAN F . 77.72 -6.55 -20.15
C1 MAN F . 75.00 -6.41 -16.44
C2 MAN F . 75.93 -6.80 -15.26
C3 MAN F . 77.09 -5.80 -15.16
C4 MAN F . 77.35 -5.09 -16.51
C5 MAN F . 76.10 -4.26 -16.88
C6 MAN F . 76.05 -3.90 -18.36
O2 MAN F . 76.54 -8.07 -15.47
O3 MAN F . 78.28 -6.42 -14.70
O4 MAN F . 78.47 -4.24 -16.41
O5 MAN F . 74.87 -4.99 -16.55
O6 MAN F . 76.30 -5.09 -19.11
C1 NAG G . 22.34 -21.32 -38.04
C2 NAG G . 23.73 -20.70 -38.05
C3 NAG G . 24.51 -21.15 -39.29
C4 NAG G . 24.48 -22.66 -39.43
C5 NAG G . 23.04 -23.18 -39.33
C6 NAG G . 22.92 -24.68 -39.29
C7 NAG G . 23.08 -18.46 -38.89
C8 NAG G . 23.14 -16.99 -38.61
N2 NAG G . 23.67 -19.25 -37.98
O3 NAG G . 25.85 -20.70 -39.20
O4 NAG G . 25.05 -22.97 -40.70
O5 NAG G . 22.45 -22.71 -38.13
O6 NAG G . 23.84 -25.25 -38.36
O7 NAG G . 22.52 -18.91 -39.89
C1 NAG G . 25.75 -24.24 -40.67
C2 NAG G . 26.01 -24.63 -42.10
C3 NAG G . 26.61 -26.01 -42.16
C4 NAG G . 27.77 -26.17 -41.17
C5 NAG G . 27.57 -25.46 -39.84
C6 NAG G . 28.86 -25.26 -39.07
C7 NAG G . 24.51 -23.54 -43.70
C8 NAG G . 23.21 -23.63 -44.45
N2 NAG G . 24.79 -24.56 -42.89
O3 NAG G . 27.04 -26.27 -43.49
O4 NAG G . 27.95 -27.55 -40.88
O5 NAG G . 26.98 -24.16 -39.99
O6 NAG G . 28.67 -24.34 -38.00
O7 NAG G . 25.28 -22.59 -43.84
C1 BMA G . 28.76 -28.26 -41.82
C2 BMA G . 28.92 -29.68 -41.26
C3 BMA G . 29.40 -30.63 -42.36
C4 BMA G . 28.52 -30.52 -43.59
C5 BMA G . 28.70 -29.12 -44.07
C6 BMA G . 28.04 -28.80 -45.38
O2 BMA G . 27.67 -30.16 -40.84
O3 BMA G . 29.55 -31.97 -41.93
O4 BMA G . 28.93 -31.42 -44.60
O5 BMA G . 28.15 -28.25 -43.10
O6 BMA G . 27.81 -27.39 -45.39
C1 MAN G . 30.92 -32.28 -42.29
C2 MAN G . 31.14 -33.82 -42.27
C3 MAN G . 31.13 -34.31 -40.82
C4 MAN G . 32.17 -33.54 -40.02
C5 MAN G . 31.76 -32.07 -40.02
C6 MAN G . 32.68 -31.19 -39.22
O2 MAN G . 32.42 -34.17 -42.79
O3 MAN G . 31.36 -35.71 -40.76
O4 MAN G . 32.24 -34.04 -38.70
O5 MAN G . 31.80 -31.59 -41.38
O6 MAN G . 32.37 -29.84 -39.53
C1 MAN G . 28.88 -26.64 -46.06
C2 MAN G . 29.57 -27.53 -47.21
C3 MAN G . 31.06 -27.90 -46.97
C4 MAN G . 31.77 -26.85 -46.12
C5 MAN G . 31.02 -26.79 -44.81
C6 MAN G . 31.77 -26.06 -43.71
O2 MAN G . 29.54 -26.88 -48.47
O3 MAN G . 31.75 -28.10 -48.19
O4 MAN G . 33.11 -27.26 -45.89
O5 MAN G . 29.80 -26.08 -45.06
O6 MAN G . 31.03 -26.18 -42.50
C1 NAG H . 3.15 -48.71 -8.91
C2 NAG H . 3.76 -49.85 -9.72
C3 NAG H . 4.93 -50.48 -8.96
C4 NAG H . 5.07 -49.93 -7.54
C5 NAG H . 5.03 -48.40 -7.48
C6 NAG H . 6.37 -47.76 -7.70
C7 NAG H . 2.13 -51.64 -9.19
C8 NAG H . 1.15 -52.61 -9.77
N2 NAG H . 2.77 -50.85 -10.08
O3 NAG H . 6.13 -50.23 -9.69
O4 NAG H . 4.02 -50.45 -6.73
O5 NAG H . 4.16 -47.85 -8.49
O6 NAG H . 6.27 -46.68 -8.63
O7 NAG H . 2.32 -51.55 -7.98
C1 NAG H . 4.50 -50.99 -5.50
C2 NAG H . 3.33 -51.12 -4.52
C3 NAG H . 3.78 -51.81 -3.23
C4 NAG H . 4.45 -53.13 -3.55
C5 NAG H . 5.61 -52.90 -4.51
C6 NAG H . 6.29 -54.18 -4.94
C7 NAG H . 1.85 -49.23 -5.03
C8 NAG H . 1.32 -47.91 -4.55
N2 NAG H . 2.74 -49.84 -4.23
O3 NAG H . 2.65 -52.01 -2.39
O4 NAG H . 4.92 -53.75 -2.35
O5 NAG H . 5.11 -52.27 -5.70
O6 NAG H . 5.79 -54.63 -6.19
O7 NAG H . 1.49 -49.72 -6.10
C1 BMA H . 4.07 -54.89 -2.12
C2 BMA H . 4.54 -55.58 -0.81
C3 BMA H . 3.54 -56.66 -0.38
C4 BMA H . 2.11 -56.09 -0.36
C5 BMA H . 1.76 -55.55 -1.76
C6 BMA H . 0.34 -54.98 -1.86
O2 BMA H . 4.62 -54.64 0.23
O3 BMA H . 3.87 -57.22 0.91
O4 BMA H . 1.19 -57.09 0.04
O5 BMA H . 2.69 -54.50 -2.06
O6 BMA H . -0.44 -55.79 -2.77
C1 MAN H . 3.87 -58.68 0.88
C2 MAN H . 2.74 -59.16 1.84
C3 MAN H . 2.97 -60.62 2.27
C4 MAN H . 3.91 -61.33 1.31
C5 MAN H . 5.29 -60.65 1.37
C6 MAN H . 6.25 -61.11 0.29
O2 MAN H . 1.47 -59.16 1.19
O3 MAN H . 1.75 -61.33 2.39
O4 MAN H . 4.06 -62.69 1.68
O5 MAN H . 5.15 -59.19 1.25
O6 MAN H . 5.70 -60.76 -0.97
C1 MAN H . -0.96 -56.95 -2.08
C2 MAN H . -1.28 -58.05 -3.14
C3 MAN H . -2.19 -59.11 -2.53
C4 MAN H . -2.12 -59.08 -0.99
C5 MAN H . -2.62 -57.71 -0.47
C6 MAN H . -2.18 -57.41 0.96
O2 MAN H . -0.10 -58.74 -3.54
O3 MAN H . -1.89 -60.41 -3.00
O4 MAN H . -2.92 -60.11 -0.44
O5 MAN H . -2.12 -56.63 -1.32
O6 MAN H . -2.96 -56.32 1.43
C1 NAG I . -13.74 -44.37 -13.34
C2 NAG I . -15.03 -45.20 -13.24
C3 NAG I . -15.27 -46.00 -14.52
C4 NAG I . -15.23 -45.09 -15.73
C5 NAG I . -13.88 -44.40 -15.77
C6 NAG I . -13.71 -43.47 -16.95
C7 NAG I . -15.41 -45.71 -10.87
C8 NAG I . -15.30 -46.74 -9.79
N2 NAG I . -14.99 -46.07 -12.08
O3 NAG I . -16.53 -46.66 -14.44
O4 NAG I . -15.44 -45.80 -16.94
O5 NAG I . -13.73 -43.62 -14.58
O6 NAG I . -12.65 -43.88 -17.79
O7 NAG I . -15.87 -44.59 -10.65
C1 NAG I . -16.78 -45.66 -17.51
C2 NAG I . -16.99 -44.34 -18.29
C3 NAG I . -18.35 -44.36 -18.98
C4 NAG I . -18.48 -45.58 -19.88
C5 NAG I . -18.29 -46.83 -19.03
C6 NAG I . -18.32 -48.11 -19.83
C7 NAG I . -16.67 -41.95 -17.85
C8 NAG I . -16.59 -40.89 -16.80
N2 NAG I . -16.89 -43.19 -17.41
O3 NAG I . -18.51 -43.18 -19.76
O4 NAG I . -19.78 -45.60 -20.43
O5 NAG I . -17.01 -46.79 -18.38
O6 NAG I . -17.14 -48.27 -20.60
O7 NAG I . -16.55 -41.69 -19.05
C1 BMA I . -19.82 -45.63 -21.89
C2 BMA I . -20.54 -44.35 -22.39
C3 BMA I . -20.03 -43.98 -23.80
C4 BMA I . -19.58 -45.22 -24.64
C5 BMA I . -18.58 -46.12 -23.86
C6 BMA I . -17.18 -46.09 -24.44
O2 BMA I . -20.23 -43.24 -21.55
O3 BMA I . -19.02 -42.99 -23.76
O4 BMA I . -20.70 -45.98 -25.04
O5 BMA I . -18.52 -45.71 -22.48
O6 BMA I . -17.29 -45.90 -25.85
C1 FUC I . -13.13 -44.72 -18.86
C2 FUC I . -12.93 -43.97 -20.18
C3 FUC I . -12.44 -44.92 -21.29
C4 FUC I . -13.14 -46.28 -21.20
C5 FUC I . -12.86 -46.93 -19.85
C6 FUC I . -14.08 -47.62 -19.24
O2 FUC I . -12.06 -42.86 -20.05
O3 FUC I . -12.68 -44.36 -22.58
O4 FUC I . -14.55 -46.13 -21.39
O5 FUC I . -12.43 -45.95 -18.87
C1 NAG J . -44.50 -38.81 9.62
C2 NAG J . -45.35 -39.40 8.51
C3 NAG J . -46.41 -40.31 9.11
C4 NAG J . -45.77 -41.36 10.02
C5 NAG J . -44.81 -40.71 11.02
C6 NAG J . -43.99 -41.74 11.77
C7 NAG J . -46.06 -38.45 6.36
C8 NAG J . -45.49 -39.68 5.72
N2 NAG J . -45.96 -38.37 7.69
O3 NAG J . -47.15 -40.94 8.08
O4 NAG J . -46.81 -42.00 10.75
O5 NAG J . -43.87 -39.85 10.35
O6 NAG J . -43.57 -42.79 10.91
O7 NAG J . -46.58 -37.56 5.69
C1 NAG J . -46.83 -43.42 10.48
C2 NAG J . -47.31 -44.12 11.74
C3 NAG J . -47.36 -45.63 11.52
C4 NAG J . -48.21 -45.96 10.30
C5 NAG J . -47.76 -45.14 9.08
C6 NAG J . -48.69 -45.28 7.91
C7 NAG J . -46.70 -42.75 13.68
C8 NAG J . -45.73 -42.57 14.81
N2 NAG J . -46.47 -43.79 12.87
O3 NAG J . -47.92 -46.23 12.68
O4 NAG J . -48.04 -47.33 9.94
O5 NAG J . -47.72 -43.73 9.40
O6 NAG J . -49.78 -46.15 8.21
O7 NAG J . -47.64 -42.00 13.50
C1 BMA J . -48.90 -48.24 10.64
C2 BMA J . -49.28 -49.34 9.65
C3 BMA J . -49.86 -50.57 10.37
C4 BMA J . -49.05 -50.95 11.62
C5 BMA J . -48.89 -49.72 12.51
C6 BMA J . -48.09 -50.03 13.77
O2 BMA J . -48.15 -49.79 8.92
O3 BMA J . -49.90 -51.69 9.48
O4 BMA J . -49.69 -51.97 12.34
O5 BMA J . -48.19 -48.73 11.75
O6 BMA J . -46.81 -50.59 13.42
C1 MAN J . -51.23 -52.08 9.11
C2 MAN J . -51.85 -52.89 10.27
C3 MAN J . -51.10 -54.22 10.43
C4 MAN J . -51.01 -54.96 9.09
C5 MAN J . -50.38 -54.05 8.04
C6 MAN J . -50.31 -54.69 6.66
O2 MAN J . -53.20 -53.24 10.00
O3 MAN J . -51.71 -55.05 11.41
O4 MAN J . -50.21 -56.12 9.25
O5 MAN J . -51.18 -52.84 7.93
O6 MAN J . -49.37 -53.97 5.88
C1 MAN J . -46.58 -51.72 14.30
C2 MAN J . -45.21 -51.48 15.07
C3 MAN J . -44.03 -51.79 14.16
C4 MAN J . -44.19 -53.14 13.47
C5 MAN J . -45.49 -53.16 12.68
C6 MAN J . -45.74 -54.48 11.96
O2 MAN J . -45.08 -52.38 16.17
O3 MAN J . -42.80 -51.74 14.87
O4 MAN J . -43.10 -53.38 12.60
O5 MAN J . -46.58 -52.96 13.59
O6 MAN J . -46.80 -54.30 11.05
C1 NAG K . -27.44 -32.31 30.87
C2 NAG K . -27.85 -33.77 30.98
C3 NAG K . -27.02 -34.47 32.04
C4 NAG K . -25.53 -34.23 31.83
C5 NAG K . -25.25 -32.75 31.64
C6 NAG K . -23.83 -32.45 31.22
C7 NAG K . -30.24 -33.71 30.38
C8 NAG K . -31.63 -33.86 30.88
N2 NAG K . -29.27 -33.87 31.29
O3 NAG K . -27.30 -35.87 32.01
O4 NAG K . -24.85 -34.70 32.98
O5 NAG K . -26.07 -32.22 30.60
O6 NAG K . -23.42 -33.30 30.16
O7 NAG K . -29.99 -33.43 29.22
C1 NAG K . -23.63 -35.41 32.66
C2 NAG K . -23.49 -36.61 33.57
C3 NAG K . -22.20 -37.36 33.26
C4 NAG K . -22.14 -37.71 31.77
C5 NAG K . -22.42 -36.48 30.91
C6 NAG K . -22.57 -36.82 29.44
C7 NAG K . -24.64 -35.88 35.61
C8 NAG K . -24.50 -35.49 37.05
N2 NAG K . -23.52 -36.20 34.97
O3 NAG K . -22.17 -38.53 34.07
O4 NAG K . -20.83 -38.17 31.44
O5 NAG K . -23.65 -35.85 31.30
O6 NAG K . -23.78 -36.27 28.92
O7 NAG K . -25.74 -35.89 35.06
C1 BMA K . -20.69 -39.59 31.66
C2 BMA K . -21.03 -40.33 30.36
C3 BMA K . -20.76 -41.82 30.55
C4 BMA K . -19.36 -42.09 31.11
C5 BMA K . -19.13 -41.27 32.38
C6 BMA K . -17.72 -41.40 32.91
O2 BMA K . -20.19 -39.90 29.31
O3 BMA K . -20.93 -42.54 29.33
O4 BMA K . -19.22 -43.47 31.40
O5 BMA K . -19.37 -39.88 32.08
O6 BMA K . -16.84 -40.75 31.99
C1 NAG L . -71.66 -27.39 -13.13
C2 NAG L . -71.99 -28.17 -14.42
C3 NAG L . -70.71 -28.44 -15.22
C4 NAG L . -69.93 -27.14 -15.44
C5 NAG L . -69.63 -26.51 -14.09
C6 NAG L . -68.87 -25.22 -14.19
C7 NAG L . -73.26 -30.17 -15.05
C8 NAG L . -73.91 -31.43 -14.55
N2 NAG L . -72.67 -29.42 -14.13
O3 NAG L . -71.02 -29.06 -16.46
O4 NAG L . -68.76 -27.30 -16.24
O5 NAG L . -70.87 -26.22 -13.45
O6 NAG L . -68.06 -25.02 -13.04
O7 NAG L . -73.26 -29.87 -16.24
C1 NAG L . -69.23 -26.88 -17.55
C2 NAG L . -68.13 -26.38 -18.51
C3 NAG L . -68.73 -26.11 -19.90
C4 NAG L . -69.55 -27.30 -20.40
C5 NAG L . -70.56 -27.74 -19.34
C6 NAG L . -71.31 -28.99 -19.70
C7 NAG L . -66.44 -24.58 -18.52
C8 NAG L . -65.97 -23.33 -17.85
N2 NAG L . -67.53 -25.16 -17.98
O3 NAG L . -67.70 -25.83 -20.83
O4 NAG L . -70.26 -26.88 -21.55
O5 NAG L . -69.86 -28.03 -18.12
O6 NAG L . -71.67 -29.73 -18.54
O7 NAG L . -65.87 -25.07 -19.49
C1 BMA L . -70.10 -27.81 -22.65
C2 BMA L . -71.46 -27.85 -23.39
C3 BMA L . -71.34 -28.70 -24.65
C4 BMA L . -70.13 -28.29 -25.49
C5 BMA L . -68.86 -28.33 -24.62
C6 BMA L . -67.63 -27.90 -25.40
O2 BMA L . -71.83 -26.55 -23.81
O3 BMA L . -72.51 -28.61 -25.44
O4 BMA L . -69.97 -29.18 -26.59
O5 BMA L . -69.04 -27.42 -23.52
O6 BMA L . -67.91 -27.98 -26.78
C1 MAN L . -66.66 -28.09 -27.48
C2 MAN L . -66.83 -27.45 -28.88
C3 MAN L . -67.69 -28.34 -29.78
C4 MAN L . -67.17 -29.78 -29.78
C5 MAN L . -67.11 -30.31 -28.33
C6 MAN L . -66.57 -31.71 -28.24
O2 MAN L . -65.59 -27.34 -29.57
O3 MAN L . -67.77 -27.85 -31.11
O4 MAN L . -68.02 -30.61 -30.54
O5 MAN L . -66.25 -29.46 -27.57
O6 MAN L . -65.16 -31.66 -28.47
C1 NAG M . 44.52 -33.75 0.15
C2 NAG M . 43.55 -33.53 -1.02
C3 NAG M . 43.51 -34.77 -1.94
C4 NAG M . 44.90 -35.26 -2.32
C5 NAG M . 45.80 -35.38 -1.09
C6 NAG M . 47.25 -35.59 -1.44
C7 NAG M . 41.46 -34.00 0.22
C8 NAG M . 40.12 -33.46 0.61
N2 NAG M . 42.21 -33.19 -0.54
O3 NAG M . 42.77 -34.45 -3.11
O4 NAG M . 44.77 -36.53 -2.96
O5 NAG M . 45.76 -34.16 -0.35
O6 NAG M . 47.63 -34.76 -2.53
O7 NAG M . 41.84 -35.12 0.58
C1 NAG M . 45.66 -36.65 -4.10
C2 NAG M . 45.35 -37.89 -4.93
C3 NAG M . 46.29 -37.97 -6.14
C4 NAG M . 46.24 -36.67 -6.94
C5 NAG M . 46.52 -35.49 -6.03
C6 NAG M . 46.39 -34.16 -6.74
C7 NAG M . 44.57 -40.10 -4.20
C8 NAG M . 43.44 -39.92 -5.16
N2 NAG M . 45.45 -39.10 -4.13
O3 NAG M . 45.94 -39.07 -6.97
O4 NAG M . 47.22 -36.71 -7.96
O5 NAG M . 45.58 -35.46 -4.94
O6 NAG M . 47.65 -33.70 -7.20
O7 NAG M . 44.68 -41.11 -3.51
C1 BMA M . 46.55 -36.82 -9.23
C2 BMA M . 47.40 -37.75 -10.13
C3 BMA M . 46.65 -38.08 -11.41
C4 BMA M . 45.23 -38.56 -11.11
C5 BMA M . 44.51 -37.50 -10.28
C6 BMA M . 43.10 -37.89 -9.92
O2 BMA M . 47.63 -38.99 -9.47
O3 BMA M . 47.34 -39.05 -12.19
O4 BMA M . 44.53 -38.78 -12.32
O5 BMA M . 45.23 -37.31 -9.07
O6 BMA M . 42.60 -36.93 -9.00
C1 FUC M . 48.47 -33.67 -2.09
C2 FUC M . 49.23 -33.13 -3.34
C3 FUC M . 48.30 -32.36 -4.28
C4 FUC M . 47.56 -31.25 -3.52
C5 FUC M . 46.84 -31.84 -2.32
C6 FUC M . 46.26 -30.77 -1.41
O2 FUC M . 49.92 -34.15 -4.05
O3 FUC M . 49.05 -31.73 -5.31
O4 FUC M . 48.48 -30.25 -3.11
O5 FUC M . 47.71 -32.63 -1.48
C1 NAG N . 55.04 -26.50 13.00
C2 NAG N . 55.32 -26.74 11.50
C3 NAG N . 56.11 -28.04 11.30
C4 NAG N . 57.35 -28.06 12.18
C5 NAG N . 56.98 -27.77 13.61
C6 NAG N . 58.19 -27.63 14.52
C7 NAG N . 54.06 -26.58 9.41
C8 NAG N . 52.72 -26.68 8.75
N2 NAG N . 54.08 -26.78 10.73
O3 NAG N . 56.48 -28.13 9.92
O4 NAG N . 57.90 -29.37 12.18
O5 NAG N . 56.27 -26.53 13.71
O6 NAG N . 58.66 -26.29 14.51
O7 NAG N . 55.08 -26.33 8.77
C1 NAG N . 58.84 -29.69 11.14
C2 NAG N . 60.14 -28.92 11.28
C3 NAG N . 61.31 -29.71 10.70
C4 NAG N . 60.87 -30.74 9.66
C5 NAG N . 59.74 -31.64 10.16
C6 NAG N . 60.22 -33.00 10.61
C7 NAG N . 60.54 -26.50 11.33
C8 NAG N . 61.17 -26.73 12.67
N2 NAG N . 60.06 -27.58 10.71
O3 NAG N . 62.02 -30.36 11.75
O4 NAG N . 60.49 -30.13 8.42
O5 NAG N . 59.08 -31.05 11.29
O6 NAG N . 61.36 -33.42 9.86
O7 NAG N . 60.47 -25.39 10.85
C1 BMA N . 60.39 -31.25 7.50
C2 BMA N . 58.97 -31.28 6.84
C3 BMA N . 58.91 -32.53 5.99
C4 BMA N . 60.04 -32.54 4.93
C5 BMA N . 61.38 -32.45 5.66
C6 BMA N . 62.59 -32.48 4.74
O2 BMA N . 58.79 -30.18 5.98
O3 BMA N . 57.65 -32.79 5.41
O4 BMA N . 59.98 -33.73 4.16
O5 BMA N . 61.41 -31.25 6.47
O6 BMA N . 63.76 -32.70 5.55
C1 MAN N . 57.28 -34.05 6.00
C2 MAN N . 56.90 -35.06 4.88
C3 MAN N . 56.17 -36.28 5.48
C4 MAN N . 56.40 -36.35 7.00
C5 MAN N . 55.80 -35.10 7.67
C6 MAN N . 56.18 -34.94 9.14
O2 MAN N . 58.06 -35.59 4.23
O3 MAN N . 56.54 -37.49 4.86
O4 MAN N . 55.78 -37.52 7.54
O5 MAN N . 56.21 -33.89 6.96
O6 MAN N . 57.53 -34.48 9.21
C1 MAN N . 63.61 -33.94 6.29
C2 MAN N . 64.02 -33.66 7.78
C3 MAN N . 64.36 -34.96 8.51
C4 MAN N . 63.73 -36.16 7.81
C5 MAN N . 64.33 -36.30 6.40
C6 MAN N . 63.61 -37.29 5.51
O2 MAN N . 62.97 -33.05 8.51
O3 MAN N . 63.97 -34.91 9.88
O4 MAN N . 63.99 -37.34 8.55
O5 MAN N . 64.36 -35.00 5.71
O6 MAN N . 64.45 -37.60 4.40
C1 NAG O . 21.90 -48.14 39.14
C2 NAG O . 20.92 -47.00 39.16
C3 NAG O . 20.10 -47.09 40.45
C4 NAG O . 19.60 -48.50 40.74
C5 NAG O . 20.56 -49.62 40.32
C6 NAG O . 19.87 -50.96 40.17
C7 NAG O . 22.05 -45.16 37.95
C8 NAG O . 22.68 -43.82 38.08
N2 NAG O . 21.59 -45.71 39.09
O3 NAG O . 19.00 -46.19 40.37
O4 NAG O . 19.38 -48.61 42.14
O5 NAG O . 21.21 -49.34 39.06
O6 NAG O . 19.37 -51.42 41.42
O7 NAG O . 21.97 -45.74 36.87
C1 NAG O . 17.97 -48.79 42.39
C2 NAG O . 17.71 -48.79 43.89
C3 NAG O . 16.22 -49.01 44.16
C4 NAG O . 15.33 -48.16 43.26
C5 NAG O . 15.85 -47.97 41.83
C6 NAG O . 15.21 -46.82 41.11
C7 NAG O . 19.62 -49.57 45.23
C8 NAG O . 20.28 -50.75 45.87
N2 NAG O . 18.49 -49.82 44.56
O3 NAG O . 15.98 -48.71 45.53
O4 NAG O . 14.07 -48.82 43.11
O5 NAG O . 17.26 -47.73 41.81
O6 NAG O . 14.92 -47.14 39.75
O7 NAG O . 20.10 -48.44 45.31
C1 BMA O . 13.24 -48.75 44.27
C2 BMA O . 12.22 -47.64 44.04
C3 BMA O . 11.34 -47.61 45.28
C4 BMA O . 10.61 -48.96 45.45
C5 BMA O . 11.65 -50.10 45.57
C6 BMA O . 11.05 -51.50 45.53
O2 BMA O . 11.39 -47.97 42.94
O3 BMA O . 10.50 -46.41 45.45
O4 BMA O . 9.76 -48.93 46.59
O5 BMA O . 12.59 -50.01 44.46
O6 BMA O . 10.04 -51.60 46.53
C1 MAN O . 9.49 -46.09 44.45
C2 MAN O . 8.32 -45.45 45.27
C3 MAN O . 6.97 -45.66 44.61
C4 MAN O . 7.11 -45.79 43.09
C5 MAN O . 7.92 -47.05 42.75
C6 MAN O . 8.46 -47.04 41.33
O2 MAN O . 8.48 -44.04 45.36
O3 MAN O . 6.06 -44.61 44.93
O4 MAN O . 5.82 -45.87 42.49
O5 MAN O . 9.06 -47.22 43.66
O6 MAN O . 8.71 -45.69 40.97
C1 MAN O . 8.78 -51.98 45.92
C2 MAN O . 8.66 -53.52 46.04
C3 MAN O . 7.33 -53.94 45.46
C4 MAN O . 7.09 -53.43 44.03
C5 MAN O . 8.18 -52.44 43.52
C6 MAN O . 7.65 -51.55 42.41
O2 MAN O . 8.63 -53.92 47.41
O3 MAN O . 6.25 -53.55 46.31
O4 MAN O . 7.01 -54.53 43.14
O5 MAN O . 8.71 -51.54 44.57
O6 MAN O . 8.56 -50.48 42.24
C1 FUC O . 18.68 -52.69 41.25
C2 FUC O . 18.86 -53.54 42.53
C3 FUC O . 18.15 -52.87 43.70
C4 FUC O . 16.66 -52.71 43.39
C5 FUC O . 16.47 -51.98 42.05
C6 FUC O . 15.03 -52.05 41.55
O2 FUC O . 20.21 -53.78 42.84
O3 FUC O . 18.28 -53.66 44.87
O4 FUC O . 16.05 -53.99 43.32
O5 FUC O . 17.30 -52.52 40.98
C1 NAG P . 32.73 -32.39 33.59
C2 NAG P . 31.59 -31.39 33.74
C3 NAG P . 31.09 -31.38 35.18
C4 NAG P . 31.20 -32.74 35.86
C5 NAG P . 31.55 -33.95 34.99
C6 NAG P . 30.33 -34.75 34.61
C7 NAG P . 32.72 -29.11 33.76
C8 NAG P . 33.50 -29.45 35.00
N2 NAG P . 31.90 -30.05 33.24
O3 NAG P . 29.74 -30.93 35.20
O4 NAG P . 32.18 -32.67 36.90
O5 NAG P . 32.23 -33.66 33.76
O6 NAG P . 29.14 -34.00 34.81
O7 NAG P . 32.85 -28.02 33.20
C1 NAG P . 31.55 -33.31 38.01
C2 NAG P . 32.30 -33.03 39.34
C3 NAG P . 31.46 -33.47 40.56
C4 NAG P . 30.01 -33.01 40.41
C5 NAG P . 29.49 -33.44 39.05
C6 NAG P . 28.05 -33.06 38.79
C7 NAG P . 34.04 -34.88 39.35
C8 NAG P . 32.98 -35.94 39.23
N2 NAG P . 33.64 -33.59 39.38
O3 NAG P . 32.03 -32.92 41.74
O4 NAG P . 29.20 -33.54 41.46
O5 NAG P . 30.27 -32.76 38.07
O6 NAG P . 27.93 -32.30 37.60
O7 NAG P . 35.23 -35.18 39.40
C1 BMA P . 28.84 -32.36 42.21
C2 BMA P . 27.33 -32.12 42.05
C3 BMA P . 26.99 -30.84 42.80
C4 BMA P . 27.46 -30.91 44.27
C5 BMA P . 28.97 -31.22 44.27
C6 BMA P . 29.59 -31.36 45.65
O2 BMA P . 26.59 -33.16 42.64
O3 BMA P . 25.60 -30.49 42.69
O4 BMA P . 27.22 -29.68 44.92
O5 BMA P . 29.13 -32.47 43.60
O6 BMA P . 30.70 -30.48 45.69
C1 MAN P . 25.41 -29.56 41.59
C2 MAN P . 24.01 -29.94 40.94
C3 MAN P . 24.03 -30.09 39.43
C4 MAN P . 25.11 -29.21 38.82
C5 MAN P . 26.43 -29.78 39.28
C6 MAN P . 27.62 -29.15 38.60
O2 MAN P . 23.01 -28.96 41.21
O3 MAN P . 22.76 -29.80 38.84
O4 MAN P . 25.03 -29.26 37.42
O5 MAN P . 26.57 -29.53 40.71
O6 MAN P . 28.80 -29.75 39.10
C1 MAN P . 30.18 -29.20 46.10
C2 MAN P . 30.64 -28.12 45.09
C3 MAN P . 30.60 -26.75 45.78
C4 MAN P . 29.55 -26.73 46.92
C5 MAN P . 29.95 -27.74 48.01
C6 MAN P . 28.76 -28.29 48.76
O2 MAN P . 29.76 -28.04 43.99
O3 MAN P . 30.36 -25.71 44.85
O4 MAN P . 29.45 -25.43 47.47
O5 MAN P . 30.62 -28.86 47.41
O6 MAN P . 29.22 -29.35 49.60
C1 NAG Q . 52.36 -32.87 24.53
C2 NAG Q . 53.55 -33.81 24.64
C3 NAG Q . 54.14 -33.73 26.04
C4 NAG Q . 54.40 -32.28 26.45
C5 NAG Q . 53.22 -31.36 26.13
C6 NAG Q . 53.57 -29.91 26.24
C7 NAG Q . 53.83 -35.94 23.45
C8 NAG Q . 53.30 -37.32 23.26
N2 NAG Q . 53.17 -35.17 24.33
O3 NAG Q . 55.34 -34.48 26.09
O4 NAG Q . 54.63 -32.23 27.85
O5 NAG Q . 52.77 -31.57 24.80
O6 NAG Q . 53.53 -29.28 24.96
O7 NAG Q . 54.80 -35.51 22.83
C1 NAG Q . 56.02 -31.93 28.01
C2 NAG Q . 56.20 -30.99 29.21
C3 NAG Q . 57.68 -30.76 29.49
C4 NAG Q . 58.41 -32.09 29.65
C5 NAG Q . 58.16 -32.96 28.41
C6 NAG Q . 58.76 -34.33 28.53
C7 NAG Q . 54.28 -29.49 29.47
C8 NAG Q . 53.72 -28.13 29.19
N2 NAG Q . 55.51 -29.73 29.00
O3 NAG Q . 57.80 -29.98 30.68
O4 NAG Q . 59.81 -31.87 29.77
O5 NAG Q . 56.75 -33.14 28.25
O6 NAG Q . 57.77 -35.34 28.37
O7 NAG Q . 53.64 -30.33 30.09
C1 BMA Q . 60.20 -31.84 31.17
C2 BMA Q . 61.32 -30.78 31.30
C3 BMA Q . 61.64 -30.53 32.76
C4 BMA Q . 60.37 -30.29 33.59
C5 BMA Q . 59.41 -31.45 33.39
C6 BMA Q . 58.10 -31.27 34.13
O2 BMA Q . 60.87 -29.54 30.75
O3 BMA Q . 62.53 -29.43 32.92
O4 BMA Q . 60.69 -30.17 34.97
O5 BMA Q . 59.10 -31.55 32.00
O6 BMA Q . 57.05 -31.81 33.32
C1 NAG R . -53.40 -35.61 -8.80
C2 NAG R . -52.07 -36.36 -8.83
C3 NAG R . -51.82 -36.99 -10.21
C4 NAG R . -53.06 -37.62 -10.83
C5 NAG R . -54.29 -36.75 -10.61
C6 NAG R . -55.60 -37.40 -11.00
C7 NAG R . -49.75 -35.83 -8.18
C8 NAG R . -48.80 -34.73 -7.82
N2 NAG R . -51.00 -35.45 -8.46
O3 NAG R . -50.77 -37.95 -10.10
O4 NAG R . -52.80 -37.76 -12.22
O5 NAG R . -54.41 -36.43 -9.23
O6 NAG R . -55.76 -38.67 -10.37
O7 NAG R . -49.41 -37.01 -8.20
C1 NAG R . -53.29 -38.96 -12.92
C2 NAG R . -52.12 -39.88 -13.23
C3 NAG R . -52.61 -41.05 -14.08
C4 NAG R . -53.83 -41.73 -13.45
C5 NAG R . -54.86 -40.74 -12.88
C6 NAG R . -55.85 -41.41 -11.95
C7 NAG R . -49.82 -39.05 -13.35
C8 NAG R . -48.81 -38.29 -14.16
N2 NAG R . -51.03 -39.17 -13.89
O3 NAG R . -51.53 -41.97 -14.22
O4 NAG R . -54.56 -42.44 -14.45
O5 NAG R . -54.24 -39.69 -12.13
O6 NAG R . -55.52 -41.15 -10.59
O7 NAG R . -49.55 -39.51 -12.24
C1 BMA R . -53.90 -43.44 -15.24
C2 BMA R . -54.31 -44.80 -14.73
C3 BMA R . -53.58 -45.84 -15.56
C4 BMA R . -53.94 -45.68 -17.05
C5 BMA R . -53.66 -44.23 -17.51
C6 BMA R . -54.20 -43.95 -18.90
O2 BMA R . -55.69 -45.01 -14.94
O3 BMA R . -53.85 -47.17 -15.11
O4 BMA R . -53.16 -46.59 -17.83
O5 BMA R . -54.28 -43.30 -16.59
O6 BMA R . -55.51 -43.41 -18.78
C1 MAN R . -52.59 -47.82 -14.82
C2 MAN R . -52.89 -49.24 -14.24
C3 MAN R . -53.34 -49.15 -12.80
C4 MAN R . -52.31 -48.40 -11.98
C5 MAN R . -52.20 -46.97 -12.53
C6 MAN R . -51.19 -46.12 -11.81
O2 MAN R . -51.71 -50.03 -14.22
O3 MAN R . -53.59 -50.44 -12.24
O4 MAN R . -52.71 -48.35 -10.62
O5 MAN R . -51.80 -47.03 -13.93
O6 MAN R . -51.20 -44.84 -12.41
C1 MAN R . -56.41 -44.25 -19.51
C2 MAN R . -57.47 -43.35 -20.19
C3 MAN R . -58.33 -42.69 -19.12
C4 MAN R . -58.93 -43.77 -18.19
C5 MAN R . -57.79 -44.60 -17.57
C6 MAN R . -58.30 -45.71 -16.68
O2 MAN R . -58.37 -44.12 -20.99
O3 MAN R . -59.36 -41.89 -19.69
O4 MAN R . -59.68 -43.15 -17.16
O5 MAN R . -57.02 -45.19 -18.63
O6 MAN R . -57.16 -46.42 -16.19
C1 NAG S . 5.62 9.56 -69.53
C2 NAG S . 6.82 8.94 -70.25
C3 NAG S . 7.96 9.97 -70.36
C4 NAG S . 7.45 11.26 -71.00
C5 NAG S . 6.24 11.77 -70.24
C6 NAG S . 5.61 13.00 -70.88
C7 NAG S . 6.70 6.55 -69.72
C8 NAG S . 7.31 5.42 -68.96
N2 NAG S . 7.29 7.74 -69.58
O3 NAG S . 9.01 9.42 -71.14
O4 NAG S . 8.47 12.24 -70.96
O5 NAG S . 5.21 10.76 -70.21
O6 NAG S . 5.69 12.96 -72.30
O7 NAG S . 5.72 6.39 -70.44
C1 NAG S . 8.96 12.46 -72.30
C2 NAG S . 9.35 13.93 -72.45
C3 NAG S . 9.88 14.19 -73.86
C4 NAG S . 11.03 13.24 -74.17
C5 NAG S . 10.61 11.79 -73.93
C6 NAG S . 11.75 10.82 -74.07
C7 NAG S . 8.36 16.01 -71.63
C8 NAG S . 7.09 16.78 -71.40
N2 NAG S . 8.22 14.80 -72.17
O3 NAG S . 10.32 15.54 -73.95
O4 NAG S . 11.40 13.37 -75.53
O5 NAG S . 10.11 11.64 -72.59
O6 NAG S . 12.38 10.55 -72.82
O7 NAG S . 9.46 16.47 -71.35
C1 BMA S . 12.62 14.15 -75.65
C2 BMA S . 13.21 13.90 -77.08
C3 BMA S . 14.37 14.87 -77.36
C4 BMA S . 13.94 16.31 -77.03
C5 BMA S . 13.47 16.40 -75.57
C6 BMA S . 13.03 17.79 -75.16
O2 BMA S . 12.24 14.13 -78.08
O3 BMA S . 14.84 14.80 -78.70
O4 BMA S . 15.03 17.19 -77.25
O5 BMA S . 12.34 15.53 -75.43
O6 BMA S . 13.83 18.21 -74.06
C1 MAN S . 15.47 13.52 -78.93
C2 MAN S . 16.82 13.48 -78.15
C3 MAN S . 17.89 14.32 -78.85
C4 MAN S . 17.93 14.01 -80.36
C5 MAN S . 16.54 14.19 -80.96
C6 MAN S . 16.50 13.91 -82.44
O2 MAN S . 17.35 12.15 -78.11
O3 MAN S . 19.18 14.14 -78.29
O4 MAN S . 18.84 14.88 -81.01
O5 MAN S . 15.65 13.27 -80.31
O6 MAN S . 16.86 12.54 -82.63
C1 MAN S . 15.02 18.83 -74.58
C2 MAN S . 16.22 18.39 -73.70
C3 MAN S . 17.39 19.38 -73.88
C4 MAN S . 17.26 20.14 -75.20
C5 MAN S . 15.98 21.00 -75.18
C6 MAN S . 15.55 21.50 -76.54
O2 MAN S . 16.73 17.13 -74.12
O3 MAN S . 18.65 18.72 -73.80
O4 MAN S . 18.39 20.97 -75.40
O5 MAN S . 14.87 20.25 -74.61
O6 MAN S . 15.33 20.37 -77.39
C1 FUC S . 4.38 13.30 -72.81
C2 FUC S . 4.56 14.28 -73.98
C3 FUC S . 5.28 13.61 -75.15
C4 FUC S . 4.54 12.34 -75.56
C5 FUC S . 4.32 11.42 -74.35
C6 FUC S . 3.42 10.25 -74.66
O2 FUC S . 5.22 15.47 -73.59
O3 FUC S . 5.32 14.47 -76.27
O4 FUC S . 3.28 12.68 -76.13
O5 FUC S . 3.71 12.13 -73.25
C1 NAG T . 20.65 3.02 -31.54
C2 NAG T . 19.24 3.38 -31.09
C3 NAG T . 19.27 4.58 -30.13
C4 NAG T . 20.59 5.35 -30.18
C5 NAG T . 21.81 4.43 -30.08
C6 NAG T . 22.39 4.38 -28.68
C7 NAG T . 18.56 4.62 -33.12
C8 NAG T . 17.53 4.72 -34.21
N2 NAG T . 18.37 3.64 -32.22
O3 NAG T . 19.04 4.12 -28.81
O4 NAG T . 20.69 6.13 -31.36
O5 NAG T . 21.51 3.09 -30.46
O6 NAG T . 22.65 5.69 -28.20
O7 NAG T . 19.52 5.38 -33.06
C1 NAG T . 20.72 7.53 -30.98
C2 NAG T . 22.03 8.16 -31.41
C3 NAG T . 22.04 9.65 -31.09
C4 NAG T . 20.80 10.33 -31.67
C5 NAG T . 19.54 9.58 -31.25
C6 NAG T . 18.30 10.11 -31.93
C7 NAG T . 23.87 6.54 -31.38
C8 NAG T . 25.01 5.98 -30.59
N2 NAG T . 23.17 7.50 -30.79
O3 NAG T . 23.21 10.24 -31.64
O4 NAG T . 20.72 11.64 -31.13
O5 NAG T . 19.64 8.19 -31.62
O6 NAG T . 18.60 10.59 -33.24
O7 NAG T . 23.59 6.12 -32.49
C1 BMA T . 20.85 12.69 -32.10
C2 BMA T . 19.49 13.46 -32.11
C3 BMA T . 19.58 14.93 -32.54
C4 BMA T . 20.93 15.58 -32.15
C5 BMA T . 22.07 14.67 -32.54
C6 BMA T . 23.44 15.29 -32.27
O2 BMA T . 18.91 13.46 -30.83
O3 BMA T . 18.47 15.65 -31.97
O4 BMA T . 21.10 16.82 -32.80
O5 BMA T . 21.95 13.50 -31.76
O6 BMA T . 23.47 15.89 -30.98
C1 MAN T . 18.07 16.77 -32.79
C2 MAN T . 16.52 16.94 -32.71
C3 MAN T . 16.01 17.76 -33.89
C4 MAN T . 17.11 18.63 -34.48
C5 MAN T . 18.23 17.72 -35.04
C6 MAN T . 19.55 18.43 -35.22
O2 MAN T . 16.16 17.67 -31.55
O3 MAN T . 14.89 18.56 -33.53
O4 MAN T . 16.60 19.44 -35.52
O5 MAN T . 18.47 16.59 -34.14
O6 MAN T . 20.58 17.48 -34.94
C1 MAN T . 24.85 16.20 -30.68
C2 MAN T . 25.16 15.79 -29.20
C3 MAN T . 24.54 16.78 -28.22
C4 MAN T . 24.93 18.21 -28.58
C5 MAN T . 24.48 18.51 -30.01
C6 MAN T . 24.85 19.91 -30.45
O2 MAN T . 26.56 15.81 -28.95
O3 MAN T . 24.92 16.49 -26.87
O4 MAN T . 24.30 19.11 -27.70
O5 MAN T . 25.13 17.59 -30.91
O6 MAN T . 24.31 20.14 -31.73
C1 NAG U . 15.15 -7.97 -59.83
C2 NAG U . 14.31 -7.83 -61.10
C3 NAG U . 14.71 -8.88 -62.15
C4 NAG U . 16.21 -8.90 -62.37
C5 NAG U . 16.95 -8.97 -61.03
C6 NAG U . 18.45 -8.86 -61.14
C7 NAG U . 12.09 -8.76 -60.30
C8 NAG U . 12.76 -10.05 -59.87
N2 NAG U . 12.87 -7.81 -60.85
O3 NAG U . 14.06 -8.58 -63.39
O4 NAG U . 16.54 -10.05 -63.14
O5 NAG U . 16.53 -7.89 -60.18
O6 NAG U . 19.04 -10.10 -61.48
O7 NAG U . 10.88 -8.59 -60.15
C1 NAG U . 17.42 -9.70 -64.24
C2 NAG U . 17.84 -11.00 -64.92
C3 NAG U . 18.81 -10.69 -66.05
C4 NAG U . 18.26 -9.62 -66.99
C5 NAG U . 17.69 -8.42 -66.22
C6 NAG U . 16.92 -7.48 -67.11
C7 NAG U . 17.82 -13.09 -63.66
C8 NAG U . 18.55 -13.94 -62.66
N2 NAG U . 18.41 -11.94 -63.97
O3 NAG U . 19.08 -11.89 -66.78
O4 NAG U . 19.35 -9.15 -67.78
O5 NAG U . 16.79 -8.84 -65.19
O6 NAG U . 16.13 -8.18 -68.06
O7 NAG U . 16.76 -13.44 -64.14
C1 BMA U . 19.21 -9.30 -69.21
C2 BMA U . 20.38 -10.23 -69.65
C3 BMA U . 20.32 -10.42 -71.17
C4 BMA U . 18.92 -10.88 -71.62
C5 BMA U . 17.86 -9.89 -71.09
C6 BMA U . 16.44 -10.26 -71.49
O2 BMA U . 20.24 -11.51 -69.08
O3 BMA U . 21.33 -11.31 -71.62
O4 BMA U . 18.85 -10.93 -73.03
O5 BMA U . 17.95 -9.85 -69.65
O6 BMA U . 15.76 -10.83 -70.39
C1 MAN U . 22.33 -10.53 -72.31
C2 MAN U . 23.18 -11.48 -73.22
C3 MAN U . 24.16 -12.29 -72.39
C4 MAN U . 24.96 -11.38 -71.45
C5 MAN U . 24.00 -10.61 -70.55
C6 MAN U . 24.70 -9.67 -69.59
O2 MAN U . 23.98 -10.73 -74.13
O3 MAN U . 25.05 -13.04 -73.21
O4 MAN U . 25.83 -12.16 -70.65
O5 MAN U . 23.14 -9.80 -71.38
O6 MAN U . 23.75 -9.26 -68.60
C1 MAN U . 14.84 -11.78 -70.93
C2 MAN U . 13.65 -11.93 -69.96
C3 MAN U . 14.09 -12.61 -68.67
C4 MAN U . 14.87 -13.91 -68.97
C5 MAN U . 16.03 -13.61 -69.92
C6 MAN U . 16.80 -14.84 -70.33
O2 MAN U . 12.61 -12.75 -70.50
O3 MAN U . 12.99 -12.89 -67.81
O4 MAN U . 15.37 -14.46 -67.77
O5 MAN U . 15.51 -13.02 -71.12
O6 MAN U . 17.83 -14.44 -71.23
C1 NAG V . 42.83 37.81 -20.31
C2 NAG V . 43.17 39.26 -20.04
C3 NAG V . 44.33 39.69 -20.92
C4 NAG V . 43.98 39.51 -22.40
C5 NAG V . 43.43 38.11 -22.71
C6 NAG V . 44.50 37.06 -22.90
C7 NAG V . 41.75 41.20 -19.54
C8 NAG V . 42.70 41.49 -18.42
N2 NAG V . 42.02 40.12 -20.27
O3 NAG V . 45.48 38.93 -20.60
O4 NAG V . 43.01 40.47 -22.78
O5 NAG V . 42.51 37.62 -21.71
O6 NAG V . 44.78 36.85 -24.27
O7 NAG V . 40.78 41.91 -19.77
C1 NAG V . 43.00 40.52 -24.22
C2 NAG V . 41.54 40.61 -24.70
C3 NAG V . 41.50 40.74 -26.22
C4 NAG V . 42.37 41.91 -26.67
C5 NAG V . 43.78 41.76 -26.11
C6 NAG V . 44.66 42.95 -26.43
C7 NAG V . 40.33 39.32 -23.01
C8 NAG V . 39.54 38.07 -22.72
N2 NAG V . 40.78 39.46 -24.26
O3 NAG V . 40.15 40.95 -26.62
O4 NAG V . 42.44 41.92 -28.10
O5 NAG V . 43.73 41.65 -24.68
O6 NAG V . 44.19 44.12 -25.79
O7 NAG V . 40.57 40.15 -22.14
C1 BMA V . 41.74 43.06 -28.61
C2 BMA V . 42.65 43.70 -29.66
C3 BMA V . 41.91 44.86 -30.34
C4 BMA V . 40.49 44.46 -30.79
C5 BMA V . 39.72 43.78 -29.65
C6 BMA V . 38.37 43.25 -30.08
O2 BMA V . 42.94 42.77 -30.69
O3 BMA V . 42.64 45.38 -31.43
O4 BMA V . 39.78 45.61 -31.22
O5 BMA V . 40.50 42.68 -29.16
O6 BMA V . 37.75 42.66 -28.95
C1 NAG W . 51.27 28.76 -27.72
C2 NAG W . 51.95 29.99 -28.31
C3 NAG W . 53.33 29.63 -28.85
C4 NAG W . 54.16 28.97 -27.76
C5 NAG W . 53.41 27.72 -27.30
C6 NAG W . 54.12 26.93 -26.22
C7 NAG W . 50.44 31.73 -29.17
C8 NAG W . 50.57 32.38 -27.81
N2 NAG W . 51.13 30.60 -29.35
O3 NAG W . 53.95 30.81 -29.35
O4 NAG W . 55.46 28.66 -28.21
O5 NAG W . 52.14 28.12 -26.77
O6 NAG W . 53.61 25.61 -26.13
O7 NAG W . 49.75 32.23 -30.05
C1 NAG W . 56.44 29.35 -27.39
C2 NAG W . 56.47 30.83 -27.84
C3 NAG W . 56.47 31.83 -26.65
C4 NAG W . 57.10 31.31 -25.35
C5 NAG W . 57.14 29.79 -25.25
C6 NAG W . 56.90 29.29 -23.85
C7 NAG W . 57.46 30.92 -30.07
C8 NAG W . 58.69 31.24 -30.88
N2 NAG W . 57.56 31.08 -28.75
O3 NAG W . 55.14 32.25 -26.41
O4 NAG W . 58.38 31.88 -25.08
O5 NAG W . 56.10 29.26 -26.06
O6 NAG W . 55.74 29.87 -23.29
O7 NAG W . 56.42 30.53 -30.59
C1 BMA W . 59.29 31.83 -26.21
C2 BMA W . 59.80 33.25 -26.46
C3 BMA W . 61.25 33.23 -26.96
C4 BMA W . 61.62 31.96 -27.77
C5 BMA W . 61.11 30.66 -27.12
C6 BMA W . 62.22 29.70 -26.74
O2 BMA W . 59.80 33.99 -25.25
O3 BMA W . 62.19 33.44 -25.91
O4 BMA W . 61.15 32.07 -29.09
O5 BMA W . 60.37 30.97 -25.94
O6 BMA W . 63.41 30.14 -27.38
C1 MAN W . 63.33 34.15 -26.46
C2 MAN W . 64.58 33.25 -26.28
C3 MAN W . 64.97 33.17 -24.81
C4 MAN W . 65.10 34.57 -24.20
C5 MAN W . 63.79 35.34 -24.39
C6 MAN W . 63.85 36.76 -23.87
O2 MAN W . 65.71 33.79 -26.96
O3 MAN W . 66.18 32.44 -24.63
O4 MAN W . 65.39 34.47 -22.82
O5 MAN W . 63.49 35.41 -25.80
O6 MAN W . 64.63 37.54 -24.78
C1 MAN W . 63.83 29.16 -28.35
C2 MAN W . 65.31 28.82 -28.03
C3 MAN W . 66.19 30.00 -28.38
C4 MAN W . 65.93 30.51 -29.80
C5 MAN W . 64.45 30.86 -29.94
C6 MAN W . 64.08 31.30 -31.34
O2 MAN W . 65.77 27.75 -28.86
O3 MAN W . 67.57 29.69 -28.21
O4 MAN W . 66.72 31.65 -30.06
O5 MAN W . 63.67 29.69 -29.64
O6 MAN W . 62.74 31.74 -31.32
C1 NAG X . 11.96 49.03 -11.67
C2 NAG X . 13.29 49.70 -11.31
C3 NAG X . 14.36 49.33 -12.33
C4 NAG X . 13.84 49.56 -13.74
C5 NAG X . 12.56 48.77 -13.96
C6 NAG X . 12.69 47.69 -15.01
C7 NAG X . 14.13 52.03 -11.09
C8 NAG X . 13.73 53.47 -11.09
N2 NAG X . 13.13 51.15 -11.27
O3 NAG X . 14.71 47.95 -12.15
O4 NAG X . 13.51 50.93 -13.88
O5 NAG X . 12.17 48.11 -12.75
O6 NAG X . 11.60 46.79 -14.98
O7 NAG X . 15.29 51.68 -10.94
C1 NAG X . 14.57 51.57 -14.61
C2 NAG X . 13.97 52.80 -15.28
C3 NAG X . 15.04 53.53 -16.09
C4 NAG X . 16.27 53.81 -15.22
C5 NAG X . 16.70 52.57 -14.43
C6 NAG X . 17.74 52.88 -13.39
C7 NAG X . 12.90 51.64 -17.19
C8 NAG X . 11.61 51.43 -17.92
N2 NAG X . 12.83 52.46 -16.13
O3 NAG X . 14.47 54.74 -16.55
O4 NAG X . 17.39 54.13 -16.04
O5 NAG X . 15.60 51.98 -13.75
O6 NAG X . 17.15 53.00 -12.10
O7 NAG X . 13.95 51.10 -17.54
C1 BMA X . 17.31 55.40 -16.70
C2 BMA X . 17.18 56.49 -15.63
C3 BMA X . 17.10 57.83 -16.34
C4 BMA X . 18.30 58.03 -17.28
C5 BMA X . 18.41 56.83 -18.25
C6 BMA X . 19.65 56.87 -19.11
O2 BMA X . 18.34 56.53 -14.82
O3 BMA X . 16.98 58.89 -15.41
O4 BMA X . 18.13 59.23 -18.02
O5 BMA X . 18.48 55.63 -17.49
O6 BMA X . 19.24 56.83 -20.47
C1 MAN X . 15.61 59.35 -15.42
C2 MAN X . 15.56 60.70 -14.67
C3 MAN X . 15.80 60.46 -13.19
C4 MAN X . 14.83 59.41 -12.63
C5 MAN X . 14.96 58.11 -13.43
C6 MAN X . 13.95 57.05 -13.01
O2 MAN X . 14.27 61.29 -14.77
O3 MAN X . 15.69 61.68 -12.45
O4 MAN X . 15.15 59.15 -11.28
O5 MAN X . 14.73 58.39 -14.83
O6 MAN X . 14.25 55.85 -13.72
C1 MAN X . 19.10 58.21 -20.87
C2 MAN X . 18.51 58.26 -22.31
C3 MAN X . 18.86 59.61 -22.95
C4 MAN X . 19.15 60.67 -21.89
C5 MAN X . 20.41 60.25 -21.10
C6 MAN X . 20.60 61.01 -19.80
O2 MAN X . 17.09 58.21 -22.27
O3 MAN X . 17.82 60.05 -23.82
O4 MAN X . 19.38 61.92 -22.51
O5 MAN X . 20.37 58.84 -20.79
O6 MAN X . 19.51 60.69 -18.93
C1 NAG Y . -16.42 30.43 -39.70
C2 NAG Y . -16.12 29.50 -40.85
C3 NAG Y . -17.37 29.26 -41.69
C4 NAG Y . -18.55 28.84 -40.81
C5 NAG Y . -18.70 29.78 -39.62
C6 NAG Y . -19.74 29.32 -38.63
C7 NAG Y . -13.81 29.46 -41.68
C8 NAG Y . -13.60 28.29 -40.75
N2 NAG Y . -15.03 30.00 -41.68
O3 NAG Y . -17.04 28.25 -42.64
O4 NAG Y . -19.78 28.89 -41.53
O5 NAG Y . -17.46 29.89 -38.90
O6 NAG Y . -20.73 30.31 -38.43
O7 NAG Y . -12.90 29.90 -42.38
C1 NAG Y . -19.86 27.77 -42.44
C2 NAG Y . -20.51 26.57 -41.74
C3 NAG Y . -21.99 26.81 -41.52
C4 NAG Y . -22.69 27.08 -42.85
C5 NAG Y . -22.03 28.21 -43.63
C6 NAG Y . -22.37 29.61 -43.16
C7 NAG Y . -19.27 24.50 -42.21
C8 NAG Y . -18.37 24.88 -41.08
N2 NAG Y . -20.28 25.34 -42.48
O3 NAG Y . -22.18 27.89 -40.62
O4 NAG Y . -22.65 25.90 -43.64
O5 NAG Y . -20.60 28.09 -43.68
O6 NAG Y . -22.01 29.84 -41.80
O7 NAG Y . -19.10 23.46 -42.85
C1 BMA Y . -23.57 25.90 -44.76
C2 BMA Y . -22.76 25.93 -46.08
C3 BMA Y . -23.71 25.76 -47.30
C4 BMA Y . -24.71 24.59 -47.13
C5 BMA Y . -25.42 24.71 -45.77
C6 BMA Y . -26.34 23.52 -45.50
O2 BMA Y . -21.82 24.87 -46.10
O3 BMA Y . -23.00 25.68 -48.57
O4 BMA Y . -25.68 24.63 -48.15
O5 BMA Y . -24.43 24.76 -44.72
O6 BMA Y . -25.59 22.30 -45.59
C1 MAN Y . -22.70 24.31 -48.98
C2 MAN Y . -21.23 24.27 -49.45
C3 MAN Y . -21.07 24.95 -50.81
C4 MAN Y . -22.11 24.41 -51.81
C5 MAN Y . -23.51 24.61 -51.23
C6 MAN Y . -24.60 24.07 -52.14
O2 MAN Y . -20.78 22.93 -49.65
O3 MAN Y . -19.76 24.79 -51.34
O4 MAN Y . -22.00 25.11 -53.04
O5 MAN Y . -23.60 23.89 -50.00
O6 MAN Y . -25.85 24.45 -51.60
C1 MAN Y . -26.50 21.19 -45.73
C2 MAN Y . -25.72 19.87 -45.41
C3 MAN Y . -24.78 19.51 -46.56
C4 MAN Y . -25.52 19.52 -47.90
C5 MAN Y . -26.16 20.90 -48.12
C6 MAN Y . -26.93 21.00 -49.41
O2 MAN Y . -26.61 18.76 -45.28
O3 MAN Y . -24.15 18.25 -46.35
O4 MAN Y . -24.60 19.25 -48.95
O5 MAN Y . -27.07 21.17 -47.04
O6 MAN Y . -27.41 22.33 -49.56
C1 NAG Z . -31.44 28.54 -27.58
C2 NAG Z . -30.56 29.75 -27.70
C3 NAG Z . -30.36 30.36 -26.31
C4 NAG Z . -31.70 30.64 -25.65
C5 NAG Z . -32.68 29.47 -25.75
C6 NAG Z . -34.11 29.91 -25.50
C7 NAG Z . -28.46 30.40 -28.78
C8 NAG Z . -27.16 29.92 -29.34
N2 NAG Z . -29.27 29.44 -28.29
O3 NAG Z . -29.61 31.56 -26.40
O4 NAG Z . -31.49 30.96 -24.28
O5 NAG Z . -32.70 28.92 -27.08
O6 NAG Z . -34.30 31.31 -25.66
O7 NAG Z . -28.78 31.58 -28.76
C1 NAG Z . -31.81 32.35 -24.14
C2 NAG Z . -31.94 32.67 -22.65
C3 NAG Z . -32.18 34.17 -22.45
C4 NAG Z . -31.13 34.99 -23.18
C5 NAG Z . -31.05 34.55 -24.64
C6 NAG Z . -29.95 35.23 -25.41
C7 NAG Z . -32.82 30.77 -21.34
C8 NAG Z . -31.38 30.35 -21.17
N2 NAG Z . -33.02 31.89 -22.05
O3 NAG Z . -32.15 34.47 -21.06
O4 NAG Z . -31.48 36.37 -23.12
O5 NAG Z . -30.78 33.15 -24.71
O6 NAG Z . -29.54 34.46 -26.53
O7 NAG Z . -33.75 30.14 -20.86
C1 BMA Z . -30.48 37.07 -22.37
C2 BMA Z . -29.98 38.22 -23.27
C3 BMA Z . -29.07 39.15 -22.48
C4 BMA Z . -29.71 39.56 -21.15
C5 BMA Z . -30.11 38.30 -20.37
C6 BMA Z . -30.77 38.62 -19.05
O2 BMA Z . -31.06 39.01 -23.72
O3 BMA Z . -28.72 40.31 -23.22
O4 BMA Z . -28.79 40.32 -20.39
O5 BMA Z . -31.05 37.57 -21.17
O6 BMA Z . -32.05 39.17 -19.31
C1 FUC Z . -34.60 31.76 -27.00
C2 FUC Z . -34.83 33.25 -26.86
C3 FUC Z . -34.94 33.96 -28.22
C4 FUC Z . -33.71 33.65 -29.11
C5 FUC Z . -33.41 32.14 -29.15
C6 FUC Z . -34.21 31.35 -30.18
O2 FUC Z . -33.83 33.87 -26.06
O3 FUC Z . -36.12 33.55 -28.90
O4 FUC Z . -33.96 34.11 -30.43
O5 FUC Z . -33.54 31.46 -27.88
C1 NAG AA . -61.13 14.95 -5.16
C2 NAG AA . -62.44 14.43 -5.81
C3 NAG AA . -63.24 15.61 -6.36
C4 NAG AA . -63.46 16.66 -5.28
C5 NAG AA . -62.12 17.07 -4.67
C6 NAG AA . -62.27 18.04 -3.51
C7 NAG AA . -62.89 12.34 -7.02
C8 NAG AA . -64.02 12.11 -6.05
N2 NAG AA . -62.18 13.45 -6.85
O3 NAG AA . -64.50 15.15 -6.84
O4 NAG AA . -64.05 17.80 -5.87
O5 NAG AA . -61.45 15.92 -4.15
O6 NAG AA . -62.18 19.39 -3.97
O7 NAG AA . -62.63 11.52 -7.90
C1 NAG AA . -65.39 17.99 -5.39
C2 NAG AA . -65.36 19.32 -4.68
C3 NAG AA . -64.93 20.41 -5.64
C4 NAG AA . -65.84 20.48 -6.84
C5 NAG AA . -66.21 19.11 -7.43
C6 NAG AA . -65.26 18.64 -8.51
C7 NAG AA . -66.95 19.33 -2.82
C8 NAG AA . -68.32 19.71 -2.36
N2 NAG AA . -66.65 19.62 -4.09
O3 NAG AA . -63.59 20.14 -6.06
O4 NAG AA . -67.04 21.19 -6.54
O5 NAG AA . -66.32 18.05 -6.46
O6 NAG AA . -63.91 18.59 -8.06
O7 NAG AA . -66.15 18.80 -2.07
C1 BMA AA . -66.97 22.64 -6.74
C2 BMA AA . -65.74 23.12 -7.58
C3 BMA AA . -65.70 24.62 -7.49
C4 BMA AA . -67.02 25.25 -8.01
C5 BMA AA . -68.28 24.59 -7.38
C6 BMA AA . -69.55 24.98 -8.14
O2 BMA AA . -65.91 22.80 -8.95
O3 BMA AA . -64.58 25.15 -8.21
O4 BMA AA . -67.06 26.64 -7.73
O5 BMA AA . -68.15 23.13 -7.38
O6 BMA AA . -69.22 25.27 -9.51
C1 MAN AA . -63.88 26.14 -7.42
C2 MAN AA . -64.11 27.51 -8.08
C3 MAN AA . -63.44 27.53 -9.45
C4 MAN AA . -61.97 27.11 -9.34
C5 MAN AA . -61.84 25.76 -8.63
C6 MAN AA . -60.41 25.37 -8.36
O2 MAN AA . -63.48 28.55 -7.34
O3 MAN AA . -63.56 28.80 -10.07
O4 MAN AA . -61.41 27.01 -10.64
O5 MAN AA . -62.52 25.82 -7.35
O6 MAN AA . -59.89 26.28 -7.40
C1 MAN AA . -70.05 26.39 -9.92
C2 MAN AA . -70.41 26.24 -11.44
C3 MAN AA . -69.23 26.63 -12.33
C4 MAN AA . -68.65 27.99 -11.92
C5 MAN AA . -68.24 27.93 -10.45
C6 MAN AA . -67.65 29.23 -9.95
O2 MAN AA . -71.47 27.12 -11.82
O3 MAN AA . -69.59 26.65 -13.71
O4 MAN AA . -67.53 28.29 -12.72
O5 MAN AA . -69.41 27.64 -9.65
O6 MAN AA . -67.06 28.98 -8.67
C1 NAG BA . -57.88 0.45 -19.21
C2 NAG BA . -58.62 1.77 -18.92
C3 NAG BA . -59.84 1.94 -19.83
C4 NAG BA . -59.44 1.78 -21.29
C5 NAG BA . -58.79 0.42 -21.47
C6 NAG BA . -58.32 0.17 -22.89
C7 NAG BA . -59.88 1.02 -16.94
C8 NAG BA . -60.15 1.28 -15.49
N2 NAG BA . -59.02 1.86 -17.52
O3 NAG BA . -60.39 3.23 -19.60
O4 NAG BA . -60.59 1.86 -22.11
O5 NAG BA . -57.64 0.33 -20.63
O6 NAG BA . -57.98 1.39 -23.54
O7 NAG BA . -60.41 0.10 -17.53
C1 NAG BA . -60.64 3.19 -22.66
C2 NAG BA . -61.14 3.08 -24.08
C3 NAG BA . -62.58 2.58 -24.10
C4 NAG BA . -63.50 3.51 -23.29
C5 NAG BA . -62.93 3.83 -21.91
C6 NAG BA . -63.25 2.79 -20.85
C7 NAG BA . -60.67 4.49 -26.04
C8 NAG BA . -60.35 3.22 -26.77
N2 NAG BA . -61.04 4.35 -24.76
O3 NAG BA . -62.64 1.27 -23.57
O4 NAG BA . -63.75 4.71 -24.01
O5 NAG BA . -61.51 4.06 -21.89
O6 NAG BA . -62.78 1.50 -21.19
O7 NAG BA . -60.59 5.58 -26.59
C1 BMA BA . -64.17 4.37 -25.34
C2 BMA BA . -65.71 4.21 -25.36
C3 BMA BA . -66.10 3.81 -26.77
C4 BMA BA . -65.60 4.83 -27.80
C5 BMA BA . -64.07 5.00 -27.66
C6 BMA BA . -63.48 6.05 -28.60
O2 BMA BA . -66.36 5.44 -25.08
O3 BMA BA . -67.49 3.59 -26.90
O4 BMA BA . -65.91 4.39 -29.11
O5 BMA BA . -63.77 5.37 -26.30
O6 BMA BA . -63.83 7.36 -28.15
C1 MAN BA . -67.64 2.20 -27.24
C2 MAN BA . -69.13 1.92 -27.59
C3 MAN BA . -69.48 0.46 -27.34
C4 MAN BA . -68.23 -0.42 -27.44
C5 MAN BA . -67.28 -0.05 -26.28
C6 MAN BA . -65.88 -0.61 -26.42
O2 MAN BA . -69.37 2.14 -28.99
O3 MAN BA . -70.49 -0.01 -28.24
O4 MAN BA . -68.59 -1.79 -27.34
O5 MAN BA . -67.18 1.39 -26.14
O6 MAN BA . -65.18 0.17 -27.37
C1 MAN BA . -63.37 8.33 -29.12
C2 MAN BA . -64.51 8.57 -30.13
C3 MAN BA . -64.06 9.49 -31.27
C4 MAN BA . -62.67 9.08 -31.86
C5 MAN BA . -61.63 8.75 -30.75
C6 MAN BA . -61.08 9.97 -30.03
O2 MAN BA . -65.61 9.26 -29.51
O3 MAN BA . -64.08 10.86 -30.91
O4 MAN BA . -62.81 7.98 -32.74
O5 MAN BA . -62.21 7.86 -29.77
O6 MAN BA . -60.17 9.51 -29.04
C1 NAG CA . -42.26 -16.45 -29.84
C2 NAG CA . -43.33 -17.47 -30.21
C3 NAG CA . -43.93 -17.14 -31.58
C4 NAG CA . -42.83 -16.78 -32.57
C5 NAG CA . -41.98 -15.63 -32.04
C6 NAG CA . -42.14 -14.35 -32.82
C7 NAG CA . -43.01 -19.66 -29.19
C8 NAG CA . -42.39 -21.02 -29.33
N2 NAG CA . -42.80 -18.82 -30.20
O3 NAG CA . -44.82 -16.05 -31.43
O4 NAG CA . -41.99 -17.91 -32.76
O5 NAG CA . -42.35 -15.33 -30.68
O6 NAG CA . -41.46 -14.43 -34.07
O7 NAG CA . -43.66 -19.34 -28.20
C1 NAG CA . -41.09 -17.59 -33.83
C2 NAG CA . -39.70 -18.13 -33.48
C3 NAG CA . -38.74 -17.86 -34.64
C4 NAG CA . -39.30 -18.36 -35.96
C5 NAG CA . -40.71 -17.83 -36.18
C6 NAG CA . -41.38 -18.42 -37.40
C7 NAG CA . -39.53 -17.97 -31.04
C8 NAG CA . -38.89 -17.24 -29.90
N2 NAG CA . -39.20 -17.53 -32.25
O3 NAG CA . -37.50 -18.50 -34.34
O4 NAG CA . -38.47 -17.89 -37.01
O5 NAG CA . -41.54 -18.17 -35.06
O6 NAG CA . -40.91 -19.73 -37.66
O7 NAG CA . -40.30 -18.90 -30.86
C1 BMA CA . -37.76 -18.94 -37.70
C2 BMA CA . -36.23 -18.84 -37.34
C3 BMA CA . -35.45 -20.08 -37.81
C4 BMA CA . -36.22 -21.38 -37.56
C5 BMA CA . -37.64 -21.27 -38.12
C6 BMA CA . -38.44 -22.55 -37.96
O2 BMA CA . -36.04 -18.76 -35.94
O3 BMA CA . -34.18 -20.14 -37.19
O4 BMA CA . -35.54 -22.46 -38.18
O5 BMA CA . -38.29 -20.23 -37.41
O6 BMA CA . -39.38 -22.60 -39.03
C1 NAG DA . 38.08 9.70 -49.60
C2 NAG DA . 39.48 10.08 -49.09
C3 NAG DA . 39.68 11.58 -49.25
C4 NAG DA . 39.20 12.10 -50.60
C5 NAG DA . 37.95 11.38 -51.17
C6 NAG DA . 37.80 11.55 -52.66
C7 NAG DA . 40.75 9.14 -47.19
C8 NAG DA . 41.84 8.83 -48.18
N2 NAG DA . 39.65 9.72 -47.68
O3 NAG DA . 41.05 11.88 -49.09
O4 NAG DA . 38.85 13.46 -50.40
O5 NAG DA . 38.02 9.97 -50.94
O6 NAG DA . 36.93 12.62 -52.98
O7 NAG DA . 40.86 8.87 -46.00
C1 NAG DA . 39.36 14.32 -51.44
C2 NAG DA . 38.27 15.31 -51.71
C3 NAG DA . 38.66 16.20 -52.88
C4 NAG DA . 40.06 16.78 -52.68
C5 NAG DA . 41.06 15.77 -52.11
C6 NAG DA . 42.32 16.43 -51.57
C7 NAG DA . 35.91 14.83 -51.22
C8 NAG DA . 36.06 15.77 -50.06
N2 NAG DA . 37.01 14.65 -51.97
O3 NAG DA . 37.71 17.26 -52.98
O4 NAG DA . 40.57 17.18 -53.95
O5 NAG DA . 40.51 15.00 -51.03
O6 NAG DA . 42.06 17.04 -50.31
O7 NAG DA . 34.86 14.24 -51.46
C1 BMA DA . 40.27 18.52 -54.37
C2 BMA DA . 41.05 18.71 -55.68
C3 BMA DA . 40.62 19.99 -56.41
C4 BMA DA . 39.11 20.12 -56.50
C5 BMA DA . 38.52 20.03 -55.09
C6 BMA DA . 37.00 20.13 -55.10
O2 BMA DA . 40.80 17.63 -56.56
O3 BMA DA . 41.16 20.06 -57.73
O4 BMA DA . 38.76 21.36 -57.08
O5 BMA DA . 38.87 18.75 -54.55
O6 BMA DA . 36.47 18.82 -54.92
C1 MAN DA . 42.59 20.04 -57.69
C2 MAN DA . 43.07 21.42 -58.15
C3 MAN DA . 42.72 21.61 -59.62
C4 MAN DA . 43.21 20.43 -60.47
C5 MAN DA . 42.67 19.12 -59.90
C6 MAN DA . 43.18 17.89 -60.62
O2 MAN DA . 44.48 21.54 -58.08
O3 MAN DA . 43.23 22.83 -60.14
O4 MAN DA . 42.79 20.57 -61.81
O5 MAN DA . 43.07 19.01 -58.52
O6 MAN DA . 42.41 16.77 -60.19
C1 MAN DA . 35.73 18.44 -56.09
C2 MAN DA . 34.23 18.55 -55.74
C3 MAN DA . 33.84 17.44 -54.75
C4 MAN DA . 34.32 16.06 -55.24
C5 MAN DA . 35.83 16.10 -55.50
C6 MAN DA . 36.36 14.80 -56.05
O2 MAN DA . 33.40 18.34 -56.89
O3 MAN DA . 32.44 17.42 -54.51
O4 MAN DA . 34.04 15.09 -54.25
O5 MAN DA . 36.10 17.13 -56.48
O6 MAN DA . 37.36 14.30 -55.15
C1 NAG EA . 26.32 24.02 -47.15
C2 NAG EA . 27.12 24.21 -45.86
C3 NAG EA . 27.25 25.68 -45.50
C4 NAG EA . 27.77 26.47 -46.69
C5 NAG EA . 26.89 26.21 -47.90
C6 NAG EA . 27.33 26.92 -49.15
C7 NAG EA . 26.70 22.19 -44.52
C8 NAG EA . 25.96 21.61 -43.35
N2 NAG EA . 26.49 23.48 -44.76
O3 NAG EA . 28.15 25.81 -44.40
O4 NAG EA . 27.85 27.87 -46.44
O5 NAG EA . 26.88 24.81 -48.19
O6 NAG EA . 28.75 26.83 -49.34
O7 NAG EA . 27.44 21.50 -45.22
C1 NAG EA . 26.91 28.41 -45.50
C2 NAG EA . 27.49 29.78 -45.07
C3 NAG EA . 26.50 30.58 -44.22
C4 NAG EA . 25.14 30.65 -44.90
C5 NAG EA . 24.67 29.23 -45.14
C6 NAG EA . 23.30 29.15 -45.77
C7 NAG EA . 29.17 29.07 -43.31
C8 NAG EA . 28.09 28.38 -42.52
N2 NAG EA . 28.81 29.69 -44.46
O3 NAG EA . 27.02 31.89 -44.01
O4 NAG EA . 24.23 31.37 -44.09
O5 NAG EA . 25.58 28.58 -46.03
O6 NAG EA . 23.06 30.26 -46.63
O7 NAG EA . 30.33 29.09 -42.93
C1 BMA EA . 23.96 32.65 -44.72
C2 BMA EA . 24.26 33.77 -43.69
C3 BMA EA . 23.98 35.13 -44.34
C4 BMA EA . 24.70 35.28 -45.71
C5 BMA EA . 24.39 34.07 -46.63
C6 BMA EA . 25.21 34.11 -47.92
O2 BMA EA . 25.64 33.76 -43.34
O3 BMA EA . 24.32 36.21 -43.49
O4 BMA EA . 24.27 36.47 -46.36
O5 BMA EA . 24.72 32.85 -45.93
O6 BMA EA . 26.52 34.62 -47.67
C1 MAN EA . 23.10 36.94 -43.26
C2 MAN EA . 23.45 38.42 -42.98
C3 MAN EA . 24.12 38.56 -41.61
C4 MAN EA . 23.28 37.88 -40.52
C5 MAN EA . 23.02 36.42 -40.90
C6 MAN EA . 22.13 35.70 -39.91
O2 MAN EA . 22.27 39.22 -42.89
O3 MAN EA . 24.36 39.92 -41.27
O4 MAN EA . 23.96 37.93 -39.28
O5 MAN EA . 22.37 36.37 -42.18
O6 MAN EA . 22.06 34.33 -40.30
C1 MAN EA . 27.17 34.79 -48.96
C2 MAN EA . 28.62 35.32 -48.73
C3 MAN EA . 28.60 36.79 -48.32
C4 MAN EA . 27.78 37.62 -49.32
C5 MAN EA . 26.36 37.06 -49.42
C6 MAN EA . 25.50 37.79 -50.42
O2 MAN EA . 29.40 35.27 -49.92
O3 MAN EA . 29.92 37.33 -48.19
O4 MAN EA . 27.71 38.97 -48.89
O5 MAN EA . 26.43 35.66 -49.82
O6 MAN EA . 24.26 37.10 -50.52
C1 FUC EA . 29.38 28.10 -49.68
C2 FUC EA . 29.12 28.42 -51.23
C3 FUC EA . 28.00 29.42 -51.48
C4 FUC EA . 28.23 30.65 -50.64
C5 FUC EA . 28.05 30.26 -49.19
C6 FUC EA . 28.30 31.41 -48.24
O2 FUC EA . 28.93 27.24 -52.00
O3 FUC EA . 27.98 29.81 -52.86
O4 FUC EA . 29.54 31.16 -50.86
O5 FUC EA . 28.96 29.19 -48.76
C1 NAG FA . -74.51 12.91 10.95
C2 NAG FA . -74.16 14.02 9.98
C3 NAG FA . -73.40 15.13 10.69
C4 NAG FA . -74.12 15.59 11.96
C5 NAG FA . -74.50 14.38 12.82
C6 NAG FA . -75.40 14.70 13.99
C7 NAG FA . -73.84 12.70 7.92
C8 NAG FA . -72.86 12.26 6.88
N2 NAG FA . -73.36 13.51 8.88
O3 NAG FA . -73.23 16.24 9.82
O4 NAG FA . -73.27 16.49 12.66
O5 NAG FA . -75.21 13.43 12.02
O6 NAG FA . -76.77 14.68 13.60
O7 NAG FA . -75.02 12.35 7.91
C1 NAG FA . -74.02 17.54 13.31
C2 NAG FA . -73.21 18.00 14.52
C3 NAG FA . -73.96 19.09 15.27
C4 NAG FA . -74.34 20.23 14.32
C5 NAG FA . -75.07 19.67 13.08
C6 NAG FA . -75.36 20.72 12.03
C7 NAG FA . -72.07 15.89 15.10
C8 NAG FA . -71.90 14.83 16.13
N2 NAG FA . -72.92 16.87 15.41
O3 NAG FA . -73.16 19.59 16.33
O4 NAG FA . -75.18 21.16 14.99
O5 NAG FA . -74.28 18.66 12.45
O6 NAG FA . -74.26 21.61 11.87
O7 NAG FA . -71.47 15.86 14.03
C1 BMA FA . -74.56 22.46 14.93
C2 BMA FA . -75.59 23.49 15.39
C3 BMA FA . -74.97 24.87 15.30
C4 BMA FA . -73.60 24.96 16.00
C5 BMA FA . -72.68 23.75 15.64
C6 BMA FA . -71.46 23.65 16.54
O2 BMA FA . -75.92 23.27 16.75
O3 BMA FA . -75.85 25.85 15.84
O4 BMA FA . -72.95 26.15 15.63
O5 BMA FA . -73.41 22.52 15.77
O6 BMA FA . -70.52 22.77 15.93
C1 NAG GA . 11.08 58.44 35.63
C2 NAG GA . 11.87 59.62 35.07
C3 NAG GA . 13.28 59.63 35.64
C4 NAG GA . 13.23 59.62 37.16
C5 NAG GA . 12.39 58.44 37.65
C6 NAG GA . 12.20 58.45 39.14
C7 NAG GA . 10.89 60.08 32.88
C8 NAG GA . 11.08 60.01 31.39
N2 NAG GA . 11.89 59.62 33.62
O3 NAG GA . 13.96 60.79 35.18
O4 NAG GA . 14.54 59.53 37.71
O5 NAG GA . 11.08 58.49 37.06
O6 NAG GA . 12.13 59.78 39.64
O7 NAG GA . 9.87 60.55 33.38
C1 NAG GA . 14.90 60.80 38.27
C2 NAG GA . 15.83 60.58 39.45
C3 NAG GA . 16.27 61.92 40.03
C4 NAG GA . 16.89 62.78 38.94
C5 NAG GA . 15.92 62.93 37.77
C6 NAG GA . 16.50 63.68 36.59
C7 NAG GA . 15.89 58.92 41.24
C8 NAG GA . 15.09 58.15 42.25
N2 NAG GA . 15.20 59.76 40.47
O3 NAG GA . 17.21 61.70 41.08
O4 NAG GA . 17.23 64.07 39.46
O5 NAG GA . 15.54 61.63 37.28
O6 NAG GA . 17.87 63.33 36.39
O7 NAG GA . 17.10 58.77 41.13
C1 BMA GA . 18.67 64.24 39.42
C2 BMA GA . 19.05 65.37 40.41
C3 BMA GA . 20.58 65.46 40.54
C4 BMA GA . 21.20 64.08 40.80
C5 BMA GA . 20.76 63.10 39.71
C6 BMA GA . 21.35 61.70 39.84
O2 BMA GA . 18.55 65.09 41.70
O3 BMA GA . 20.96 66.40 41.55
O4 BMA GA . 22.61 64.16 40.81
O5 BMA GA . 19.32 63.02 39.74
O6 BMA GA . 21.18 61.24 41.18
C1 MAN GA . 22.04 67.24 41.07
C2 MAN GA . 23.07 67.34 42.21
C3 MAN GA . 22.53 68.20 43.34
C4 MAN GA . 22.08 69.56 42.80
C5 MAN GA . 21.04 69.37 41.71
C6 MAN GA . 20.62 70.69 41.06
O2 MAN GA . 24.26 67.99 41.78
O3 MAN GA . 23.47 68.37 44.39
O4 MAN GA . 21.53 70.34 43.85
O5 MAN GA . 21.57 68.53 40.67
O6 MAN GA . 19.56 70.42 40.15
C1 MAN GA . 20.04 60.36 41.24
C2 MAN GA . 19.72 60.07 42.75
C3 MAN GA . 20.63 58.97 43.30
C4 MAN GA . 20.63 57.76 42.38
C5 MAN GA . 21.16 58.19 41.02
C6 MAN GA . 21.26 57.05 40.04
O2 MAN GA . 18.39 59.59 42.91
O3 MAN GA . 20.23 58.58 44.61
O4 MAN GA . 21.46 56.75 42.90
O5 MAN GA . 20.25 59.16 40.47
O6 MAN GA . 19.93 56.67 39.67
C1 NAG HA . 20.03 29.49 6.42
C2 NAG HA . 19.52 28.87 7.71
C3 NAG HA . 20.51 29.12 8.84
C4 NAG HA . 21.88 28.58 8.44
C5 NAG HA . 22.32 29.16 7.10
C6 NAG HA . 23.59 28.54 6.59
C7 NAG HA . 17.87 30.63 8.26
C8 NAG HA . 16.43 30.89 8.58
N2 NAG HA . 18.19 29.35 8.05
O3 NAG HA . 20.04 28.47 10.01
O4 NAG HA . 22.84 28.94 9.43
O5 NAG HA . 21.32 28.93 6.10
O6 NAG HA . 23.69 27.19 7.04
O7 NAG HA . 18.70 31.53 8.20
C1 NAG HA . 23.02 27.89 10.39
C2 NAG HA . 24.51 27.61 10.51
C3 NAG HA . 24.77 26.55 11.57
C4 NAG HA . 24.13 26.96 12.90
C5 NAG HA . 22.65 27.28 12.69
C6 NAG HA . 21.99 27.83 13.92
C7 NAG HA . 26.33 27.35 8.89
C8 NAG HA . 26.73 26.86 7.54
N2 NAG HA . 25.05 27.18 9.23
O3 NAG HA . 26.17 26.39 11.75
O4 NAG HA . 24.25 25.90 13.84
O5 NAG HA . 22.51 28.28 11.67
O6 NAG HA . 22.95 28.34 14.84
O7 NAG HA . 27.12 27.90 9.65
C1 BMA HA . 25.31 26.25 14.76
C2 BMA HA . 24.99 25.58 16.11
C3 BMA HA . 26.13 25.86 17.09
C4 BMA HA . 27.49 25.50 16.46
C5 BMA HA . 27.67 26.17 15.08
C6 BMA HA . 28.94 25.73 14.36
O2 BMA HA . 24.93 24.17 15.94
O3 BMA HA . 25.99 25.16 18.34
O4 BMA HA . 28.54 25.89 17.31
O5 BMA HA . 26.56 25.80 14.26
O6 BMA HA . 30.08 25.94 15.20
C1 MAN HA . 24.63 25.27 18.85
C2 MAN HA . 24.43 26.68 19.50
C3 MAN HA . 25.14 26.77 20.85
C4 MAN HA . 24.83 25.55 21.74
C5 MAN HA . 25.18 24.28 20.97
C6 MAN HA . 24.92 23.02 21.76
O2 MAN HA . 23.06 26.91 19.78
O3 MAN HA . 24.81 27.97 21.54
O4 MAN HA . 25.58 25.61 22.93
O5 MAN HA . 24.38 24.24 19.78
O6 MAN HA . 25.74 22.00 21.23
C1 MAN HA . 31.06 24.92 14.89
C2 MAN HA . 32.07 24.82 16.10
C3 MAN HA . 33.09 25.94 16.05
C4 MAN HA . 33.77 25.99 14.69
C5 MAN HA . 32.70 26.28 13.64
C6 MAN HA . 33.28 26.41 12.24
O2 MAN HA . 32.83 23.61 16.03
O3 MAN HA . 34.07 25.80 17.07
O4 MAN HA . 34.76 27.00 14.66
O5 MAN HA . 31.74 25.19 13.64
O6 MAN HA . 32.24 26.76 11.35
C1 NAG IA . 34.99 36.98 28.85
C2 NAG IA . 34.08 36.93 30.08
C3 NAG IA . 34.60 35.90 31.07
C4 NAG IA . 34.77 34.55 30.38
C5 NAG IA . 35.64 34.71 29.14
C6 NAG IA . 35.72 33.46 28.31
C7 NAG IA . 32.85 38.98 30.64
C8 NAG IA . 32.89 40.29 31.37
N2 NAG IA . 33.96 38.24 30.72
O3 NAG IA . 33.67 35.80 32.15
O4 NAG IA . 35.43 33.64 31.26
O5 NAG IA . 35.07 35.71 28.28
O6 NAG IA . 34.84 33.56 27.20
O7 NAG IA . 31.87 38.63 29.99
C1 NAG IA . 34.49 32.89 32.04
C2 NAG IA . 34.31 31.51 31.43
C3 NAG IA . 35.61 30.73 31.49
C4 NAG IA . 36.10 30.61 32.94
C5 NAG IA . 36.10 31.95 33.68
C6 NAG IA . 37.32 32.80 33.40
C7 NAG IA . 31.95 31.07 31.95
C8 NAG IA . 30.99 30.21 32.71
N2 NAG IA . 33.24 30.77 32.09
O3 NAG IA . 36.60 31.37 30.70
O4 NAG IA . 35.28 29.68 33.64
O5 NAG IA . 34.93 32.76 33.41
O6 NAG IA . 38.40 32.44 34.26
O7 NAG IA . 31.57 32.00 31.24
C1 BMA IA . 36.16 28.70 34.25
C2 BMA IA . 36.50 29.21 35.67
C3 BMA IA . 37.46 28.23 36.33
C4 BMA IA . 36.85 26.82 36.32
C5 BMA IA . 36.45 26.42 34.87
C6 BMA IA . 35.77 25.07 34.79
O2 BMA IA . 35.34 29.24 36.48
O3 BMA IA . 37.80 28.63 37.66
O4 BMA IA . 37.77 25.89 36.84
O5 BMA IA . 35.56 27.42 34.33
O6 BMA IA . 35.68 24.69 33.41
C1 MAN IA . 38.96 29.51 37.65
C2 MAN IA . 38.49 30.89 38.23
C3 MAN IA . 39.36 32.04 37.69
C4 MAN IA . 40.75 31.53 37.34
C5 MAN IA . 40.64 30.58 36.14
C6 MAN IA . 41.91 29.81 35.84
O2 MAN IA . 38.63 30.95 39.65
O3 MAN IA . 39.45 33.12 38.61
O4 MAN IA . 41.60 32.62 37.01
O5 MAN IA . 39.54 29.61 36.35
O6 MAN IA . 42.97 30.75 35.69
C1 MAN IA . 36.53 23.54 33.18
C2 MAN IA . 36.08 22.40 34.13
C3 MAN IA . 37.28 21.64 34.65
C4 MAN IA . 38.34 21.47 33.56
C5 MAN IA . 38.88 22.85 33.15
C6 MAN IA . 39.28 22.93 31.69
O2 MAN IA . 35.30 21.43 33.43
O3 MAN IA . 36.93 20.38 35.18
O4 MAN IA . 39.41 20.69 34.05
O5 MAN IA . 37.89 23.89 33.40
O6 MAN IA . 40.17 21.86 31.41
C1 FUC IA . 35.51 33.40 25.93
C2 FUC IA . 34.46 33.74 24.85
C3 FUC IA . 34.12 35.23 24.89
C4 FUC IA . 35.37 36.05 24.63
C5 FUC IA . 36.47 35.67 25.63
C6 FUC IA . 37.84 36.26 25.27
O2 FUC IA . 33.29 32.96 24.99
O3 FUC IA . 33.18 35.55 23.87
O4 FUC IA . 35.83 35.82 23.31
O5 FUC IA . 36.67 34.24 25.78
C1 NAG JA . 12.77 60.28 13.61
C2 NAG JA . 13.03 61.34 14.68
C3 NAG JA . 11.92 62.38 14.68
C4 NAG JA . 11.69 62.94 13.28
C5 NAG JA . 11.52 61.80 12.27
C6 NAG JA . 11.45 62.27 10.83
C7 NAG JA . 14.23 60.01 16.39
C8 NAG JA . 14.17 59.45 17.76
N2 NAG JA . 13.15 60.72 16.00
O3 NAG JA . 12.24 63.43 15.58
O4 NAG JA . 10.50 63.71 13.30
O5 NAG JA . 12.64 60.90 12.35
O6 NAG JA . 10.14 62.65 10.49
O7 NAG JA . 15.19 59.85 15.65
C1 NAG JA . 10.69 65.02 12.70
C2 NAG JA . 9.62 65.97 13.26
C3 NAG JA . 9.79 67.37 12.68
C4 NAG JA . 11.21 67.86 12.89
C5 NAG JA . 12.22 66.83 12.37
C6 NAG JA . 13.65 67.20 12.68
C7 NAG JA . 7.62 64.66 13.85
C8 NAG JA . 6.25 64.25 13.41
N2 NAG JA . 8.28 65.46 13.00
O3 NAG JA . 8.86 68.25 13.29
O4 NAG JA . 11.39 69.10 12.22
O5 NAG JA . 11.99 65.56 12.99
O6 NAG JA . 14.50 66.05 12.67
O7 NAG JA . 8.11 64.31 14.91
C1 BMA JA . 11.64 70.13 13.20
C2 BMA JA . 11.77 71.50 12.47
C3 BMA JA . 11.87 72.65 13.49
C4 BMA JA . 10.80 72.52 14.60
C5 BMA JA . 10.84 71.10 15.22
C6 BMA JA . 9.80 70.86 16.29
O2 BMA JA . 10.62 71.76 11.69
O3 BMA JA . 11.79 73.93 12.88
O4 BMA JA . 11.05 73.47 15.62
O5 BMA JA . 10.60 70.16 14.17
O6 BMA JA . 10.43 70.24 17.39
C1 MAN JA . 13.11 74.49 12.68
C2 MAN JA . 13.39 74.48 11.15
C3 MAN JA . 14.89 74.35 10.88
C4 MAN JA . 15.70 75.00 12.00
C5 MAN JA . 15.50 74.18 13.29
C6 MAN JA . 15.91 74.94 14.54
O2 MAN JA . 13.00 75.71 10.54
O3 MAN JA . 15.25 74.91 9.62
O4 MAN JA . 17.08 75.01 11.67
O5 MAN JA . 14.10 73.77 13.42
O6 MAN JA . 17.20 75.49 14.32
C1 MAN JA . 10.02 68.85 17.51
C2 MAN JA . 11.16 67.95 16.94
C3 MAN JA . 10.76 66.47 16.96
C4 MAN JA . 9.26 66.29 17.23
C5 MAN JA . 8.47 67.30 16.38
C6 MAN JA . 6.97 67.09 16.48
O2 MAN JA . 12.34 68.04 17.74
O3 MAN JA . 11.54 65.72 17.89
O4 MAN JA . 8.87 64.97 16.88
O5 MAN JA . 8.76 68.65 16.83
O6 MAN JA . 6.36 67.91 15.50
C1 NAG KA . 41.46 45.26 13.39
C2 NAG KA . 42.63 46.22 13.51
C3 NAG KA . 43.40 45.98 14.80
C4 NAG KA . 42.45 46.04 16.00
C5 NAG KA . 41.31 45.04 15.79
C6 NAG KA . 40.28 45.08 16.90
C7 NAG KA . 44.39 47.07 12.01
C8 NAG KA . 45.21 46.80 10.78
N2 NAG KA . 43.52 46.12 12.36
O3 NAG KA . 44.42 46.95 14.95
O4 NAG KA . 43.14 45.71 17.19
O5 NAG KA . 40.63 45.35 14.57
O6 NAG KA . 39.34 44.04 16.75
O7 NAG KA . 44.52 48.10 12.66
C1 NAG KA . 43.37 46.91 17.96
C2 NAG KA . 44.08 46.52 19.27
C3 NAG KA . 44.45 47.78 20.05
C4 NAG KA . 45.24 48.75 19.18
C5 NAG KA . 44.44 49.06 17.92
C6 NAG KA . 45.18 49.96 16.96
C7 NAG KA . 43.00 44.37 19.76
C8 NAG KA . 42.12 43.62 20.71
N2 NAG KA . 43.24 45.64 20.07
O3 NAG KA . 45.22 47.41 21.19
O4 NAG KA . 45.48 49.95 19.90
O5 NAG KA . 44.18 47.84 17.22
O6 NAG KA . 45.21 49.40 15.65
O7 NAG KA . 43.46 43.84 18.75
C1 BMA KA . 46.90 50.17 20.09
C2 BMA KA . 47.07 51.45 20.94
C3 BMA KA . 48.55 51.65 21.30
C4 BMA KA . 49.15 50.36 21.89
C5 BMA KA . 48.94 49.20 20.92
C6 BMA KA . 49.50 47.88 21.44
O2 BMA KA . 46.36 51.34 22.16
O3 BMA KA . 48.71 52.72 22.23
O4 BMA KA . 50.55 50.53 22.10
O5 BMA KA . 47.51 49.04 20.72
O6 BMA KA . 48.44 46.94 21.54
C1 MAN KA . 49.50 53.75 21.59
C2 MAN KA . 50.86 53.81 22.33
C3 MAN KA . 50.68 54.40 23.73
C4 MAN KA . 49.92 55.74 23.66
C5 MAN KA . 48.58 55.52 22.97
C6 MAN KA . 47.78 56.80 22.83
O2 MAN KA . 51.78 54.67 21.66
O3 MAN KA . 51.93 54.59 24.38
O4 MAN KA . 49.70 56.24 24.97
O5 MAN KA . 48.82 55.00 21.64
O6 MAN KA . 47.76 57.46 24.08
C1 MAN KA . 48.01 46.86 22.92
C2 MAN KA . 48.07 45.37 23.35
C3 MAN KA . 47.02 45.10 24.42
C4 MAN KA . 46.76 46.36 25.27
C5 MAN KA . 46.11 47.43 24.37
C6 MAN KA . 46.23 48.84 24.93
O2 MAN KA . 49.32 45.05 23.94
O3 MAN KA . 47.39 44.01 25.26
O4 MAN KA . 45.89 46.05 26.34
O5 MAN KA . 46.71 47.42 23.05
O6 MAN KA . 45.41 49.69 24.14
C1 NAG LA . 55.37 9.67 21.46
C2 NAG LA . 56.81 10.11 21.77
C3 NAG LA . 56.89 11.61 21.99
C4 NAG LA . 56.00 12.04 23.15
C5 NAG LA . 54.56 11.60 22.94
C6 NAG LA . 53.75 12.50 22.02
C7 NAG LA . 58.08 8.28 22.80
C8 NAG LA . 58.35 7.81 21.40
N2 NAG LA . 57.34 9.39 22.91
O3 NAG LA . 56.53 12.29 20.81
O4 NAG LA . 56.52 11.44 24.33
O5 NAG LA . 54.43 10.25 22.44
O6 NAG LA . 54.32 12.63 20.73
O7 NAG LA . 58.51 7.69 23.77
C1 NAG LA . 55.65 11.58 25.45
C2 NAG LA . 55.84 10.31 26.29
C3 NAG LA . 55.13 10.42 27.63
C4 NAG LA . 55.68 11.64 28.36
C5 NAG LA . 55.29 12.86 27.55
C6 NAG LA . 55.71 14.16 28.17
C7 NAG LA . 56.04 7.99 25.53
C8 NAG LA . 55.43 6.89 24.71
N2 NAG LA . 55.36 9.15 25.56
O3 NAG LA . 55.37 9.25 28.40
O4 NAG LA . 55.19 11.72 29.70
O5 NAG LA . 55.95 12.77 26.27
O6 NAG LA . 57.09 14.13 28.54
O7 NAG LA . 57.11 7.84 26.12
C1 BMA LA . 56.41 11.52 30.46
C2 BMA LA . 56.53 12.64 31.50
C3 BMA LA . 57.92 12.52 32.12
C4 BMA LA . 58.26 11.07 32.59
C5 BMA LA . 57.70 9.95 31.65
C6 BMA LA . 57.58 8.60 32.36
O2 BMA LA . 55.59 12.45 32.54
O3 BMA LA . 58.08 13.43 33.21
O4 BMA LA . 59.67 10.93 32.66
O5 BMA LA . 56.40 10.29 31.15
O6 BMA LA . 57.32 7.61 31.37
C1 NAG MA . 60.62 22.26 14.19
C2 NAG MA . 61.81 21.31 14.28
C3 NAG MA . 62.10 20.67 12.93
C4 NAG MA . 62.36 21.73 11.88
C5 NAG MA . 61.25 22.78 11.81
C6 NAG MA . 60.01 22.33 11.09
C7 NAG MA . 63.96 21.40 15.45
C8 NAG MA . 65.10 22.27 15.88
N2 NAG MA . 62.98 22.01 14.77
O3 NAG MA . 61.01 19.85 12.56
O4 NAG MA . 63.55 22.44 12.26
O5 NAG MA . 60.86 23.25 13.12
O6 NAG MA . 59.01 23.35 11.07
O7 NAG MA . 63.93 20.20 15.69
C1 NAG MA . 64.71 21.78 11.74
C2 NAG MA . 65.67 22.89 11.30
C3 NAG MA . 67.01 22.30 10.87
C4 NAG MA . 67.56 21.41 11.96
C5 NAG MA . 66.54 20.33 12.30
C6 NAG MA . 66.96 19.41 13.42
C7 NAG MA . 64.13 24.60 10.41
C8 NAG MA . 63.64 25.29 9.18
N2 NAG MA . 65.08 23.66 10.22
O3 NAG MA . 67.92 23.36 10.59
O4 NAG MA . 68.80 20.83 11.54
O5 NAG MA . 65.33 20.97 12.73
O6 NAG MA . 67.75 18.33 12.93
O7 NAG MA . 63.69 24.85 11.52
C1 BMA MA . 69.79 21.14 12.54
C2 BMA MA . 70.93 20.10 12.38
C3 BMA MA . 72.00 20.37 13.43
C4 BMA MA . 72.46 21.85 13.39
C5 BMA MA . 71.23 22.79 13.48
C6 BMA MA . 71.58 24.28 13.40
O2 BMA MA . 71.56 20.25 11.12
O3 BMA MA . 73.10 19.51 13.28
O4 BMA MA . 73.33 22.11 14.47
O5 BMA MA . 70.31 22.46 12.42
O6 BMA MA . 71.81 24.64 12.05
C1 MAN MA . 73.13 18.64 14.44
C2 MAN MA . 74.47 17.85 14.45
C3 MAN MA . 74.45 16.74 13.40
C4 MAN MA . 73.19 15.88 13.55
C5 MAN MA . 71.95 16.77 13.41
C6 MAN MA . 70.65 15.99 13.57
O2 MAN MA . 74.67 17.20 15.70
O3 MAN MA . 75.61 15.93 13.47
O4 MAN MA . 73.17 14.89 12.53
O5 MAN MA . 71.99 17.77 14.45
O6 MAN MA . 69.59 16.85 13.18
C1 MAN MA . 73.21 24.93 11.88
C2 MAN MA . 73.36 26.31 11.20
C3 MAN MA . 72.95 26.24 9.72
C4 MAN MA . 73.60 25.04 9.02
C5 MAN MA . 73.27 23.76 9.80
C6 MAN MA . 73.87 22.51 9.20
O2 MAN MA . 74.72 26.76 11.20
O3 MAN MA . 73.26 27.45 9.03
O4 MAN MA . 73.12 24.92 7.70
O5 MAN MA . 73.80 23.89 11.13
O6 MAN MA . 73.25 21.39 9.82
C1 NAG NA . -1.57 19.16 47.95
C2 NAG NA . -1.61 19.24 49.48
C3 NAG NA . -1.59 20.70 49.94
C4 NAG NA . -1.60 21.67 48.75
C5 NAG NA . -0.58 21.29 47.66
C6 NAG NA . 0.80 21.81 47.94
C7 NAG NA . -4.04 18.88 49.75
C8 NAG NA . -5.09 18.04 50.41
N2 NAG NA . -2.78 18.54 50.01
O3 NAG NA . -0.45 20.93 50.74
O4 NAG NA . -2.91 21.73 48.19
O5 NAG NA . -0.46 19.87 47.49
O6 NAG NA . 1.79 20.85 47.58
O7 NAG NA . -4.33 19.81 49.01
C1 NAG NA . -3.59 22.93 48.56
C2 NAG NA . -4.75 23.08 47.57
C3 NAG NA . -5.56 24.33 47.89
C4 NAG NA . -6.03 24.30 49.34
C5 NAG NA . -4.83 24.08 50.27
C6 NAG NA . -5.23 23.89 51.71
C7 NAG NA . -4.30 22.08 45.37
C8 NAG NA . -4.91 20.82 45.92
N2 NAG NA . -4.26 23.12 46.20
O3 NAG NA . -6.67 24.38 47.01
O4 NAG NA . -6.64 25.54 49.69
O5 NAG NA . -4.10 22.90 49.89
O6 NAG NA . -5.44 22.52 52.02
O7 NAG NA . -3.88 22.14 44.22
C1 BMA NA . -8.08 25.43 49.58
C2 BMA NA . -8.75 25.74 50.95
C3 BMA NA . -10.29 25.70 50.78
C4 BMA NA . -10.78 26.51 49.54
C5 BMA NA . -9.96 26.15 48.29
C6 BMA NA . -10.31 27.00 47.10
O2 BMA NA . -8.41 27.04 51.38
O3 BMA NA . -10.99 26.05 52.03
O4 BMA NA . -12.15 26.26 49.28
O5 BMA NA . -8.57 26.32 48.58
O6 BMA NA . -10.91 28.20 47.57
C1 MAN NA . -11.65 27.34 52.06
C2 MAN NA . -11.71 27.81 53.54
C3 MAN NA . -12.75 27.02 54.34
C4 MAN NA . -14.08 26.93 53.59
C5 MAN NA . -13.85 26.38 52.18
C6 MAN NA . -15.12 26.31 51.36
O2 MAN NA . -12.14 29.17 53.63
O3 MAN NA . -12.95 27.55 55.64
O4 MAN NA . -14.97 26.08 54.29
O5 MAN NA . -12.95 27.26 51.50
O6 MAN NA . -15.36 27.61 50.83
C1 MAN NA . -10.38 29.30 46.80
C2 MAN NA . -9.09 29.75 47.50
C3 MAN NA . -9.41 30.46 48.82
C4 MAN NA . -10.47 31.55 48.61
C5 MAN NA . -11.72 30.93 47.97
C6 MAN NA . -12.81 31.94 47.69
O2 MAN NA . -8.38 30.71 46.71
O3 MAN NA . -8.24 31.02 49.42
O4 MAN NA . -10.82 32.13 49.85
O5 MAN NA . -11.34 30.34 46.72
O6 MAN NA . -13.97 31.24 47.26
C1 NAG OA . -49.50 -12.70 36.70
C2 NAG OA . -51.05 -12.61 36.84
C3 NAG OA . -51.49 -13.15 38.19
C4 NAG OA . -50.91 -14.53 38.45
C5 NAG OA . -49.39 -14.50 38.28
C6 NAG OA . -48.77 -15.86 38.43
C7 NAG OA . -52.67 -10.92 36.07
C8 NAG OA . -52.99 -9.46 35.98
N2 NAG OA . -51.51 -11.24 36.67
O3 NAG OA . -52.91 -13.21 38.23
O4 NAG OA . -51.22 -14.92 39.78
O5 NAG OA . -49.08 -14.04 36.96
O6 NAG OA . -49.31 -16.79 37.50
O7 NAG OA . -53.42 -11.78 35.60
C1 NAG OA . -50.64 -13.96 40.71
C2 NAG OA . -51.66 -13.53 41.76
C3 NAG OA . -51.01 -12.60 42.78
C4 NAG OA . -49.81 -13.30 43.39
C5 NAG OA . -48.82 -13.70 42.29
C6 NAG OA . -47.64 -14.48 42.81
C7 NAG OA . -53.99 -12.74 41.77
C8 NAG OA . -55.06 -12.04 40.99
N2 NAG OA . -52.81 -12.88 41.15
O3 NAG OA . -51.95 -12.25 43.79
O4 NAG OA . -49.18 -12.52 44.40
O5 NAG OA . -49.50 -14.56 41.35
O6 NAG OA . -47.51 -15.72 42.12
O7 NAG OA . -54.17 -13.15 42.91
C1 BMA OA . -49.59 -13.20 45.61
C2 BMA OA . -48.37 -13.87 46.28
C3 BMA OA . -48.79 -14.42 47.66
C4 BMA OA . -50.34 -14.34 47.97
C5 BMA OA . -51.02 -13.02 47.48
C6 BMA OA . -51.39 -12.07 48.61
O2 BMA OA . -47.35 -12.92 46.52
O3 BMA OA . -48.05 -13.81 48.70
O4 BMA OA . -51.00 -15.46 47.42
O5 BMA OA . -50.18 -12.32 46.55
O6 BMA OA . -52.10 -12.81 49.60
C1 MAN OA . -48.38 -14.50 49.92
C2 MAN OA . -48.29 -13.45 51.06
C3 MAN OA . -46.85 -13.03 51.28
C4 MAN OA . -45.93 -14.26 51.43
C5 MAN OA . -46.10 -15.19 50.23
C6 MAN OA . -45.29 -16.45 50.33
O2 MAN OA . -48.73 -14.00 52.30
O3 MAN OA . -46.72 -12.18 52.42
O4 MAN OA . -44.58 -13.84 51.50
O5 MAN OA . -47.48 -15.57 50.15
O6 MAN OA . -45.86 -17.27 51.35
C1 MAN OA . -53.50 -12.72 49.30
C2 MAN OA . -54.01 -11.34 49.79
C3 MAN OA . -54.09 -11.30 51.31
C4 MAN OA . -54.87 -12.52 51.85
C5 MAN OA . -54.21 -13.81 51.33
C6 MAN OA . -54.95 -15.06 51.79
O2 MAN OA . -55.34 -11.07 49.32
O3 MAN OA . -54.68 -10.10 51.78
O4 MAN OA . -54.86 -12.51 53.26
O5 MAN OA . -54.23 -13.79 49.89
O6 MAN OA . -56.26 -15.02 51.26
C1 NAG PA . -52.50 6.46 30.81
C2 NAG PA . -52.29 6.33 32.33
C3 NAG PA . -53.61 6.42 33.07
C4 NAG PA . -54.31 7.71 32.68
C5 NAG PA . -54.58 7.69 31.20
C6 NAG PA . -55.27 8.94 30.71
C7 NAG PA . -50.59 5.02 33.53
C8 NAG PA . -50.19 6.32 34.18
N2 NAG PA . -51.59 5.09 32.66
O3 NAG PA . -53.38 6.36 34.47
O4 NAG PA . -55.48 7.96 33.47
O5 NAG PA . -53.32 7.63 30.52
O6 NAG PA . -54.59 10.11 31.15
O7 NAG PA . -50.02 3.96 33.80
C1 NAG PA . -54.94 9.03 34.28
C2 NAG PA . -56.03 9.91 34.83
C3 NAG PA . -55.41 11.05 35.64
C4 NAG PA . -54.29 10.57 36.58
C5 NAG PA . -53.45 9.39 36.05
C6 NAG PA . -52.73 8.64 37.15
C7 NAG PA . -58.15 10.11 33.64
C8 NAG PA . -58.87 10.74 32.48
N2 NAG PA . -56.86 10.43 33.77
O3 NAG PA . -56.42 11.70 36.39
O4 NAG PA . -53.36 11.64 36.74
O5 NAG PA . -54.24 8.43 35.34
O6 NAG PA . -52.10 7.47 36.64
O7 NAG PA . -58.72 9.34 34.41
C1 BMA PA . -53.54 12.43 37.92
C2 BMA PA . -52.79 13.73 37.59
C3 BMA PA . -53.10 14.85 38.59
C4 BMA PA . -54.61 14.94 38.88
C5 BMA PA . -55.07 13.55 39.32
C6 BMA PA . -56.52 13.44 39.76
O2 BMA PA . -53.16 14.22 36.32
O3 BMA PA . -52.58 16.09 38.11
O4 BMA PA . -54.86 15.88 39.90
O5 BMA PA . -54.89 12.69 38.21
O6 BMA PA . -57.10 12.29 39.10
C1 MAN PA . -51.34 16.40 38.79
C2 MAN PA . -50.94 17.84 38.37
C3 MAN PA . -50.44 17.84 36.93
C4 MAN PA . -49.28 16.85 36.78
C5 MAN PA . -49.78 15.45 37.14
C6 MAN PA . -48.70 14.40 37.05
O2 MAN PA . -49.84 18.31 39.15
O3 MAN PA . -50.02 19.14 36.51
O4 MAN PA . -48.82 16.85 35.45
O5 MAN PA . -50.29 15.46 38.50
O6 MAN PA . -47.72 14.70 38.04
C1 MAN PA . -57.28 11.20 40.03
C2 MAN PA . -58.56 11.47 40.85
C3 MAN PA . -58.47 10.77 42.21
C4 MAN PA . -57.61 9.50 42.11
C5 MAN PA . -56.16 9.90 41.78
C6 MAN PA . -55.36 8.78 41.12
O2 MAN PA . -59.71 10.91 40.22
O3 MAN PA . -59.75 10.47 42.75
O4 MAN PA . -57.63 8.81 43.35
O5 MAN PA . -56.14 11.04 40.87
O6 MAN PA . -54.46 8.26 42.09
C1 NAG QA . -43.90 26.67 14.74
C2 NAG QA . -44.72 27.40 15.81
C3 NAG QA . -44.72 28.90 15.54
C4 NAG QA . -43.29 29.41 15.38
C5 NAG QA . -42.55 28.58 14.33
C6 NAG QA . -41.09 28.95 14.23
C7 NAG QA . -46.87 27.06 16.92
C8 NAG QA . -48.25 26.47 16.82
N2 NAG QA . -46.07 26.89 15.86
O3 NAG QA . -45.35 29.59 16.61
O4 NAG QA . -43.32 30.77 14.98
O5 NAG QA . -42.59 27.20 14.69
O6 NAG QA . -40.52 29.24 15.50
O7 NAG QA . -46.51 27.67 17.92
C1 NAG QA . -42.73 31.45 16.10
C2 NAG QA . -42.10 32.75 15.62
C3 NAG QA . -41.52 33.52 16.80
C4 NAG QA . -42.58 33.71 17.88
C5 NAG QA . -43.22 32.38 18.25
C6 NAG QA . -44.38 32.52 19.20
C7 NAG QA . -41.35 32.20 13.36
C8 NAG QA . -40.16 31.97 12.46
N2 NAG QA . -41.07 32.49 14.63
O3 NAG QA . -41.05 34.77 16.33
O4 NAG QA . -41.98 34.22 19.07
O5 NAG QA . -43.74 31.74 17.08
O6 NAG QA . -45.23 33.59 18.81
O7 NAG QA . -42.49 32.13 12.94
C1 BMA QA . -42.01 35.66 19.06
C2 BMA QA . -43.37 36.13 19.63
C3 BMA QA . -43.34 37.65 19.80
C4 BMA QA . -42.07 38.13 20.53
C5 BMA QA . -40.83 37.55 19.82
C6 BMA QA . -39.53 37.88 20.52
O2 BMA QA . -43.58 35.58 20.92
O3 BMA QA . -44.50 38.11 20.49
O4 BMA QA . -41.99 39.54 20.51
O5 BMA QA . -40.93 36.14 19.82
O6 BMA QA . -38.46 37.26 19.83
C1 NAG RA . -63.47 -27.93 31.70
C2 NAG RA . -63.01 -28.37 33.09
C3 NAG RA . -61.82 -29.30 32.99
C4 NAG RA . -62.15 -30.48 32.06
C5 NAG RA . -62.65 -29.96 30.72
C6 NAG RA . -63.12 -31.08 29.81
C7 NAG RA . -62.73 -27.23 35.25
C8 NAG RA . -62.36 -25.96 35.93
N2 NAG RA . -62.69 -27.22 33.92
O3 NAG RA . -61.46 -29.76 34.27
O4 NAG RA . -60.97 -31.25 31.83
O5 NAG RA . -63.76 -29.09 30.91
O6 NAG RA . -63.38 -32.27 30.53
O7 NAG RA . -63.04 -28.25 35.86
C1 NAG RA . -60.91 -32.37 32.71
C2 NAG RA . -59.88 -33.36 32.15
C3 NAG RA . -59.67 -34.52 33.12
C4 NAG RA . -59.34 -33.99 34.51
C5 NAG RA . -60.42 -33.01 34.96
C6 NAG RA . -60.11 -32.37 36.30
C7 NAG RA . -60.11 -33.16 29.71
C8 NAG RA . -60.58 -33.83 28.45
N2 NAG RA . -60.28 -33.85 30.85
O3 NAG RA . -58.62 -35.34 32.65
O4 NAG RA . -59.22 -35.05 35.44
O5 NAG RA . -60.52 -31.95 34.01
O6 NAG RA . -58.76 -31.94 36.36
O7 NAG RA . -59.60 -32.05 29.70
C1 BMA RA . -57.83 -35.08 35.80
C2 BMA RA . -57.72 -35.02 37.35
C3 BMA RA . -56.27 -35.18 37.77
C4 BMA RA . -55.61 -36.39 37.09
C5 BMA RA . -55.81 -36.31 35.56
C6 BMA RA . -55.24 -37.49 34.81
O2 BMA RA . -58.45 -36.09 37.94
O3 BMA RA . -56.15 -35.30 39.18
O4 BMA RA . -54.23 -36.41 37.38
O5 BMA RA . -57.22 -36.26 35.30
O6 BMA RA . -55.55 -37.33 33.44
C1 NAG SA . 16.57 -13.61 40.16
C2 NAG SA . 16.30 -14.47 38.92
C3 NAG SA . 14.95 -15.19 39.02
C4 NAG SA . 14.86 -15.96 40.33
C5 NAG SA . 15.14 -15.02 41.50
C6 NAG SA . 15.15 -15.72 42.85
C7 NAG SA . 16.69 -14.21 36.50
C8 NAG SA . 16.72 -13.26 35.35
N2 NAG SA . 16.37 -13.69 37.69
O3 NAG SA . 14.80 -16.08 37.92
O4 NAG SA . 13.58 -16.52 40.48
O5 NAG SA . 16.43 -14.41 41.35
O6 NAG SA . 14.26 -15.13 43.78
O7 NAG SA . 16.94 -15.40 36.38
C1 FUC SA . 14.49 -13.70 43.87
C2 FUC SA . 13.32 -13.06 44.65
C3 FUC SA . 13.74 -11.80 45.43
C4 FUC SA . 14.92 -11.08 44.75
C5 FUC SA . 16.11 -12.03 44.59
C6 FUC SA . 16.94 -11.75 43.34
O2 FUC SA . 12.67 -13.99 45.51
O3 FUC SA . 12.67 -10.89 45.53
O4 FUC SA . 14.51 -10.56 43.49
O5 FUC SA . 15.73 -13.43 44.51
C1 NAG TA . -15.04 5.90 45.94
C2 NAG TA . -13.55 5.66 45.75
C3 NAG TA . -13.10 4.37 46.44
C4 NAG TA . -13.67 4.26 47.85
C5 NAG TA . -15.16 4.63 47.88
C6 NAG TA . -15.72 4.68 49.28
C7 NAG TA . -12.48 6.59 43.74
C8 NAG TA . -12.22 6.39 42.28
N2 NAG TA . -13.20 5.63 44.34
O3 NAG TA . -11.68 4.33 46.50
O4 NAG TA . -13.49 2.96 48.42
O5 NAG TA . -15.33 5.93 47.31
O6 NAG TA . -15.65 3.42 49.94
O7 NAG TA . -12.04 7.55 44.37
C1 NAG TA . -13.61 1.81 47.55
C2 NAG TA . -13.57 0.62 48.53
C3 NAG TA . -13.78 -0.73 47.82
C4 NAG TA . -14.96 -0.66 46.84
C5 NAG TA . -14.86 0.59 45.97
C6 NAG TA . -16.06 0.77 45.07
C7 NAG TA . -11.10 0.48 49.05
C8 NAG TA . -10.77 0.34 47.58
N2 NAG TA . -12.40 0.60 49.39
O3 NAG TA . -14.04 -1.69 48.83
O4 NAG TA . -15.08 -1.80 45.99
O5 NAG TA . -14.79 1.76 46.79
O6 NAG TA . -16.86 -0.41 45.04
O7 NAG TA . -10.21 0.48 49.90
C1 BMA TA . -14.18 -2.93 46.12
C2 BMA TA . -14.87 -4.02 46.97
C3 BMA TA . -13.90 -5.17 47.12
C4 BMA TA . -13.55 -5.71 45.74
C5 BMA TA . -12.95 -4.60 44.89
C6 BMA TA . -12.70 -5.04 43.46
O2 BMA TA . -15.99 -4.54 46.29
O3 BMA TA . -14.41 -6.20 47.95
O4 BMA TA . -12.62 -6.77 45.87
O5 BMA TA . -13.87 -3.47 44.85
O6 BMA TA . -13.91 -4.90 42.74
C1 FUC TA . -16.87 2.66 49.82
C2 FUC TA . -17.94 3.19 50.85
C3 FUC TA . -19.32 3.33 50.18
C4 FUC TA . -19.62 2.07 49.34
C5 FUC TA . -18.59 1.95 48.22
C6 FUC TA . -18.14 0.53 47.97
O2 FUC TA . -17.59 4.38 51.56
O3 FUC TA . -20.34 3.45 51.16
O4 FUC TA . -19.57 0.92 50.16
O5 FUC TA . -17.39 2.71 48.48
C1 NAG UA . 31.37 -9.37 36.13
C2 NAG UA . 32.83 -9.11 36.25
C3 NAG UA . 33.30 -9.49 37.63
C4 NAG UA . 32.47 -8.73 38.67
C5 NAG UA . 30.97 -8.78 38.36
C6 NAG UA . 30.19 -7.79 39.19
C7 NAG UA . 34.22 -9.26 34.24
C8 NAG UA . 34.16 -7.77 34.20
N2 NAG UA . 33.56 -9.86 35.23
O3 NAG UA . 34.68 -9.16 37.77
O4 NAG UA . 32.71 -9.28 39.96
O5 NAG UA . 30.68 -8.49 36.98
O6 NAG UA . 30.76 -6.50 39.09
O7 NAG UA . 34.83 -9.91 33.40
C1 NAG UA . 33.64 -8.47 40.70
C2 NAG UA . 34.83 -9.35 41.11
C3 NAG UA . 35.91 -8.55 41.82
C4 NAG UA . 36.34 -7.37 40.96
C5 NAG UA . 35.12 -6.53 40.57
C6 NAG UA . 35.46 -5.41 39.60
C7 NAG UA . 33.84 -10.59 43.10
C8 NAG UA . 33.52 -9.30 43.78
N2 NAG UA . 34.44 -10.53 41.89
O3 NAG UA . 37.02 -9.39 42.10
O4 NAG UA . 37.25 -6.55 41.69
O5 NAG UA . 34.13 -7.34 39.93
O6 NAG UA . 34.32 -5.05 38.84
O7 NAG UA . 33.57 -11.67 43.62
C1 BMA UA . 38.62 -6.86 41.36
C2 BMA UA . 39.43 -5.57 41.28
C3 BMA UA . 40.86 -5.91 40.85
C4 BMA UA . 41.47 -7.15 41.63
C5 BMA UA . 40.44 -8.26 41.93
C6 BMA UA . 40.91 -9.18 43.05
O2 BMA UA . 39.53 -4.96 42.55
O3 BMA UA . 41.72 -4.71 40.89
O4 BMA UA . 42.51 -7.74 40.86
O5 BMA UA . 39.20 -7.68 42.34
O6 BMA UA . 40.45 -8.65 44.29
C1 MAN UA . 42.95 -4.87 41.66
C2 MAN UA . 42.81 -4.12 43.03
C3 MAN UA . 42.81 -2.62 42.81
C4 MAN UA . 43.98 -2.17 41.92
C5 MAN UA . 43.99 -2.99 40.62
C6 MAN UA . 45.18 -2.66 39.74
O2 MAN UA . 43.94 -4.38 43.87
O3 MAN UA . 42.84 -1.90 44.04
O4 MAN UA . 43.85 -0.80 41.59
O5 MAN UA . 44.07 -4.38 40.94
O6 MAN UA . 46.36 -3.10 40.41
C1 MAN UA . 41.53 -8.56 45.26
C2 MAN UA . 41.40 -7.17 45.96
C3 MAN UA . 42.66 -6.81 46.79
C4 MAN UA . 44.00 -7.18 46.12
C5 MAN UA . 43.96 -8.60 45.49
C6 MAN UA . 43.96 -9.73 46.52
O2 MAN UA . 40.33 -7.17 46.89
O3 MAN UA . 42.60 -7.32 48.12
O4 MAN UA . 44.32 -6.23 45.12
O5 MAN UA . 42.79 -8.75 44.64
O6 MAN UA . 44.94 -9.41 47.50
C1 NAG VA . 50.40 -22.59 38.25
C2 NAG VA . 51.46 -22.97 39.30
C3 NAG VA . 52.11 -24.31 38.94
C4 NAG VA . 51.05 -25.38 38.72
C5 NAG VA . 50.04 -24.91 37.67
C6 NAG VA . 48.90 -25.88 37.48
C7 NAG VA . 52.26 -20.77 40.07
C8 NAG VA . 53.43 -19.84 40.11
N2 NAG VA . 52.47 -21.94 39.44
O3 NAG VA . 52.98 -24.70 39.99
O4 NAG VA . 51.66 -26.59 38.27
O5 NAG VA . 49.46 -23.67 38.10
O6 NAG VA . 48.96 -26.94 38.42
O7 NAG VA . 51.19 -20.49 40.57
C1 NAG WA . 6.97 -27.27 -38.83
C2 NAG WA . 6.07 -26.24 -38.12
C3 NAG WA . 4.64 -26.76 -38.04
C4 NAG WA . 4.14 -27.16 -39.42
C5 NAG WA . 5.11 -28.16 -40.06
C6 NAG WA . 4.73 -28.51 -41.48
C7 NAG WA . 6.58 -24.66 -36.30
C8 NAG WA . 6.04 -23.58 -37.18
N2 NAG WA . 6.58 -25.90 -36.80
O3 NAG WA . 3.79 -25.75 -37.50
O4 NAG WA . 2.86 -27.76 -39.32
O5 NAG WA . 6.43 -27.58 -40.12
O6 NAG WA . 3.95 -27.49 -42.08
O7 NAG WA . 7.02 -24.42 -35.17
C1 NAG XA . -25.09 -37.46 16.36
C2 NAG XA . -25.65 -38.17 17.59
C3 NAG XA . -25.93 -39.64 17.29
C4 NAG XA . -26.81 -39.77 16.05
C5 NAG XA . -26.20 -39.00 14.89
C6 NAG XA . -27.08 -38.99 13.66
C7 NAG XA . -24.90 -37.11 19.68
C8 NAG XA . -23.89 -37.12 20.77
N2 NAG XA . -24.75 -38.03 18.73
O3 NAG XA . -26.56 -40.24 18.41
O4 NAG XA . -26.94 -41.14 15.69
O5 NAG XA . -26.00 -37.63 15.25
O6 NAG XA . -27.41 -37.66 13.28
O7 NAG XA . -25.84 -36.32 19.67
C1 NAG YA . -86.83 -17.79 2.09
C2 NAG YA . -88.10 -17.04 2.50
C3 NAG YA . -89.29 -17.98 2.42
C4 NAG YA . -89.39 -18.64 1.05
C5 NAG YA . -88.06 -19.31 0.70
C6 NAG YA . -88.03 -19.88 -0.70
C7 NAG YA . -87.37 -15.33 4.09
C8 NAG YA . -87.32 -14.92 5.53
N2 NAG YA . -87.96 -16.50 3.84
O3 NAG YA . -90.48 -17.25 2.71
O4 NAG YA . -90.41 -19.61 1.05
O5 NAG YA . -86.99 -18.34 0.78
O6 NAG YA . -86.70 -20.19 -1.10
O7 NAG YA . -86.89 -14.64 3.20
C1 NAG ZA . 65.07 -13.84 10.20
C2 NAG ZA . 66.38 -14.34 10.82
C3 NAG ZA . 67.18 -13.16 11.35
C4 NAG ZA . 67.37 -12.10 10.26
C5 NAG ZA . 66.03 -11.73 9.65
C6 NAG ZA . 66.16 -10.78 8.48
C7 NAG ZA . 66.02 -16.61 11.66
C8 NAG ZA . 65.73 -17.45 12.88
N2 NAG ZA . 66.12 -15.29 11.88
O3 NAG ZA . 68.45 -13.62 11.81
O4 NAG ZA . 67.98 -10.95 10.82
O5 NAG ZA . 65.36 -12.90 9.17
O6 NAG ZA . 65.14 -11.01 7.51
O7 NAG ZA . 66.14 -17.10 10.55
C1 NAG AB . 54.97 -51.70 61.82
C2 NAG AB . 53.66 -52.20 62.41
C3 NAG AB . 53.51 -51.74 63.86
C4 NAG AB . 54.74 -52.16 64.67
C5 NAG AB . 56.01 -51.67 63.99
C6 NAG AB . 57.27 -52.16 64.69
C7 NAG AB . 51.56 -52.60 61.20
C8 NAG AB . 51.71 -54.04 61.59
N2 NAG AB . 52.52 -51.76 61.61
O3 NAG AB . 52.33 -52.30 64.42
O4 NAG AB . 54.65 -51.61 65.98
O5 NAG AB . 56.07 -52.16 62.64
O6 NAG AB . 58.38 -52.17 63.80
O7 NAG AB . 50.60 -52.21 60.53
C1 NAG BB . -33.90 13.30 -52.72
C2 NAG BB . -34.57 11.93 -52.63
C3 NAG BB . -35.90 12.04 -51.90
C4 NAG BB . -35.71 12.71 -50.55
C5 NAG BB . -35.01 14.05 -50.73
C6 NAG BB . -34.70 14.74 -49.42
C7 NAG BB . -34.22 10.23 -54.37
C8 NAG BB . -34.55 9.82 -55.77
N2 NAG BB . -34.77 11.38 -53.96
O3 NAG BB . -36.44 10.73 -51.72
O4 NAG BB . -36.98 12.93 -49.94
O5 NAG BB . -33.77 13.86 -51.41
O6 NAG BB . -33.49 15.49 -49.51
O7 NAG BB . -33.50 9.55 -53.65
C1 NAG CB . -4.48 48.48 -9.02
C2 NAG CB . -4.88 47.34 -8.11
C3 NAG CB . -6.38 47.34 -7.90
C4 NAG CB . -6.83 48.70 -7.39
C5 NAG CB . -6.31 49.82 -8.31
C6 NAG CB . -6.60 51.20 -7.77
C7 NAG CB . -3.87 45.09 -7.87
C8 NAG CB . -3.78 45.40 -6.40
N2 NAG CB . -4.42 46.06 -8.63
O3 NAG CB . -6.75 46.34 -6.96
O4 NAG CB . -8.26 48.77 -7.36
O5 NAG CB . -4.88 49.72 -8.46
O6 NAG CB . -7.92 51.30 -7.28
O7 NAG CB . -3.49 44.04 -8.34
C1 NAG DB . -41.02 -1.99 -28.92
C2 NAG DB . -41.78 -3.09 -29.64
C3 NAG DB . -42.96 -2.52 -30.41
C4 NAG DB . -43.83 -1.68 -29.49
C5 NAG DB . -42.99 -0.62 -28.80
C6 NAG DB . -43.75 0.21 -27.79
C7 NAG DB . -40.37 -5.01 -30.23
C8 NAG DB . -39.48 -5.63 -31.26
N2 NAG DB . -40.90 -3.83 -30.53
O3 NAG DB . -43.73 -3.59 -30.96
O4 NAG DB . -44.87 -1.05 -30.23
O5 NAG DB . -41.91 -1.25 -28.09
O6 NAG DB . -43.03 1.38 -27.42
O7 NAG DB . -40.60 -5.56 -29.16
C1 NAG EB . -85.87 -6.30 18.83
C2 NAG EB . -85.08 -6.66 20.08
C3 NAG EB . -85.77 -6.09 21.32
C4 NAG EB . -86.03 -4.60 21.16
C5 NAG EB . -86.78 -4.34 19.86
C6 NAG EB . -86.98 -2.87 19.58
C7 NAG EB . -84.10 -8.82 19.44
C8 NAG EB . -84.06 -10.28 19.73
N2 NAG EB . -84.91 -8.10 20.22
O3 NAG EB . -84.96 -6.33 22.47
O4 NAG EB . -86.79 -4.11 22.26
O5 NAG EB . -86.05 -4.89 18.76
O6 NAG EB . -86.96 -2.10 20.77
O7 NAG EB . -83.42 -8.30 18.56
C1 NAG FB . 52.25 9.66 -43.77
C2 NAG FB . 53.38 8.77 -43.25
C3 NAG FB . 53.86 9.26 -41.88
C4 NAG FB . 54.24 10.74 -41.95
C5 NAG FB . 53.07 11.55 -42.51
C6 NAG FB . 53.41 13.00 -42.71
C7 NAG FB . 53.37 6.44 -44.01
C8 NAG FB . 54.33 6.87 -45.06
N2 NAG FB . 52.95 7.38 -43.17
O3 NAG FB . 54.97 8.49 -41.46
O4 NAG FB . 54.58 11.21 -40.66
O5 NAG FB . 52.69 11.04 -43.79
O6 NAG FB . 54.46 13.42 -41.84
O7 NAG FB . 52.99 5.27 -43.92
C1 NAG GB . 34.60 5.06 -58.63
C2 NAG GB . 35.38 6.11 -59.41
C3 NAG GB . 36.26 5.45 -60.47
C4 NAG GB . 37.13 4.37 -59.84
C5 NAG GB . 36.27 3.39 -59.05
C6 NAG GB . 37.07 2.35 -58.30
C7 NAG GB . 34.29 8.31 -59.56
C8 NAG GB . 35.07 8.66 -58.32
N2 NAG GB . 34.49 7.07 -60.03
O3 NAG GB . 37.07 6.43 -61.09
O4 NAG GB . 37.84 3.66 -60.84
O5 NAG GB . 35.50 4.10 -58.07
O6 NAG GB . 38.09 1.79 -59.13
O7 NAG GB . 33.53 9.10 -60.10
C1 NAG HB . 33.21 -16.84 -57.57
C2 NAG HB . 34.66 -16.79 -58.14
C3 NAG HB . 34.76 -17.57 -59.46
C4 NAG HB . 34.15 -18.96 -59.32
C5 NAG HB . 32.73 -18.83 -58.81
C6 NAG HB . 32.04 -20.15 -58.63
C7 NAG HB . 34.56 -14.55 -59.19
C8 NAG HB . 35.19 -13.20 -59.26
N2 NAG HB . 35.13 -15.43 -58.35
O3 NAG HB . 36.12 -17.66 -59.86
O4 NAG HB . 34.14 -19.61 -60.58
O5 NAG HB . 32.77 -18.20 -57.53
O6 NAG HB . 32.98 -21.21 -58.52
O7 NAG HB . 33.57 -14.84 -59.86
C1 NAG IB . 35.27 57.06 14.86
C2 NAG IB . 35.56 58.32 14.03
C3 NAG IB . 36.72 58.07 13.07
C4 NAG IB . 37.94 57.54 13.82
C5 NAG IB . 37.55 56.31 14.63
C6 NAG IB . 38.66 55.80 15.49
C7 NAG IB . 34.02 60.02 13.15
C8 NAG IB . 32.79 60.26 12.34
N2 NAG IB . 34.38 58.73 13.30
O3 NAG IB . 37.05 59.29 12.41
O4 NAG IB . 38.96 57.19 12.90
O5 NAG IB . 36.46 56.64 15.51
O6 NAG IB . 38.30 55.80 16.87
O7 NAG IB . 34.67 60.93 13.64
C1 NAG JB . -37.00 19.40 26.27
C2 NAG JB . -38.08 20.48 26.31
C3 NAG JB . -38.40 20.85 27.76
C4 NAG JB . -38.71 19.62 28.59
C5 NAG JB . -37.59 18.59 28.43
C6 NAG JB . -37.87 17.28 29.14
C7 NAG JB . -38.46 22.33 24.74
C8 NAG JB . -37.86 23.51 24.06
N2 NAG JB . -37.65 21.66 25.56
O3 NAG JB . -39.50 21.75 27.78
O4 NAG JB . -38.85 19.96 29.95
O5 NAG JB . -37.41 18.28 27.05
O6 NAG JB . -36.73 16.43 29.11
O7 NAG JB . -39.62 22.00 24.56
C1 NAG KB . -81.13 -28.14 17.94
C2 NAG KB . -82.50 -28.80 17.87
C3 NAG KB . -82.68 -29.77 19.04
C4 NAG KB . -81.53 -30.76 19.09
C5 NAG KB . -80.20 -30.02 19.11
C6 NAG KB . -79.00 -30.95 19.02
C7 NAG KB . -84.06 -27.32 16.71
C8 NAG KB . -85.18 -26.32 16.86
N2 NAG KB . -83.58 -27.83 17.85
O3 NAG KB . -83.92 -30.45 18.91
O4 NAG KB . -81.64 -31.57 20.26
O5 NAG KB . -80.11 -29.13 17.98
O6 NAG KB . -79.14 -31.85 17.93
O7 NAG KB . -83.62 -27.64 15.61
C1 NAG LB . -23.31 36.19 44.11
C2 NAG LB . -24.04 35.65 45.31
C3 NAG LB . -25.32 34.92 44.88
C4 NAG LB . -26.17 35.83 44.00
C5 NAG LB . -25.34 36.39 42.85
C6 NAG LB . -26.09 37.40 42.02
C7 NAG LB . -22.61 35.13 47.23
C8 NAG LB . -21.76 34.11 47.91
N2 NAG LB . -23.20 34.77 46.10
O3 NAG LB . -26.05 34.52 46.03
O4 NAG LB . -27.27 35.10 43.48
O5 NAG LB . -24.17 37.05 43.36
O6 NAG LB . -25.79 38.73 42.43
O7 NAG LB . -22.75 36.27 47.70
C1 NAG MB . 51.66 41.54 5.35
C2 NAG MB . 51.82 42.85 6.12
C3 NAG MB . 52.53 42.60 7.44
C4 NAG MB . 51.81 41.52 8.23
C5 NAG MB . 51.66 40.26 7.39
C6 NAG MB . 50.88 39.17 8.08
C7 NAG MB . 52.39 45.16 5.51
C8 NAG MB . 53.21 46.03 4.61
N2 NAG MB . 52.53 43.84 5.33
O3 NAG MB . 52.58 43.80 8.20
O4 NAG MB . 52.55 41.21 9.42
O5 NAG MB . 50.98 40.57 6.17
O6 NAG MB . 51.70 38.37 8.91
O7 NAG MB . 51.65 45.62 6.37
C1 NAG NB . 25.88 63.12 1.05
C2 NAG NB . 24.97 64.39 0.92
C3 NAG NB . 24.88 65.22 2.22
C4 NAG NB . 24.85 64.36 3.47
C5 NAG NB . 25.98 63.37 3.43
C6 NAG NB . 26.06 62.50 4.67
C7 NAG NB . 24.67 66.22 -0.69
C8 NAG NB . 25.30 66.99 -1.82
N2 NAG NB . 25.41 65.23 -0.18
O3 NAG NB . 23.71 66.03 2.19
O4 NAG NB . 25.00 65.18 4.63
O5 NAG NB . 25.71 62.49 2.34
O6 NAG NB . 24.83 61.84 4.93
O7 NAG NB . 23.57 66.52 -0.25
#